data_9H8T
#
_entry.id   9H8T
#
_cell.length_a   1.00
_cell.length_b   1.00
_cell.length_c   1.00
_cell.angle_alpha   90.00
_cell.angle_beta   90.00
_cell.angle_gamma   90.00
#
_symmetry.space_group_name_H-M   'P 1'
#
loop_
_entity.id
_entity.type
_entity.pdbx_description
1 polymer 'Cytochrome c1'
2 polymer 'Cytochrome b-c1 complex subunit Rieske, mitochondrial'
3 polymer 'Cytochrome b-c1 complex subunit 7'
4 polymer 'Cytochrome b-c1 complex subunit 8'
5 polymer 'Complex III subunit 9'
6 polymer 'Cytochrome b-c1 complex subunit 6'
7 polymer 'Ubiquinol-cytochrome c reductase core protein 2'
8 polymer 'Cytochrome b'
9 polymer 'Ubiquinol-cytochrome c reductase core protein 1'
10 polymer UQCRB
11 non-polymer 'HEME C'
12 non-polymer 'ZINC ION'
13 non-polymer 'FE2/S2 (INORGANIC) CLUSTER'
14 non-polymer CARDIOLIPIN
15 non-polymer 1,2-DIACYL-SN-GLYCERO-3-PHOSPHOCHOLINE
16 non-polymer 2-[trans-4-(4-chlorophenyl)cyclohexyl]-3-hydroxynaphthalene-1,4-dione
17 non-polymer 1,2-dioleoyl-sn-glycero-3-phosphoethanolamine
18 non-polymer 2-[4-(4-CHLOROPHENYL)CYCLOHEXYLIDENE]-3,4-DIHYDROXY-1(2H)-NAPHTHALENONE
19 non-polymer 'PROTOPORPHYRIN IX CONTAINING FE'
20 water water
#
loop_
_entity_poly.entity_id
_entity_poly.type
_entity_poly.pdbx_seq_one_letter_code
_entity_poly.pdbx_strand_id
1 'polypeptide(L)'
;MAAAAASLRGVVLGPRGAGLPGARARGLLCSARPGQLPLRTPQAVALSSKSGLSRGRKVVLSALGMLAAGGAGLAVALHS
AVSASDVALHPPSYPWSHSGFLSSLDHTSIRRGFQVYKQVCSSCHSMNFVAYRHLVGVCYTEDEAKALAAEVEVQDGPNE
NGEMFMRPGKLFDYFPKPYPNSEAARAANNGALPPDLSYIARARHGGEDYIFSLLTGYCEPPTGVSLREGLYFNPYFPGQ
AIAMAPPIYTDVLEFDDGTPATMSQIAKDVCTFLRWASEPEHDHRKRMALKMLTMMALLIPLTYIMKRHKWSVLKSRKLA
YRPPK
;
D,d
2 'polypeptide(L)'
;MLSVAARSGPFAPVLSATSRGVAGALRPLVQATVPATPEPPVLDLKRPFLSRESLSGQAVRRPLVASVGLNVPASVCYSH
TDVKVPDFYDYRRLEVLDSTKSSRESSEARKGFSYLVTAVTTVGVAYAAKNVVTQFISSMSASADVLAMAKIEINLSDIP
EGKNMAFKWRGKPLFVRHRTQKEIEQEAAVELSQLRDPQHDLDRVKKPEWVILIGVCTHLGCVPIANAGDFGGYYCPCHG
SHYDASGRIRLGPAPLNLEVPPYEFTRDDMVVVG
;
A,T,a
3 'polypeptide(L)'
;MAGKQAVSASGKWLDGIRKWYYNAAGFNKLGLLRDDTMYEDEDVKEAIRRLPDNLYNDRMFRIKRALDLNLKHQILPKEQ
WTKYEEENFYLEPYLKEVIRERKEREEWAKK
;
G,g
4 'polypeptide(L)'
;MGREFGNLTRIRHVISYSLSPLEQRALPHVLSKGVPNMLRRVRESFFRVVPQFVVFYLLYTWGTEEFEKSKRKNPAAYEN
DK
;
C,c
5 'polypeptide(L)' MAAVAFTSKLYSLLFRRTSTFALTIVVGVLFFERAFDQGADAIYDHINEGKLWKHIKHKYENK E,e
6 'polypeptide(L)'
;MGLEDERKMLTESGDPEEEEEEEEELVDPLTTVREQCEQLEKCVKARERLELCDERVSSRSHTEEDCMEELLDFLYARDH
CVAHKLFNNLK
;
F,f
7 'polypeptide(L)'
;MKLLTRAGSFSRFYSLKVAPKVKATAAPAGAPPQPQDLEFTKLPNGLVIASLENYAPLSRIGLFIKAGSRYEDSNNLGTT
HLLRLASSLTTKGASSFKITRGIEAVGSKLSVTATRETMAYTVECLRGDVDILMEFLLNVTTAPEFRRWEVADLQPQLKI
DKAVAFQNPQTHVIENLHAAAYRNALANPLYCPDYRIGKVTSEELHYFVQNHFTSARMALIGLGVSHPVLKQVAEQFLNM
RGGFGLSGVKAKYRGGEIREQNGDSLVHAALVAESAVAGSAEANAFSVLQHVLGAGPHIKRGSNTTSHLYQAVAKATQQP
FDVSAFNANYSDSGLFGIYTISQATAAGDVIKAAYNQVKTIAQGNLSNTDVQAAKNKLKAGYLMSVESSERFLEEVGSQA
LVAGSYVPPSTVLQQIDSVANADVINAAKKFVSGQKSMVASGNLGHTPFVDEL
;
K,k
8 'polypeptide(L)'
;MTPMRKSNPIMKMINHSLIDLPTPSNISMWWNFGSLLAFCLILQIITGLFLAMHYSPDTSSAFSSIAHITRDVNHGWIIR
YLHANGASMFFICLFLHVGRGLYYGSFLLLKTWNTGIMLLFLTMATAFMGYVLPWGQMSFWGATVITNLLSAIPYIGTDL
VQWIWGGYSIGNPTLSRFFTLHFILPFIITALTMVHLLFLHETGSNNPCGISSDSDKIPFHPYYTIKDILGLVLLLFILT
TLTLLSPNLLNDPDNYIPADPLNTPPHIKPEWYFLFAYAILRSVPNKLGGVLALFLSILILSIIPTLHNSKQQSMMFRPL
SQFLFWFLITTLLTLTWIGSQPVSQPFIFIGQLASTMYFTTVLILMPLTSLIENNLLKWT
;
J,j
9 'polypeptide(L)'
;MAASVVCRAATSGAQVLLRARRSPTLLRTPALRSTATFAQALQFVPETQVSLLDNGLRVASEQSSQPTCTVGVWIDVGSR
FETEKNNGAGYFLEHLAFKGTKNRPGSALEKEVESMGAHLNAYSTREHTAYYIKALSKDLPKVVELLGDIVQNCSLEDSQ
IEKERDVILREMQENDASMRDVVFDYLHATAFQGTPLAQTVEGPSENVRKLSRADLTEYLSTHYKAPRMVLAAAGGVEHQ
QLLDLAQKHLGDIPWTYAEDTMPALTPCRFTGSEIRHRDDALPFAHVAIAVEGPGWASPDNVALQVANAIIGHYDCTYGG
GVHLSSPLASGAVANKLCQSFQTFSICYADTGLLGAHFVCDRMKIDDMMFVLQGQWMRLCTSATESEVARGKNILRNALV
SHLDGTTPVCEDIGRSLLTYGRRIPLAEWESRIAEVDASVVREICSKYIYDQCPAVAGYGPIEQLPDYNRIRSGMFWLRF
;
L,l
10 'polypeptide(L)' MMTRFLGPRYRQLVKNWIPTAYTWGAVGTLGLAWAADWRLILDWVPYVNGRFKKDD H,h
#
# COMPACT_ATOMS: atom_id res chain seq x y z
N VAL A 87 41.90 -44.11 -29.79
CA VAL A 87 40.58 -44.09 -29.10
C VAL A 87 39.63 -45.06 -29.79
N ALA A 88 38.47 -45.28 -29.17
CA ALA A 88 37.58 -46.35 -29.59
C ALA A 88 37.00 -46.09 -30.98
N LEU A 89 36.62 -47.17 -31.65
CA LEU A 89 36.07 -47.14 -32.98
C LEU A 89 34.58 -46.83 -32.93
N HIS A 90 34.14 -45.92 -33.79
CA HIS A 90 32.77 -45.41 -33.75
C HIS A 90 31.81 -46.42 -34.37
N PRO A 91 30.80 -46.88 -33.66
CA PRO A 91 29.87 -47.87 -34.21
C PRO A 91 29.05 -47.29 -35.36
N PRO A 92 28.79 -48.08 -36.40
CA PRO A 92 27.85 -47.64 -37.43
C PRO A 92 26.42 -47.81 -36.97
N SER A 93 25.52 -47.11 -37.66
CA SER A 93 24.10 -47.15 -37.33
C SER A 93 23.43 -48.30 -38.06
N TYR A 94 22.86 -49.27 -37.28
CA TYR A 94 22.10 -50.33 -37.92
C TYR A 94 20.62 -49.95 -38.01
N PRO A 95 19.90 -50.46 -39.01
CA PRO A 95 18.49 -50.11 -39.15
C PRO A 95 17.58 -50.91 -38.24
N TRP A 96 17.34 -50.44 -37.01
CA TRP A 96 16.58 -51.20 -36.03
C TRP A 96 15.11 -50.85 -36.22
N SER A 97 14.25 -51.87 -36.20
CA SER A 97 12.86 -51.63 -36.57
C SER A 97 12.10 -50.78 -35.58
N HIS A 98 12.63 -50.56 -34.37
CA HIS A 98 11.96 -49.78 -33.34
C HIS A 98 12.41 -48.32 -33.32
N SER A 99 13.29 -47.91 -34.22
CA SER A 99 13.88 -46.58 -34.16
C SER A 99 13.00 -45.48 -34.76
N GLY A 100 11.92 -45.84 -35.44
CA GLY A 100 11.00 -44.83 -35.93
C GLY A 100 10.29 -44.11 -34.81
N PHE A 101 9.78 -42.92 -35.13
CA PHE A 101 9.17 -42.07 -34.12
C PHE A 101 7.98 -42.76 -33.45
N LEU A 102 7.18 -43.50 -34.21
CA LEU A 102 6.01 -44.21 -33.67
C LEU A 102 6.10 -45.72 -33.86
N SER A 103 7.29 -46.27 -34.04
CA SER A 103 7.45 -47.70 -34.19
C SER A 103 7.62 -48.37 -32.84
N SER A 104 6.93 -49.50 -32.65
CA SER A 104 7.07 -50.27 -31.43
C SER A 104 8.20 -51.30 -31.57
N LEU A 105 8.52 -51.91 -30.43
CA LEU A 105 9.46 -53.01 -30.35
C LEU A 105 8.86 -54.28 -30.96
N ASP A 106 9.74 -55.14 -31.46
CA ASP A 106 9.34 -56.46 -31.97
C ASP A 106 9.41 -57.45 -30.81
N HIS A 107 8.23 -57.88 -30.34
CA HIS A 107 8.18 -58.67 -29.12
C HIS A 107 8.65 -60.11 -29.33
N THR A 108 8.58 -60.62 -30.56
CA THR A 108 9.20 -61.91 -30.85
C THR A 108 10.69 -61.90 -30.54
N SER A 109 11.37 -60.85 -31.00
CA SER A 109 12.81 -60.75 -30.75
C SER A 109 13.09 -60.62 -29.26
N ILE A 110 12.20 -59.97 -28.51
CA ILE A 110 12.35 -59.93 -27.06
C ILE A 110 12.28 -61.34 -26.48
N ARG A 111 11.29 -62.12 -26.93
CA ARG A 111 11.13 -63.46 -26.38
C ARG A 111 12.37 -64.31 -26.62
N ARG A 112 12.93 -64.25 -27.83
CA ARG A 112 14.17 -64.98 -28.09
C ARG A 112 15.38 -64.40 -27.33
N GLY A 113 15.50 -63.07 -27.25
CA GLY A 113 16.61 -62.48 -26.53
C GLY A 113 16.64 -62.92 -25.08
N PHE A 114 15.48 -63.17 -24.51
CA PHE A 114 15.39 -63.54 -23.09
C PHE A 114 15.90 -64.97 -22.90
N GLN A 115 15.66 -65.84 -23.87
CA GLN A 115 16.28 -67.15 -23.84
C GLN A 115 17.80 -67.04 -23.94
N VAL A 116 18.29 -66.15 -24.81
CA VAL A 116 19.74 -65.95 -24.87
C VAL A 116 20.27 -65.54 -23.51
N TYR A 117 19.54 -64.68 -22.80
CA TYR A 117 20.05 -64.18 -21.53
C TYR A 117 19.93 -65.21 -20.42
N LYS A 118 18.95 -66.11 -20.50
CA LYS A 118 18.96 -67.27 -19.62
C LYS A 118 20.16 -68.14 -19.92
N GLN A 119 20.17 -68.78 -21.08
CA GLN A 119 21.11 -69.89 -21.29
C GLN A 119 22.58 -69.46 -21.33
N VAL A 120 22.90 -68.23 -21.77
CA VAL A 120 24.29 -67.79 -21.91
C VAL A 120 24.62 -66.71 -20.88
N CYS A 121 23.99 -65.54 -20.99
CA CYS A 121 24.57 -64.33 -20.42
C CYS A 121 24.34 -64.19 -18.94
N SER A 122 23.43 -64.96 -18.34
CA SER A 122 23.21 -64.94 -16.90
C SER A 122 24.13 -65.87 -16.14
N SER A 123 25.26 -66.26 -16.74
CA SER A 123 26.28 -66.96 -15.98
C SER A 123 27.15 -65.95 -15.24
N CYS A 124 27.70 -64.99 -15.99
CA CYS A 124 28.50 -63.92 -15.41
C CYS A 124 27.66 -62.77 -14.85
N HIS A 125 26.61 -62.35 -15.55
CA HIS A 125 26.02 -61.04 -15.36
C HIS A 125 24.75 -61.08 -14.52
N SER A 126 24.54 -60.03 -13.73
CA SER A 126 23.31 -59.80 -12.98
C SER A 126 22.38 -58.85 -13.73
N MET A 127 21.10 -58.91 -13.36
CA MET A 127 20.06 -58.04 -13.90
C MET A 127 19.15 -57.60 -12.75
N ASN A 128 19.74 -56.93 -11.77
CA ASN A 128 19.16 -56.79 -10.44
C ASN A 128 17.79 -56.13 -10.41
N PHE A 129 17.40 -55.42 -11.46
CA PHE A 129 16.22 -54.56 -11.45
C PHE A 129 15.05 -55.13 -12.26
N VAL A 130 15.10 -56.41 -12.61
CA VAL A 130 14.00 -57.05 -13.34
C VAL A 130 13.53 -58.26 -12.54
N ALA A 131 12.21 -58.44 -12.50
CA ALA A 131 11.58 -59.55 -11.82
C ALA A 131 10.64 -60.24 -12.80
N TYR A 132 10.24 -61.47 -12.44
CA TYR A 132 9.41 -62.25 -13.34
C TYR A 132 8.05 -61.58 -13.58
N ARG A 133 7.50 -60.91 -12.56
CA ARG A 133 6.22 -60.24 -12.77
C ARG A 133 6.27 -59.24 -13.92
N HIS A 134 7.47 -58.75 -14.26
CA HIS A 134 7.63 -57.79 -15.34
C HIS A 134 7.47 -58.42 -16.72
N LEU A 135 7.63 -59.74 -16.84
CA LEU A 135 7.47 -60.39 -18.14
C LEU A 135 6.01 -60.62 -18.50
N VAL A 136 5.10 -60.49 -17.54
CA VAL A 136 3.68 -60.74 -17.78
C VAL A 136 3.12 -59.64 -18.65
N GLY A 137 2.37 -60.03 -19.69
CA GLY A 137 1.78 -59.08 -20.59
C GLY A 137 2.73 -58.51 -21.63
N VAL A 138 4.00 -58.87 -21.56
CA VAL A 138 4.98 -58.48 -22.56
C VAL A 138 5.23 -59.60 -23.55
N CYS A 139 5.52 -60.81 -23.05
CA CYS A 139 5.67 -61.98 -23.89
C CYS A 139 5.15 -63.26 -23.25
N TYR A 140 4.55 -63.18 -22.07
CA TYR A 140 4.13 -64.35 -21.31
C TYR A 140 2.82 -64.06 -20.61
N THR A 141 2.03 -65.11 -20.39
CA THR A 141 0.89 -64.97 -19.50
C THR A 141 1.37 -65.02 -18.05
N GLU A 142 0.44 -64.80 -17.12
CA GLU A 142 0.79 -64.92 -15.71
C GLU A 142 1.18 -66.35 -15.37
N ASP A 143 0.42 -67.32 -15.88
CA ASP A 143 0.71 -68.71 -15.53
C ASP A 143 2.09 -69.14 -16.02
N GLU A 144 2.43 -68.78 -17.25
CA GLU A 144 3.71 -69.18 -17.82
C GLU A 144 4.88 -68.46 -17.14
N ALA A 145 4.67 -67.23 -16.68
CA ALA A 145 5.72 -66.54 -15.93
C ALA A 145 5.93 -67.18 -14.57
N LYS A 146 4.83 -67.60 -13.91
CA LYS A 146 4.96 -68.41 -12.71
C LYS A 146 5.76 -69.67 -12.99
N ALA A 147 5.52 -70.28 -14.15
CA ALA A 147 6.26 -71.49 -14.54
C ALA A 147 7.76 -71.20 -14.66
N LEU A 148 8.13 -70.14 -15.37
CA LEU A 148 9.53 -69.71 -15.38
C LEU A 148 10.07 -69.55 -13.97
N ALA A 149 9.39 -68.77 -13.13
CA ALA A 149 9.81 -68.60 -11.74
C ALA A 149 10.14 -69.93 -11.06
N ALA A 150 9.15 -70.80 -10.94
CA ALA A 150 9.27 -72.13 -10.35
C ALA A 150 10.57 -72.89 -10.67
N GLU A 151 11.27 -72.52 -11.74
CA GLU A 151 12.48 -73.26 -12.12
C GLU A 151 13.68 -72.98 -11.22
N VAL A 152 13.60 -72.01 -10.32
CA VAL A 152 14.77 -71.51 -9.61
C VAL A 152 14.54 -71.62 -8.11
N GLU A 153 15.60 -71.97 -7.39
CA GLU A 153 15.59 -71.99 -5.94
C GLU A 153 16.03 -70.63 -5.40
N VAL A 154 15.41 -70.22 -4.29
CA VAL A 154 15.61 -68.91 -3.70
C VAL A 154 15.66 -69.06 -2.18
N GLN A 155 16.54 -68.29 -1.55
CA GLN A 155 16.63 -68.34 -0.09
C GLN A 155 15.51 -67.55 0.56
N ASP A 156 15.04 -68.03 1.71
CA ASP A 156 13.95 -67.40 2.42
C ASP A 156 14.08 -67.71 3.90
N GLY A 157 13.32 -66.98 4.71
CA GLY A 157 13.30 -67.19 6.14
C GLY A 157 13.50 -65.90 6.91
N PRO A 158 13.71 -66.02 8.24
CA PRO A 158 13.85 -67.23 9.06
C PRO A 158 12.55 -68.02 9.22
N ASN A 159 12.65 -69.33 9.38
CA ASN A 159 11.51 -70.16 9.74
C ASN A 159 11.23 -70.03 11.24
N GLU A 160 10.24 -70.77 11.71
CA GLU A 160 9.83 -70.70 13.11
C GLU A 160 10.94 -71.11 14.07
N ASN A 161 11.98 -71.78 13.59
CA ASN A 161 13.11 -72.14 14.44
C ASN A 161 14.25 -71.13 14.39
N GLY A 162 14.14 -70.12 13.53
CA GLY A 162 15.20 -69.14 13.40
C GLY A 162 16.24 -69.45 12.34
N GLU A 163 15.93 -70.31 11.38
CA GLU A 163 16.88 -70.75 10.38
C GLU A 163 16.37 -70.43 8.98
N MET A 164 17.32 -70.30 8.05
CA MET A 164 17.02 -70.00 6.65
C MET A 164 16.77 -71.30 5.88
N PHE A 165 16.12 -71.17 4.72
CA PHE A 165 15.81 -72.36 3.94
C PHE A 165 15.69 -71.95 2.47
N MET A 166 15.47 -72.94 1.61
CA MET A 166 15.36 -72.72 0.17
C MET A 166 13.97 -73.11 -0.30
N ARG A 167 13.42 -72.33 -1.23
CA ARG A 167 12.09 -72.55 -1.76
C ARG A 167 12.08 -72.24 -3.25
N PRO A 168 11.10 -72.76 -3.99
CA PRO A 168 10.96 -72.38 -5.40
C PRO A 168 10.49 -70.93 -5.55
N GLY A 169 10.80 -70.36 -6.71
CA GLY A 169 10.60 -68.94 -6.93
C GLY A 169 9.15 -68.54 -7.15
N LYS A 170 8.93 -67.23 -7.13
CA LYS A 170 7.60 -66.64 -7.32
C LYS A 170 7.70 -65.45 -8.26
N LEU A 171 6.54 -64.91 -8.65
CA LEU A 171 6.54 -63.81 -9.60
C LEU A 171 7.28 -62.59 -9.07
N PHE A 172 7.31 -62.40 -7.75
CA PHE A 172 7.78 -61.17 -7.15
C PHE A 172 9.25 -61.25 -6.77
N ASP A 173 9.92 -62.34 -7.15
CA ASP A 173 11.36 -62.48 -6.96
C ASP A 173 12.11 -61.89 -8.15
N TYR A 174 13.30 -61.37 -7.86
CA TYR A 174 14.14 -60.77 -8.88
C TYR A 174 15.02 -61.83 -9.52
N PHE A 175 15.31 -61.67 -10.82
CA PHE A 175 16.28 -62.55 -11.46
C PHE A 175 17.45 -62.82 -10.51
N PRO A 176 17.92 -64.06 -10.41
CA PRO A 176 18.95 -64.38 -9.43
C PRO A 176 20.34 -63.89 -9.81
N LYS A 177 21.12 -63.57 -8.78
CA LYS A 177 22.50 -63.11 -8.97
C LYS A 177 23.41 -64.30 -9.23
N PRO A 178 24.49 -64.12 -10.00
CA PRO A 178 25.44 -65.22 -10.22
C PRO A 178 26.47 -65.36 -9.11
N TYR A 179 26.80 -64.26 -8.44
CA TYR A 179 27.81 -64.26 -7.39
C TYR A 179 27.25 -63.57 -6.15
N PRO A 180 27.76 -63.93 -4.96
CA PRO A 180 27.23 -63.31 -3.73
C PRO A 180 27.71 -61.89 -3.52
N ASN A 181 28.92 -61.59 -4.00
CA ASN A 181 29.51 -60.26 -3.82
C ASN A 181 30.50 -60.00 -4.94
N SER A 182 30.85 -58.72 -5.11
CA SER A 182 31.70 -58.34 -6.24
C SER A 182 33.13 -58.86 -6.08
N GLU A 183 33.59 -59.04 -4.85
CA GLU A 183 34.90 -59.67 -4.65
C GLU A 183 34.89 -61.09 -5.20
N ALA A 184 33.80 -61.82 -4.98
CA ALA A 184 33.69 -63.17 -5.50
C ALA A 184 33.57 -63.16 -7.02
N ALA A 185 32.90 -62.14 -7.56
CA ALA A 185 32.80 -62.00 -9.00
C ALA A 185 34.17 -61.75 -9.63
N ARG A 186 34.98 -60.89 -9.01
CA ARG A 186 36.34 -60.66 -9.49
C ARG A 186 37.18 -61.92 -9.37
N ALA A 187 37.03 -62.65 -8.26
CA ALA A 187 37.82 -63.87 -8.09
C ALA A 187 37.52 -64.90 -9.18
N ALA A 188 36.32 -64.87 -9.76
CA ALA A 188 35.91 -65.87 -10.73
C ALA A 188 36.15 -65.43 -12.17
N ASN A 189 36.68 -64.23 -12.37
CA ASN A 189 36.90 -63.69 -13.70
C ASN A 189 38.28 -63.05 -13.81
N ASN A 190 39.23 -63.53 -13.02
CA ASN A 190 40.62 -63.09 -13.09
C ASN A 190 40.76 -61.59 -12.87
N GLY A 191 40.04 -61.07 -11.88
CA GLY A 191 40.18 -59.70 -11.46
C GLY A 191 39.21 -58.72 -12.08
N ALA A 192 38.56 -59.08 -13.19
CA ALA A 192 37.61 -58.21 -13.84
C ALA A 192 36.21 -58.42 -13.28
N LEU A 193 35.40 -57.38 -13.32
CA LEU A 193 34.05 -57.40 -12.77
C LEU A 193 33.04 -57.22 -13.89
N PRO A 194 32.20 -58.21 -14.19
CA PRO A 194 31.17 -58.04 -15.21
C PRO A 194 30.09 -57.09 -14.73
N PRO A 195 29.71 -56.09 -15.53
CA PRO A 195 28.70 -55.13 -15.10
C PRO A 195 27.29 -55.69 -15.15
N ASP A 196 26.39 -55.00 -14.46
CA ASP A 196 24.97 -55.33 -14.49
C ASP A 196 24.35 -54.80 -15.78
N LEU A 197 23.61 -55.66 -16.47
CA LEU A 197 23.03 -55.35 -17.78
C LEU A 197 21.60 -54.82 -17.71
N SER A 198 21.19 -54.25 -16.57
CA SER A 198 19.82 -53.75 -16.50
C SER A 198 19.65 -52.39 -17.18
N TYR A 199 20.72 -51.57 -17.27
CA TYR A 199 20.66 -50.36 -18.10
C TYR A 199 21.86 -50.25 -19.02
N ILE A 200 22.53 -51.36 -19.33
CA ILE A 200 23.70 -51.31 -20.20
C ILE A 200 23.43 -50.57 -21.51
N ALA A 201 22.21 -50.66 -22.04
CA ALA A 201 21.91 -50.03 -23.32
C ALA A 201 21.78 -48.51 -23.22
N ARG A 202 21.50 -47.98 -22.04
CA ARG A 202 21.40 -46.55 -21.79
C ARG A 202 22.67 -46.00 -21.12
N ALA A 203 23.60 -46.86 -20.75
CA ALA A 203 24.81 -46.49 -20.04
C ALA A 203 26.05 -46.53 -20.93
N ARG A 204 25.87 -46.63 -22.25
CA ARG A 204 26.99 -46.70 -23.18
C ARG A 204 26.70 -45.83 -24.40
N HIS A 205 27.74 -45.15 -24.87
CA HIS A 205 27.67 -44.37 -26.09
C HIS A 205 27.36 -45.27 -27.28
N GLY A 206 26.34 -44.91 -28.05
CA GLY A 206 25.91 -45.71 -29.18
C GLY A 206 24.81 -46.71 -28.88
N GLY A 207 24.54 -46.99 -27.61
CA GLY A 207 23.45 -47.88 -27.26
C GLY A 207 23.61 -49.25 -27.90
N GLU A 208 22.50 -49.78 -28.40
CA GLU A 208 22.48 -51.14 -28.93
C GLU A 208 23.30 -51.28 -30.21
N ASP A 209 23.66 -50.17 -30.87
CA ASP A 209 24.62 -50.26 -31.96
C ASP A 209 25.98 -50.71 -31.45
N TYR A 210 26.41 -50.17 -30.31
CA TYR A 210 27.70 -50.55 -29.74
C TYR A 210 27.72 -52.02 -29.36
N ILE A 211 26.70 -52.48 -28.62
CA ILE A 211 26.74 -53.82 -28.06
C ILE A 211 26.84 -54.86 -29.16
N PHE A 212 25.96 -54.77 -30.15
CA PHE A 212 26.01 -55.60 -31.35
C PHE A 212 27.42 -55.57 -31.93
N SER A 213 27.93 -54.35 -32.18
CA SER A 213 29.30 -54.21 -32.68
C SER A 213 30.28 -54.96 -31.80
N LEU A 214 30.08 -54.90 -30.49
CA LEU A 214 31.02 -55.56 -29.59
C LEU A 214 30.87 -57.07 -29.68
N LEU A 215 29.63 -57.56 -29.78
CA LEU A 215 29.41 -59.00 -29.78
C LEU A 215 29.88 -59.64 -31.07
N THR A 216 29.72 -58.97 -32.21
CA THR A 216 30.11 -59.60 -33.46
C THR A 216 31.57 -59.33 -33.83
N GLY A 217 32.27 -58.48 -33.09
CA GLY A 217 33.42 -57.75 -33.58
C GLY A 217 34.79 -58.27 -33.21
N TYR A 218 34.90 -59.42 -32.57
CA TYR A 218 36.20 -59.93 -32.19
C TYR A 218 37.01 -60.32 -33.43
N CYS A 219 38.32 -60.27 -33.31
CA CYS A 219 39.21 -60.66 -34.40
C CYS A 219 40.62 -60.78 -33.85
N GLU A 220 41.55 -61.23 -34.71
CA GLU A 220 42.94 -61.39 -34.32
C GLU A 220 43.66 -60.04 -34.34
N PRO A 221 44.65 -59.85 -33.48
CA PRO A 221 45.23 -58.52 -33.30
C PRO A 221 46.15 -58.13 -34.45
N PRO A 222 46.47 -56.84 -34.55
CA PRO A 222 47.43 -56.40 -35.58
C PRO A 222 48.84 -56.84 -35.25
N THR A 223 49.72 -56.71 -36.24
CA THR A 223 51.14 -56.91 -36.02
C THR A 223 51.68 -55.83 -35.09
N GLY A 224 52.58 -56.24 -34.19
CA GLY A 224 53.14 -55.34 -33.22
C GLY A 224 52.36 -55.26 -31.92
N VAL A 225 51.15 -55.79 -31.89
CA VAL A 225 50.30 -55.75 -30.70
C VAL A 225 50.45 -57.06 -29.95
N SER A 226 50.42 -56.97 -28.62
CA SER A 226 50.46 -58.15 -27.77
C SER A 226 49.45 -57.97 -26.63
N LEU A 227 48.98 -59.10 -26.10
CA LEU A 227 47.98 -59.12 -25.04
C LEU A 227 48.56 -59.83 -23.83
N ARG A 228 48.36 -59.23 -22.64
CA ARG A 228 48.79 -59.87 -21.41
C ARG A 228 47.88 -61.07 -21.11
N GLU A 229 48.11 -61.69 -19.95
CA GLU A 229 47.53 -62.98 -19.63
C GLU A 229 46.02 -62.88 -19.44
N GLY A 230 45.26 -63.49 -20.35
CA GLY A 230 43.83 -63.60 -20.20
C GLY A 230 43.01 -62.48 -20.79
N LEU A 231 43.56 -61.74 -21.74
CA LEU A 231 42.82 -60.73 -22.46
C LEU A 231 42.63 -61.14 -23.92
N TYR A 232 41.56 -60.66 -24.51
CA TYR A 232 41.27 -60.82 -25.93
C TYR A 232 41.37 -59.45 -26.61
N PHE A 233 41.41 -59.49 -27.94
CA PHE A 233 41.43 -58.28 -28.75
C PHE A 233 40.05 -58.04 -29.35
N ASN A 234 39.62 -56.78 -29.31
CA ASN A 234 38.32 -56.39 -29.84
C ASN A 234 38.36 -54.90 -30.15
N PRO A 235 38.29 -54.50 -31.42
CA PRO A 235 38.52 -53.08 -31.75
C PRO A 235 37.47 -52.13 -31.21
N TYR A 236 36.29 -52.60 -30.83
CA TYR A 236 35.21 -51.72 -30.38
C TYR A 236 35.21 -51.48 -28.88
N PHE A 237 36.16 -52.06 -28.16
CA PHE A 237 36.42 -51.77 -26.76
C PHE A 237 37.47 -50.67 -26.60
N PRO A 238 37.25 -49.74 -25.66
CA PRO A 238 38.23 -48.68 -25.41
C PRO A 238 39.52 -49.21 -24.81
N GLY A 239 40.60 -49.28 -25.60
CA GLY A 239 41.79 -49.98 -25.22
C GLY A 239 42.07 -51.20 -26.09
N GLN A 240 41.02 -51.78 -26.66
CA GLN A 240 41.07 -52.91 -27.59
C GLN A 240 41.44 -54.21 -26.90
N ALA A 241 41.74 -54.20 -25.61
CA ALA A 241 41.95 -55.41 -24.83
C ALA A 241 40.78 -55.57 -23.87
N ILE A 242 40.17 -56.76 -23.86
CA ILE A 242 38.97 -57.00 -23.08
C ILE A 242 39.06 -58.37 -22.43
N ALA A 243 38.63 -58.46 -21.18
CA ALA A 243 38.71 -59.70 -20.42
C ALA A 243 37.72 -60.74 -20.92
N MET A 244 36.58 -60.32 -21.46
CA MET A 244 35.50 -61.23 -21.82
C MET A 244 35.86 -61.97 -23.11
N ALA A 245 35.89 -63.29 -23.03
CA ALA A 245 36.06 -64.11 -24.22
C ALA A 245 34.81 -64.04 -25.09
N PRO A 246 34.95 -64.30 -26.39
CA PRO A 246 33.78 -64.28 -27.29
C PRO A 246 32.66 -65.14 -26.74
N PRO A 247 31.53 -64.52 -26.36
CA PRO A 247 30.50 -65.25 -25.62
C PRO A 247 29.58 -66.11 -26.47
N ILE A 248 29.40 -65.81 -27.76
CA ILE A 248 28.41 -66.51 -28.57
C ILE A 248 29.03 -67.01 -29.85
N TYR A 249 28.41 -68.06 -30.39
CA TYR A 249 28.72 -68.57 -31.72
C TYR A 249 27.49 -69.29 -32.25
N THR A 250 27.59 -69.74 -33.50
CA THR A 250 26.48 -70.42 -34.15
C THR A 250 26.12 -71.70 -33.40
N ASP A 251 24.82 -71.89 -33.15
CA ASP A 251 24.30 -73.08 -32.47
C ASP A 251 24.80 -73.20 -31.03
N VAL A 252 25.02 -72.07 -30.36
CA VAL A 252 25.27 -72.11 -28.93
C VAL A 252 23.99 -72.26 -28.13
N LEU A 253 22.83 -72.12 -28.78
CA LEU A 253 21.54 -72.46 -28.23
C LEU A 253 20.57 -72.71 -29.38
N GLU A 254 19.36 -73.14 -29.04
CA GLU A 254 18.30 -73.38 -30.01
C GLU A 254 17.05 -72.64 -29.59
N PHE A 255 16.48 -71.86 -30.51
CA PHE A 255 15.27 -71.11 -30.20
C PHE A 255 14.05 -71.99 -30.31
N ASP A 256 13.08 -71.77 -29.42
CA ASP A 256 11.89 -72.62 -29.41
C ASP A 256 10.97 -72.35 -30.58
N ASP A 257 11.15 -71.25 -31.33
CA ASP A 257 10.29 -70.98 -32.47
C ASP A 257 10.87 -71.50 -33.78
N GLY A 258 11.98 -72.24 -33.73
CA GLY A 258 12.59 -72.82 -34.90
C GLY A 258 13.50 -71.91 -35.70
N THR A 259 13.72 -70.68 -35.24
CA THR A 259 14.58 -69.76 -35.99
C THR A 259 16.00 -70.32 -36.05
N PRO A 260 16.70 -70.18 -37.18
CA PRO A 260 18.10 -70.64 -37.22
C PRO A 260 19.00 -69.71 -36.40
N ALA A 261 19.75 -70.33 -35.50
CA ALA A 261 20.58 -69.69 -34.48
C ALA A 261 22.00 -69.44 -35.00
N THR A 262 22.11 -68.53 -35.96
CA THR A 262 23.41 -68.02 -36.36
C THR A 262 23.83 -66.90 -35.41
N MET A 263 25.15 -66.78 -35.20
CA MET A 263 25.66 -65.75 -34.29
C MET A 263 24.98 -64.41 -34.50
N SER A 264 24.84 -63.98 -35.75
CA SER A 264 24.25 -62.67 -36.03
C SER A 264 22.83 -62.57 -35.48
N GLN A 265 22.02 -63.60 -35.73
CA GLN A 265 20.64 -63.64 -35.24
C GLN A 265 20.60 -63.55 -33.72
N ILE A 266 21.46 -64.34 -33.06
CA ILE A 266 21.52 -64.34 -31.61
C ILE A 266 21.84 -62.95 -31.08
N ALA A 267 22.84 -62.31 -31.67
CA ALA A 267 23.25 -60.97 -31.23
C ALA A 267 22.12 -59.97 -31.38
N LYS A 268 21.50 -59.94 -32.56
CA LYS A 268 20.40 -59.00 -32.79
C LYS A 268 19.28 -59.20 -31.77
N ASP A 269 19.01 -60.46 -31.42
CA ASP A 269 17.87 -60.71 -30.54
C ASP A 269 18.17 -60.30 -29.11
N VAL A 270 19.28 -60.79 -28.56
CA VAL A 270 19.70 -60.32 -27.23
C VAL A 270 19.78 -58.80 -27.18
N CYS A 271 20.15 -58.13 -28.28
CA CYS A 271 20.21 -56.68 -28.21
C CYS A 271 18.82 -56.08 -28.10
N THR A 272 17.85 -56.60 -28.88
CA THR A 272 16.48 -56.17 -28.71
C THR A 272 16.00 -56.36 -27.27
N PHE A 273 16.37 -57.49 -26.67
CA PHE A 273 15.94 -57.77 -25.30
C PHE A 273 16.55 -56.78 -24.31
N LEU A 274 17.81 -56.41 -24.51
CA LEU A 274 18.41 -55.41 -23.62
C LEU A 274 17.74 -54.05 -23.82
N ARG A 275 17.35 -53.71 -25.06
CA ARG A 275 16.56 -52.50 -25.25
C ARG A 275 15.32 -52.52 -24.38
N TRP A 276 14.59 -53.63 -24.41
CA TRP A 276 13.38 -53.69 -23.59
C TRP A 276 13.71 -53.66 -22.11
N ALA A 277 14.80 -54.29 -21.69
CA ALA A 277 15.12 -54.29 -20.27
C ALA A 277 15.49 -52.90 -19.78
N SER A 278 16.01 -52.04 -20.66
CA SER A 278 16.43 -50.71 -20.24
C SER A 278 15.30 -49.69 -20.24
N GLU A 279 14.20 -49.95 -20.92
CA GLU A 279 13.20 -48.91 -21.12
C GLU A 279 11.83 -49.53 -21.37
N PRO A 280 11.15 -50.04 -20.33
CA PRO A 280 9.86 -50.71 -20.57
C PRO A 280 8.76 -49.81 -21.10
N GLU A 281 8.82 -48.50 -20.81
CA GLU A 281 7.73 -47.60 -21.17
C GLU A 281 7.69 -47.24 -22.64
N HIS A 282 8.56 -47.83 -23.45
CA HIS A 282 8.75 -47.47 -24.86
C HIS A 282 7.44 -47.38 -25.65
N ASP A 283 6.79 -48.53 -25.83
CA ASP A 283 5.61 -48.59 -26.69
C ASP A 283 4.51 -47.66 -26.19
N HIS A 284 4.20 -47.71 -24.89
CA HIS A 284 3.15 -46.86 -24.36
C HIS A 284 3.50 -45.39 -24.51
N ARG A 285 4.78 -45.05 -24.37
CA ARG A 285 5.21 -43.67 -24.55
C ARG A 285 4.86 -43.18 -25.95
N LYS A 286 5.21 -43.95 -26.98
CA LYS A 286 4.90 -43.52 -28.35
C LYS A 286 3.39 -43.45 -28.57
N ARG A 287 2.66 -44.46 -28.05
CA ARG A 287 1.20 -44.44 -28.09
C ARG A 287 0.68 -43.11 -27.59
N MET A 288 1.20 -42.65 -26.46
CA MET A 288 0.66 -41.49 -25.77
C MET A 288 1.07 -40.18 -26.45
N ALA A 289 2.26 -40.20 -27.08
CA ALA A 289 2.71 -39.05 -27.84
C ALA A 289 1.70 -38.69 -28.92
N LEU A 290 1.30 -39.68 -29.73
CA LEU A 290 0.36 -39.33 -30.81
C LEU A 290 -0.77 -38.44 -30.29
N LYS A 291 -1.49 -38.90 -29.26
CA LYS A 291 -2.61 -38.16 -28.70
C LYS A 291 -2.21 -36.75 -28.28
N MET A 292 -1.42 -36.66 -27.20
CA MET A 292 -1.28 -35.33 -26.62
C MET A 292 -0.51 -34.36 -27.52
N LEU A 293 0.33 -34.84 -28.43
CA LEU A 293 0.92 -33.93 -29.41
C LEU A 293 -0.12 -33.43 -30.39
N THR A 294 -1.03 -34.29 -30.87
CA THR A 294 -2.12 -33.78 -31.70
C THR A 294 -2.84 -32.64 -30.99
N MET A 295 -3.13 -32.84 -29.71
CA MET A 295 -3.88 -31.83 -28.97
C MET A 295 -3.10 -30.51 -28.86
N MET A 296 -1.85 -30.59 -28.39
CA MET A 296 -1.08 -29.36 -28.20
C MET A 296 -0.82 -28.66 -29.53
N ALA A 297 -0.74 -29.41 -30.62
CA ALA A 297 -0.62 -28.79 -31.94
C ALA A 297 -1.91 -28.07 -32.31
N LEU A 298 -3.05 -28.66 -31.96
CA LEU A 298 -4.33 -28.04 -32.30
C LEU A 298 -4.52 -26.73 -31.54
N LEU A 299 -4.03 -26.66 -30.30
CA LEU A 299 -4.37 -25.49 -29.47
C LEU A 299 -3.64 -24.21 -29.87
N ILE A 300 -2.61 -24.27 -30.71
CA ILE A 300 -1.80 -23.12 -31.08
C ILE A 300 -2.59 -22.16 -31.97
N PRO A 301 -3.08 -22.59 -33.14
CA PRO A 301 -3.82 -21.65 -33.99
C PRO A 301 -5.08 -21.09 -33.35
N LEU A 302 -5.79 -21.87 -32.54
CA LEU A 302 -7.00 -21.37 -31.89
C LEU A 302 -6.69 -20.19 -30.97
N THR A 303 -5.73 -20.36 -30.08
CA THR A 303 -5.36 -19.28 -29.17
C THR A 303 -4.74 -18.10 -29.92
N TYR A 304 -4.03 -18.38 -31.01
CA TYR A 304 -3.52 -17.30 -31.85
C TYR A 304 -4.67 -16.47 -32.43
N ILE A 305 -5.74 -17.13 -32.88
CA ILE A 305 -6.91 -16.42 -33.38
C ILE A 305 -7.52 -15.56 -32.29
N MET A 306 -7.66 -16.11 -31.08
CA MET A 306 -8.22 -15.31 -29.99
C MET A 306 -7.37 -14.06 -29.72
N LYS A 307 -6.06 -14.22 -29.70
CA LYS A 307 -5.16 -13.09 -29.53
C LYS A 307 -5.39 -12.03 -30.61
N ARG A 308 -5.43 -12.47 -31.87
CA ARG A 308 -5.59 -11.53 -32.97
C ARG A 308 -6.90 -10.77 -32.84
N HIS A 309 -7.95 -11.49 -32.44
CA HIS A 309 -9.25 -10.86 -32.23
C HIS A 309 -9.14 -9.74 -31.20
N LYS A 310 -8.50 -10.01 -30.05
CA LYS A 310 -8.43 -8.96 -29.03
C LYS A 310 -7.54 -7.80 -29.43
N TRP A 311 -6.56 -8.03 -30.32
CA TRP A 311 -5.59 -7.00 -30.63
C TRP A 311 -5.91 -6.21 -31.89
N SER A 312 -6.93 -6.62 -32.64
CA SER A 312 -7.33 -5.87 -33.83
C SER A 312 -7.70 -4.43 -33.51
N VAL A 313 -8.19 -4.15 -32.30
CA VAL A 313 -8.57 -2.79 -31.94
C VAL A 313 -7.38 -1.86 -32.09
N LEU A 314 -6.23 -2.26 -31.55
CA LEU A 314 -5.03 -1.45 -31.65
C LEU A 314 -4.37 -1.55 -33.01
N LYS A 315 -4.45 -2.71 -33.67
CA LYS A 315 -3.73 -2.88 -34.92
C LYS A 315 -4.25 -2.01 -36.04
N SER A 316 -5.50 -1.55 -35.98
CA SER A 316 -6.08 -0.71 -37.02
C SER A 316 -6.33 0.72 -36.56
N ARG A 317 -5.85 1.09 -35.38
CA ARG A 317 -6.09 2.42 -34.82
C ARG A 317 -5.47 3.50 -35.70
N LYS A 318 -6.14 4.66 -35.76
CA LYS A 318 -5.69 5.81 -36.53
C LYS A 318 -5.63 7.04 -35.65
N LEU A 319 -4.51 7.76 -35.71
CA LEU A 319 -4.27 8.98 -34.97
C LEU A 319 -4.31 10.22 -35.86
N ALA A 320 -4.48 11.37 -35.20
CA ALA A 320 -4.37 12.67 -35.86
C ALA A 320 -4.00 13.73 -34.83
N TYR A 321 -3.33 14.78 -35.30
CA TYR A 321 -2.90 15.90 -34.47
C TYR A 321 -3.56 17.16 -35.02
N ARG A 322 -4.29 17.88 -34.16
CA ARG A 322 -5.07 19.04 -34.58
C ARG A 322 -4.90 20.19 -33.59
N PRO A 323 -3.73 20.83 -33.59
CA PRO A 323 -3.55 21.99 -32.72
C PRO A 323 -4.30 23.19 -33.26
N PRO A 324 -4.72 24.12 -32.41
CA PRO A 324 -5.34 25.36 -32.91
C PRO A 324 -4.43 26.14 -33.84
N LYS A 325 -3.11 25.98 -33.72
CA LYS A 325 -2.17 26.60 -34.64
C LYS A 325 -2.33 28.11 -34.66
N SER B 79 -8.01 33.85 30.39
CA SER B 79 -7.13 33.40 29.28
C SER B 79 -6.22 32.28 29.82
N HIS B 80 -5.01 32.14 29.26
CA HIS B 80 -4.04 31.18 29.78
C HIS B 80 -3.37 31.52 31.12
N THR B 81 -3.24 32.80 31.51
CA THR B 81 -2.23 33.14 32.51
C THR B 81 -2.36 32.35 33.81
N ASP B 82 -3.55 31.85 34.12
CA ASP B 82 -3.82 30.94 35.25
C ASP B 82 -3.14 29.57 35.21
N VAL B 83 -2.13 29.36 34.35
CA VAL B 83 -1.53 28.04 34.18
C VAL B 83 -0.61 27.70 35.35
N LYS B 84 -0.61 26.42 35.73
CA LYS B 84 0.31 25.89 36.76
C LYS B 84 0.33 24.37 36.67
N VAL B 85 1.53 23.81 36.49
CA VAL B 85 1.72 22.35 36.49
C VAL B 85 1.46 21.80 37.89
N PRO B 86 0.67 20.73 38.04
CA PRO B 86 0.48 20.14 39.37
C PRO B 86 1.74 19.44 39.86
N ASP B 87 1.83 19.32 41.19
CA ASP B 87 3.06 18.91 41.83
C ASP B 87 3.33 17.42 41.64
N PHE B 88 4.60 17.08 41.43
CA PHE B 88 5.03 15.71 41.14
C PHE B 88 5.88 15.13 42.27
N TYR B 89 5.80 15.70 43.48
CA TYR B 89 6.75 15.39 44.54
C TYR B 89 6.87 13.89 44.78
N ASP B 90 5.77 13.14 44.69
CA ASP B 90 5.80 11.73 45.03
C ASP B 90 6.73 10.93 44.13
N TYR B 91 6.93 11.37 42.89
CA TYR B 91 7.59 10.56 41.87
C TYR B 91 9.06 10.91 41.67
N ARG B 92 9.48 12.12 42.05
CA ARG B 92 10.81 12.58 41.70
C ARG B 92 11.88 11.85 42.50
N ARG B 93 13.08 11.79 41.92
CA ARG B 93 14.18 11.05 42.52
C ARG B 93 14.78 11.82 43.68
N LEU B 94 15.21 11.09 44.71
CA LEU B 94 15.95 11.69 45.81
C LEU B 94 17.29 12.25 45.36
N GLU B 95 17.79 11.81 44.19
CA GLU B 95 19.11 12.24 43.73
C GLU B 95 19.15 13.72 43.36
N VAL B 96 18.00 14.38 43.24
CA VAL B 96 17.95 15.83 43.04
C VAL B 96 17.38 16.54 44.27
N LEU B 97 16.67 15.84 45.15
CA LEU B 97 16.15 16.44 46.36
C LEU B 97 17.26 16.69 47.38
N ASP B 98 18.30 15.84 47.39
CA ASP B 98 19.47 16.04 48.25
C ASP B 98 20.39 17.03 47.55
N SER B 99 20.03 18.31 47.65
CA SER B 99 20.63 19.34 46.81
C SER B 99 21.85 19.94 47.51
N THR B 100 23.02 19.38 47.20
CA THR B 100 24.29 19.97 47.58
C THR B 100 25.30 19.81 46.45
N LYS B 101 24.82 19.80 45.20
CA LYS B 101 25.64 19.53 44.04
C LYS B 101 25.05 20.24 42.83
N SER B 102 25.92 20.88 42.05
CA SER B 102 25.48 21.60 40.86
C SER B 102 24.53 20.75 40.00
N SER B 103 23.72 21.41 39.19
CA SER B 103 22.62 20.74 38.50
C SER B 103 23.14 19.73 37.47
N ARG B 104 24.05 20.18 36.60
CA ARG B 104 24.45 19.40 35.45
C ARG B 104 25.27 18.17 35.86
N GLU B 105 26.03 18.29 36.95
CA GLU B 105 26.75 17.14 37.50
C GLU B 105 25.76 16.08 38.01
N SER B 106 24.69 16.52 38.66
CA SER B 106 23.62 15.60 39.03
C SER B 106 23.12 14.84 37.81
N SER B 107 22.60 15.59 36.82
CA SER B 107 22.23 14.99 35.54
C SER B 107 23.20 13.87 35.15
N GLU B 108 24.50 14.14 35.21
CA GLU B 108 25.47 13.13 34.79
C GLU B 108 25.38 11.87 35.64
N ALA B 109 25.27 12.02 36.96
CA ALA B 109 25.16 10.84 37.82
C ALA B 109 23.95 9.99 37.44
N ARG B 110 22.79 10.63 37.33
CA ARG B 110 21.57 9.90 37.01
C ARG B 110 21.71 9.15 35.69
N LYS B 111 22.24 9.84 34.66
CA LYS B 111 22.37 9.21 33.36
C LYS B 111 23.33 8.03 33.42
N GLY B 112 24.44 8.20 34.12
CA GLY B 112 25.41 7.11 34.27
C GLY B 112 24.79 5.85 34.81
N PHE B 113 24.02 5.98 35.89
CA PHE B 113 23.48 4.81 36.57
C PHE B 113 22.50 4.09 35.65
N SER B 114 21.59 4.86 35.03
CA SER B 114 20.62 4.24 34.13
C SER B 114 21.31 3.53 32.97
N TYR B 115 22.43 4.07 32.47
CA TYR B 115 23.11 3.43 31.36
C TYR B 115 23.93 2.22 31.79
N LEU B 116 24.43 2.23 33.02
CA LEU B 116 25.10 1.06 33.56
C LEU B 116 24.17 -0.14 33.58
N VAL B 117 22.91 0.06 33.97
CA VAL B 117 21.97 -1.06 33.96
C VAL B 117 21.89 -1.69 32.57
N THR B 118 21.73 -0.85 31.55
CA THR B 118 21.60 -1.34 30.17
C THR B 118 22.86 -2.10 29.73
N ALA B 119 24.04 -1.48 29.86
CA ALA B 119 25.29 -2.22 29.73
C ALA B 119 25.26 -3.64 30.32
N VAL B 120 24.95 -3.76 31.61
CA VAL B 120 25.03 -5.08 32.25
C VAL B 120 24.07 -6.06 31.58
N THR B 121 22.84 -5.60 31.33
CA THR B 121 21.87 -6.45 30.65
C THR B 121 22.41 -6.95 29.31
N THR B 122 22.99 -6.04 28.54
CA THR B 122 23.52 -6.41 27.22
C THR B 122 24.63 -7.43 27.34
N VAL B 123 25.49 -7.28 28.35
CA VAL B 123 26.58 -8.24 28.55
C VAL B 123 26.00 -9.65 28.74
N GLY B 124 24.98 -9.77 29.60
CA GLY B 124 24.44 -11.10 29.82
C GLY B 124 23.81 -11.68 28.57
N VAL B 125 23.11 -10.83 27.81
CA VAL B 125 22.44 -11.30 26.60
C VAL B 125 23.46 -11.79 25.59
N ALA B 126 24.59 -11.09 25.49
CA ALA B 126 25.66 -11.52 24.60
C ALA B 126 26.20 -12.89 25.00
N TYR B 127 26.42 -13.11 26.30
CA TYR B 127 26.90 -14.42 26.74
C TYR B 127 25.95 -15.53 26.30
N ALA B 128 24.66 -15.38 26.63
CA ALA B 128 23.70 -16.42 26.28
C ALA B 128 23.68 -16.67 24.77
N ALA B 129 23.67 -15.60 23.97
CA ALA B 129 23.61 -15.74 22.53
C ALA B 129 24.79 -16.51 21.99
N LYS B 130 26.01 -16.16 22.45
CA LYS B 130 27.19 -16.88 22.00
C LYS B 130 27.03 -18.38 22.23
N ASN B 131 26.65 -18.77 23.45
CA ASN B 131 26.58 -20.20 23.74
C ASN B 131 25.57 -20.91 22.82
N VAL B 132 24.36 -20.35 22.71
CA VAL B 132 23.34 -21.01 21.89
C VAL B 132 23.84 -21.19 20.46
N VAL B 133 24.29 -20.09 19.85
CA VAL B 133 24.66 -20.14 18.43
C VAL B 133 25.78 -21.14 18.21
N THR B 134 26.77 -21.16 19.09
CA THR B 134 27.91 -22.05 18.88
C THR B 134 27.52 -23.52 19.00
N GLN B 135 26.66 -23.89 19.94
CA GLN B 135 26.31 -25.31 20.03
C GLN B 135 25.49 -25.75 18.82
N PHE B 136 24.56 -24.91 18.38
CA PHE B 136 23.87 -25.17 17.11
C PHE B 136 24.87 -25.41 15.98
N ILE B 137 25.89 -24.55 15.88
CA ILE B 137 26.86 -24.71 14.79
C ILE B 137 27.62 -26.03 14.92
N SER B 138 27.99 -26.40 16.14
CA SER B 138 28.68 -27.67 16.36
C SER B 138 27.77 -28.88 16.16
N SER B 139 26.49 -28.66 15.90
CA SER B 139 25.67 -29.81 15.48
C SER B 139 26.14 -30.37 14.14
N MET B 140 26.66 -29.52 13.25
CA MET B 140 26.93 -29.90 11.86
C MET B 140 28.34 -30.41 11.61
N SER B 141 29.17 -30.53 12.64
CA SER B 141 30.49 -31.12 12.46
C SER B 141 30.41 -32.63 12.64
N ALA B 142 31.51 -33.30 12.33
CA ALA B 142 31.51 -34.76 12.23
C ALA B 142 31.03 -35.40 13.52
N SER B 143 30.19 -36.43 13.37
CA SER B 143 29.61 -37.14 14.50
C SER B 143 30.61 -38.15 15.08
N ALA B 144 30.28 -38.67 16.26
CA ALA B 144 31.16 -39.56 17.02
C ALA B 144 31.11 -41.00 16.53
N ASP B 145 30.61 -41.23 15.32
CA ASP B 145 30.65 -42.56 14.71
C ASP B 145 31.28 -42.51 13.34
N VAL B 146 31.70 -41.33 12.90
CA VAL B 146 32.34 -41.14 11.60
C VAL B 146 33.86 -41.12 11.71
N LEU B 147 34.42 -40.86 12.90
CA LEU B 147 35.82 -40.50 13.10
C LEU B 147 36.74 -41.69 13.35
N ALA B 148 36.42 -42.88 12.87
CA ALA B 148 37.34 -44.02 13.05
C ALA B 148 38.60 -43.83 12.21
N MET B 149 39.76 -44.22 12.76
CA MET B 149 41.00 -44.18 12.00
C MET B 149 41.77 -45.48 12.22
N ALA B 150 41.66 -46.40 11.27
CA ALA B 150 42.36 -47.67 11.28
C ALA B 150 43.64 -47.60 10.45
N LYS B 151 44.46 -48.62 10.59
CA LYS B 151 45.60 -48.86 9.72
C LYS B 151 45.24 -49.89 8.66
N ILE B 152 46.11 -50.07 7.68
CA ILE B 152 45.86 -50.99 6.58
C ILE B 152 47.16 -51.68 6.20
N GLU B 153 47.07 -52.99 5.95
CA GLU B 153 48.22 -53.82 5.63
C GLU B 153 48.08 -54.32 4.20
N ILE B 154 49.15 -54.18 3.41
CA ILE B 154 49.16 -54.56 2.01
C ILE B 154 50.23 -55.62 1.79
N ASN B 155 49.83 -56.68 1.09
CA ASN B 155 50.72 -57.78 0.68
C ASN B 155 51.31 -57.44 -0.67
N LEU B 156 52.64 -57.31 -0.74
CA LEU B 156 53.25 -56.75 -1.93
C LEU B 156 53.52 -57.76 -3.02
N SER B 157 53.49 -59.06 -2.72
CA SER B 157 53.76 -60.09 -3.72
C SER B 157 52.58 -60.36 -4.63
N ASP B 158 51.52 -59.56 -4.56
CA ASP B 158 50.43 -59.64 -5.51
C ASP B 158 50.43 -58.46 -6.48
N ILE B 159 51.49 -57.67 -6.47
CA ILE B 159 51.58 -56.44 -7.27
C ILE B 159 52.74 -56.59 -8.25
N PRO B 160 52.46 -56.89 -9.51
CA PRO B 160 53.53 -57.03 -10.50
C PRO B 160 54.31 -55.74 -10.69
N GLU B 161 55.44 -55.87 -11.38
CA GLU B 161 56.24 -54.71 -11.74
C GLU B 161 55.53 -53.89 -12.81
N GLY B 162 55.52 -52.57 -12.62
CA GLY B 162 54.79 -51.68 -13.49
C GLY B 162 53.33 -51.49 -13.13
N LYS B 163 52.83 -52.22 -12.13
CA LYS B 163 51.43 -52.20 -11.76
C LYS B 163 51.17 -51.11 -10.72
N ASN B 164 50.10 -50.35 -10.93
CA ASN B 164 49.55 -49.43 -9.94
C ASN B 164 48.27 -50.04 -9.37
N MET B 165 48.28 -50.29 -8.06
CA MET B 165 47.11 -50.81 -7.36
C MET B 165 46.47 -49.72 -6.53
N ALA B 166 45.13 -49.73 -6.47
CA ALA B 166 44.38 -48.78 -5.65
C ALA B 166 43.60 -49.54 -4.58
N PHE B 167 43.68 -49.05 -3.34
CA PHE B 167 43.01 -49.65 -2.20
C PHE B 167 42.16 -48.59 -1.52
N LYS B 168 41.07 -48.98 -0.89
CA LYS B 168 40.20 -48.03 -0.20
C LYS B 168 40.70 -47.86 1.23
N TRP B 169 40.97 -46.61 1.62
CA TRP B 169 41.51 -46.36 2.96
C TRP B 169 41.00 -45.02 3.47
N ARG B 170 40.37 -45.05 4.64
CA ARG B 170 39.78 -43.86 5.26
C ARG B 170 38.92 -43.09 4.26
N GLY B 171 38.21 -43.85 3.42
CA GLY B 171 37.27 -43.28 2.48
C GLY B 171 37.85 -42.80 1.17
N LYS B 172 39.14 -42.96 0.95
CA LYS B 172 39.78 -42.43 -0.25
C LYS B 172 40.79 -43.42 -0.81
N PRO B 173 41.09 -43.32 -2.10
CA PRO B 173 42.05 -44.24 -2.72
C PRO B 173 43.45 -44.10 -2.15
N LEU B 174 44.16 -45.23 -2.16
CA LEU B 174 45.56 -45.32 -1.76
C LEU B 174 46.28 -46.06 -2.86
N PHE B 175 47.23 -45.39 -3.53
CA PHE B 175 47.99 -46.00 -4.60
C PHE B 175 49.24 -46.68 -4.05
N VAL B 176 49.51 -47.87 -4.57
CA VAL B 176 50.78 -48.56 -4.39
C VAL B 176 51.33 -48.87 -5.78
N ARG B 177 52.54 -48.39 -6.07
CA ARG B 177 53.13 -48.49 -7.39
C ARG B 177 54.47 -49.20 -7.27
N HIS B 178 54.69 -50.18 -8.15
CA HIS B 178 55.87 -51.03 -8.19
C HIS B 178 56.66 -50.62 -9.42
N ARG B 179 57.63 -49.73 -9.23
CA ARG B 179 58.29 -49.07 -10.34
C ARG B 179 59.36 -49.95 -10.99
N THR B 180 59.56 -49.75 -12.29
CA THR B 180 60.61 -50.42 -13.03
C THR B 180 61.91 -49.63 -12.96
N GLN B 181 62.98 -50.23 -13.47
CA GLN B 181 64.32 -49.65 -13.31
C GLN B 181 64.46 -48.35 -14.10
N LYS B 182 63.98 -48.31 -15.34
CA LYS B 182 64.11 -47.08 -16.12
C LYS B 182 63.32 -45.93 -15.50
N GLU B 183 62.25 -46.27 -14.77
CA GLU B 183 61.48 -45.23 -14.08
C GLU B 183 62.27 -44.68 -12.91
N ILE B 184 62.89 -45.57 -12.14
CA ILE B 184 63.76 -45.16 -11.05
C ILE B 184 64.89 -44.28 -11.58
N GLU B 185 65.44 -44.65 -12.74
CA GLU B 185 66.51 -43.85 -13.32
C GLU B 185 66.00 -42.47 -13.75
N GLN B 186 64.94 -42.44 -14.57
CA GLN B 186 64.55 -41.18 -15.19
C GLN B 186 63.86 -40.22 -14.23
N GLU B 187 63.32 -40.72 -13.11
CA GLU B 187 62.77 -39.82 -12.11
C GLU B 187 63.84 -39.05 -11.35
N ALA B 188 65.07 -39.57 -11.31
CA ALA B 188 66.14 -38.91 -10.58
C ALA B 188 66.76 -37.77 -11.39
N ALA B 189 66.79 -37.91 -12.71
CA ALA B 189 67.31 -36.87 -13.59
C ALA B 189 66.63 -35.50 -13.47
N VAL B 190 65.46 -35.40 -12.85
CA VAL B 190 64.68 -34.17 -12.97
C VAL B 190 65.41 -33.00 -12.32
N GLU B 191 65.37 -31.85 -12.99
CA GLU B 191 65.88 -30.61 -12.42
C GLU B 191 64.87 -30.05 -11.42
N LEU B 192 65.29 -29.89 -10.17
CA LEU B 192 64.38 -29.40 -9.14
C LEU B 192 64.05 -27.93 -9.29
N SER B 193 64.82 -27.18 -10.08
CA SER B 193 64.56 -25.76 -10.25
C SER B 193 63.32 -25.51 -11.11
N GLN B 194 62.92 -26.47 -11.93
CA GLN B 194 61.78 -26.33 -12.83
C GLN B 194 60.51 -26.95 -12.25
N LEU B 195 60.33 -26.86 -10.93
CA LEU B 195 59.16 -27.40 -10.26
C LEU B 195 58.50 -26.32 -9.41
N ARG B 196 57.18 -26.42 -9.27
CA ARG B 196 56.44 -25.52 -8.39
C ARG B 196 56.41 -26.00 -6.95
N ASP B 197 56.69 -27.28 -6.72
CA ASP B 197 56.77 -27.87 -5.38
C ASP B 197 58.02 -28.72 -5.32
N PRO B 198 59.21 -28.10 -5.31
CA PRO B 198 60.44 -28.86 -5.52
C PRO B 198 60.64 -29.94 -4.47
N GLN B 199 61.08 -31.10 -4.94
CA GLN B 199 61.37 -32.24 -4.06
C GLN B 199 62.05 -33.32 -4.88
N HIS B 200 63.03 -33.98 -4.27
CA HIS B 200 63.76 -35.08 -4.88
C HIS B 200 63.02 -36.39 -4.64
N ASP B 201 63.26 -37.35 -5.52
CA ASP B 201 62.55 -38.63 -5.44
C ASP B 201 62.86 -39.33 -4.11
N LEU B 202 64.12 -39.34 -3.71
CA LEU B 202 64.50 -40.02 -2.47
C LEU B 202 64.01 -39.31 -1.22
N ASP B 203 63.47 -38.10 -1.36
CA ASP B 203 62.71 -37.50 -0.28
C ASP B 203 61.29 -38.06 -0.20
N ARG B 204 60.91 -38.91 -1.16
CA ARG B 204 59.52 -39.32 -1.33
C ARG B 204 59.32 -40.84 -1.33
N VAL B 205 60.38 -41.63 -1.18
CA VAL B 205 60.28 -43.07 -1.13
C VAL B 205 61.22 -43.59 -0.05
N LYS B 206 60.89 -44.77 0.48
CA LYS B 206 61.76 -45.48 1.42
C LYS B 206 62.54 -46.60 0.73
N LYS B 207 61.92 -47.31 -0.21
CA LYS B 207 62.58 -48.21 -1.13
C LYS B 207 62.37 -47.69 -2.54
N PRO B 208 63.40 -47.67 -3.39
CA PRO B 208 63.24 -47.06 -4.72
C PRO B 208 62.18 -47.73 -5.59
N GLU B 209 62.00 -49.04 -5.50
CA GLU B 209 61.10 -49.75 -6.41
C GLU B 209 59.64 -49.74 -5.95
N TRP B 210 59.35 -49.09 -4.82
CA TRP B 210 57.98 -48.94 -4.34
C TRP B 210 57.71 -47.47 -4.07
N VAL B 211 56.51 -47.02 -4.44
CA VAL B 211 56.06 -45.69 -4.04
C VAL B 211 54.58 -45.77 -3.65
N ILE B 212 54.24 -45.11 -2.56
CA ILE B 212 52.91 -45.20 -1.96
C ILE B 212 52.35 -43.79 -1.82
N LEU B 213 51.15 -43.59 -2.34
CA LEU B 213 50.58 -42.25 -2.44
C LEU B 213 49.11 -42.26 -2.05
N ILE B 214 48.60 -41.06 -1.74
CA ILE B 214 47.17 -40.85 -1.54
C ILE B 214 46.61 -40.36 -2.87
N GLY B 215 45.80 -41.19 -3.52
CA GLY B 215 45.32 -40.95 -4.87
C GLY B 215 44.28 -39.86 -5.04
N VAL B 216 44.50 -38.69 -4.44
CA VAL B 216 43.56 -37.58 -4.54
C VAL B 216 44.28 -36.38 -5.17
N CYS B 217 43.64 -35.78 -6.17
CA CYS B 217 44.24 -34.64 -6.86
C CYS B 217 44.20 -33.40 -5.97
N THR B 218 45.32 -32.69 -5.91
CA THR B 218 45.47 -31.55 -5.02
C THR B 218 44.73 -30.31 -5.51
N HIS B 219 44.19 -30.32 -6.73
CA HIS B 219 43.47 -29.15 -7.23
C HIS B 219 42.06 -29.06 -6.64
N LEU B 220 41.19 -30.02 -7.00
CA LEU B 220 39.83 -30.04 -6.48
C LEU B 220 39.32 -31.44 -6.17
N GLY B 221 40.18 -32.47 -6.15
CA GLY B 221 39.85 -33.73 -5.52
C GLY B 221 39.54 -34.90 -6.42
N CYS B 222 39.65 -34.77 -7.74
CA CYS B 222 39.40 -35.92 -8.58
C CYS B 222 40.55 -36.92 -8.47
N VAL B 223 40.32 -38.13 -8.97
CA VAL B 223 41.27 -39.23 -8.84
C VAL B 223 42.10 -39.31 -10.12
N PRO B 224 43.42 -39.16 -10.06
CA PRO B 224 44.24 -39.27 -11.27
C PRO B 224 44.25 -40.68 -11.84
N ILE B 225 44.18 -40.74 -13.17
CA ILE B 225 44.33 -42.00 -13.90
C ILE B 225 45.79 -42.32 -14.06
N ALA B 226 46.15 -43.61 -13.94
CA ALA B 226 47.56 -43.95 -13.94
C ALA B 226 48.04 -44.19 -15.37
N ASN B 227 49.37 -44.17 -15.53
CA ASN B 227 49.99 -44.43 -16.83
C ASN B 227 49.32 -43.61 -17.93
N ALA B 228 49.24 -42.30 -17.69
CA ALA B 228 48.62 -41.38 -18.62
C ALA B 228 49.24 -40.00 -18.44
N GLY B 229 49.06 -39.17 -19.46
CA GLY B 229 49.73 -37.88 -19.49
C GLY B 229 51.08 -37.93 -20.18
N ASP B 230 51.76 -36.79 -20.14
CA ASP B 230 52.98 -36.55 -20.88
C ASP B 230 54.23 -37.09 -20.19
N PHE B 231 54.09 -37.57 -18.97
CA PHE B 231 55.19 -37.74 -18.02
C PHE B 231 55.24 -39.15 -17.48
N GLY B 232 54.41 -40.05 -18.00
CA GLY B 232 54.40 -41.43 -17.61
C GLY B 232 53.83 -41.71 -16.24
N GLY B 233 53.42 -40.67 -15.51
CA GLY B 233 52.89 -40.84 -14.17
C GLY B 233 51.39 -40.93 -14.15
N TYR B 234 50.70 -39.87 -13.75
CA TYR B 234 49.23 -39.91 -13.69
C TYR B 234 48.64 -38.65 -14.31
N TYR B 235 47.42 -38.78 -14.81
CA TYR B 235 46.71 -37.68 -15.46
C TYR B 235 45.33 -37.54 -14.85
N CYS B 236 44.94 -36.30 -14.53
CA CYS B 236 43.65 -36.03 -13.91
C CYS B 236 42.69 -35.47 -14.95
N PRO B 237 41.59 -36.17 -15.28
CA PRO B 237 40.73 -35.71 -16.39
C PRO B 237 39.96 -34.45 -16.09
N CYS B 238 39.73 -34.12 -14.82
CA CYS B 238 38.73 -33.12 -14.46
C CYS B 238 39.11 -31.73 -14.96
N HIS B 239 40.34 -31.29 -14.71
CA HIS B 239 40.79 -30.01 -15.24
C HIS B 239 42.20 -30.07 -15.81
N GLY B 240 42.81 -31.25 -15.91
CA GLY B 240 43.98 -31.43 -16.75
C GLY B 240 45.34 -31.26 -16.09
N SER B 241 45.56 -31.90 -14.95
CA SER B 241 46.85 -31.85 -14.27
C SER B 241 47.60 -33.15 -14.46
N HIS B 242 48.91 -33.03 -14.73
CA HIS B 242 49.80 -34.14 -15.01
C HIS B 242 50.75 -34.36 -13.84
N TYR B 243 51.03 -35.62 -13.54
CA TYR B 243 51.94 -36.01 -12.47
C TYR B 243 52.99 -36.95 -13.04
N ASP B 244 54.16 -36.97 -12.42
CA ASP B 244 55.20 -37.92 -12.75
C ASP B 244 55.21 -39.07 -11.75
N ALA B 245 55.92 -40.14 -12.11
CA ALA B 245 55.93 -41.39 -11.35
C ALA B 245 56.49 -41.24 -9.93
N SER B 246 56.91 -40.03 -9.56
CA SER B 246 57.13 -39.72 -8.15
C SER B 246 55.92 -39.06 -7.50
N GLY B 247 54.87 -38.80 -8.27
CA GLY B 247 53.73 -38.07 -7.76
C GLY B 247 53.92 -36.57 -7.73
N ARG B 248 54.87 -36.05 -8.48
CA ARG B 248 55.16 -34.62 -8.51
C ARG B 248 54.32 -33.93 -9.57
N ILE B 249 53.85 -32.73 -9.27
CA ILE B 249 52.96 -32.01 -10.18
C ILE B 249 53.80 -31.33 -11.25
N ARG B 250 53.47 -31.60 -12.51
CA ARG B 250 54.30 -31.19 -13.64
C ARG B 250 53.60 -30.26 -14.62
N LEU B 251 52.27 -30.35 -14.75
CA LEU B 251 51.53 -29.46 -15.64
C LEU B 251 50.09 -29.38 -15.15
N GLY B 252 49.45 -28.26 -15.41
CA GLY B 252 48.06 -28.08 -15.03
C GLY B 252 47.89 -27.41 -13.68
N PRO B 253 46.63 -27.12 -13.32
CA PRO B 253 46.35 -26.09 -12.32
C PRO B 253 46.67 -26.46 -10.87
N ALA B 254 47.06 -27.71 -10.59
CA ALA B 254 47.20 -28.14 -9.21
C ALA B 254 48.39 -27.47 -8.54
N PRO B 255 48.30 -27.17 -7.22
CA PRO B 255 49.38 -26.42 -6.57
C PRO B 255 50.45 -27.26 -5.88
N LEU B 256 50.19 -28.55 -5.61
CA LEU B 256 51.06 -29.34 -4.77
C LEU B 256 51.24 -30.74 -5.34
N ASN B 257 52.26 -31.43 -4.83
CA ASN B 257 52.51 -32.82 -5.18
C ASN B 257 51.52 -33.73 -4.45
N LEU B 258 51.38 -34.94 -4.98
CA LEU B 258 50.51 -35.92 -4.34
C LEU B 258 51.07 -36.30 -2.97
N GLU B 259 50.16 -36.51 -2.02
CA GLU B 259 50.55 -36.66 -0.62
C GLU B 259 51.04 -38.06 -0.32
N VAL B 260 52.04 -38.14 0.54
CA VAL B 260 52.67 -39.40 0.96
C VAL B 260 52.22 -39.69 2.38
N PRO B 261 51.63 -40.85 2.67
CA PRO B 261 51.21 -41.15 4.04
C PRO B 261 52.35 -41.74 4.85
N PRO B 262 52.20 -41.82 6.16
CA PRO B 262 53.17 -42.58 6.97
C PRO B 262 53.02 -44.07 6.70
N TYR B 263 54.15 -44.75 6.53
CA TYR B 263 54.11 -46.21 6.43
C TYR B 263 55.37 -46.82 7.04
N GLU B 264 55.44 -48.15 6.97
CA GLU B 264 56.66 -48.88 7.26
C GLU B 264 56.54 -50.31 6.74
N PHE B 265 57.69 -50.90 6.42
CA PHE B 265 57.75 -52.26 5.89
C PHE B 265 57.90 -53.25 7.04
N THR B 266 56.92 -54.14 7.19
CA THR B 266 56.98 -55.19 8.19
C THR B 266 57.53 -56.50 7.63
N ARG B 267 57.43 -56.70 6.31
CA ARG B 267 58.09 -57.81 5.65
C ARG B 267 58.57 -57.31 4.30
N ASP B 268 59.55 -58.01 3.73
CA ASP B 268 59.96 -57.70 2.36
C ASP B 268 58.79 -57.95 1.40
N ASP B 269 57.68 -58.49 1.93
CA ASP B 269 56.44 -58.60 1.15
C ASP B 269 55.22 -58.10 1.94
N MET B 270 55.41 -57.26 2.95
CA MET B 270 54.27 -56.70 3.68
C MET B 270 54.58 -55.28 4.11
N VAL B 271 53.64 -54.37 3.88
CA VAL B 271 53.79 -52.98 4.28
C VAL B 271 52.53 -52.53 5.02
N VAL B 272 52.70 -51.70 6.05
CA VAL B 272 51.60 -51.20 6.86
C VAL B 272 51.55 -49.68 6.74
N VAL B 273 50.37 -49.17 6.40
CA VAL B 273 50.13 -47.73 6.28
C VAL B 273 49.17 -47.34 7.40
N GLY B 274 49.57 -46.34 8.18
CA GLY B 274 48.84 -45.92 9.36
C GLY B 274 49.09 -44.45 9.68
N SER C 8 39.66 23.23 -44.09
CA SER C 8 40.27 22.05 -44.75
C SER C 8 39.24 20.93 -44.95
N ALA C 9 39.61 20.01 -45.83
CA ALA C 9 38.78 18.87 -46.25
C ALA C 9 38.28 18.05 -45.08
N SER C 10 39.03 18.03 -43.97
CA SER C 10 38.69 17.16 -42.85
C SER C 10 37.26 17.39 -42.38
N GLY C 11 36.75 18.61 -42.52
CA GLY C 11 35.37 18.87 -42.14
C GLY C 11 34.38 18.08 -42.98
N LYS C 12 34.53 18.14 -44.31
CA LYS C 12 33.66 17.37 -45.18
C LYS C 12 33.76 15.88 -44.90
N TRP C 13 34.97 15.42 -44.55
CA TRP C 13 35.14 13.98 -44.30
C TRP C 13 34.41 13.55 -43.01
N LEU C 14 34.57 14.32 -41.94
CA LEU C 14 33.90 13.97 -40.69
C LEU C 14 32.38 14.06 -40.85
N ASP C 15 31.89 15.10 -41.52
CA ASP C 15 30.46 15.23 -41.75
C ASP C 15 29.95 14.05 -42.59
N GLY C 16 30.78 13.52 -43.48
CA GLY C 16 30.36 12.35 -44.24
C GLY C 16 30.10 11.16 -43.34
N ILE C 17 31.06 10.84 -42.48
CA ILE C 17 30.82 9.67 -41.61
C ILE C 17 29.66 9.93 -40.67
N ARG C 18 29.48 11.17 -40.23
CA ARG C 18 28.38 11.47 -39.32
C ARG C 18 27.02 11.25 -39.98
N LYS C 19 26.89 11.64 -41.25
CA LYS C 19 25.65 11.37 -41.98
C LYS C 19 25.43 9.87 -42.15
N TRP C 20 26.49 9.12 -42.42
CA TRP C 20 26.34 7.67 -42.50
C TRP C 20 25.80 7.10 -41.20
N TYR C 21 26.37 7.53 -40.08
CA TYR C 21 25.92 6.98 -38.81
C TYR C 21 24.47 7.35 -38.55
N TYR C 22 24.07 8.54 -38.99
CA TYR C 22 22.70 9.00 -38.74
C TYR C 22 21.69 8.15 -39.50
N ASN C 23 21.97 7.85 -40.78
CA ASN C 23 21.05 7.00 -41.55
C ASN C 23 21.04 5.57 -41.01
N ALA C 24 22.17 5.08 -40.49
CA ALA C 24 22.17 3.73 -39.94
C ALA C 24 21.31 3.60 -38.69
N ALA C 25 21.22 4.66 -37.89
CA ALA C 25 20.48 4.64 -36.63
C ALA C 25 18.99 4.44 -36.85
N GLY C 26 18.42 5.11 -37.85
CA GLY C 26 17.08 4.83 -38.30
C GLY C 26 15.92 5.38 -37.50
N PHE C 27 16.15 6.30 -36.56
CA PHE C 27 15.00 6.90 -35.89
C PHE C 27 14.27 7.85 -36.82
N ASN C 28 14.95 8.27 -37.88
CA ASN C 28 14.32 9.12 -38.90
C ASN C 28 13.23 8.36 -39.66
N LYS C 29 13.37 7.05 -39.78
CA LYS C 29 12.34 6.24 -40.44
C LYS C 29 11.01 6.30 -39.69
N LEU C 30 11.06 6.51 -38.37
CA LEU C 30 9.87 6.66 -37.54
C LEU C 30 9.36 8.09 -37.43
N GLY C 31 9.98 9.05 -38.11
CA GLY C 31 9.58 10.43 -38.03
C GLY C 31 10.06 11.18 -36.81
N LEU C 32 11.16 10.75 -36.20
CA LEU C 32 11.65 11.28 -34.93
C LEU C 32 12.91 12.12 -35.12
N LEU C 33 13.03 13.17 -34.30
CA LEU C 33 14.24 13.98 -34.17
C LEU C 33 15.19 13.35 -33.14
N ARG C 34 16.47 13.77 -33.22
CA ARG C 34 17.49 13.24 -32.34
C ARG C 34 17.17 13.56 -30.88
N ASP C 35 16.75 14.80 -30.62
CA ASP C 35 16.52 15.21 -29.25
C ASP C 35 15.33 14.49 -28.64
N ASP C 36 14.43 13.94 -29.47
CA ASP C 36 13.38 13.05 -28.98
C ASP C 36 13.91 11.78 -28.34
N THR C 37 15.09 11.31 -28.71
CA THR C 37 15.48 9.96 -28.37
C THR C 37 16.31 9.87 -27.09
N MET C 38 16.50 10.99 -26.40
CA MET C 38 17.28 10.98 -25.17
C MET C 38 16.53 10.24 -24.06
N TYR C 39 17.30 9.59 -23.18
CA TYR C 39 16.72 9.01 -21.98
C TYR C 39 16.48 10.11 -20.96
N GLU C 40 15.35 10.04 -20.27
CA GLU C 40 14.92 11.11 -19.36
C GLU C 40 15.52 10.88 -17.98
N ASP C 41 16.77 11.32 -17.83
CA ASP C 41 17.39 11.46 -16.52
C ASP C 41 16.88 12.74 -15.86
N GLU C 42 17.48 13.12 -14.74
CA GLU C 42 16.99 14.27 -13.97
C GLU C 42 17.13 15.57 -14.77
N ASP C 43 18.32 15.81 -15.33
CA ASP C 43 18.54 17.05 -16.06
C ASP C 43 17.64 17.14 -17.28
N VAL C 44 17.47 16.03 -18.00
CA VAL C 44 16.65 16.05 -19.21
C VAL C 44 15.20 16.34 -18.88
N LYS C 45 14.70 15.79 -17.77
CA LYS C 45 13.34 16.09 -17.36
C LYS C 45 13.18 17.57 -17.03
N GLU C 46 14.20 18.16 -16.41
CA GLU C 46 14.08 19.57 -16.07
C GLU C 46 14.14 20.44 -17.32
N ALA C 47 14.95 20.05 -18.30
CA ALA C 47 14.96 20.76 -19.57
C ALA C 47 13.63 20.62 -20.29
N ILE C 48 13.00 19.44 -20.22
CA ILE C 48 11.69 19.28 -20.83
C ILE C 48 10.66 20.13 -20.09
N ARG C 49 10.79 20.30 -18.78
CA ARG C 49 9.87 21.17 -18.06
C ARG C 49 9.90 22.60 -18.60
N ARG C 50 11.06 23.04 -19.08
CA ARG C 50 11.25 24.44 -19.45
C ARG C 50 10.76 24.78 -20.85
N LEU C 51 10.38 23.79 -21.65
CA LEU C 51 10.01 24.05 -23.03
C LEU C 51 8.75 24.93 -23.10
N PRO C 52 8.61 25.73 -24.15
CA PRO C 52 7.33 26.39 -24.40
C PRO C 52 6.32 25.41 -24.96
N ASP C 53 5.05 25.82 -24.92
CA ASP C 53 3.95 24.88 -25.15
C ASP C 53 4.01 24.24 -26.52
N ASN C 54 4.30 25.03 -27.56
CA ASN C 54 4.25 24.49 -28.92
C ASN C 54 5.24 23.35 -29.09
N LEU C 55 6.48 23.55 -28.63
CA LEU C 55 7.50 22.51 -28.74
C LEU C 55 7.11 21.27 -27.95
N TYR C 56 6.59 21.47 -26.74
CA TYR C 56 6.16 20.35 -25.90
C TYR C 56 5.12 19.50 -26.61
N ASN C 57 4.09 20.15 -27.17
CA ASN C 57 3.01 19.41 -27.83
C ASN C 57 3.52 18.69 -29.08
N ASP C 58 4.35 19.36 -29.88
CA ASP C 58 4.92 18.71 -31.05
C ASP C 58 5.68 17.46 -30.65
N ARG C 59 6.53 17.57 -29.62
CA ARG C 59 7.30 16.43 -29.15
C ARG C 59 6.39 15.28 -28.75
N MET C 60 5.36 15.58 -27.94
CA MET C 60 4.48 14.51 -27.46
C MET C 60 3.83 13.78 -28.62
N PHE C 61 3.30 14.51 -29.60
CA PHE C 61 2.65 13.82 -30.71
C PHE C 61 3.64 12.99 -31.51
N ARG C 62 4.82 13.55 -31.80
CA ARG C 62 5.82 12.79 -32.55
C ARG C 62 6.12 11.47 -31.85
N ILE C 63 6.26 11.50 -30.53
CA ILE C 63 6.63 10.29 -29.80
C ILE C 63 5.50 9.28 -29.83
N LYS C 64 4.26 9.73 -29.59
CA LYS C 64 3.13 8.80 -29.67
C LYS C 64 3.07 8.14 -31.04
N ARG C 65 3.36 8.92 -32.09
CA ARG C 65 3.25 8.38 -33.45
C ARG C 65 4.28 7.30 -33.70
N ALA C 66 5.51 7.54 -33.21
CA ALA C 66 6.54 6.50 -33.31
C ALA C 66 6.14 5.25 -32.57
N LEU C 67 5.58 5.40 -31.36
CA LEU C 67 5.14 4.24 -30.60
C LEU C 67 4.06 3.46 -31.34
N ASP C 68 3.09 4.17 -31.94
CA ASP C 68 2.06 3.49 -32.71
C ASP C 68 2.66 2.70 -33.87
N LEU C 69 3.57 3.31 -34.62
CA LEU C 69 4.22 2.60 -35.72
C LEU C 69 4.94 1.35 -35.23
N ASN C 70 5.70 1.48 -34.13
CA ASN C 70 6.42 0.35 -33.57
C ASN C 70 5.46 -0.77 -33.18
N LEU C 71 4.32 -0.40 -32.59
CA LEU C 71 3.25 -1.37 -32.34
C LEU C 71 2.87 -2.10 -33.63
N LYS C 72 2.72 -1.36 -34.74
CA LYS C 72 2.31 -1.96 -36.01
C LYS C 72 3.48 -2.43 -36.87
N HIS C 73 4.65 -2.67 -36.28
CA HIS C 73 5.81 -3.14 -37.04
C HIS C 73 5.93 -2.48 -38.41
N GLN C 74 5.77 -1.16 -38.49
CA GLN C 74 5.78 -0.44 -39.74
C GLN C 74 6.65 0.82 -39.60
N ILE C 75 6.87 1.49 -40.74
CA ILE C 75 7.61 2.74 -40.77
C ILE C 75 6.91 3.71 -41.72
N LEU C 76 7.31 4.98 -41.64
CA LEU C 76 6.76 5.99 -42.53
C LEU C 76 7.21 5.77 -43.96
N PRO C 77 6.49 6.38 -44.92
CA PRO C 77 7.01 6.44 -46.30
C PRO C 77 8.33 7.18 -46.36
N LYS C 78 9.18 6.76 -47.30
CA LYS C 78 10.50 7.36 -47.41
C LYS C 78 10.41 8.87 -47.57
N GLU C 79 9.40 9.35 -48.29
CA GLU C 79 9.22 10.78 -48.50
C GLU C 79 9.14 11.57 -47.20
N GLN C 80 8.80 10.92 -46.08
CA GLN C 80 8.52 11.61 -44.83
C GLN C 80 9.58 11.39 -43.76
N TRP C 81 10.67 10.72 -44.10
CA TRP C 81 11.76 10.50 -43.17
C TRP C 81 12.42 11.82 -42.81
N THR C 82 12.96 11.88 -41.59
CA THR C 82 13.71 13.06 -41.17
C THR C 82 15.06 13.09 -41.87
N LYS C 83 15.38 14.22 -42.49
CA LYS C 83 16.62 14.35 -43.26
C LYS C 83 17.71 14.97 -42.42
N TYR C 84 18.96 14.57 -42.71
CA TYR C 84 20.09 14.92 -41.86
C TYR C 84 20.45 16.39 -41.92
N GLU C 85 20.03 17.09 -42.96
CA GLU C 85 20.56 18.41 -43.27
C GLU C 85 19.58 19.51 -42.87
N GLU C 86 18.47 19.12 -42.28
CA GLU C 86 17.39 20.06 -41.96
C GLU C 86 16.69 19.61 -40.69
N GLU C 87 17.47 19.22 -39.69
CA GLU C 87 16.96 18.78 -38.41
C GLU C 87 17.10 19.94 -37.40
N ASN C 88 16.36 19.85 -36.31
CA ASN C 88 16.29 20.91 -35.32
C ASN C 88 16.62 20.36 -33.95
N PHE C 89 17.73 20.82 -33.36
CA PHE C 89 18.13 20.40 -32.01
C PHE C 89 17.43 21.33 -31.02
N TYR C 90 16.14 21.11 -30.82
CA TYR C 90 15.35 22.06 -30.06
C TYR C 90 15.62 22.04 -28.55
N LEU C 91 16.17 20.96 -28.01
CA LEU C 91 16.30 20.79 -26.57
C LEU C 91 17.68 21.14 -26.02
N GLU C 92 18.74 20.97 -26.82
CA GLU C 92 20.12 21.29 -26.43
C GLU C 92 20.28 22.58 -25.63
N PRO C 93 19.77 23.75 -26.06
CA PRO C 93 20.03 24.98 -25.31
C PRO C 93 19.59 24.90 -23.84
N TYR C 94 18.36 24.43 -23.62
CA TYR C 94 17.81 24.34 -22.27
C TYR C 94 18.63 23.40 -21.41
N LEU C 95 19.05 22.27 -21.99
CA LEU C 95 19.84 21.29 -21.26
C LEU C 95 21.18 21.88 -20.83
N LYS C 96 21.82 22.65 -21.71
CA LYS C 96 23.08 23.26 -21.33
C LYS C 96 22.90 24.18 -20.13
N GLU C 97 21.82 24.97 -20.11
CA GLU C 97 21.62 25.82 -18.93
C GLU C 97 21.40 25.00 -17.66
N VAL C 98 20.58 23.95 -17.73
CA VAL C 98 20.33 23.12 -16.55
C VAL C 98 21.65 22.58 -15.99
N ILE C 99 22.52 22.10 -16.89
CA ILE C 99 23.78 21.51 -16.46
C ILE C 99 24.69 22.56 -15.85
N ARG C 100 24.74 23.77 -16.43
CA ARG C 100 25.52 24.84 -15.82
C ARG C 100 25.07 25.09 -14.40
N GLU C 101 23.76 25.20 -14.18
CA GLU C 101 23.26 25.47 -12.83
C GLU C 101 23.72 24.40 -11.85
N ARG C 102 23.58 23.12 -12.23
CA ARG C 102 24.00 22.06 -11.33
C ARG C 102 25.50 22.15 -11.04
N LYS C 103 26.30 22.45 -12.06
CA LYS C 103 27.74 22.56 -11.86
C LYS C 103 28.07 23.66 -10.86
N GLU C 104 27.42 24.82 -11.02
CA GLU C 104 27.61 25.92 -10.08
C GLU C 104 27.32 25.48 -8.64
N ARG C 105 26.21 24.77 -8.44
CA ARG C 105 25.87 24.36 -7.08
C ARG C 105 26.90 23.38 -6.51
N GLU C 106 27.19 22.29 -7.22
CA GLU C 106 28.36 21.48 -6.86
C GLU C 106 29.57 22.31 -6.44
N GLU C 107 30.01 23.25 -7.28
CA GLU C 107 31.23 23.99 -6.97
C GLU C 107 31.08 24.78 -5.67
N TRP C 108 29.88 25.29 -5.39
CA TRP C 108 29.67 25.92 -4.08
C TRP C 108 29.82 24.91 -2.96
N ALA C 109 29.44 23.65 -3.19
CA ALA C 109 29.35 22.70 -2.09
C ALA C 109 30.70 22.21 -1.56
N LYS C 110 31.81 22.49 -2.25
CA LYS C 110 33.11 21.99 -1.81
C LYS C 110 33.93 23.02 -1.06
N LYS C 111 33.44 24.24 -0.91
CA LYS C 111 34.20 25.30 -0.26
C LYS C 111 33.96 25.31 1.25
N GLY D 2 -0.54 5.20 -6.68
CA GLY D 2 0.61 5.77 -7.46
C GLY D 2 0.30 5.90 -8.94
N ARG D 3 1.01 5.14 -9.75
CA ARG D 3 0.79 5.15 -11.19
C ARG D 3 -0.59 4.60 -11.50
N GLU D 4 -1.43 5.41 -12.13
CA GLU D 4 -2.84 5.09 -12.31
C GLU D 4 -3.34 5.83 -13.55
N PHE D 5 -4.28 5.21 -14.27
CA PHE D 5 -4.75 5.80 -15.52
C PHE D 5 -5.40 7.17 -15.43
N GLY D 6 -5.45 7.78 -14.25
CA GLY D 6 -6.03 9.11 -14.18
C GLY D 6 -5.07 10.27 -14.39
N ASN D 7 -3.80 10.09 -14.06
CA ASN D 7 -2.85 11.20 -14.05
C ASN D 7 -1.45 10.79 -14.49
N LEU D 8 -1.34 10.10 -15.64
CA LEU D 8 -0.01 9.68 -16.07
C LEU D 8 0.77 10.83 -16.71
N THR D 9 0.17 11.59 -17.61
CA THR D 9 0.88 12.65 -18.31
C THR D 9 -0.12 13.68 -18.82
N ARG D 10 0.40 14.75 -19.44
CA ARG D 10 -0.40 15.87 -19.93
C ARG D 10 -0.25 15.97 -21.44
N ILE D 11 -1.38 15.86 -22.15
CA ILE D 11 -1.45 15.82 -23.60
C ILE D 11 -2.59 16.74 -24.07
N ARG D 12 -2.42 17.33 -25.24
CA ARG D 12 -3.44 18.19 -25.84
C ARG D 12 -3.53 17.99 -27.34
N HIS D 13 -4.76 17.87 -27.84
CA HIS D 13 -5.07 18.00 -29.28
C HIS D 13 -4.65 16.76 -30.08
N VAL D 14 -4.89 15.57 -29.55
CA VAL D 14 -4.68 14.33 -30.27
C VAL D 14 -6.01 13.60 -30.40
N ILE D 15 -6.35 13.18 -31.62
CA ILE D 15 -7.60 12.49 -31.92
C ILE D 15 -7.29 11.06 -32.33
N SER D 16 -8.15 10.13 -31.89
CA SER D 16 -8.02 8.72 -32.18
C SER D 16 -9.31 8.19 -32.78
N TYR D 17 -9.19 7.11 -33.55
CA TYR D 17 -10.32 6.43 -34.15
C TYR D 17 -10.12 4.93 -34.09
N SER D 18 -11.19 4.21 -33.75
CA SER D 18 -11.13 2.76 -33.66
C SER D 18 -12.45 2.14 -34.10
N LEU D 19 -12.34 0.92 -34.62
CA LEU D 19 -13.43 -0.01 -34.87
C LEU D 19 -13.53 -1.07 -33.79
N SER D 20 -14.69 -1.77 -33.77
CA SER D 20 -14.81 -2.88 -32.85
C SER D 20 -14.24 -4.15 -33.49
N PRO D 21 -13.76 -5.10 -32.69
CA PRO D 21 -13.19 -6.32 -33.28
C PRO D 21 -14.15 -7.08 -34.17
N LEU D 22 -15.45 -7.07 -33.85
CA LEU D 22 -16.44 -7.82 -34.60
C LEU D 22 -16.81 -7.16 -35.92
N GLU D 23 -16.32 -5.95 -36.18
CA GLU D 23 -16.55 -5.25 -37.43
C GLU D 23 -15.50 -5.56 -38.49
N GLN D 24 -14.34 -6.10 -38.10
CA GLN D 24 -13.18 -6.18 -38.96
C GLN D 24 -12.56 -7.57 -38.91
N ARG D 25 -11.62 -7.83 -39.81
CA ARG D 25 -10.98 -9.12 -39.95
C ARG D 25 -9.72 -9.23 -39.09
N ALA D 26 -9.44 -10.45 -38.63
CA ALA D 26 -8.31 -10.70 -37.74
C ALA D 26 -6.99 -10.84 -38.50
N LEU D 27 -7.01 -11.37 -39.72
CA LEU D 27 -5.82 -11.53 -40.55
C LEU D 27 -6.12 -10.92 -41.91
N PRO D 28 -6.18 -9.58 -41.99
CA PRO D 28 -6.73 -8.95 -43.20
C PRO D 28 -5.91 -9.13 -44.46
N HIS D 29 -4.60 -8.87 -44.43
CA HIS D 29 -3.77 -8.93 -45.63
C HIS D 29 -2.39 -9.46 -45.26
N VAL D 30 -2.16 -10.75 -45.52
CA VAL D 30 -0.93 -11.43 -45.16
C VAL D 30 0.08 -11.40 -46.31
N LEU D 31 -0.28 -12.03 -47.43
CA LEU D 31 0.67 -12.17 -48.53
C LEU D 31 0.87 -10.89 -49.34
N SER D 32 -0.04 -9.92 -49.25
CA SER D 32 0.16 -8.68 -49.97
C SER D 32 0.85 -7.61 -49.14
N LYS D 33 0.84 -7.73 -47.82
CA LYS D 33 1.49 -6.72 -46.97
C LYS D 33 2.48 -7.34 -45.98
N GLY D 34 2.08 -8.42 -45.30
CA GLY D 34 2.91 -8.94 -44.23
C GLY D 34 4.22 -9.54 -44.71
N VAL D 35 4.17 -10.32 -45.79
CA VAL D 35 5.36 -11.00 -46.29
C VAL D 35 6.45 -10.00 -46.70
N PRO D 36 6.18 -9.00 -47.54
CA PRO D 36 7.22 -8.01 -47.87
C PRO D 36 7.77 -7.30 -46.65
N ASN D 37 6.92 -7.01 -45.67
CA ASN D 37 7.35 -6.35 -44.45
C ASN D 37 8.36 -7.22 -43.69
N MET D 38 8.03 -8.50 -43.52
CA MET D 38 9.00 -9.42 -42.92
C MET D 38 10.31 -9.43 -43.71
N LEU D 39 10.22 -9.36 -45.04
CA LEU D 39 11.43 -9.40 -45.85
C LEU D 39 12.32 -8.20 -45.58
N ARG D 40 11.73 -7.00 -45.57
CA ARG D 40 12.55 -5.81 -45.26
C ARG D 40 13.08 -5.88 -43.83
N ARG D 41 12.26 -6.38 -42.91
CA ARG D 41 12.68 -6.51 -41.52
C ARG D 41 13.88 -7.44 -41.37
N VAL D 42 13.97 -8.45 -42.23
CA VAL D 42 15.16 -9.30 -42.26
C VAL D 42 16.32 -8.55 -42.89
N ARG D 43 16.05 -7.79 -43.96
CA ARG D 43 17.10 -7.05 -44.63
C ARG D 43 17.79 -6.06 -43.70
N GLU D 44 17.01 -5.37 -42.86
CA GLU D 44 17.55 -4.28 -42.06
C GLU D 44 18.47 -4.75 -40.94
N SER D 45 18.51 -6.04 -40.64
CA SER D 45 19.31 -6.56 -39.54
C SER D 45 20.33 -7.61 -39.96
N PHE D 46 20.34 -8.01 -41.23
CA PHE D 46 21.13 -9.16 -41.66
C PHE D 46 22.60 -8.99 -41.31
N PHE D 47 23.20 -7.89 -41.73
CA PHE D 47 24.65 -7.70 -41.61
C PHE D 47 25.08 -7.26 -40.22
N ARG D 48 24.14 -7.03 -39.30
CA ARG D 48 24.50 -6.73 -37.92
C ARG D 48 24.58 -7.98 -37.04
N VAL D 49 24.06 -9.13 -37.51
CA VAL D 49 23.96 -10.33 -36.70
C VAL D 49 24.74 -11.49 -37.30
N VAL D 50 24.63 -11.71 -38.60
CA VAL D 50 25.01 -12.96 -39.24
C VAL D 50 26.53 -13.20 -39.30
N PRO D 51 27.34 -12.21 -39.70
CA PRO D 51 28.77 -12.50 -39.88
C PRO D 51 29.47 -13.01 -38.64
N GLN D 52 29.09 -12.54 -37.45
CA GLN D 52 29.69 -13.05 -36.23
C GLN D 52 29.49 -14.56 -36.10
N PHE D 53 28.26 -15.02 -36.38
CA PHE D 53 27.98 -16.45 -36.30
C PHE D 53 28.73 -17.23 -37.38
N VAL D 54 28.86 -16.64 -38.57
CA VAL D 54 29.67 -17.31 -39.60
C VAL D 54 31.11 -17.52 -39.09
N VAL D 55 31.68 -16.49 -38.47
CA VAL D 55 33.03 -16.61 -37.93
C VAL D 55 33.09 -17.70 -36.86
N PHE D 56 32.06 -17.77 -36.00
CA PHE D 56 32.02 -18.85 -35.01
C PHE D 56 32.05 -20.21 -35.69
N TYR D 57 31.33 -20.35 -36.80
CA TYR D 57 31.25 -21.64 -37.49
C TYR D 57 32.62 -22.02 -38.05
N LEU D 58 33.31 -21.06 -38.65
CA LEU D 58 34.64 -21.34 -39.17
C LEU D 58 35.59 -21.76 -38.04
N LEU D 59 35.56 -21.05 -36.91
CA LEU D 59 36.42 -21.39 -35.80
C LEU D 59 36.15 -22.81 -35.29
N TYR D 60 34.87 -23.14 -35.13
CA TYR D 60 34.49 -24.46 -34.65
C TYR D 60 35.03 -25.55 -35.56
N THR D 61 34.79 -25.43 -36.86
CA THR D 61 35.23 -26.49 -37.78
C THR D 61 36.75 -26.59 -37.80
N TRP D 62 37.45 -25.45 -37.81
CA TRP D 62 38.91 -25.50 -37.77
C TRP D 62 39.40 -26.27 -36.57
N GLY D 63 38.89 -25.91 -35.38
CA GLY D 63 39.40 -26.50 -34.15
C GLY D 63 39.15 -27.99 -34.06
N THR D 64 37.99 -28.42 -34.55
CA THR D 64 37.66 -29.84 -34.67
C THR D 64 38.67 -30.57 -35.57
N GLU D 65 38.82 -30.10 -36.80
CA GLU D 65 39.81 -30.69 -37.71
C GLU D 65 41.19 -30.78 -37.08
N GLU D 66 41.67 -29.71 -36.44
CA GLU D 66 43.01 -29.73 -35.88
C GLU D 66 43.14 -30.78 -34.79
N PHE D 67 42.15 -30.84 -33.90
CA PHE D 67 42.19 -31.81 -32.82
C PHE D 67 42.22 -33.22 -33.37
N GLU D 68 41.46 -33.46 -34.44
CA GLU D 68 41.41 -34.80 -35.01
C GLU D 68 42.70 -35.15 -35.76
N LYS D 69 43.36 -34.18 -36.39
CA LYS D 69 44.68 -34.47 -36.95
C LYS D 69 45.64 -34.87 -35.85
N SER D 70 45.58 -34.19 -34.70
CA SER D 70 46.59 -34.42 -33.66
C SER D 70 46.64 -35.85 -33.15
N LYS D 71 45.62 -36.66 -33.44
CA LYS D 71 45.53 -38.01 -32.89
C LYS D 71 46.06 -39.09 -33.84
N ARG D 72 46.58 -38.72 -35.01
CA ARG D 72 47.04 -39.68 -36.00
C ARG D 72 48.56 -39.83 -35.90
N LYS D 73 49.04 -41.05 -36.11
CA LYS D 73 50.46 -41.32 -35.89
C LYS D 73 51.32 -40.68 -36.98
N ASN D 74 52.44 -40.11 -36.53
CA ASN D 74 53.40 -39.44 -37.39
C ASN D 74 54.42 -40.45 -37.91
N PRO D 75 54.51 -40.66 -39.23
CA PRO D 75 55.51 -41.63 -39.72
C PRO D 75 56.94 -41.31 -39.31
N ALA D 76 57.34 -40.03 -39.28
CA ALA D 76 58.70 -39.73 -38.86
C ALA D 76 59.02 -40.15 -37.43
N ALA D 77 58.02 -40.48 -36.61
CA ALA D 77 58.31 -40.89 -35.25
C ALA D 77 58.94 -42.27 -35.18
N TYR D 78 58.88 -43.07 -36.25
CA TYR D 78 59.50 -44.38 -36.30
C TYR D 78 60.47 -44.54 -37.46
N GLU D 79 60.31 -43.77 -38.53
CA GLU D 79 61.09 -43.96 -39.74
C GLU D 79 62.44 -43.27 -39.70
N ASN D 80 62.63 -42.30 -38.81
CA ASN D 80 63.70 -41.33 -39.01
C ASN D 80 65.09 -41.87 -38.71
N ASP D 81 65.24 -42.67 -37.65
CA ASP D 81 66.56 -42.99 -37.13
C ASP D 81 66.92 -44.47 -37.15
N LYS D 82 65.97 -45.37 -37.41
CA LYS D 82 66.25 -46.80 -37.39
C LYS D 82 65.23 -47.56 -38.23
N ALA E 2 -34.19 -12.04 -42.04
CA ALA E 2 -34.21 -12.49 -43.46
C ALA E 2 -33.61 -13.89 -43.59
N ALA E 3 -32.29 -13.93 -43.67
CA ALA E 3 -31.56 -15.16 -43.98
C ALA E 3 -31.22 -15.90 -42.69
N VAL E 4 -32.06 -16.87 -42.32
CA VAL E 4 -31.73 -17.69 -41.17
C VAL E 4 -30.47 -18.47 -41.51
N ALA E 5 -29.32 -18.00 -41.01
CA ALA E 5 -28.04 -18.61 -41.32
C ALA E 5 -27.52 -19.37 -40.10
N PHE E 6 -26.57 -20.28 -40.35
CA PHE E 6 -26.25 -21.30 -39.35
C PHE E 6 -25.65 -20.68 -38.10
N THR E 7 -24.62 -19.85 -38.28
CA THR E 7 -23.94 -19.28 -37.11
C THR E 7 -24.86 -18.35 -36.33
N SER E 8 -25.84 -17.71 -36.98
CA SER E 8 -26.77 -16.84 -36.26
C SER E 8 -27.70 -17.66 -35.37
N LYS E 9 -28.23 -18.78 -35.89
CA LYS E 9 -29.01 -19.70 -35.06
C LYS E 9 -28.17 -20.20 -33.89
N LEU E 10 -26.89 -20.42 -34.16
CA LEU E 10 -25.99 -20.97 -33.15
C LEU E 10 -25.77 -19.95 -32.03
N TYR E 11 -25.52 -18.70 -32.41
CA TYR E 11 -25.47 -17.63 -31.43
C TYR E 11 -26.76 -17.53 -30.63
N SER E 12 -27.89 -17.41 -31.32
CA SER E 12 -29.13 -17.10 -30.62
C SER E 12 -29.61 -18.25 -29.74
N LEU E 13 -29.40 -19.50 -30.16
CA LEU E 13 -29.88 -20.61 -29.34
C LEU E 13 -28.94 -20.91 -28.17
N LEU E 14 -27.64 -20.96 -28.43
CA LEU E 14 -26.69 -21.53 -27.48
C LEU E 14 -25.79 -20.49 -26.82
N PHE E 15 -25.13 -19.63 -27.58
CA PHE E 15 -24.03 -18.83 -27.09
C PHE E 15 -24.46 -17.52 -26.42
N ARG E 16 -25.72 -17.11 -26.58
CA ARG E 16 -26.12 -15.79 -26.08
C ARG E 16 -26.08 -15.71 -24.56
N ARG E 17 -26.30 -16.83 -23.87
CA ARG E 17 -26.44 -16.86 -22.42
C ARG E 17 -25.31 -17.69 -21.86
N THR E 18 -24.64 -17.17 -20.82
CA THR E 18 -23.36 -17.76 -20.43
C THR E 18 -23.53 -19.15 -19.84
N SER E 19 -24.55 -19.36 -19.00
CA SER E 19 -24.83 -20.69 -18.49
C SER E 19 -24.96 -21.73 -19.62
N THR E 20 -25.74 -21.40 -20.66
CA THR E 20 -25.96 -22.37 -21.74
C THR E 20 -24.71 -22.59 -22.56
N PHE E 21 -23.90 -21.54 -22.75
CA PHE E 21 -22.57 -21.68 -23.35
C PHE E 21 -21.73 -22.70 -22.58
N ALA E 22 -21.69 -22.57 -21.26
CA ALA E 22 -20.94 -23.53 -20.44
C ALA E 22 -21.48 -24.95 -20.59
N LEU E 23 -22.81 -25.09 -20.59
CA LEU E 23 -23.42 -26.40 -20.75
C LEU E 23 -23.06 -27.02 -22.11
N THR E 24 -23.13 -26.21 -23.17
CA THR E 24 -22.70 -26.64 -24.49
C THR E 24 -21.28 -27.18 -24.46
N ILE E 25 -20.41 -26.53 -23.69
CA ILE E 25 -19.00 -26.92 -23.67
C ILE E 25 -18.82 -28.27 -23.01
N VAL E 26 -19.48 -28.47 -21.85
CA VAL E 26 -19.34 -29.78 -21.20
C VAL E 26 -19.90 -30.88 -22.10
N VAL E 27 -21.04 -30.61 -22.75
CA VAL E 27 -21.63 -31.63 -23.61
C VAL E 27 -20.72 -31.94 -24.78
N GLY E 28 -20.05 -30.93 -25.34
CA GLY E 28 -19.16 -31.20 -26.46
C GLY E 28 -17.95 -32.01 -26.04
N VAL E 29 -17.43 -31.74 -24.84
CA VAL E 29 -16.21 -32.44 -24.46
C VAL E 29 -16.52 -33.90 -24.18
N LEU E 30 -17.72 -34.19 -23.65
CA LEU E 30 -18.05 -35.59 -23.40
C LEU E 30 -17.85 -36.46 -24.63
N PHE E 31 -18.28 -35.97 -25.79
CA PHE E 31 -18.32 -36.77 -27.02
C PHE E 31 -17.01 -36.66 -27.78
N PHE E 32 -16.40 -35.46 -27.76
CA PHE E 32 -15.08 -35.32 -28.35
C PHE E 32 -14.08 -36.30 -27.74
N GLU E 33 -14.09 -36.43 -26.41
CA GLU E 33 -13.11 -37.31 -25.77
C GLU E 33 -13.15 -38.71 -26.36
N ARG E 34 -14.35 -39.31 -26.42
CA ARG E 34 -14.48 -40.68 -26.89
C ARG E 34 -14.10 -40.81 -28.36
N ALA E 35 -14.61 -39.91 -29.20
CA ALA E 35 -14.31 -40.00 -30.63
C ALA E 35 -12.80 -39.90 -30.88
N PHE E 36 -12.15 -38.99 -30.18
CA PHE E 36 -10.74 -38.69 -30.37
C PHE E 36 -9.87 -39.85 -29.91
N ASP E 37 -10.13 -40.36 -28.69
CA ASP E 37 -9.46 -41.58 -28.25
C ASP E 37 -9.57 -42.70 -29.27
N GLN E 38 -10.79 -42.99 -29.75
CA GLN E 38 -10.94 -44.14 -30.63
C GLN E 38 -10.12 -43.96 -31.90
N GLY E 39 -10.19 -42.77 -32.50
CA GLY E 39 -9.40 -42.52 -33.71
C GLY E 39 -7.92 -42.71 -33.48
N ALA E 40 -7.39 -42.14 -32.39
CA ALA E 40 -5.96 -42.25 -32.13
C ALA E 40 -5.54 -43.71 -31.94
N ASP E 41 -6.32 -44.46 -31.16
CA ASP E 41 -5.96 -45.85 -30.89
C ASP E 41 -5.97 -46.65 -32.18
N ALA E 42 -6.97 -46.40 -33.05
CA ALA E 42 -6.99 -47.05 -34.34
C ALA E 42 -5.71 -46.76 -35.12
N ILE E 43 -5.32 -45.49 -35.20
CA ILE E 43 -4.15 -45.17 -36.03
C ILE E 43 -2.93 -45.90 -35.50
N TYR E 44 -2.75 -45.90 -34.19
CA TYR E 44 -1.58 -46.41 -33.49
C TYR E 44 -1.49 -47.91 -33.76
N ASP E 45 -2.48 -48.67 -33.26
CA ASP E 45 -2.63 -50.06 -33.66
C ASP E 45 -2.32 -50.34 -35.14
N HIS E 46 -2.74 -49.46 -36.06
CA HIS E 46 -2.53 -49.76 -37.47
C HIS E 46 -1.08 -49.57 -37.90
N ILE E 47 -0.38 -48.59 -37.32
CA ILE E 47 1.00 -48.31 -37.69
C ILE E 47 1.91 -49.51 -37.44
N ASN E 48 1.65 -50.29 -36.39
CA ASN E 48 2.54 -51.38 -36.02
C ASN E 48 1.76 -52.66 -35.76
N GLU E 49 0.91 -53.04 -36.73
CA GLU E 49 0.30 -54.36 -36.68
C GLU E 49 1.38 -55.43 -36.63
N GLY E 50 1.04 -56.55 -36.00
CA GLY E 50 1.92 -57.70 -35.94
C GLY E 50 2.95 -57.67 -34.84
N LYS E 51 3.15 -56.53 -34.18
CA LYS E 51 4.20 -56.38 -33.18
C LYS E 51 3.69 -56.16 -31.76
N LEU E 52 2.38 -56.06 -31.56
CA LEU E 52 1.80 -55.82 -30.25
C LEU E 52 1.29 -57.13 -29.67
N TRP E 53 1.53 -57.34 -28.37
CA TRP E 53 1.18 -58.61 -27.76
C TRP E 53 -0.33 -58.79 -27.60
N LYS E 54 -1.12 -57.73 -27.75
CA LYS E 54 -2.56 -57.92 -27.65
C LYS E 54 -3.01 -58.97 -28.67
N HIS E 55 -2.58 -58.82 -29.92
CA HIS E 55 -2.95 -59.78 -30.96
C HIS E 55 -2.13 -61.06 -30.93
N ILE E 56 -0.85 -61.00 -30.55
CA ILE E 56 -0.05 -62.22 -30.48
C ILE E 56 -0.63 -63.17 -29.45
N LYS E 57 -1.21 -62.63 -28.38
CA LYS E 57 -1.88 -63.41 -27.35
C LYS E 57 -2.74 -64.54 -27.95
N GLU F 25 24.27 -78.01 -40.93
CA GLU F 25 25.24 -76.92 -40.91
C GLU F 25 24.62 -75.63 -41.42
N LEU F 26 24.97 -74.52 -40.76
CA LEU F 26 24.45 -73.21 -41.12
C LEU F 26 25.59 -72.28 -41.53
N VAL F 27 25.31 -71.42 -42.50
CA VAL F 27 26.22 -70.36 -42.92
C VAL F 27 25.66 -69.05 -42.44
N ASP F 28 26.45 -68.32 -41.67
CA ASP F 28 26.02 -67.04 -41.12
C ASP F 28 26.03 -65.98 -42.22
N PRO F 29 24.92 -65.28 -42.47
CA PRO F 29 24.93 -64.25 -43.52
C PRO F 29 26.03 -63.22 -43.35
N LEU F 30 26.49 -62.99 -42.12
CA LEU F 30 27.48 -61.95 -41.88
C LEU F 30 28.79 -62.25 -42.60
N THR F 31 29.27 -63.49 -42.53
CA THR F 31 30.37 -63.94 -43.37
C THR F 31 30.23 -63.45 -44.82
N THR F 32 29.15 -63.86 -45.49
CA THR F 32 29.01 -63.54 -46.91
C THR F 32 28.98 -62.03 -47.12
N VAL F 33 28.26 -61.31 -46.26
CA VAL F 33 28.12 -59.87 -46.45
C VAL F 33 29.49 -59.19 -46.31
N ARG F 34 30.28 -59.60 -45.32
CA ARG F 34 31.64 -59.07 -45.23
C ARG F 34 32.41 -59.38 -46.51
N GLU F 35 32.43 -60.65 -46.93
CA GLU F 35 33.20 -61.01 -48.12
C GLU F 35 32.78 -60.18 -49.33
N GLN F 36 31.53 -59.73 -49.38
CA GLN F 36 31.04 -58.99 -50.54
C GLN F 36 31.48 -57.52 -50.46
N CYS F 37 31.17 -56.88 -49.34
CA CYS F 37 31.68 -55.53 -49.06
C CYS F 37 33.19 -55.40 -49.26
N GLU F 38 33.97 -56.43 -48.91
CA GLU F 38 35.42 -56.26 -49.00
C GLU F 38 35.92 -56.17 -50.44
N GLN F 39 35.03 -56.30 -51.43
CA GLN F 39 35.42 -56.17 -52.82
C GLN F 39 35.48 -54.72 -53.30
N LEU F 40 34.98 -53.79 -52.50
CA LEU F 40 34.74 -52.43 -52.97
C LEU F 40 36.00 -51.57 -52.84
N GLU F 41 36.06 -50.52 -53.66
CA GLU F 41 37.28 -49.75 -53.84
C GLU F 41 37.77 -49.14 -52.53
N LYS F 42 36.87 -48.46 -51.82
CA LYS F 42 37.28 -47.76 -50.61
C LYS F 42 37.83 -48.72 -49.57
N CYS F 43 37.28 -49.94 -49.51
CA CYS F 43 37.93 -50.99 -48.74
C CYS F 43 39.30 -51.36 -49.29
N VAL F 44 39.41 -51.48 -50.62
CA VAL F 44 40.61 -52.09 -51.19
C VAL F 44 41.84 -51.23 -50.89
N LYS F 45 41.71 -49.91 -51.03
CA LYS F 45 42.90 -49.08 -50.79
C LYS F 45 43.36 -49.17 -49.34
N ALA F 46 42.42 -49.16 -48.39
CA ALA F 46 42.78 -49.31 -46.98
C ALA F 46 43.39 -50.67 -46.70
N ARG F 47 42.86 -51.72 -47.35
CA ARG F 47 43.43 -53.06 -47.22
C ARG F 47 44.89 -53.08 -47.68
N GLU F 48 45.16 -52.40 -48.79
CA GLU F 48 46.52 -52.34 -49.32
C GLU F 48 47.44 -51.62 -48.35
N ARG F 49 46.98 -50.50 -47.79
CA ARG F 49 47.78 -49.79 -46.78
C ARG F 49 48.06 -50.68 -45.57
N LEU F 50 47.07 -51.48 -45.19
CA LEU F 50 47.26 -52.41 -44.07
C LEU F 50 48.38 -53.40 -44.37
N GLU F 51 48.38 -53.96 -45.58
CA GLU F 51 49.44 -54.90 -45.95
C GLU F 51 50.81 -54.22 -45.90
N LEU F 52 50.91 -53.01 -46.44
CA LEU F 52 52.19 -52.29 -46.41
C LEU F 52 52.69 -52.13 -44.98
N CYS F 53 51.80 -51.75 -44.05
CA CYS F 53 52.25 -51.51 -42.69
C CYS F 53 52.64 -52.82 -41.99
N ASP F 54 51.91 -53.91 -42.26
CA ASP F 54 52.32 -55.22 -41.78
C ASP F 54 53.74 -55.52 -42.22
N GLU F 55 54.04 -55.26 -43.49
CA GLU F 55 55.35 -55.60 -44.02
C GLU F 55 56.45 -54.80 -43.31
N ARG F 56 56.29 -53.48 -43.21
CA ARG F 56 57.27 -52.71 -42.45
C ARG F 56 57.47 -53.34 -41.08
N VAL F 57 56.41 -53.35 -40.27
CA VAL F 57 56.59 -53.72 -38.86
C VAL F 57 57.21 -55.11 -38.73
N SER F 58 56.86 -56.03 -39.63
CA SER F 58 57.43 -57.38 -39.54
C SER F 58 58.90 -57.39 -39.95
N SER F 59 59.32 -56.47 -40.82
CA SER F 59 60.65 -56.56 -41.39
C SER F 59 61.75 -55.99 -40.49
N ARG F 60 61.42 -55.11 -39.54
CA ARG F 60 62.45 -54.45 -38.77
C ARG F 60 62.98 -55.37 -37.67
N SER F 61 64.10 -54.96 -37.09
CA SER F 61 64.72 -55.71 -36.00
C SER F 61 64.17 -55.31 -34.64
N HIS F 62 64.08 -54.01 -34.37
CA HIS F 62 63.67 -53.52 -33.06
C HIS F 62 62.95 -52.19 -33.25
N THR F 63 61.63 -52.17 -33.04
CA THR F 63 60.85 -50.95 -33.19
C THR F 63 59.72 -50.95 -32.17
N GLU F 64 59.19 -49.74 -31.93
CA GLU F 64 58.04 -49.55 -31.04
C GLU F 64 56.74 -49.34 -31.81
N GLU F 65 56.80 -49.33 -33.14
CA GLU F 65 55.61 -49.13 -33.95
C GLU F 65 54.69 -50.35 -33.89
N ASP F 66 53.41 -50.11 -34.14
CA ASP F 66 52.42 -51.17 -34.30
C ASP F 66 51.50 -50.80 -35.46
N CYS F 67 50.76 -51.79 -35.95
CA CYS F 67 49.99 -51.67 -37.17
C CYS F 67 48.49 -51.49 -36.91
N MET F 68 48.12 -50.85 -35.80
CA MET F 68 46.73 -50.86 -35.38
C MET F 68 45.90 -49.80 -36.09
N GLU F 69 46.33 -48.53 -36.04
CA GLU F 69 45.63 -47.47 -36.79
C GLU F 69 45.15 -47.90 -38.18
N GLU F 70 46.02 -48.53 -38.96
CA GLU F 70 45.63 -48.95 -40.30
C GLU F 70 44.47 -49.94 -40.24
N LEU F 71 44.53 -50.88 -39.30
CA LEU F 71 43.46 -51.86 -39.15
C LEU F 71 42.15 -51.19 -38.81
N LEU F 72 42.18 -50.22 -37.88
CA LEU F 72 40.98 -49.52 -37.49
C LEU F 72 40.39 -48.73 -38.64
N ASP F 73 41.25 -48.08 -39.44
CA ASP F 73 40.77 -47.38 -40.63
C ASP F 73 40.02 -48.34 -41.56
N PHE F 74 40.64 -49.48 -41.86
CA PHE F 74 40.01 -50.45 -42.75
C PHE F 74 38.68 -50.92 -42.18
N LEU F 75 38.64 -51.22 -40.88
CA LEU F 75 37.42 -51.72 -40.26
C LEU F 75 36.31 -50.67 -40.27
N TYR F 76 36.64 -49.42 -39.99
CA TYR F 76 35.64 -48.38 -40.09
C TYR F 76 35.03 -48.39 -41.49
N ALA F 77 35.89 -48.38 -42.51
CA ALA F 77 35.41 -48.31 -43.88
C ALA F 77 34.51 -49.48 -44.22
N ARG F 78 34.86 -50.69 -43.74
CA ARG F 78 34.12 -51.88 -44.13
C ARG F 78 32.80 -52.02 -43.38
N ASP F 79 32.84 -51.85 -42.06
CA ASP F 79 31.60 -51.96 -41.29
C ASP F 79 30.60 -50.88 -41.67
N HIS F 80 31.04 -49.78 -42.30
CA HIS F 80 30.04 -48.83 -42.78
C HIS F 80 29.07 -49.50 -43.75
N CYS F 81 29.59 -50.19 -44.77
CA CYS F 81 28.71 -50.81 -45.76
C CYS F 81 28.18 -52.16 -45.33
N VAL F 82 28.74 -52.80 -44.30
CA VAL F 82 28.06 -53.98 -43.76
C VAL F 82 26.73 -53.56 -43.14
N ALA F 83 26.69 -52.43 -42.44
CA ALA F 83 25.50 -52.02 -41.73
C ALA F 83 24.33 -51.70 -42.66
N HIS F 84 24.59 -51.34 -43.91
CA HIS F 84 23.53 -51.05 -44.86
C HIS F 84 22.89 -52.30 -45.44
N LYS F 85 23.47 -53.49 -45.22
CA LYS F 85 23.07 -54.67 -45.98
C LYS F 85 22.97 -55.96 -45.16
N LEU F 86 23.04 -55.90 -43.84
CA LEU F 86 23.08 -57.16 -43.09
C LEU F 86 21.70 -57.60 -42.62
N PHE F 87 20.92 -56.64 -42.13
CA PHE F 87 19.62 -56.88 -41.51
C PHE F 87 18.56 -57.33 -42.50
N ASN F 88 18.79 -57.18 -43.80
CA ASN F 88 17.86 -57.72 -44.78
C ASN F 88 17.83 -59.23 -44.76
N ASN F 89 18.91 -59.88 -44.31
CA ASN F 89 19.02 -61.33 -44.29
C ASN F 89 18.62 -61.95 -42.96
N LEU F 90 18.43 -61.14 -41.92
CA LEU F 90 18.10 -61.65 -40.60
C LEU F 90 16.59 -61.57 -40.36
N LYS F 91 16.17 -62.23 -39.29
CA LYS F 91 14.75 -62.26 -38.92
C LYS F 91 14.49 -61.35 -37.73
N GLN G 36 -65.94 29.16 -18.25
CA GLN G 36 -65.88 28.92 -16.78
C GLN G 36 -64.79 29.82 -16.18
N ASP G 37 -65.08 30.38 -15.01
CA ASP G 37 -64.37 31.56 -14.52
C ASP G 37 -63.75 31.30 -13.15
N LEU G 38 -62.84 32.22 -12.79
CA LEU G 38 -62.22 32.22 -11.47
C LEU G 38 -63.21 32.67 -10.40
N GLU G 39 -62.92 32.30 -9.16
CA GLU G 39 -63.74 32.67 -8.02
C GLU G 39 -62.83 33.02 -6.84
N PHE G 40 -62.67 34.31 -6.57
CA PHE G 40 -61.93 34.76 -5.40
C PHE G 40 -62.75 34.56 -4.13
N THR G 41 -62.07 34.42 -3.01
CA THR G 41 -62.71 34.21 -1.72
C THR G 41 -61.67 34.37 -0.61
N LYS G 42 -62.14 34.81 0.56
CA LYS G 42 -61.28 35.00 1.72
C LYS G 42 -61.91 34.34 2.93
N LEU G 43 -61.10 33.59 3.67
CA LEU G 43 -61.54 32.89 4.87
C LEU G 43 -61.48 33.80 6.07
N PRO G 44 -62.03 33.35 7.21
CA PRO G 44 -61.92 34.17 8.44
C PRO G 44 -60.48 34.42 8.88
N ASN G 45 -59.57 33.50 8.58
CA ASN G 45 -58.17 33.71 8.92
C ASN G 45 -57.56 34.89 8.16
N GLY G 46 -58.17 35.29 7.05
CA GLY G 46 -57.58 36.24 6.14
C GLY G 46 -56.89 35.62 4.96
N LEU G 47 -56.83 34.29 4.90
CA LEU G 47 -56.24 33.58 3.77
C LEU G 47 -57.11 33.75 2.54
N VAL G 48 -56.48 34.01 1.39
CA VAL G 48 -57.22 34.13 0.14
C VAL G 48 -57.15 32.80 -0.61
N ILE G 49 -58.27 32.41 -1.24
CA ILE G 49 -58.31 31.18 -2.03
C ILE G 49 -59.03 31.45 -3.34
N ALA G 50 -58.53 30.85 -4.43
CA ALA G 50 -59.15 30.99 -5.74
C ALA G 50 -58.89 29.75 -6.56
N SER G 51 -59.79 29.47 -7.50
CA SER G 51 -59.66 28.26 -8.29
C SER G 51 -60.41 28.37 -9.61
N LEU G 52 -60.17 27.39 -10.49
CA LEU G 52 -60.66 27.42 -11.86
C LEU G 52 -60.58 26.00 -12.40
N GLU G 53 -61.73 25.42 -12.71
CA GLU G 53 -61.80 24.04 -13.18
C GLU G 53 -61.73 24.03 -14.71
N ASN G 54 -60.52 24.28 -15.21
CA ASN G 54 -60.24 23.94 -16.60
C ASN G 54 -60.04 22.43 -16.69
N TYR G 55 -60.59 21.85 -17.75
CA TYR G 55 -60.69 20.39 -17.82
C TYR G 55 -59.38 19.72 -18.26
N ALA G 56 -58.26 20.22 -17.78
CA ALA G 56 -56.91 19.80 -18.10
C ALA G 56 -56.53 18.53 -17.35
N PRO G 57 -55.72 17.66 -17.99
CA PRO G 57 -55.31 16.43 -17.31
C PRO G 57 -54.38 16.66 -16.13
N LEU G 58 -53.69 17.80 -16.08
CA LEU G 58 -52.67 18.09 -15.07
C LEU G 58 -53.16 19.23 -14.19
N SER G 59 -53.25 18.97 -12.88
CA SER G 59 -53.66 19.98 -11.92
C SER G 59 -52.45 20.66 -11.30
N ARG G 60 -52.58 21.96 -11.06
CA ARG G 60 -51.51 22.78 -10.51
C ARG G 60 -52.05 23.56 -9.32
N ILE G 61 -51.34 23.53 -8.19
CA ILE G 61 -51.74 24.28 -7.01
C ILE G 61 -50.55 25.08 -6.50
N GLY G 62 -50.78 26.37 -6.23
CA GLY G 62 -49.75 27.27 -5.75
C GLY G 62 -50.13 27.87 -4.42
N LEU G 63 -49.17 27.89 -3.49
CA LEU G 63 -49.27 28.64 -2.24
C LEU G 63 -48.30 29.83 -2.33
N PHE G 64 -48.85 31.03 -2.21
CA PHE G 64 -48.10 32.27 -2.38
C PHE G 64 -48.07 33.06 -1.08
N ILE G 65 -46.92 33.67 -0.80
CA ILE G 65 -46.61 34.26 0.49
C ILE G 65 -45.91 35.59 0.28
N LYS G 66 -46.27 36.59 1.09
CA LYS G 66 -45.52 37.85 1.14
C LYS G 66 -44.27 37.59 1.97
N ALA G 67 -43.22 37.12 1.32
CA ALA G 67 -41.91 37.02 1.95
C ALA G 67 -40.85 37.15 0.87
N GLY G 68 -39.62 37.34 1.32
CA GLY G 68 -38.51 37.49 0.42
C GLY G 68 -37.36 38.21 1.09
N SER G 69 -36.34 38.50 0.28
CA SER G 69 -35.10 39.06 0.80
C SER G 69 -35.25 40.48 1.32
N ARG G 70 -36.30 41.19 0.93
CA ARG G 70 -36.43 42.56 1.41
C ARG G 70 -36.75 42.61 2.90
N TYR G 71 -37.21 41.51 3.49
CA TYR G 71 -37.50 41.46 4.92
C TYR G 71 -36.31 40.99 5.75
N GLU G 72 -35.16 40.75 5.16
CA GLU G 72 -33.95 40.49 5.92
C GLU G 72 -33.29 41.81 6.33
N ASP G 73 -32.36 41.72 7.28
CA ASP G 73 -31.52 42.84 7.65
C ASP G 73 -30.09 42.36 7.78
N SER G 74 -29.16 43.31 7.98
CA SER G 74 -27.74 42.98 7.94
C SER G 74 -27.31 41.89 8.90
N ASN G 75 -28.14 41.52 9.88
CA ASN G 75 -27.73 40.50 10.84
C ASN G 75 -28.13 39.09 10.45
N ASN G 76 -29.03 38.92 9.48
CA ASN G 76 -29.47 37.59 9.06
C ASN G 76 -29.61 37.52 7.54
N LEU G 77 -28.64 38.07 6.81
CA LEU G 77 -28.66 37.97 5.37
C LEU G 77 -28.48 36.52 4.93
N GLY G 78 -29.07 36.20 3.77
CA GLY G 78 -29.00 34.87 3.20
C GLY G 78 -30.00 33.86 3.71
N THR G 79 -30.81 34.23 4.72
CA THR G 79 -31.71 33.25 5.33
C THR G 79 -32.67 32.66 4.30
N THR G 80 -33.25 33.52 3.45
CA THR G 80 -34.29 33.08 2.53
C THR G 80 -33.76 32.17 1.44
N HIS G 81 -32.51 32.35 1.03
CA HIS G 81 -31.91 31.45 0.05
C HIS G 81 -31.86 30.02 0.59
N LEU G 82 -31.27 29.85 1.77
CA LEU G 82 -31.27 28.54 2.40
C LEU G 82 -32.69 28.04 2.64
N LEU G 83 -33.63 28.96 2.89
CA LEU G 83 -35.01 28.55 3.13
C LEU G 83 -35.62 27.92 1.88
N ARG G 84 -35.35 28.49 0.71
CA ARG G 84 -35.88 27.90 -0.51
C ARG G 84 -35.16 26.60 -0.85
N LEU G 85 -33.88 26.48 -0.47
CA LEU G 85 -33.23 25.19 -0.69
C LEU G 85 -33.66 24.13 0.33
N ALA G 86 -34.10 24.52 1.52
CA ALA G 86 -34.44 23.56 2.56
C ALA G 86 -35.82 22.92 2.39
N SER G 87 -36.45 23.02 1.23
CA SER G 87 -37.85 22.65 1.07
C SER G 87 -38.06 21.14 0.96
N SER G 88 -37.10 20.33 1.41
CA SER G 88 -37.35 18.89 1.53
C SER G 88 -36.72 18.30 2.77
N LEU G 89 -36.33 19.13 3.74
CA LEU G 89 -35.90 18.61 5.03
C LEU G 89 -37.12 18.10 5.80
N THR G 90 -36.83 17.35 6.87
CA THR G 90 -37.89 16.67 7.60
C THR G 90 -38.81 17.67 8.30
N THR G 91 -40.03 17.22 8.56
CA THR G 91 -41.07 18.02 9.17
C THR G 91 -41.71 17.23 10.30
N LYS G 92 -42.58 17.90 11.06
CA LYS G 92 -43.29 17.21 12.14
C LYS G 92 -44.26 16.18 11.59
N GLY G 93 -44.70 16.35 10.35
CA GLY G 93 -45.67 15.46 9.76
C GLY G 93 -45.09 14.42 8.81
N ALA G 94 -43.96 14.68 8.16
CA ALA G 94 -43.44 13.63 7.29
C ALA G 94 -41.92 13.69 7.19
N SER G 95 -41.32 12.51 7.16
CA SER G 95 -39.88 12.36 7.06
C SER G 95 -39.38 12.85 5.70
N SER G 96 -38.12 13.29 5.66
CA SER G 96 -37.52 13.73 4.42
C SER G 96 -37.55 12.63 3.36
N PHE G 97 -37.14 11.42 3.75
CA PHE G 97 -37.21 10.26 2.87
C PHE G 97 -38.63 10.09 2.33
N LYS G 98 -39.62 10.18 3.22
CA LYS G 98 -41.00 10.02 2.80
C LYS G 98 -41.39 11.10 1.79
N ILE G 99 -41.06 12.36 2.08
CA ILE G 99 -41.47 13.43 1.17
C ILE G 99 -40.87 13.18 -0.22
N THR G 100 -39.56 12.96 -0.26
CA THR G 100 -38.87 12.77 -1.53
C THR G 100 -39.45 11.61 -2.32
N ARG G 101 -39.45 10.42 -1.72
CA ARG G 101 -39.87 9.24 -2.46
C ARG G 101 -41.35 9.30 -2.82
N GLY G 102 -42.19 9.83 -1.93
CA GLY G 102 -43.61 9.91 -2.22
C GLY G 102 -43.93 10.84 -3.36
N ILE G 103 -43.21 11.97 -3.45
CA ILE G 103 -43.41 12.85 -4.60
C ILE G 103 -42.91 12.19 -5.86
N GLU G 104 -41.79 11.47 -5.80
CA GLU G 104 -41.28 10.80 -6.99
C GLU G 104 -42.24 9.72 -7.49
N ALA G 105 -42.87 8.99 -6.57
CA ALA G 105 -43.58 7.77 -6.93
C ALA G 105 -44.81 8.01 -7.80
N VAL G 106 -45.30 9.25 -7.87
CA VAL G 106 -46.42 9.60 -8.74
C VAL G 106 -45.99 10.44 -9.92
N GLY G 107 -44.72 10.83 -9.99
CA GLY G 107 -44.19 11.61 -11.09
C GLY G 107 -44.29 13.11 -10.93
N SER G 108 -44.72 13.59 -9.77
CA SER G 108 -45.06 14.99 -9.57
C SER G 108 -43.82 15.83 -9.28
N LYS G 109 -44.04 17.13 -9.16
CA LYS G 109 -42.99 18.08 -8.78
C LYS G 109 -43.50 19.04 -7.72
N LEU G 110 -42.56 19.47 -6.87
CA LEU G 110 -42.74 20.56 -5.90
C LEU G 110 -41.62 21.57 -6.15
N SER G 111 -41.98 22.72 -6.71
CA SER G 111 -41.05 23.82 -6.93
C SER G 111 -41.18 24.91 -5.87
N VAL G 112 -40.12 25.69 -5.72
CA VAL G 112 -40.11 26.92 -4.94
C VAL G 112 -39.48 28.02 -5.78
N THR G 113 -40.13 29.18 -5.82
CA THR G 113 -39.69 30.32 -6.60
C THR G 113 -39.73 31.56 -5.72
N ALA G 114 -38.71 32.42 -5.80
CA ALA G 114 -38.82 33.65 -5.02
C ALA G 114 -38.55 34.88 -5.87
N THR G 115 -38.87 36.03 -5.27
CA THR G 115 -38.43 37.35 -5.72
C THR G 115 -37.92 38.09 -4.50
N ARG G 116 -37.69 39.39 -4.60
CA ARG G 116 -37.37 40.15 -3.39
C ARG G 116 -38.60 40.35 -2.52
N GLU G 117 -39.81 40.26 -3.08
CA GLU G 117 -41.01 40.59 -2.35
C GLU G 117 -41.93 39.40 -2.04
N THR G 118 -41.84 38.29 -2.78
CA THR G 118 -42.79 37.19 -2.62
C THR G 118 -42.08 35.85 -2.71
N MET G 119 -42.66 34.83 -2.07
CA MET G 119 -42.23 33.45 -2.29
C MET G 119 -43.42 32.59 -2.67
N ALA G 120 -43.15 31.54 -3.44
CA ALA G 120 -44.21 30.67 -3.95
C ALA G 120 -43.76 29.22 -3.93
N TYR G 121 -44.63 28.36 -3.39
CA TYR G 121 -44.46 26.91 -3.42
C TYR G 121 -45.52 26.34 -4.34
N THR G 122 -45.10 25.59 -5.36
CA THR G 122 -46.04 25.10 -6.36
C THR G 122 -45.93 23.58 -6.51
N VAL G 123 -47.08 22.95 -6.73
CA VAL G 123 -47.21 21.50 -6.85
C VAL G 123 -47.91 21.19 -8.17
N GLU G 124 -47.38 20.18 -8.88
CA GLU G 124 -47.99 19.70 -10.11
C GLU G 124 -48.31 18.22 -9.98
N CYS G 125 -49.51 17.82 -10.41
CA CYS G 125 -49.86 16.41 -10.27
C CYS G 125 -50.96 16.02 -11.24
N LEU G 126 -51.04 14.71 -11.51
CA LEU G 126 -52.13 14.17 -12.30
C LEU G 126 -53.43 14.18 -11.49
N ARG G 127 -54.55 14.04 -12.20
CA ARG G 127 -55.85 14.15 -11.55
C ARG G 127 -56.05 12.99 -10.58
N GLY G 128 -56.42 13.32 -9.34
CA GLY G 128 -56.62 12.34 -8.29
C GLY G 128 -55.48 12.23 -7.31
N ASP G 129 -54.35 12.90 -7.55
CA ASP G 129 -53.17 12.82 -6.69
C ASP G 129 -53.18 13.86 -5.57
N VAL G 130 -54.07 14.84 -5.64
CA VAL G 130 -54.00 16.05 -4.83
C VAL G 130 -53.74 15.74 -3.35
N ASP G 131 -54.59 14.93 -2.73
CA ASP G 131 -54.75 14.98 -1.26
C ASP G 131 -53.41 14.85 -0.51
N ILE G 132 -52.64 13.81 -0.84
CA ILE G 132 -51.43 13.53 -0.09
C ILE G 132 -50.37 14.61 -0.35
N LEU G 133 -50.25 15.05 -1.60
CA LEU G 133 -49.37 16.17 -1.91
C LEU G 133 -49.76 17.42 -1.14
N MET G 134 -51.05 17.60 -0.87
CA MET G 134 -51.47 18.76 -0.08
C MET G 134 -51.06 18.61 1.37
N GLU G 135 -51.11 17.39 1.91
CA GLU G 135 -50.53 17.17 3.24
C GLU G 135 -49.07 17.61 3.26
N PHE G 136 -48.31 17.26 2.21
CA PHE G 136 -46.89 17.60 2.13
C PHE G 136 -46.71 19.11 2.10
N LEU G 137 -47.50 19.79 1.27
CA LEU G 137 -47.45 21.25 1.20
C LEU G 137 -47.69 21.87 2.57
N LEU G 138 -48.73 21.40 3.27
CA LEU G 138 -49.06 21.92 4.59
C LEU G 138 -47.89 21.75 5.54
N ASN G 139 -47.29 20.55 5.58
CA ASN G 139 -46.21 20.34 6.54
C ASN G 139 -44.96 21.14 6.17
N VAL G 140 -44.70 21.32 4.88
CA VAL G 140 -43.52 22.09 4.48
C VAL G 140 -43.65 23.53 4.91
N THR G 141 -44.86 24.10 4.82
CA THR G 141 -44.99 25.53 5.10
C THR G 141 -45.39 25.87 6.53
N THR G 142 -46.10 25.01 7.24
CA THR G 142 -46.64 25.35 8.56
C THR G 142 -45.97 24.64 9.72
N ALA G 143 -45.18 23.61 9.46
CA ALA G 143 -44.62 22.81 10.53
C ALA G 143 -43.31 22.18 10.07
N PRO G 144 -42.31 23.00 9.76
CA PRO G 144 -40.97 22.48 9.48
C PRO G 144 -40.15 22.28 10.73
N GLU G 145 -39.36 21.21 10.71
CA GLU G 145 -38.24 21.06 11.62
C GLU G 145 -36.97 21.47 10.89
N PHE G 146 -36.06 22.10 11.63
CA PHE G 146 -34.81 22.56 11.07
C PHE G 146 -33.65 21.93 11.83
N ARG G 147 -33.65 20.60 11.84
CA ARG G 147 -32.68 19.81 12.59
C ARG G 147 -31.25 20.24 12.31
N ARG G 148 -30.47 20.38 13.38
CA ARG G 148 -29.12 20.93 13.25
C ARG G 148 -28.32 20.22 12.17
N TRP G 149 -28.30 18.89 12.19
CA TRP G 149 -27.42 18.14 11.29
C TRP G 149 -27.87 18.26 9.84
N GLU G 150 -29.18 18.25 9.58
CA GLU G 150 -29.63 18.38 8.20
C GLU G 150 -29.32 19.76 7.65
N VAL G 151 -29.50 20.80 8.46
CA VAL G 151 -29.16 22.15 8.01
C VAL G 151 -27.67 22.25 7.73
N ALA G 152 -26.86 21.70 8.63
CA ALA G 152 -25.40 21.76 8.50
C ALA G 152 -24.88 20.90 7.36
N ASP G 153 -25.64 19.90 6.91
CA ASP G 153 -25.28 19.18 5.71
C ASP G 153 -25.76 19.88 4.46
N LEU G 154 -26.79 20.72 4.58
CA LEU G 154 -27.32 21.45 3.44
C LEU G 154 -26.53 22.71 3.11
N GLN G 155 -25.76 23.25 4.07
CA GLN G 155 -25.06 24.52 3.81
C GLN G 155 -24.22 24.53 2.54
N PRO G 156 -23.33 23.57 2.29
CA PRO G 156 -22.38 23.75 1.16
C PRO G 156 -23.04 23.87 -0.21
N GLN G 157 -24.35 23.67 -0.32
CA GLN G 157 -25.01 23.77 -1.62
C GLN G 157 -25.32 25.22 -2.01
N LEU G 158 -25.32 26.14 -1.05
CA LEU G 158 -25.48 27.56 -1.36
C LEU G 158 -24.40 28.02 -2.34
N LYS G 159 -23.15 27.66 -2.06
CA LYS G 159 -22.03 28.03 -2.91
C LYS G 159 -22.27 27.57 -4.34
N ILE G 160 -22.66 26.30 -4.49
CA ILE G 160 -22.83 25.69 -5.80
C ILE G 160 -23.97 26.36 -6.56
N ASP G 161 -25.12 26.55 -5.89
CA ASP G 161 -26.27 27.17 -6.53
C ASP G 161 -25.95 28.58 -7.00
N LYS G 162 -25.32 29.37 -6.13
CA LYS G 162 -24.91 30.71 -6.51
C LYS G 162 -23.95 30.71 -7.69
N ALA G 163 -23.09 29.67 -7.77
CA ALA G 163 -22.14 29.64 -8.86
C ALA G 163 -22.86 29.42 -10.19
N VAL G 164 -23.76 28.43 -10.22
CA VAL G 164 -24.46 28.23 -11.50
C VAL G 164 -25.28 29.46 -11.85
N ALA G 165 -25.85 30.14 -10.86
CA ALA G 165 -26.58 31.37 -11.15
C ALA G 165 -25.66 32.42 -11.76
N PHE G 166 -24.48 32.58 -11.19
CA PHE G 166 -23.56 33.63 -11.58
C PHE G 166 -22.71 33.27 -12.80
N GLN G 167 -23.03 32.17 -13.48
CA GLN G 167 -22.42 31.97 -14.80
C GLN G 167 -22.95 32.95 -15.84
N ASN G 168 -24.26 33.21 -15.86
CA ASN G 168 -24.79 34.22 -16.74
C ASN G 168 -24.42 35.60 -16.19
N PRO G 169 -23.70 36.44 -16.93
CA PRO G 169 -23.21 37.72 -16.35
C PRO G 169 -24.31 38.70 -15.97
N GLN G 170 -25.49 38.62 -16.60
CA GLN G 170 -26.53 39.60 -16.32
C GLN G 170 -26.95 39.61 -14.85
N THR G 171 -26.89 38.44 -14.20
CA THR G 171 -27.46 38.29 -12.86
C THR G 171 -26.70 39.13 -11.85
N HIS G 172 -25.36 39.05 -11.88
CA HIS G 172 -24.58 39.74 -10.87
C HIS G 172 -24.57 41.25 -11.12
N VAL G 173 -24.70 41.68 -12.38
CA VAL G 173 -24.85 43.10 -12.67
C VAL G 173 -26.15 43.64 -12.09
N ILE G 174 -27.25 42.92 -12.29
CA ILE G 174 -28.54 43.39 -11.75
C ILE G 174 -28.52 43.39 -10.22
N GLU G 175 -27.88 42.39 -9.62
CA GLU G 175 -27.71 42.37 -8.18
C GLU G 175 -27.00 43.63 -7.68
N ASN G 176 -25.90 44.00 -8.35
CA ASN G 176 -25.20 45.22 -7.98
C ASN G 176 -26.06 46.46 -8.19
N LEU G 177 -26.89 46.46 -9.22
CA LEU G 177 -27.73 47.60 -9.51
C LEU G 177 -28.68 47.87 -8.35
N HIS G 178 -29.24 46.83 -7.77
CA HIS G 178 -30.12 47.05 -6.63
C HIS G 178 -29.35 47.59 -5.42
N ALA G 179 -28.12 47.14 -5.24
CA ALA G 179 -27.32 47.61 -4.11
C ALA G 179 -26.98 49.10 -4.20
N ALA G 180 -26.56 49.54 -5.37
CA ALA G 180 -26.36 50.94 -5.77
C ALA G 180 -27.63 51.78 -5.68
N ALA G 181 -28.76 51.24 -6.13
CA ALA G 181 -29.99 52.03 -6.24
C ALA G 181 -30.66 52.30 -4.90
N TYR G 182 -30.51 51.43 -3.90
CA TYR G 182 -31.26 51.53 -2.65
C TYR G 182 -30.34 51.41 -1.45
N ARG G 183 -30.71 52.17 -0.38
CA ARG G 183 -29.95 52.11 0.87
C ARG G 183 -30.26 50.85 1.69
N ASN G 184 -31.52 50.41 1.81
CA ASN G 184 -31.79 49.38 2.81
C ASN G 184 -32.40 48.07 2.30
N ALA G 185 -33.63 48.13 1.74
CA ALA G 185 -34.46 46.93 1.65
C ALA G 185 -34.44 46.20 0.31
N LEU G 186 -34.79 46.88 -0.79
CA LEU G 186 -34.69 46.24 -2.08
C LEU G 186 -33.24 46.02 -2.48
N ALA G 187 -32.32 46.60 -1.70
CA ALA G 187 -30.89 46.41 -1.86
C ALA G 187 -30.44 45.00 -1.49
N ASN G 188 -31.11 44.35 -0.53
CA ASN G 188 -30.65 43.06 -0.03
C ASN G 188 -30.58 42.02 -1.15
N PRO G 189 -29.58 41.15 -1.14
CA PRO G 189 -29.34 40.27 -2.29
C PRO G 189 -30.25 39.04 -2.30
N LEU G 190 -30.57 38.58 -3.52
CA LEU G 190 -31.33 37.34 -3.64
C LEU G 190 -30.52 36.11 -3.26
N TYR G 191 -29.22 36.08 -3.57
CA TYR G 191 -28.33 34.99 -3.24
C TYR G 191 -27.46 35.32 -2.02
N CYS G 192 -27.12 34.28 -1.26
CA CYS G 192 -26.47 34.44 0.03
C CYS G 192 -25.12 35.14 -0.10
N PRO G 193 -24.78 36.04 0.82
CA PRO G 193 -23.41 36.58 0.84
C PRO G 193 -22.39 35.50 1.17
N ASP G 194 -21.19 35.66 0.59
CA ASP G 194 -20.16 34.64 0.73
C ASP G 194 -19.71 34.47 2.18
N TYR G 195 -19.59 35.58 2.91
CA TYR G 195 -19.15 35.51 4.29
C TYR G 195 -20.15 34.81 5.20
N ARG G 196 -21.38 34.61 4.73
CA ARG G 196 -22.44 34.01 5.54
C ARG G 196 -22.62 32.52 5.27
N ILE G 197 -22.02 31.98 4.21
CA ILE G 197 -22.20 30.57 3.89
C ILE G 197 -21.54 29.73 4.97
N GLY G 198 -22.27 28.73 5.48
CA GLY G 198 -21.82 27.93 6.59
C GLY G 198 -22.17 28.48 7.95
N LYS G 199 -22.77 29.68 8.02
CA LYS G 199 -23.08 30.32 9.28
C LYS G 199 -24.51 30.86 9.30
N VAL G 200 -25.41 30.25 8.54
CA VAL G 200 -26.85 30.41 8.74
C VAL G 200 -27.32 29.31 9.68
N THR G 201 -28.09 29.69 10.70
CA THR G 201 -28.42 28.77 11.77
C THR G 201 -29.90 28.37 11.72
N SER G 202 -30.20 27.29 12.44
CA SER G 202 -31.57 26.79 12.52
C SER G 202 -32.49 27.80 13.20
N GLU G 203 -31.98 28.48 14.23
CA GLU G 203 -32.78 29.45 14.96
C GLU G 203 -33.26 30.58 14.06
N GLU G 204 -32.39 31.03 13.15
CA GLU G 204 -32.78 32.07 12.21
C GLU G 204 -33.92 31.62 11.31
N LEU G 205 -33.83 30.38 10.80
CA LEU G 205 -34.90 29.85 9.97
C LEU G 205 -36.22 29.80 10.73
N HIS G 206 -36.18 29.26 11.96
CA HIS G 206 -37.39 29.20 12.77
C HIS G 206 -37.99 30.59 12.96
N TYR G 207 -37.15 31.56 13.33
CA TYR G 207 -37.64 32.91 13.59
C TYR G 207 -38.28 33.52 12.35
N PHE G 208 -37.62 33.39 11.20
CA PHE G 208 -38.15 33.98 9.97
C PHE G 208 -39.51 33.36 9.63
N VAL G 209 -39.60 32.04 9.69
CA VAL G 209 -40.87 31.38 9.35
C VAL G 209 -41.95 31.82 10.33
N GLN G 210 -41.64 31.86 11.62
CA GLN G 210 -42.65 32.22 12.61
C GLN G 210 -43.13 33.65 12.44
N ASN G 211 -42.27 34.54 11.95
CA ASN G 211 -42.64 35.96 11.86
C ASN G 211 -43.10 36.40 10.49
N HIS G 212 -43.03 35.54 9.46
CA HIS G 212 -43.45 35.97 8.13
C HIS G 212 -44.37 35.00 7.39
N PHE G 213 -44.43 33.72 7.76
CA PHE G 213 -45.34 32.78 7.12
C PHE G 213 -46.67 32.77 7.88
N THR G 214 -47.43 33.84 7.68
CA THR G 214 -48.66 34.05 8.42
C THR G 214 -49.86 34.12 7.48
N SER G 215 -51.02 33.68 7.98
CA SER G 215 -52.18 33.40 7.13
C SER G 215 -52.70 34.64 6.42
N ALA G 216 -52.55 35.82 7.00
CA ALA G 216 -53.01 37.04 6.33
C ALA G 216 -52.04 37.53 5.27
N ARG G 217 -50.90 36.87 5.11
CA ARG G 217 -49.95 37.15 4.05
C ARG G 217 -50.04 36.15 2.90
N MET G 218 -51.09 35.31 2.87
CA MET G 218 -51.13 34.13 2.02
C MET G 218 -52.30 34.07 1.05
N ALA G 219 -52.04 33.40 -0.06
CA ALA G 219 -53.11 32.98 -0.96
C ALA G 219 -52.83 31.58 -1.51
N LEU G 220 -53.91 30.85 -1.74
CA LEU G 220 -53.89 29.51 -2.32
C LEU G 220 -54.67 29.53 -3.62
N ILE G 221 -54.01 29.10 -4.71
CA ILE G 221 -54.58 29.17 -6.05
C ILE G 221 -54.57 27.78 -6.66
N GLY G 222 -55.66 27.43 -7.34
CA GLY G 222 -55.79 26.12 -7.94
C GLY G 222 -56.33 26.11 -9.36
N LEU G 223 -55.54 25.60 -10.30
CA LEU G 223 -55.97 25.36 -11.67
C LEU G 223 -56.15 23.86 -11.88
N GLY G 224 -57.29 23.47 -12.43
CA GLY G 224 -57.58 22.05 -12.61
C GLY G 224 -58.26 21.46 -11.40
N VAL G 225 -59.06 22.26 -10.71
CA VAL G 225 -59.54 21.95 -9.37
C VAL G 225 -60.85 22.69 -9.13
N SER G 226 -61.85 21.98 -8.64
CA SER G 226 -63.15 22.57 -8.33
C SER G 226 -63.11 23.24 -6.98
N HIS G 227 -63.66 24.45 -6.90
CA HIS G 227 -63.76 25.20 -5.64
C HIS G 227 -64.10 24.36 -4.42
N PRO G 228 -65.10 23.48 -4.42
CA PRO G 228 -65.31 22.63 -3.23
C PRO G 228 -64.08 21.85 -2.82
N VAL G 229 -63.36 21.29 -3.79
CA VAL G 229 -62.16 20.51 -3.48
C VAL G 229 -61.08 21.42 -2.90
N LEU G 230 -60.91 22.61 -3.47
CA LEU G 230 -59.92 23.54 -2.92
C LEU G 230 -60.33 24.03 -1.54
N LYS G 231 -61.63 24.07 -1.25
CA LYS G 231 -62.08 24.36 0.11
C LYS G 231 -61.68 23.25 1.06
N GLN G 232 -61.89 21.99 0.65
CA GLN G 232 -61.42 20.87 1.46
C GLN G 232 -59.93 21.00 1.74
N VAL G 233 -59.15 21.44 0.75
CA VAL G 233 -57.72 21.61 0.98
C VAL G 233 -57.46 22.75 1.96
N ALA G 234 -58.02 23.93 1.68
CA ALA G 234 -57.78 25.08 2.55
C ALA G 234 -58.23 24.84 3.98
N GLU G 235 -59.14 23.88 4.20
CA GLU G 235 -59.64 23.59 5.54
C GLU G 235 -58.52 23.23 6.52
N GLN G 236 -57.42 22.67 6.03
CA GLN G 236 -56.33 22.21 6.90
C GLN G 236 -55.50 23.36 7.46
N PHE G 237 -55.64 24.53 6.87
CA PHE G 237 -54.93 25.77 7.18
C PHE G 237 -55.69 26.65 8.17
N LEU G 238 -56.79 26.16 8.72
CA LEU G 238 -57.63 27.01 9.55
C LEU G 238 -57.00 27.31 10.92
N ASN G 239 -56.18 26.41 11.45
CA ASN G 239 -55.59 26.57 12.77
C ASN G 239 -54.13 27.03 12.70
N MET G 240 -53.68 27.57 11.57
CA MET G 240 -52.30 28.00 11.46
C MET G 240 -52.13 29.39 12.08
N ARG G 241 -50.88 29.86 12.05
CA ARG G 241 -50.55 31.17 12.58
C ARG G 241 -51.40 32.28 11.97
N GLY G 242 -52.01 33.09 12.83
CA GLY G 242 -52.97 34.09 12.41
C GLY G 242 -52.40 35.50 12.34
N GLY G 243 -53.20 36.38 11.75
CA GLY G 243 -52.88 37.79 11.67
C GLY G 243 -51.74 38.10 10.72
N PHE G 244 -51.21 39.31 10.91
CA PHE G 244 -50.08 39.83 10.17
C PHE G 244 -48.78 39.54 10.90
N GLY G 245 -47.67 39.95 10.32
CA GLY G 245 -46.37 39.71 10.89
C GLY G 245 -45.59 41.00 11.09
N LEU G 246 -44.27 40.92 10.96
CA LEU G 246 -43.45 42.11 10.99
C LEU G 246 -43.43 42.74 9.61
N SER G 247 -43.79 44.03 9.57
CA SER G 247 -44.15 44.71 8.33
C SER G 247 -42.94 45.20 7.54
N GLY G 248 -41.83 45.44 8.20
CA GLY G 248 -40.60 45.82 7.54
C GLY G 248 -40.40 47.32 7.49
N VAL G 249 -39.48 47.74 6.61
CA VAL G 249 -39.17 49.15 6.42
C VAL G 249 -39.35 49.52 4.96
N LYS G 250 -39.62 50.80 4.73
CA LYS G 250 -39.75 51.34 3.38
C LYS G 250 -38.39 51.54 2.75
N ALA G 251 -38.31 51.32 1.44
CA ALA G 251 -37.05 51.43 0.72
C ALA G 251 -36.69 52.88 0.49
N LYS G 252 -35.42 53.20 0.69
CA LYS G 252 -34.89 54.55 0.50
C LYS G 252 -33.88 54.54 -0.64
N TYR G 253 -33.99 55.54 -1.50
CA TYR G 253 -33.20 55.59 -2.72
C TYR G 253 -31.77 56.05 -2.46
N ARG G 254 -30.84 55.46 -3.19
CA ARG G 254 -29.44 55.82 -3.19
C ARG G 254 -29.02 56.21 -4.60
N GLY G 255 -28.19 57.24 -4.73
CA GLY G 255 -27.62 57.58 -6.01
C GLY G 255 -26.26 56.95 -6.20
N GLY G 256 -26.21 55.62 -6.13
CA GLY G 256 -24.96 54.90 -6.03
C GLY G 256 -24.23 54.72 -7.34
N GLU G 257 -23.10 54.01 -7.24
CA GLU G 257 -22.29 53.63 -8.38
C GLU G 257 -21.35 52.53 -7.92
N ILE G 258 -21.35 51.41 -8.64
CA ILE G 258 -20.52 50.26 -8.32
C ILE G 258 -19.77 49.85 -9.59
N ARG G 259 -18.45 49.69 -9.46
CA ARG G 259 -17.59 49.30 -10.56
C ARG G 259 -16.85 48.02 -10.18
N GLU G 260 -16.85 47.04 -11.09
CA GLU G 260 -16.17 45.78 -10.92
C GLU G 260 -15.20 45.58 -12.08
N GLN G 261 -13.92 45.47 -11.77
CA GLN G 261 -12.88 45.36 -12.77
C GLN G 261 -12.51 43.89 -12.95
N ASN G 262 -12.64 43.40 -14.19
CA ASN G 262 -12.13 42.11 -14.61
C ASN G 262 -11.30 42.32 -15.87
N GLY G 263 -10.79 41.22 -16.42
CA GLY G 263 -10.03 41.24 -17.64
C GLY G 263 -10.85 41.06 -18.90
N ASP G 264 -12.16 40.88 -18.77
CA ASP G 264 -12.99 40.54 -19.92
C ASP G 264 -12.96 41.64 -20.96
N SER G 265 -12.91 41.23 -22.23
CA SER G 265 -12.89 42.18 -23.33
C SER G 265 -14.25 42.81 -23.59
N LEU G 266 -15.32 42.22 -23.07
CA LEU G 266 -16.66 42.78 -23.14
C LEU G 266 -17.03 43.39 -21.80
N VAL G 267 -17.68 44.56 -21.84
CA VAL G 267 -18.12 45.25 -20.64
C VAL G 267 -19.63 45.34 -20.65
N HIS G 268 -20.23 45.03 -19.50
CA HIS G 268 -21.65 45.14 -19.25
C HIS G 268 -21.92 46.37 -18.39
N ALA G 269 -22.98 47.09 -18.73
CA ALA G 269 -23.40 48.30 -18.03
C ALA G 269 -24.91 48.44 -17.92
N ALA G 270 -25.32 49.07 -16.82
CA ALA G 270 -26.71 49.38 -16.51
C ALA G 270 -26.79 50.79 -15.95
N LEU G 271 -27.73 51.60 -16.44
CA LEU G 271 -27.92 52.97 -15.97
C LEU G 271 -29.40 53.23 -15.78
N VAL G 272 -29.82 53.54 -14.55
CA VAL G 272 -31.24 53.69 -14.23
C VAL G 272 -31.51 54.96 -13.42
N ALA G 273 -32.80 55.29 -13.32
CA ALA G 273 -33.35 56.17 -12.30
C ALA G 273 -34.62 55.55 -11.72
N GLU G 274 -35.24 56.27 -10.79
CA GLU G 274 -36.47 55.86 -10.13
C GLU G 274 -37.68 56.30 -10.95
N SER G 275 -38.65 55.38 -11.11
CA SER G 275 -39.75 55.63 -12.05
C SER G 275 -41.13 55.65 -11.39
N ALA G 276 -41.61 54.53 -10.85
CA ALA G 276 -43.04 54.45 -10.53
C ALA G 276 -43.34 53.17 -9.78
N VAL G 277 -44.50 53.16 -9.09
CA VAL G 277 -44.91 52.05 -8.25
C VAL G 277 -45.72 51.05 -9.06
N ALA G 278 -45.68 49.78 -8.62
CA ALA G 278 -46.41 48.72 -9.31
C ALA G 278 -47.89 49.02 -9.35
N GLY G 279 -48.52 48.70 -10.48
CA GLY G 279 -49.93 48.94 -10.65
C GLY G 279 -50.25 50.41 -10.65
N SER G 280 -49.61 51.19 -11.53
CA SER G 280 -49.91 52.61 -11.60
C SER G 280 -50.07 52.99 -13.07
N ALA G 281 -50.88 54.01 -13.34
CA ALA G 281 -50.96 54.54 -14.71
C ALA G 281 -49.59 55.00 -15.21
N GLU G 282 -48.84 55.73 -14.37
CA GLU G 282 -47.51 56.16 -14.75
C GLU G 282 -46.62 54.98 -15.11
N ALA G 283 -46.85 53.83 -14.49
CA ALA G 283 -46.06 52.65 -14.83
C ALA G 283 -46.39 52.15 -16.23
N ASN G 284 -47.66 52.27 -16.64
CA ASN G 284 -48.04 51.97 -18.02
C ASN G 284 -47.35 52.92 -18.99
N ALA G 285 -47.27 54.21 -18.63
CA ALA G 285 -46.53 55.16 -19.44
C ALA G 285 -45.09 54.69 -19.65
N PHE G 286 -44.42 54.33 -18.56
CA PHE G 286 -43.05 53.86 -18.61
C PHE G 286 -42.91 52.58 -19.45
N SER G 287 -43.88 51.67 -19.35
CA SER G 287 -43.86 50.47 -20.18
C SER G 287 -43.89 50.81 -21.67
N VAL G 288 -44.81 51.69 -22.06
CA VAL G 288 -44.88 52.10 -23.46
C VAL G 288 -43.57 52.75 -23.89
N LEU G 289 -42.97 53.56 -23.01
CA LEU G 289 -41.68 54.14 -23.34
C LEU G 289 -40.63 53.06 -23.59
N GLN G 290 -40.58 52.06 -22.72
CA GLN G 290 -39.65 50.95 -22.92
C GLN G 290 -39.81 50.35 -24.30
N HIS G 291 -41.05 50.13 -24.72
CA HIS G 291 -41.28 49.48 -26.00
C HIS G 291 -41.07 50.41 -27.19
N VAL G 292 -41.12 51.73 -26.98
CA VAL G 292 -40.69 52.65 -28.03
C VAL G 292 -39.18 52.59 -28.21
N LEU G 293 -38.43 52.59 -27.10
CA LEU G 293 -36.97 52.54 -27.19
C LEU G 293 -36.49 51.20 -27.73
N GLY G 294 -37.14 50.11 -27.32
CA GLY G 294 -36.71 48.78 -27.70
C GLY G 294 -36.54 47.86 -26.52
N ALA G 295 -37.35 46.79 -26.49
CA ALA G 295 -37.35 45.86 -25.38
C ALA G 295 -36.69 44.52 -25.69
N GLY G 296 -36.64 44.12 -26.95
CA GLY G 296 -35.93 42.91 -27.30
C GLY G 296 -36.32 42.41 -28.68
N PRO G 297 -35.61 41.42 -29.18
CA PRO G 297 -35.74 41.03 -30.58
C PRO G 297 -37.03 40.30 -30.88
N HIS G 298 -37.39 40.32 -32.17
CA HIS G 298 -38.61 39.66 -32.66
C HIS G 298 -38.34 38.71 -33.81
N ILE G 299 -37.27 38.91 -34.58
CA ILE G 299 -36.93 38.08 -35.73
C ILE G 299 -35.60 37.41 -35.44
N LYS G 300 -35.49 36.13 -35.80
CA LYS G 300 -34.24 35.39 -35.63
C LYS G 300 -33.18 35.98 -36.55
N ARG G 301 -32.08 36.45 -35.97
CA ARG G 301 -30.95 37.02 -36.71
C ARG G 301 -31.33 38.34 -37.37
N GLY G 302 -32.27 39.07 -36.77
CA GLY G 302 -32.77 40.28 -37.37
C GLY G 302 -31.91 41.50 -37.08
N SER G 303 -32.23 42.59 -37.75
CA SER G 303 -31.53 43.85 -37.58
C SER G 303 -32.24 44.81 -36.62
N ASN G 304 -33.45 44.47 -36.16
CA ASN G 304 -34.18 45.32 -35.21
C ASN G 304 -34.33 46.74 -35.73
N THR G 305 -34.69 46.88 -37.00
CA THR G 305 -34.92 48.20 -37.58
C THR G 305 -35.98 49.01 -36.85
N THR G 306 -36.91 48.39 -36.13
CA THR G 306 -37.92 49.15 -35.40
C THR G 306 -37.37 49.77 -34.12
N SER G 307 -36.20 49.34 -33.67
CA SER G 307 -35.70 49.67 -32.33
C SER G 307 -34.82 50.92 -32.40
N HIS G 308 -35.24 51.95 -31.67
CA HIS G 308 -34.50 53.21 -31.69
C HIS G 308 -33.13 53.08 -31.07
N LEU G 309 -33.03 52.42 -29.91
CA LEU G 309 -31.75 52.29 -29.24
C LEU G 309 -30.76 51.51 -30.10
N TYR G 310 -31.19 50.39 -30.65
CA TYR G 310 -30.29 49.56 -31.44
C TYR G 310 -29.79 50.33 -32.66
N GLN G 311 -30.67 51.06 -33.34
CA GLN G 311 -30.26 51.79 -34.54
C GLN G 311 -29.35 52.96 -34.20
N ALA G 312 -29.64 53.69 -33.12
CA ALA G 312 -28.70 54.68 -32.61
C ALA G 312 -27.32 54.06 -32.41
N VAL G 313 -27.23 52.99 -31.61
CA VAL G 313 -25.91 52.45 -31.27
C VAL G 313 -25.20 51.94 -32.52
N ALA G 314 -25.93 51.32 -33.44
CA ALA G 314 -25.29 50.69 -34.58
C ALA G 314 -24.41 51.66 -35.36
N LYS G 315 -24.63 52.96 -35.20
CA LYS G 315 -23.85 53.99 -35.87
C LYS G 315 -22.71 54.52 -35.02
N ALA G 316 -22.48 53.97 -33.82
CA ALA G 316 -21.38 54.41 -32.98
C ALA G 316 -20.27 53.37 -32.87
N THR G 317 -20.53 52.13 -33.27
CA THR G 317 -19.57 51.04 -33.12
C THR G 317 -19.74 50.10 -34.30
N GLN G 318 -18.65 49.42 -34.66
CA GLN G 318 -18.67 48.49 -35.79
C GLN G 318 -18.37 47.06 -35.38
N GLN G 319 -18.16 46.78 -34.10
CA GLN G 319 -18.02 45.44 -33.57
C GLN G 319 -19.26 45.06 -32.76
N PRO G 320 -19.38 43.79 -32.37
CA PRO G 320 -20.64 43.31 -31.78
C PRO G 320 -21.02 44.06 -30.50
N PHE G 321 -22.26 44.56 -30.48
CA PHE G 321 -22.90 45.10 -29.29
C PHE G 321 -24.28 44.49 -29.06
N ASP G 322 -24.81 44.77 -27.87
CA ASP G 322 -26.21 44.58 -27.49
C ASP G 322 -26.66 45.78 -26.68
N VAL G 323 -27.91 46.23 -26.89
CA VAL G 323 -28.51 47.25 -26.05
C VAL G 323 -30.01 47.00 -25.91
N SER G 324 -30.59 47.50 -24.82
CA SER G 324 -32.04 47.43 -24.61
C SER G 324 -32.42 48.30 -23.41
N ALA G 325 -33.73 48.41 -23.18
CA ALA G 325 -34.30 49.19 -22.10
C ALA G 325 -34.82 48.27 -21.00
N PHE G 326 -34.87 48.83 -19.78
CA PHE G 326 -35.03 48.07 -18.55
C PHE G 326 -36.12 48.68 -17.68
N ASN G 327 -36.98 47.81 -17.14
CA ASN G 327 -38.08 48.17 -16.26
C ASN G 327 -38.13 47.23 -15.08
N ALA G 328 -38.15 47.77 -13.86
CA ALA G 328 -38.67 47.03 -12.72
C ALA G 328 -39.65 47.91 -11.95
N ASN G 329 -40.57 47.27 -11.24
CA ASN G 329 -41.57 47.95 -10.43
C ASN G 329 -41.76 47.17 -9.14
N TYR G 330 -41.98 47.89 -8.04
CA TYR G 330 -42.16 47.21 -6.77
C TYR G 330 -43.38 47.71 -6.02
N SER G 331 -43.49 47.37 -4.75
CA SER G 331 -44.60 47.82 -3.94
C SER G 331 -44.49 49.30 -3.54
N ASP G 332 -43.26 49.80 -3.39
CA ASP G 332 -43.02 51.17 -2.94
C ASP G 332 -41.88 51.81 -3.70
N SER G 333 -41.64 51.41 -4.96
CA SER G 333 -40.58 52.01 -5.76
C SER G 333 -40.55 51.32 -7.12
N GLY G 334 -39.70 51.85 -8.00
CA GLY G 334 -39.47 51.25 -9.30
C GLY G 334 -38.28 51.88 -9.98
N LEU G 335 -37.74 51.15 -10.96
CA LEU G 335 -36.53 51.56 -11.66
C LEU G 335 -36.75 51.48 -13.16
N PHE G 336 -36.22 52.45 -13.90
CA PHE G 336 -36.24 52.43 -15.35
C PHE G 336 -34.88 52.87 -15.87
N GLY G 337 -34.40 52.23 -16.93
CA GLY G 337 -33.13 52.63 -17.49
C GLY G 337 -32.76 51.88 -18.74
N ILE G 338 -31.44 51.83 -18.99
CA ILE G 338 -30.88 51.19 -20.17
C ILE G 338 -29.82 50.18 -19.75
N TYR G 339 -29.65 49.15 -20.60
CA TYR G 339 -28.68 48.10 -20.38
C TYR G 339 -27.88 47.83 -21.66
N THR G 340 -26.55 47.82 -21.53
CA THR G 340 -25.66 47.76 -22.69
C THR G 340 -24.58 46.70 -22.48
N ILE G 341 -24.17 46.10 -23.60
CA ILE G 341 -23.02 45.20 -23.68
C ILE G 341 -22.20 45.64 -24.87
N SER G 342 -20.90 45.86 -24.67
CA SER G 342 -20.07 46.30 -25.77
C SER G 342 -18.62 45.88 -25.58
N GLN G 343 -17.80 46.16 -26.57
CA GLN G 343 -16.36 45.98 -26.42
C GLN G 343 -15.84 46.98 -25.40
N ALA G 344 -14.64 46.73 -24.90
CA ALA G 344 -14.17 47.50 -23.76
C ALA G 344 -13.79 48.91 -24.20
N THR G 345 -13.15 49.03 -25.36
CA THR G 345 -12.73 50.31 -25.90
C THR G 345 -13.86 51.14 -26.47
N ALA G 346 -15.02 50.52 -26.72
CA ALA G 346 -16.15 51.22 -27.33
C ALA G 346 -17.20 51.69 -26.32
N ALA G 347 -17.08 51.27 -25.06
CA ALA G 347 -18.15 51.48 -24.09
C ALA G 347 -18.60 52.94 -24.05
N GLY G 348 -17.64 53.85 -23.87
CA GLY G 348 -17.99 55.25 -23.74
C GLY G 348 -18.82 55.77 -24.89
N ASP G 349 -18.54 55.29 -26.11
CA ASP G 349 -19.31 55.74 -27.26
C ASP G 349 -20.70 55.12 -27.26
N VAL G 350 -20.81 53.85 -26.87
CA VAL G 350 -22.10 53.17 -26.86
C VAL G 350 -23.02 53.80 -25.83
N ILE G 351 -22.58 53.81 -24.57
CA ILE G 351 -23.42 54.29 -23.47
C ILE G 351 -23.94 55.68 -23.77
N LYS G 352 -23.09 56.54 -24.34
CA LYS G 352 -23.54 57.89 -24.67
C LYS G 352 -24.57 57.86 -25.78
N ALA G 353 -24.28 57.14 -26.86
CA ALA G 353 -25.20 57.08 -28.00
C ALA G 353 -26.57 56.60 -27.56
N ALA G 354 -26.63 55.60 -26.68
CA ALA G 354 -27.92 55.18 -26.13
C ALA G 354 -28.59 56.31 -25.39
N TYR G 355 -27.88 56.91 -24.42
CA TYR G 355 -28.50 57.91 -23.56
C TYR G 355 -29.11 59.03 -24.37
N ASN G 356 -28.35 59.58 -25.32
CA ASN G 356 -28.83 60.69 -26.13
C ASN G 356 -30.18 60.36 -26.75
N GLN G 357 -30.36 59.12 -27.20
CA GLN G 357 -31.63 58.77 -27.84
C GLN G 357 -32.80 59.10 -26.92
N VAL G 358 -32.73 58.64 -25.66
CA VAL G 358 -33.81 58.91 -24.73
C VAL G 358 -34.07 60.41 -24.66
N LYS G 359 -32.99 61.21 -24.63
CA LYS G 359 -33.14 62.64 -24.46
C LYS G 359 -34.00 63.24 -25.57
N THR G 360 -33.85 62.75 -26.81
CA THR G 360 -34.64 63.32 -27.90
C THR G 360 -36.12 63.11 -27.68
N ILE G 361 -36.51 62.01 -27.04
CA ILE G 361 -37.92 61.81 -26.72
C ILE G 361 -38.35 62.79 -25.62
N ALA G 362 -37.46 63.06 -24.67
CA ALA G 362 -37.80 64.02 -23.62
C ALA G 362 -38.07 65.40 -24.20
N GLN G 363 -37.38 65.74 -25.29
CA GLN G 363 -37.60 67.01 -25.98
C GLN G 363 -38.79 66.98 -26.90
N GLY G 364 -39.41 65.81 -27.08
CA GLY G 364 -40.70 65.70 -27.73
C GLY G 364 -40.63 65.39 -29.20
N ASN G 365 -39.54 64.74 -29.63
CA ASN G 365 -39.46 64.04 -30.93
C ASN G 365 -40.09 62.67 -30.76
N LEU G 366 -41.41 62.60 -30.90
CA LEU G 366 -42.10 61.33 -30.73
C LEU G 366 -43.29 61.33 -31.66
N SER G 367 -43.60 60.16 -32.24
CA SER G 367 -44.52 60.07 -33.36
C SER G 367 -45.65 59.11 -33.03
N ASN G 368 -46.84 59.45 -33.52
CA ASN G 368 -48.01 58.58 -33.36
C ASN G 368 -47.70 57.16 -33.81
N THR G 369 -46.99 57.03 -34.93
CA THR G 369 -46.75 55.72 -35.52
C THR G 369 -45.94 54.83 -34.58
N ASP G 370 -44.79 55.33 -34.11
CA ASP G 370 -44.03 54.65 -33.07
C ASP G 370 -44.88 54.27 -31.87
N VAL G 371 -45.70 55.20 -31.36
CA VAL G 371 -46.47 54.93 -30.15
C VAL G 371 -47.45 53.78 -30.39
N GLN G 372 -48.16 53.81 -31.52
CA GLN G 372 -49.11 52.74 -31.81
C GLN G 372 -48.40 51.41 -31.96
N ALA G 373 -47.27 51.40 -32.66
CA ALA G 373 -46.51 50.16 -32.80
C ALA G 373 -46.07 49.63 -31.45
N ALA G 374 -45.63 50.52 -30.56
CA ALA G 374 -45.21 50.11 -29.22
C ALA G 374 -46.35 49.48 -28.46
N LYS G 375 -47.54 50.09 -28.51
CA LYS G 375 -48.68 49.52 -27.81
C LYS G 375 -49.06 48.17 -28.40
N ASN G 376 -48.83 47.98 -29.71
CA ASN G 376 -49.08 46.68 -30.32
C ASN G 376 -48.14 45.64 -29.74
N LYS G 377 -46.84 45.95 -29.74
CA LYS G 377 -45.86 45.06 -29.14
C LYS G 377 -46.26 44.69 -27.73
N LEU G 378 -46.76 45.67 -26.97
CA LEU G 378 -46.98 45.46 -25.55
C LEU G 378 -48.21 44.59 -25.32
N LYS G 379 -49.31 44.90 -25.99
CA LYS G 379 -50.50 44.07 -25.85
C LYS G 379 -50.22 42.64 -26.29
N ALA G 380 -49.54 42.46 -27.43
CA ALA G 380 -49.27 41.12 -27.93
C ALA G 380 -48.32 40.36 -27.01
N GLY G 381 -47.23 41.00 -26.57
CA GLY G 381 -46.32 40.33 -25.65
C GLY G 381 -47.02 39.91 -24.37
N TYR G 382 -47.89 40.78 -23.83
CA TYR G 382 -48.60 40.43 -22.62
C TYR G 382 -49.46 39.18 -22.84
N LEU G 383 -50.27 39.17 -23.91
CA LEU G 383 -51.13 38.01 -24.11
C LEU G 383 -50.34 36.73 -24.37
N MET G 384 -49.16 36.85 -24.99
CA MET G 384 -48.35 35.64 -25.21
C MET G 384 -47.74 35.14 -23.91
N SER G 385 -47.35 36.05 -23.01
CA SER G 385 -46.80 35.66 -21.72
C SER G 385 -47.71 34.76 -20.88
N VAL G 386 -49.00 34.62 -21.20
CA VAL G 386 -49.89 33.84 -20.34
C VAL G 386 -50.60 32.75 -21.12
N GLU G 387 -49.97 32.22 -22.17
CA GLU G 387 -50.52 31.06 -22.85
C GLU G 387 -50.47 29.83 -21.95
N SER G 388 -49.35 29.63 -21.26
CA SER G 388 -49.09 28.42 -20.51
C SER G 388 -49.63 28.53 -19.08
N SER G 389 -50.13 27.41 -18.56
CA SER G 389 -50.72 27.41 -17.23
C SER G 389 -49.74 27.81 -16.14
N GLU G 390 -48.46 27.51 -16.33
CA GLU G 390 -47.47 27.82 -15.29
C GLU G 390 -47.41 29.33 -15.03
N ARG G 391 -47.24 30.12 -16.09
CA ARG G 391 -47.17 31.57 -15.93
C ARG G 391 -48.53 32.15 -15.57
N PHE G 392 -49.60 31.54 -16.06
CA PHE G 392 -50.94 32.04 -15.73
C PHE G 392 -51.17 31.94 -14.22
N LEU G 393 -50.77 30.81 -13.63
CA LEU G 393 -50.86 30.63 -12.18
C LEU G 393 -50.04 31.67 -11.45
N GLU G 394 -48.77 31.83 -11.83
CA GLU G 394 -47.99 32.92 -11.25
C GLU G 394 -48.71 34.27 -11.29
N GLU G 395 -49.23 34.67 -12.45
CA GLU G 395 -49.85 35.99 -12.56
C GLU G 395 -51.04 36.12 -11.62
N VAL G 396 -51.91 35.10 -11.59
CA VAL G 396 -53.06 35.14 -10.70
C VAL G 396 -52.60 35.23 -9.25
N GLY G 397 -51.58 34.46 -8.87
CA GLY G 397 -51.11 34.49 -7.50
C GLY G 397 -50.52 35.83 -7.11
N SER G 398 -49.84 36.48 -8.06
CA SER G 398 -49.33 37.83 -7.81
C SER G 398 -50.47 38.79 -7.55
N GLN G 399 -51.52 38.73 -8.36
CA GLN G 399 -52.66 39.62 -8.14
C GLN G 399 -53.33 39.35 -6.80
N ALA G 400 -53.45 38.08 -6.42
CA ALA G 400 -54.21 37.72 -5.23
C ALA G 400 -53.59 38.28 -3.95
N LEU G 401 -52.29 38.55 -3.95
CA LEU G 401 -51.63 39.05 -2.76
C LEU G 401 -51.77 40.56 -2.56
N VAL G 402 -52.29 41.28 -3.56
CA VAL G 402 -52.25 42.73 -3.54
C VAL G 402 -53.57 43.38 -3.91
N ALA G 403 -54.53 42.64 -4.48
CA ALA G 403 -55.80 43.21 -4.89
C ALA G 403 -56.94 42.36 -4.36
N GLY G 404 -58.12 42.97 -4.26
CA GLY G 404 -59.30 42.29 -3.81
C GLY G 404 -60.08 41.55 -4.87
N SER G 405 -59.73 41.72 -6.13
CA SER G 405 -60.45 41.06 -7.21
C SER G 405 -59.52 40.87 -8.41
N TYR G 406 -59.76 39.80 -9.16
CA TYR G 406 -58.95 39.47 -10.31
C TYR G 406 -59.27 40.39 -11.49
N VAL G 407 -58.23 40.87 -12.16
CA VAL G 407 -58.35 41.78 -13.29
C VAL G 407 -58.19 40.96 -14.57
N PRO G 408 -59.22 40.83 -15.40
CA PRO G 408 -59.08 40.05 -16.64
C PRO G 408 -58.22 40.78 -17.65
N PRO G 409 -57.62 40.04 -18.59
CA PRO G 409 -56.74 40.68 -19.59
C PRO G 409 -57.38 41.79 -20.41
N SER G 410 -58.66 41.67 -20.81
CA SER G 410 -59.29 42.77 -21.53
C SER G 410 -59.08 44.11 -20.81
N THR G 411 -59.25 44.12 -19.49
CA THR G 411 -59.09 45.38 -18.75
C THR G 411 -57.65 45.87 -18.85
N VAL G 412 -56.68 44.95 -18.79
CA VAL G 412 -55.28 45.32 -18.95
C VAL G 412 -55.04 45.95 -20.31
N LEU G 413 -55.62 45.35 -21.36
CA LEU G 413 -55.43 45.86 -22.71
C LEU G 413 -56.00 47.26 -22.85
N GLN G 414 -57.16 47.51 -22.23
CA GLN G 414 -57.72 48.86 -22.26
C GLN G 414 -56.82 49.85 -21.55
N GLN G 415 -56.34 49.49 -20.35
CA GLN G 415 -55.43 50.36 -19.62
C GLN G 415 -54.20 50.69 -20.47
N ILE G 416 -53.68 49.72 -21.21
CA ILE G 416 -52.60 50.00 -22.15
C ILE G 416 -53.07 51.00 -23.19
N ASP G 417 -54.24 50.75 -23.78
CA ASP G 417 -54.78 51.60 -24.83
C ASP G 417 -54.92 53.05 -24.39
N SER G 418 -54.90 53.31 -23.09
CA SER G 418 -55.29 54.61 -22.56
C SER G 418 -54.10 55.52 -22.30
N VAL G 419 -52.89 55.13 -22.72
CA VAL G 419 -51.71 55.97 -22.53
C VAL G 419 -51.57 56.91 -23.70
N ALA G 420 -51.25 58.17 -23.42
CA ALA G 420 -51.13 59.18 -24.46
C ALA G 420 -49.67 59.39 -24.81
N ASN G 421 -49.42 60.27 -25.79
CA ASN G 421 -48.06 60.66 -26.12
C ASN G 421 -47.44 61.51 -25.02
N ALA G 422 -48.23 62.42 -24.46
CA ALA G 422 -47.72 63.32 -23.42
C ALA G 422 -47.22 62.53 -22.21
N ASP G 423 -47.90 61.44 -21.87
CA ASP G 423 -47.45 60.61 -20.76
C ASP G 423 -46.08 60.01 -21.04
N VAL G 424 -45.87 59.52 -22.27
CA VAL G 424 -44.58 58.95 -22.64
C VAL G 424 -43.49 60.01 -22.56
N ILE G 425 -43.76 61.20 -23.08
CA ILE G 425 -42.75 62.26 -23.06
C ILE G 425 -42.45 62.68 -21.62
N ASN G 426 -43.48 62.77 -20.78
CA ASN G 426 -43.26 63.10 -19.37
C ASN G 426 -42.38 62.07 -18.69
N ALA G 427 -42.63 60.78 -18.97
CA ALA G 427 -41.81 59.73 -18.39
C ALA G 427 -40.35 59.87 -18.82
N ALA G 428 -40.13 60.16 -20.10
CA ALA G 428 -38.76 60.38 -20.57
C ALA G 428 -38.11 61.54 -19.85
N LYS G 429 -38.87 62.63 -19.65
CA LYS G 429 -38.33 63.78 -18.92
C LYS G 429 -38.00 63.43 -17.47
N LYS G 430 -38.83 62.60 -16.84
CA LYS G 430 -38.54 62.17 -15.48
C LYS G 430 -37.21 61.44 -15.45
N PHE G 431 -37.03 60.47 -16.36
CA PHE G 431 -35.76 59.77 -16.42
C PHE G 431 -34.59 60.73 -16.62
N VAL G 432 -34.70 61.63 -17.61
CA VAL G 432 -33.58 62.51 -17.92
C VAL G 432 -33.23 63.40 -16.74
N SER G 433 -34.25 63.87 -16.01
CA SER G 433 -33.98 64.83 -14.95
C SER G 433 -33.49 64.17 -13.67
N GLY G 434 -33.93 62.96 -13.34
CA GLY G 434 -33.70 62.47 -11.99
C GLY G 434 -32.32 61.88 -11.77
N GLN G 435 -32.01 61.69 -10.50
CA GLN G 435 -30.69 61.25 -10.08
C GLN G 435 -30.43 59.82 -10.52
N LYS G 436 -29.28 59.58 -11.13
CA LYS G 436 -28.97 58.30 -11.75
C LYS G 436 -28.27 57.36 -10.77
N SER G 437 -28.43 56.07 -11.05
CA SER G 437 -27.60 55.03 -10.47
C SER G 437 -27.02 54.20 -11.61
N MET G 438 -25.83 53.65 -11.39
CA MET G 438 -25.10 53.00 -12.47
C MET G 438 -24.31 51.81 -11.95
N VAL G 439 -24.23 50.76 -12.77
CA VAL G 439 -23.29 49.67 -12.52
C VAL G 439 -22.59 49.29 -13.82
N ALA G 440 -21.34 48.84 -13.68
CA ALA G 440 -20.52 48.42 -14.80
C ALA G 440 -19.61 47.29 -14.35
N SER G 441 -19.35 46.37 -15.27
CA SER G 441 -18.49 45.22 -14.99
C SER G 441 -17.72 44.84 -16.24
N GLY G 442 -16.42 44.70 -16.11
CA GLY G 442 -15.54 44.32 -17.21
C GLY G 442 -14.20 45.01 -17.06
N ASN G 443 -13.56 45.26 -18.20
CA ASN G 443 -12.35 46.07 -18.26
C ASN G 443 -12.79 47.51 -18.49
N LEU G 444 -12.72 48.33 -17.43
CA LEU G 444 -13.33 49.65 -17.39
C LEU G 444 -12.39 50.80 -17.75
N GLY G 445 -11.32 50.52 -18.48
CA GLY G 445 -10.37 51.55 -18.87
C GLY G 445 -10.96 52.68 -19.70
N HIS G 446 -12.17 52.51 -20.24
CA HIS G 446 -12.80 53.54 -21.06
C HIS G 446 -14.26 53.78 -20.71
N THR G 447 -14.84 52.95 -19.84
CA THR G 447 -16.16 53.24 -19.31
C THR G 447 -16.17 54.62 -18.64
N PRO G 448 -17.22 55.40 -18.83
CA PRO G 448 -17.32 56.69 -18.11
C PRO G 448 -17.85 56.50 -16.70
N PHE G 449 -17.69 57.56 -15.91
CA PHE G 449 -18.26 57.64 -14.58
C PHE G 449 -19.60 58.36 -14.62
N VAL G 450 -20.55 57.86 -13.84
CA VAL G 450 -21.88 58.46 -13.73
C VAL G 450 -21.91 59.99 -13.67
N ASP G 451 -20.86 60.63 -13.17
CA ASP G 451 -20.91 62.08 -13.08
C ASP G 451 -20.73 62.78 -14.41
N GLU G 452 -20.19 62.08 -15.42
CA GLU G 452 -19.85 62.68 -16.71
C GLU G 452 -20.71 62.16 -17.84
N LEU G 453 -21.97 61.83 -17.56
CA LEU G 453 -22.92 61.44 -18.59
C LEU G 453 -23.98 62.52 -18.75
N THR H 2 -17.98 2.04 -5.68
CA THR H 2 -16.81 1.36 -6.32
C THR H 2 -17.13 -0.08 -6.71
N PRO H 3 -16.44 -0.64 -7.70
CA PRO H 3 -16.55 -2.08 -7.94
C PRO H 3 -15.77 -2.87 -6.88
N MET H 4 -16.18 -4.12 -6.69
CA MET H 4 -15.48 -4.98 -5.74
C MET H 4 -14.00 -5.09 -6.10
N ARG H 5 -13.68 -4.96 -7.38
CA ARG H 5 -12.30 -4.93 -7.85
C ARG H 5 -11.42 -4.01 -7.00
N LYS H 6 -12.00 -2.98 -6.41
CA LYS H 6 -11.30 -1.94 -5.67
C LYS H 6 -11.86 -1.76 -4.26
N SER H 7 -12.41 -2.82 -3.67
CA SER H 7 -13.07 -2.67 -2.36
C SER H 7 -12.22 -3.07 -1.16
N ASN H 8 -10.99 -3.49 -1.35
CA ASN H 8 -10.35 -4.38 -0.37
C ASN H 8 -8.87 -4.54 -0.67
N PRO H 9 -8.02 -4.59 0.36
CA PRO H 9 -6.56 -4.52 0.11
C PRO H 9 -6.04 -5.68 -0.73
N ILE H 10 -6.40 -6.92 -0.39
CA ILE H 10 -5.93 -8.06 -1.17
C ILE H 10 -6.38 -7.92 -2.62
N MET H 11 -7.67 -7.61 -2.82
CA MET H 11 -8.20 -7.48 -4.18
C MET H 11 -7.58 -6.30 -4.90
N LYS H 12 -7.37 -5.19 -4.21
CA LYS H 12 -6.82 -4.01 -4.85
C LYS H 12 -5.35 -4.20 -5.23
N MET H 13 -4.63 -5.02 -4.46
CA MET H 13 -3.25 -5.34 -4.84
C MET H 13 -3.24 -6.23 -6.08
N ILE H 14 -4.12 -7.23 -6.12
CA ILE H 14 -4.28 -8.03 -7.33
C ILE H 14 -4.60 -7.14 -8.53
N ASN H 15 -5.51 -6.17 -8.33
CA ASN H 15 -5.92 -5.29 -9.42
C ASN H 15 -4.76 -4.43 -9.90
N HIS H 16 -4.02 -3.82 -8.97
CA HIS H 16 -2.85 -3.04 -9.36
C HIS H 16 -1.76 -3.91 -9.99
N SER H 17 -1.80 -5.23 -9.73
CA SER H 17 -0.76 -6.11 -10.27
C SER H 17 -1.08 -6.53 -11.70
N LEU H 18 -2.27 -7.09 -11.94
CA LEU H 18 -2.53 -7.71 -13.24
C LEU H 18 -3.97 -7.55 -13.73
N ILE H 19 -4.65 -6.44 -13.41
CA ILE H 19 -5.89 -6.16 -14.13
C ILE H 19 -5.86 -4.75 -14.72
N ASP H 20 -5.55 -3.76 -13.89
CA ASP H 20 -5.58 -2.36 -14.30
C ASP H 20 -4.19 -1.72 -14.33
N LEU H 21 -3.14 -2.48 -14.05
CA LEU H 21 -1.76 -2.12 -14.36
C LEU H 21 -1.63 -1.48 -15.75
N PRO H 22 -1.00 -0.30 -15.85
CA PRO H 22 -0.68 0.26 -17.17
C PRO H 22 0.62 -0.28 -17.76
N THR H 23 0.52 -1.00 -18.88
CA THR H 23 1.62 -1.60 -19.64
C THR H 23 1.87 -0.85 -20.95
N PRO H 24 3.12 -0.80 -21.42
CA PRO H 24 3.39 -0.28 -22.76
C PRO H 24 2.62 -1.02 -23.84
N SER H 25 2.15 -0.28 -24.84
CA SER H 25 1.49 -0.90 -25.98
C SER H 25 2.42 -1.70 -26.90
N ASN H 26 3.72 -1.40 -26.92
CA ASN H 26 4.58 -1.81 -28.03
C ASN H 26 5.63 -2.85 -27.67
N ILE H 27 5.63 -3.40 -26.46
CA ILE H 27 6.60 -4.43 -26.11
C ILE H 27 6.33 -5.72 -26.88
N SER H 28 7.42 -6.45 -27.16
CA SER H 28 7.49 -7.57 -28.08
C SER H 28 7.55 -8.91 -27.34
N MET H 29 7.83 -9.97 -28.10
CA MET H 29 7.87 -11.33 -27.56
C MET H 29 8.93 -11.49 -26.47
N TRP H 30 9.98 -10.67 -26.50
CA TRP H 30 11.06 -10.82 -25.53
C TRP H 30 10.60 -10.58 -24.11
N TRP H 31 9.40 -10.04 -23.92
CA TRP H 31 8.86 -9.75 -22.60
C TRP H 31 7.95 -10.85 -22.06
N ASN H 32 7.88 -12.00 -22.74
CA ASN H 32 7.03 -13.12 -22.32
C ASN H 32 7.74 -14.10 -21.40
N PHE H 33 9.05 -13.97 -21.25
CA PHE H 33 9.91 -15.01 -20.71
C PHE H 33 9.92 -14.97 -19.19
N GLY H 34 9.52 -13.84 -18.60
CA GLY H 34 9.34 -13.78 -17.16
C GLY H 34 8.17 -14.62 -16.68
N SER H 35 7.02 -14.50 -17.36
CA SER H 35 5.87 -15.32 -16.99
C SER H 35 6.18 -16.79 -17.21
N LEU H 36 6.93 -17.11 -18.27
CA LEU H 36 7.33 -18.50 -18.48
C LEU H 36 8.26 -18.98 -17.38
N LEU H 37 9.14 -18.10 -16.89
CA LEU H 37 9.97 -18.45 -15.75
C LEU H 37 9.13 -18.82 -14.53
N ALA H 38 8.12 -17.99 -14.24
CA ALA H 38 7.25 -18.29 -13.10
C ALA H 38 6.54 -19.64 -13.29
N PHE H 39 5.95 -19.84 -14.47
CA PHE H 39 5.34 -21.13 -14.80
C PHE H 39 6.31 -22.27 -14.50
N CYS H 40 7.56 -22.14 -14.95
CA CYS H 40 8.55 -23.20 -14.77
C CYS H 40 8.80 -23.47 -13.30
N LEU H 41 8.92 -22.41 -12.51
CA LEU H 41 9.10 -22.57 -11.06
C LEU H 41 7.95 -23.38 -10.47
N ILE H 42 6.72 -23.06 -10.85
CA ILE H 42 5.55 -23.75 -10.32
C ILE H 42 5.58 -25.23 -10.73
N LEU H 43 5.85 -25.50 -12.01
CA LEU H 43 5.94 -26.87 -12.49
C LEU H 43 6.97 -27.65 -11.68
N GLN H 44 8.14 -27.06 -11.46
CA GLN H 44 9.20 -27.74 -10.74
C GLN H 44 8.77 -28.07 -9.32
N ILE H 45 8.15 -27.11 -8.63
CA ILE H 45 7.72 -27.37 -7.25
C ILE H 45 6.73 -28.53 -7.19
N ILE H 46 5.74 -28.53 -8.08
CA ILE H 46 4.74 -29.60 -8.06
C ILE H 46 5.39 -30.97 -8.32
N THR H 47 6.11 -31.10 -9.45
CA THR H 47 6.68 -32.40 -9.77
C THR H 47 7.68 -32.88 -8.71
N GLY H 48 8.37 -31.92 -8.09
CA GLY H 48 9.27 -32.24 -7.00
C GLY H 48 8.56 -32.74 -5.76
N LEU H 49 7.44 -32.11 -5.39
CA LEU H 49 6.76 -32.62 -4.22
C LEU H 49 6.31 -34.04 -4.43
N PHE H 50 6.06 -34.43 -5.69
CA PHE H 50 5.59 -35.80 -5.87
C PHE H 50 6.77 -36.77 -5.79
N LEU H 51 7.77 -36.57 -6.65
CA LEU H 51 9.03 -37.32 -6.54
C LEU H 51 9.50 -37.48 -5.09
N ALA H 52 9.48 -36.40 -4.32
CA ALA H 52 9.97 -36.45 -2.95
C ALA H 52 9.43 -37.63 -2.16
N MET H 53 8.18 -38.01 -2.41
CA MET H 53 7.51 -39.03 -1.62
C MET H 53 7.94 -40.44 -1.97
N HIS H 54 8.88 -40.60 -2.91
CA HIS H 54 9.39 -41.92 -3.27
C HIS H 54 10.91 -42.01 -3.25
N TYR H 55 11.62 -40.90 -3.12
CA TYR H 55 13.07 -40.86 -3.16
C TYR H 55 13.65 -41.14 -1.78
N SER H 56 14.89 -41.62 -1.77
CA SER H 56 15.59 -42.06 -0.56
C SER H 56 16.91 -41.33 -0.46
N PRO H 57 17.09 -40.41 0.49
CA PRO H 57 18.36 -39.66 0.62
C PRO H 57 19.48 -40.43 1.33
N ASP H 58 19.70 -41.67 0.89
CA ASP H 58 20.72 -42.51 1.48
C ASP H 58 21.56 -43.14 0.38
N THR H 59 22.88 -43.12 0.57
CA THR H 59 23.81 -43.53 -0.49
C THR H 59 23.69 -45.01 -0.85
N SER H 60 23.04 -45.81 0.00
CA SER H 60 22.87 -47.23 -0.28
C SER H 60 21.55 -47.54 -0.96
N SER H 61 20.70 -46.52 -1.23
CA SER H 61 19.44 -46.77 -1.90
C SER H 61 18.97 -45.67 -2.84
N ALA H 62 19.73 -44.58 -3.01
CA ALA H 62 19.26 -43.45 -3.81
C ALA H 62 18.96 -43.87 -5.25
N PHE H 63 20.02 -44.26 -5.97
CA PHE H 63 19.94 -44.90 -7.27
C PHE H 63 18.74 -45.83 -7.41
N SER H 64 18.64 -46.82 -6.52
CA SER H 64 17.59 -47.81 -6.65
C SER H 64 16.22 -47.23 -6.37
N SER H 65 16.12 -46.17 -5.57
CA SER H 65 14.84 -45.52 -5.39
C SER H 65 14.37 -44.88 -6.69
N ILE H 66 15.29 -44.27 -7.44
CA ILE H 66 14.89 -43.74 -8.74
C ILE H 66 14.51 -44.86 -9.71
N ALA H 67 15.24 -45.97 -9.70
CA ALA H 67 14.83 -47.12 -10.49
C ALA H 67 13.40 -47.53 -10.15
N HIS H 68 13.11 -47.62 -8.85
CA HIS H 68 11.76 -47.92 -8.38
C HIS H 68 10.76 -46.92 -8.94
N ILE H 69 11.08 -45.64 -8.90
CA ILE H 69 10.15 -44.63 -9.39
C ILE H 69 9.84 -44.87 -10.85
N THR H 70 10.88 -45.09 -11.66
CA THR H 70 10.68 -45.15 -13.11
C THR H 70 10.12 -46.48 -13.58
N ARG H 71 10.15 -47.53 -12.77
CA ARG H 71 9.67 -48.83 -13.21
C ARG H 71 8.35 -49.27 -12.59
N ASP H 72 8.11 -48.98 -11.32
CA ASP H 72 6.95 -49.51 -10.62
C ASP H 72 5.87 -48.49 -10.32
N VAL H 73 6.21 -47.21 -10.15
CA VAL H 73 5.22 -46.20 -9.87
C VAL H 73 4.43 -45.89 -11.14
N ASN H 74 3.12 -45.77 -11.01
CA ASN H 74 2.27 -45.56 -12.19
C ASN H 74 2.54 -44.19 -12.79
N HIS H 75 2.99 -44.18 -14.04
CA HIS H 75 3.39 -42.97 -14.76
C HIS H 75 4.50 -42.20 -14.06
N GLY H 76 5.25 -42.85 -13.17
CA GLY H 76 6.37 -42.18 -12.54
C GLY H 76 7.44 -41.76 -13.52
N TRP H 77 7.60 -42.52 -14.61
CA TRP H 77 8.61 -42.20 -15.59
C TRP H 77 8.38 -40.83 -16.21
N ILE H 78 7.12 -40.51 -16.52
CA ILE H 78 6.85 -39.23 -17.16
C ILE H 78 7.01 -38.07 -16.17
N ILE H 79 6.69 -38.30 -14.88
CA ILE H 79 6.92 -37.28 -13.87
C ILE H 79 8.42 -36.98 -13.74
N ARG H 80 9.24 -38.04 -13.74
CA ARG H 80 10.70 -37.86 -13.76
C ARG H 80 11.12 -37.05 -14.98
N TYR H 81 10.64 -37.46 -16.16
CA TYR H 81 10.98 -36.81 -17.41
C TYR H 81 10.63 -35.32 -17.37
N LEU H 82 9.45 -35.01 -16.86
CA LEU H 82 8.97 -33.64 -16.78
C LEU H 82 9.85 -32.79 -15.87
N HIS H 83 10.18 -33.30 -14.69
CA HIS H 83 11.06 -32.57 -13.79
C HIS H 83 12.38 -32.23 -14.49
N ALA H 84 13.02 -33.25 -15.08
CA ALA H 84 14.33 -33.06 -15.66
C ALA H 84 14.30 -32.10 -16.83
N ASN H 85 13.28 -32.20 -17.69
CA ASN H 85 13.21 -31.30 -18.84
C ASN H 85 12.78 -29.89 -18.45
N GLY H 86 11.95 -29.77 -17.41
CA GLY H 86 11.56 -28.46 -16.94
C GLY H 86 12.73 -27.64 -16.45
N ALA H 87 13.69 -28.30 -15.80
CA ALA H 87 14.90 -27.56 -15.39
C ALA H 87 15.59 -26.93 -16.61
N SER H 88 15.74 -27.71 -17.68
CA SER H 88 16.37 -27.23 -18.90
C SER H 88 15.63 -26.04 -19.48
N MET H 89 14.30 -26.15 -19.60
CA MET H 89 13.50 -25.03 -20.08
C MET H 89 13.70 -23.82 -19.18
N PHE H 90 13.86 -24.06 -17.88
CA PHE H 90 13.94 -22.98 -16.90
C PHE H 90 15.15 -22.14 -17.22
N PHE H 91 16.27 -22.81 -17.49
CA PHE H 91 17.52 -22.10 -17.79
C PHE H 91 17.49 -21.45 -19.18
N ILE H 92 16.87 -22.10 -20.16
CA ILE H 92 16.72 -21.46 -21.47
C ILE H 92 16.03 -20.11 -21.31
N CYS H 93 14.88 -20.11 -20.64
CA CYS H 93 14.15 -18.87 -20.42
C CYS H 93 15.00 -17.88 -19.63
N LEU H 94 15.79 -18.37 -18.67
CA LEU H 94 16.55 -17.46 -17.81
C LEU H 94 17.59 -16.67 -18.60
N PHE H 95 18.36 -17.39 -19.40
CA PHE H 95 19.38 -16.81 -20.30
C PHE H 95 18.75 -15.81 -21.27
N LEU H 96 17.65 -16.18 -21.94
CA LEU H 96 17.01 -15.23 -22.83
C LEU H 96 16.52 -13.99 -22.08
N HIS H 97 16.00 -14.20 -20.87
CA HIS H 97 15.49 -13.10 -20.05
C HIS H 97 16.60 -12.13 -19.69
N VAL H 98 17.77 -12.64 -19.32
CA VAL H 98 18.91 -11.76 -19.03
C VAL H 98 19.28 -10.97 -20.29
N GLY H 99 19.44 -11.69 -21.41
CA GLY H 99 19.93 -11.06 -22.62
C GLY H 99 19.06 -9.91 -23.08
N ARG H 100 17.74 -10.09 -23.07
CA ARG H 100 16.86 -8.96 -23.34
C ARG H 100 17.36 -7.73 -22.61
N GLY H 101 17.38 -7.81 -21.28
CA GLY H 101 17.70 -6.63 -20.49
C GLY H 101 19.06 -6.05 -20.79
N LEU H 102 20.03 -6.89 -21.15
CA LEU H 102 21.30 -6.32 -21.58
C LEU H 102 21.15 -5.52 -22.87
N TYR H 103 20.32 -6.01 -23.80
CA TYR H 103 20.19 -5.35 -25.11
C TYR H 103 19.40 -4.06 -25.00
N TYR H 104 18.28 -4.06 -24.29
CA TYR H 104 17.33 -2.97 -24.30
C TYR H 104 17.51 -1.99 -23.14
N GLY H 105 18.57 -2.15 -22.35
CA GLY H 105 18.92 -1.17 -21.35
C GLY H 105 18.04 -1.14 -20.13
N SER H 106 17.40 -2.26 -19.80
CA SER H 106 16.52 -2.32 -18.64
C SER H 106 17.26 -2.47 -17.32
N PHE H 107 18.59 -2.61 -17.36
CA PHE H 107 19.38 -2.59 -16.14
C PHE H 107 19.35 -1.24 -15.43
N LEU H 108 18.81 -0.20 -16.06
CA LEU H 108 18.71 1.07 -15.36
C LEU H 108 17.64 1.06 -14.28
N LEU H 109 16.83 0.02 -14.22
CA LEU H 109 15.97 -0.25 -13.07
C LEU H 109 16.81 -1.04 -12.07
N LEU H 110 17.51 -0.32 -11.20
CA LEU H 110 18.59 -0.91 -10.41
C LEU H 110 18.09 -2.01 -9.47
N LYS H 111 17.01 -1.74 -8.74
CA LYS H 111 16.53 -2.70 -7.75
C LYS H 111 16.11 -4.01 -8.41
N THR H 112 15.34 -3.91 -9.50
CA THR H 112 14.92 -5.10 -10.24
C THR H 112 16.13 -5.89 -10.72
N TRP H 113 17.13 -5.20 -11.25
CA TRP H 113 18.33 -5.83 -11.78
C TRP H 113 19.09 -6.59 -10.69
N ASN H 114 19.31 -5.95 -9.55
CA ASN H 114 20.02 -6.60 -8.45
C ASN H 114 19.26 -7.80 -7.90
N THR H 115 17.94 -7.69 -7.75
CA THR H 115 17.17 -8.84 -7.30
C THR H 115 17.20 -9.96 -8.35
N GLY H 116 17.30 -9.60 -9.62
CA GLY H 116 17.51 -10.59 -10.66
C GLY H 116 18.81 -11.35 -10.52
N ILE H 117 19.88 -10.64 -10.20
CA ILE H 117 21.19 -11.30 -10.02
C ILE H 117 21.12 -12.27 -8.85
N MET H 118 20.52 -11.84 -7.74
CA MET H 118 20.29 -12.74 -6.61
C MET H 118 19.55 -14.00 -7.05
N LEU H 119 18.47 -13.82 -7.83
CA LEU H 119 17.69 -14.97 -8.27
C LEU H 119 18.50 -15.91 -9.14
N LEU H 120 19.34 -15.36 -10.03
CA LEU H 120 20.18 -16.21 -10.87
C LEU H 120 21.04 -17.14 -10.02
N PHE H 121 21.77 -16.55 -9.08
CA PHE H 121 22.61 -17.29 -8.13
C PHE H 121 21.82 -18.40 -7.42
N LEU H 122 20.68 -18.03 -6.83
CA LEU H 122 19.85 -19.01 -6.11
C LEU H 122 19.45 -20.17 -7.02
N THR H 123 18.96 -19.86 -8.22
CA THR H 123 18.52 -20.92 -9.12
C THR H 123 19.66 -21.86 -9.48
N MET H 124 20.87 -21.31 -9.62
CA MET H 124 21.99 -22.17 -10.01
C MET H 124 22.36 -23.14 -8.89
N ALA H 125 22.59 -22.60 -7.68
CA ALA H 125 22.68 -23.44 -6.49
C ALA H 125 21.62 -24.55 -6.46
N THR H 126 20.34 -24.19 -6.60
CA THR H 126 19.30 -25.20 -6.52
C THR H 126 19.50 -26.30 -7.57
N ALA H 127 19.68 -25.89 -8.83
CA ALA H 127 19.82 -26.85 -9.91
C ALA H 127 20.97 -27.82 -9.66
N PHE H 128 22.11 -27.30 -9.21
CA PHE H 128 23.27 -28.15 -8.94
C PHE H 128 23.00 -29.12 -7.80
N MET H 129 22.35 -28.65 -6.73
CA MET H 129 22.10 -29.55 -5.60
C MET H 129 21.05 -30.60 -5.94
N GLY H 130 20.23 -30.38 -6.96
CA GLY H 130 19.38 -31.45 -7.44
C GLY H 130 20.10 -32.45 -8.31
N TYR H 131 21.12 -32.00 -9.04
CA TYR H 131 21.84 -32.83 -10.00
C TYR H 131 22.64 -33.95 -9.33
N VAL H 132 22.92 -33.85 -8.04
CA VAL H 132 23.74 -34.85 -7.36
C VAL H 132 22.91 -35.90 -6.62
N LEU H 133 21.59 -35.77 -6.62
CA LEU H 133 20.76 -36.64 -5.80
C LEU H 133 20.69 -38.07 -6.33
N PRO H 134 20.71 -38.31 -7.64
CA PRO H 134 20.66 -39.69 -8.14
C PRO H 134 21.86 -40.54 -7.72
N TRP H 135 22.97 -39.93 -7.36
CA TRP H 135 24.17 -40.65 -6.91
C TRP H 135 24.69 -41.59 -7.99
N GLY H 136 24.68 -41.12 -9.23
CA GLY H 136 25.37 -41.79 -10.30
C GLY H 136 26.83 -41.40 -10.33
N GLN H 137 27.52 -41.86 -11.37
CA GLN H 137 28.96 -41.68 -11.44
C GLN H 137 29.35 -40.22 -11.70
N MET H 138 28.55 -39.50 -12.47
CA MET H 138 28.83 -38.08 -12.70
C MET H 138 28.42 -37.22 -11.51
N SER H 139 27.28 -37.55 -10.90
CA SER H 139 26.79 -36.83 -9.72
C SER H 139 27.83 -36.78 -8.62
N PHE H 140 28.45 -37.92 -8.34
CA PHE H 140 29.41 -38.04 -7.25
C PHE H 140 30.59 -37.08 -7.44
N TRP H 141 31.20 -37.10 -8.61
CA TRP H 141 32.39 -36.28 -8.84
C TRP H 141 32.03 -34.80 -8.98
N GLY H 142 30.81 -34.51 -9.46
CA GLY H 142 30.35 -33.13 -9.42
C GLY H 142 30.28 -32.59 -8.00
N ALA H 143 29.57 -33.30 -7.12
CA ALA H 143 29.60 -33.03 -5.70
C ALA H 143 31.00 -32.77 -5.19
N THR H 144 31.91 -33.70 -5.49
CA THR H 144 33.28 -33.61 -4.97
C THR H 144 33.91 -32.28 -5.35
N VAL H 145 33.89 -31.94 -6.65
CA VAL H 145 34.53 -30.71 -7.10
C VAL H 145 33.87 -29.49 -6.44
N ILE H 146 32.54 -29.45 -6.45
CA ILE H 146 31.88 -28.22 -6.00
C ILE H 146 32.11 -27.99 -4.52
N THR H 147 32.30 -29.05 -3.75
CA THR H 147 32.51 -28.88 -2.32
C THR H 147 33.99 -28.66 -1.99
N ASN H 148 34.90 -29.09 -2.87
CA ASN H 148 36.29 -28.69 -2.72
C ASN H 148 36.54 -27.25 -3.11
N LEU H 149 35.61 -26.60 -3.81
CA LEU H 149 35.86 -25.22 -4.21
C LEU H 149 36.28 -24.32 -3.04
N LEU H 150 35.70 -24.50 -1.85
CA LEU H 150 36.03 -23.61 -0.74
C LEU H 150 37.42 -23.83 -0.17
N SER H 151 38.15 -24.85 -0.62
CA SER H 151 39.54 -24.99 -0.18
C SER H 151 40.42 -23.83 -0.66
N ALA H 152 39.95 -23.05 -1.62
CA ALA H 152 40.74 -21.94 -2.16
C ALA H 152 40.82 -20.75 -1.22
N ILE H 153 39.90 -20.65 -0.27
CA ILE H 153 39.94 -19.59 0.73
C ILE H 153 41.20 -19.81 1.57
N PRO H 154 42.07 -18.82 1.70
CA PRO H 154 43.44 -19.13 2.16
C PRO H 154 43.53 -19.56 3.61
N TYR H 155 42.84 -18.88 4.53
CA TYR H 155 43.08 -19.13 5.95
C TYR H 155 42.17 -20.23 6.52
N ILE H 156 40.91 -20.31 6.07
CA ILE H 156 39.89 -21.11 6.73
C ILE H 156 39.28 -22.16 5.81
N GLY H 157 39.80 -22.32 4.59
CA GLY H 157 39.11 -23.11 3.59
C GLY H 157 38.94 -24.59 3.87
N THR H 158 40.06 -25.30 4.06
CA THR H 158 40.00 -26.73 4.32
C THR H 158 39.02 -27.07 5.44
N ASP H 159 39.02 -26.27 6.50
CA ASP H 159 38.08 -26.50 7.60
C ASP H 159 36.65 -26.32 7.16
N LEU H 160 36.39 -25.34 6.29
CA LEU H 160 35.05 -25.18 5.73
C LEU H 160 34.63 -26.42 4.94
N VAL H 161 35.55 -26.95 4.14
CA VAL H 161 35.25 -28.15 3.36
C VAL H 161 34.86 -29.28 4.29
N GLN H 162 35.66 -29.51 5.33
CA GLN H 162 35.37 -30.63 6.24
C GLN H 162 34.12 -30.37 7.07
N TRP H 163 33.76 -29.12 7.30
CA TRP H 163 32.54 -28.83 8.05
C TRP H 163 31.30 -28.98 7.16
N ILE H 164 31.43 -28.80 5.84
CA ILE H 164 30.31 -29.08 4.95
C ILE H 164 30.17 -30.57 4.69
N TRP H 165 31.28 -31.31 4.67
CA TRP H 165 31.19 -32.76 4.47
C TRP H 165 30.56 -33.46 5.67
N GLY H 166 30.83 -32.98 6.88
CA GLY H 166 30.43 -33.72 8.05
C GLY H 166 31.27 -34.96 8.30
N GLY H 167 32.49 -34.98 7.80
CA GLY H 167 33.35 -36.14 7.96
C GLY H 167 34.64 -35.93 7.21
N TYR H 168 35.40 -37.03 7.07
CA TYR H 168 36.67 -36.97 6.36
C TYR H 168 36.51 -36.94 4.85
N SER H 169 35.33 -37.19 4.31
CA SER H 169 35.15 -37.28 2.87
C SER H 169 33.68 -37.16 2.53
N ILE H 170 33.41 -37.03 1.22
CA ILE H 170 32.04 -37.13 0.73
C ILE H 170 31.44 -38.43 1.21
N GLY H 171 30.22 -38.37 1.71
CA GLY H 171 29.58 -39.55 2.24
C GLY H 171 28.17 -39.26 2.68
N ASN H 172 27.49 -40.32 3.10
CA ASN H 172 26.10 -40.32 3.54
C ASN H 172 25.68 -39.04 4.25
N PRO H 173 26.48 -38.49 5.17
CA PRO H 173 26.06 -37.24 5.82
C PRO H 173 25.96 -36.05 4.88
N THR H 174 26.59 -36.09 3.72
CA THR H 174 26.52 -34.97 2.79
C THR H 174 25.28 -35.04 1.90
N LEU H 175 24.82 -36.24 1.58
CA LEU H 175 23.66 -36.38 0.70
C LEU H 175 22.39 -35.84 1.34
N SER H 176 22.20 -36.09 2.63
CA SER H 176 21.03 -35.55 3.31
C SER H 176 21.08 -34.03 3.38
N ARG H 177 22.27 -33.46 3.50
CA ARG H 177 22.41 -32.00 3.43
C ARG H 177 21.99 -31.47 2.06
N PHE H 178 22.52 -32.08 0.98
CA PHE H 178 22.07 -31.72 -0.37
C PHE H 178 20.55 -31.80 -0.46
N PHE H 179 19.95 -32.82 0.16
CA PHE H 179 18.51 -32.97 -0.07
C PHE H 179 17.70 -31.96 0.72
N THR H 180 18.08 -31.70 1.97
CA THR H 180 17.40 -30.66 2.74
C THR H 180 17.49 -29.30 2.06
N LEU H 181 18.68 -28.94 1.58
CA LEU H 181 18.84 -27.64 0.95
C LEU H 181 18.05 -27.54 -0.35
N HIS H 182 18.08 -28.61 -1.16
CA HIS H 182 17.33 -28.62 -2.40
C HIS H 182 15.84 -28.55 -2.15
N PHE H 183 15.38 -29.10 -1.04
CA PHE H 183 13.98 -28.96 -0.66
C PHE H 183 13.64 -27.51 -0.32
N ILE H 184 14.49 -26.85 0.48
CA ILE H 184 14.06 -25.55 1.00
C ILE H 184 14.27 -24.39 0.00
N LEU H 185 15.30 -24.42 -0.84
CA LEU H 185 15.63 -23.23 -1.64
C LEU H 185 14.50 -22.72 -2.53
N PRO H 186 13.79 -23.56 -3.29
CA PRO H 186 12.78 -23.03 -4.23
C PRO H 186 11.80 -22.06 -3.61
N PHE H 187 11.47 -22.23 -2.34
CA PHE H 187 10.48 -21.36 -1.71
C PHE H 187 11.06 -19.98 -1.39
N ILE H 188 12.33 -19.94 -0.97
CA ILE H 188 13.05 -18.68 -0.89
C ILE H 188 13.06 -18.00 -2.26
N ILE H 189 13.27 -18.79 -3.32
CA ILE H 189 13.20 -18.22 -4.68
C ILE H 189 11.83 -17.58 -4.92
N THR H 190 10.77 -18.27 -4.51
CA THR H 190 9.41 -17.75 -4.70
C THR H 190 9.23 -16.38 -4.01
N ALA H 191 9.59 -16.32 -2.73
CA ALA H 191 9.46 -15.07 -1.99
C ALA H 191 10.23 -13.94 -2.65
N LEU H 192 11.47 -14.22 -3.03
CA LEU H 192 12.27 -13.17 -3.66
C LEU H 192 11.72 -12.77 -5.02
N THR H 193 11.06 -13.70 -5.73
CA THR H 193 10.37 -13.32 -6.97
C THR H 193 9.26 -12.31 -6.68
N MET H 194 8.50 -12.53 -5.61
CA MET H 194 7.47 -11.56 -5.27
C MET H 194 8.06 -10.18 -4.98
N VAL H 195 9.17 -10.13 -4.24
CA VAL H 195 9.85 -8.86 -3.99
C VAL H 195 10.29 -8.22 -5.31
N HIS H 196 10.86 -9.02 -6.20
CA HIS H 196 11.28 -8.59 -7.53
C HIS H 196 10.16 -7.85 -8.27
N LEU H 197 8.98 -8.48 -8.33
CA LEU H 197 7.86 -7.84 -9.02
C LEU H 197 7.36 -6.61 -8.27
N LEU H 198 7.41 -6.62 -6.93
CA LEU H 198 7.00 -5.44 -6.17
C LEU H 198 7.80 -4.23 -6.60
N PHE H 199 9.12 -4.41 -6.64
CA PHE H 199 10.04 -3.38 -7.15
C PHE H 199 9.71 -2.98 -8.58
N LEU H 200 9.40 -3.94 -9.45
CA LEU H 200 9.09 -3.60 -10.84
C LEU H 200 7.89 -2.66 -10.93
N HIS H 201 6.79 -3.00 -10.24
CA HIS H 201 5.53 -2.28 -10.47
C HIS H 201 5.54 -0.85 -9.96
N GLU H 202 6.61 -0.41 -9.31
CA GLU H 202 6.71 0.98 -8.86
C GLU H 202 7.04 1.91 -10.01
N THR H 203 7.72 1.41 -11.03
CA THR H 203 8.08 2.16 -12.23
C THR H 203 7.33 1.72 -13.49
N GLY H 204 7.16 0.43 -13.71
CA GLY H 204 6.59 -0.08 -14.93
C GLY H 204 7.64 -0.51 -15.93
N SER H 205 7.18 -1.13 -17.01
CA SER H 205 8.06 -1.78 -17.98
C SER H 205 8.68 -0.78 -18.96
N ASN H 206 9.99 -0.91 -19.14
CA ASN H 206 10.73 -0.36 -20.27
C ASN H 206 10.23 -0.96 -21.58
N ASN H 207 10.67 -0.36 -22.71
CA ASN H 207 10.18 -0.89 -23.98
C ASN H 207 11.25 -0.84 -25.06
N PRO H 208 10.99 -1.36 -26.26
CA PRO H 208 12.06 -1.49 -27.26
C PRO H 208 12.69 -0.17 -27.69
N CYS H 209 11.91 0.91 -27.76
CA CYS H 209 12.44 2.18 -28.24
C CYS H 209 13.27 2.92 -27.19
N GLY H 210 13.12 2.60 -25.91
CA GLY H 210 13.91 3.31 -24.92
C GLY H 210 13.43 4.70 -24.63
N ILE H 211 12.23 5.06 -25.09
CA ILE H 211 11.63 6.34 -24.74
C ILE H 211 10.33 6.15 -23.98
N SER H 212 9.95 7.18 -23.24
CA SER H 212 8.88 7.09 -22.27
C SER H 212 7.54 6.83 -22.94
N SER H 213 6.80 5.85 -22.40
CA SER H 213 5.60 5.32 -23.01
C SER H 213 4.33 5.77 -22.31
N ASP H 214 4.39 6.80 -21.47
CA ASP H 214 3.24 7.21 -20.68
C ASP H 214 2.14 7.88 -21.51
N SER H 215 2.38 8.11 -22.79
CA SER H 215 1.35 8.63 -23.68
C SER H 215 0.56 7.52 -24.37
N ASP H 216 0.99 6.26 -24.24
CA ASP H 216 0.35 5.15 -24.95
C ASP H 216 0.29 3.89 -24.09
N LYS H 217 -0.12 4.04 -22.83
CA LYS H 217 -0.29 2.88 -21.95
C LYS H 217 -1.64 2.21 -22.19
N ILE H 218 -1.64 0.88 -22.22
CA ILE H 218 -2.87 0.10 -22.27
C ILE H 218 -2.95 -0.75 -21.01
N PRO H 219 -4.15 -1.21 -20.66
CA PRO H 219 -4.28 -2.08 -19.48
C PRO H 219 -3.77 -3.49 -19.73
N PHE H 220 -3.36 -4.16 -18.65
CA PHE H 220 -2.80 -5.50 -18.78
C PHE H 220 -3.84 -6.50 -19.25
N HIS H 221 -5.07 -6.34 -18.80
CA HIS H 221 -6.16 -7.18 -19.18
C HIS H 221 -7.08 -6.43 -20.13
N PRO H 222 -7.45 -7.01 -21.28
CA PRO H 222 -7.22 -8.38 -21.77
C PRO H 222 -5.94 -8.63 -22.58
N TYR H 223 -5.19 -7.60 -22.96
CA TYR H 223 -4.20 -7.73 -24.01
C TYR H 223 -3.10 -8.72 -23.64
N TYR H 224 -2.38 -8.45 -22.56
CA TYR H 224 -1.22 -9.24 -22.23
C TYR H 224 -1.59 -10.54 -21.54
N THR H 225 -2.80 -10.62 -20.98
CA THR H 225 -3.30 -11.89 -20.47
C THR H 225 -3.35 -12.94 -21.57
N ILE H 226 -4.06 -12.66 -22.67
CA ILE H 226 -4.12 -13.59 -23.78
C ILE H 226 -2.75 -13.77 -24.42
N LYS H 227 -1.95 -12.71 -24.51
CA LYS H 227 -0.62 -12.87 -25.11
C LYS H 227 0.24 -13.87 -24.32
N ASP H 228 0.26 -13.73 -22.99
CA ASP H 228 1.02 -14.66 -22.17
C ASP H 228 0.44 -16.07 -22.19
N ILE H 229 -0.88 -16.19 -22.29
CA ILE H 229 -1.49 -17.52 -22.43
C ILE H 229 -1.01 -18.19 -23.71
N LEU H 230 -0.93 -17.44 -24.81
CA LEU H 230 -0.38 -17.96 -26.05
C LEU H 230 1.06 -18.44 -25.85
N GLY H 231 1.88 -17.62 -25.21
CA GLY H 231 3.24 -18.05 -24.92
C GLY H 231 3.31 -19.34 -24.14
N LEU H 232 2.43 -19.48 -23.14
CA LEU H 232 2.41 -20.71 -22.34
C LEU H 232 2.02 -21.92 -23.18
N VAL H 233 1.03 -21.76 -24.06
CA VAL H 233 0.65 -22.87 -24.93
C VAL H 233 1.86 -23.32 -25.76
N LEU H 234 2.62 -22.37 -26.30
CA LEU H 234 3.79 -22.73 -27.09
C LEU H 234 4.82 -23.48 -26.26
N LEU H 235 5.09 -22.97 -25.05
CA LEU H 235 6.06 -23.64 -24.18
C LEU H 235 5.62 -25.06 -23.87
N LEU H 236 4.32 -25.28 -23.68
CA LEU H 236 3.84 -26.63 -23.38
C LEU H 236 3.99 -27.55 -24.59
N PHE H 237 3.74 -27.04 -25.79
CA PHE H 237 3.98 -27.87 -26.97
C PHE H 237 5.43 -28.34 -27.01
N ILE H 238 6.38 -27.39 -26.83
CA ILE H 238 7.79 -27.77 -26.88
C ILE H 238 8.13 -28.77 -25.78
N LEU H 239 7.65 -28.50 -24.56
CA LEU H 239 7.96 -29.37 -23.44
C LEU H 239 7.43 -30.78 -23.65
N THR H 240 6.19 -30.91 -24.16
CA THR H 240 5.65 -32.24 -24.43
C THR H 240 6.47 -32.97 -25.48
N THR H 241 6.82 -32.29 -26.59
CA THR H 241 7.61 -32.97 -27.61
C THR H 241 8.94 -33.41 -27.06
N LEU H 242 9.53 -32.62 -26.17
CA LEU H 242 10.79 -33.03 -25.58
C LEU H 242 10.60 -34.21 -24.62
N THR H 243 9.47 -34.25 -23.92
CA THR H 243 9.24 -35.29 -22.91
C THR H 243 8.87 -36.64 -23.53
N LEU H 244 8.10 -36.65 -24.62
CA LEU H 244 7.56 -37.88 -25.17
C LEU H 244 8.18 -38.33 -26.47
N LEU H 245 8.59 -37.41 -27.34
CA LEU H 245 9.04 -37.77 -28.68
C LEU H 245 10.55 -37.96 -28.77
N SER H 246 11.30 -37.33 -27.87
CA SER H 246 12.76 -37.36 -27.93
C SER H 246 13.31 -37.14 -26.53
N PRO H 247 13.01 -38.04 -25.60
CA PRO H 247 13.40 -37.81 -24.20
C PRO H 247 14.90 -37.89 -23.96
N ASN H 248 15.64 -38.60 -24.80
CA ASN H 248 17.05 -38.87 -24.57
C ASN H 248 17.96 -37.85 -25.25
N LEU H 249 17.41 -36.77 -25.79
CA LEU H 249 18.19 -35.80 -26.54
C LEU H 249 19.30 -35.19 -25.69
N LEU H 250 18.97 -34.73 -24.48
CA LEU H 250 19.91 -34.09 -23.57
C LEU H 250 20.48 -35.03 -22.53
N ASN H 251 20.21 -36.34 -22.64
CA ASN H 251 20.57 -37.24 -21.56
C ASN H 251 22.03 -37.66 -21.63
N ASP H 252 22.57 -38.04 -20.48
CA ASP H 252 23.98 -38.41 -20.33
C ASP H 252 24.10 -39.85 -19.89
N PRO H 253 24.79 -40.72 -20.65
CA PRO H 253 24.87 -42.14 -20.24
C PRO H 253 25.67 -42.37 -18.97
N ASP H 254 26.69 -41.56 -18.70
CA ASP H 254 27.58 -41.83 -17.57
C ASP H 254 26.90 -41.67 -16.23
N ASN H 255 25.71 -41.10 -16.17
CA ASN H 255 24.95 -41.02 -14.93
C ASN H 255 23.98 -42.19 -14.76
N TYR H 256 23.97 -43.15 -15.68
CA TYR H 256 23.30 -44.42 -15.50
C TYR H 256 24.25 -45.50 -14.98
N ILE H 257 25.42 -45.13 -14.49
CA ILE H 257 26.32 -46.03 -13.79
C ILE H 257 26.41 -45.54 -12.35
N PRO H 258 26.13 -46.36 -11.35
CA PRO H 258 26.16 -45.87 -9.97
C PRO H 258 27.56 -45.43 -9.57
N ALA H 259 27.64 -44.80 -8.41
CA ALA H 259 28.86 -44.11 -8.00
C ALA H 259 29.94 -45.09 -7.54
N ASP H 260 31.18 -44.74 -7.86
CA ASP H 260 32.35 -45.55 -7.50
C ASP H 260 33.43 -44.62 -6.97
N PRO H 261 33.58 -44.53 -5.64
CA PRO H 261 34.53 -43.56 -5.07
C PRO H 261 35.98 -43.77 -5.47
N LEU H 262 36.33 -44.87 -6.14
CA LEU H 262 37.72 -45.16 -6.45
C LEU H 262 38.12 -44.85 -7.89
N ASN H 263 37.18 -44.47 -8.75
CA ASN H 263 37.49 -44.24 -10.17
C ASN H 263 36.72 -43.04 -10.69
N THR H 264 37.45 -42.06 -11.21
CA THR H 264 36.86 -40.97 -12.01
C THR H 264 36.89 -41.36 -13.48
N PRO H 265 35.79 -41.19 -14.22
CA PRO H 265 35.79 -41.62 -15.62
C PRO H 265 36.68 -40.73 -16.47
N PRO H 266 37.22 -41.26 -17.57
CA PRO H 266 38.18 -40.51 -18.40
C PRO H 266 37.65 -39.22 -18.97
N HIS H 267 36.37 -39.14 -19.34
CA HIS H 267 35.81 -37.96 -19.98
C HIS H 267 34.73 -37.39 -19.08
N ILE H 268 34.93 -36.15 -18.66
CA ILE H 268 34.10 -35.47 -17.67
C ILE H 268 33.34 -34.35 -18.36
N LYS H 269 32.06 -34.21 -18.03
CA LYS H 269 31.21 -33.22 -18.65
C LYS H 269 30.01 -32.93 -17.76
N PRO H 270 29.86 -31.70 -17.25
CA PRO H 270 28.65 -31.36 -16.49
C PRO H 270 27.41 -31.17 -17.34
N GLU H 271 26.31 -30.79 -16.69
CA GLU H 271 25.07 -30.47 -17.39
C GLU H 271 25.29 -29.27 -18.30
N TRP H 272 24.52 -29.20 -19.38
CA TRP H 272 24.83 -28.21 -20.42
C TRP H 272 24.76 -26.79 -19.88
N TYR H 273 23.74 -26.45 -19.07
CA TYR H 273 23.72 -25.03 -18.70
C TYR H 273 24.91 -24.62 -17.85
N PHE H 274 25.88 -25.51 -17.61
CA PHE H 274 27.00 -25.08 -16.80
C PHE H 274 28.29 -25.02 -17.60
N LEU H 275 28.32 -25.63 -18.79
CA LEU H 275 29.59 -25.86 -19.47
C LEU H 275 30.46 -24.62 -19.48
N PHE H 276 29.85 -23.44 -19.58
CA PHE H 276 30.62 -22.26 -19.92
C PHE H 276 31.49 -21.89 -18.73
N ALA H 277 30.88 -21.90 -17.54
CA ALA H 277 31.64 -21.70 -16.31
C ALA H 277 32.77 -22.72 -16.22
N TYR H 278 32.46 -23.98 -16.50
CA TYR H 278 33.49 -25.01 -16.47
C TYR H 278 34.66 -24.59 -17.35
N ALA H 279 34.37 -24.18 -18.58
CA ALA H 279 35.42 -23.73 -19.48
C ALA H 279 36.24 -22.62 -18.83
N ILE H 280 35.56 -21.60 -18.29
CA ILE H 280 36.26 -20.52 -17.63
C ILE H 280 37.15 -21.07 -16.52
N LEU H 281 36.59 -21.95 -15.68
CA LEU H 281 37.38 -22.54 -14.62
C LEU H 281 38.58 -23.29 -15.15
N ARG H 282 38.45 -23.89 -16.33
CA ARG H 282 39.55 -24.65 -16.93
C ARG H 282 40.65 -23.76 -17.50
N SER H 283 40.42 -22.46 -17.64
CA SER H 283 41.28 -21.64 -18.47
C SER H 283 42.40 -20.95 -17.70
N VAL H 284 42.38 -20.96 -16.38
CA VAL H 284 43.38 -20.26 -15.57
C VAL H 284 44.32 -21.29 -14.96
N PRO H 285 45.63 -21.17 -15.16
CA PRO H 285 46.56 -22.18 -14.63
C PRO H 285 46.83 -22.08 -13.14
N ASN H 286 45.99 -21.35 -12.40
CA ASN H 286 46.16 -21.16 -10.98
C ASN H 286 44.84 -21.41 -10.27
N LYS H 287 44.91 -22.09 -9.12
CA LYS H 287 43.72 -22.50 -8.39
C LYS H 287 42.87 -21.31 -7.96
N LEU H 288 43.44 -20.48 -7.08
CA LEU H 288 42.70 -19.33 -6.55
C LEU H 288 42.22 -18.43 -7.68
N GLY H 289 43.10 -18.12 -8.63
CA GLY H 289 42.69 -17.29 -9.75
C GLY H 289 41.55 -17.91 -10.55
N GLY H 290 41.58 -19.23 -10.70
CA GLY H 290 40.52 -19.89 -11.43
C GLY H 290 39.18 -19.71 -10.76
N VAL H 291 39.11 -20.00 -9.46
CA VAL H 291 37.87 -19.84 -8.71
C VAL H 291 37.39 -18.38 -8.75
N LEU H 292 38.32 -17.44 -8.55
CA LEU H 292 37.97 -16.02 -8.59
C LEU H 292 37.33 -15.66 -9.92
N ALA H 293 37.95 -16.07 -11.02
CA ALA H 293 37.36 -15.83 -12.33
C ALA H 293 35.99 -16.47 -12.45
N LEU H 294 35.84 -17.67 -11.91
CA LEU H 294 34.58 -18.40 -12.04
C LEU H 294 33.42 -17.57 -11.49
N PHE H 295 33.62 -17.03 -10.30
CA PHE H 295 32.59 -16.23 -9.62
C PHE H 295 32.45 -14.83 -10.21
N LEU H 296 33.56 -14.20 -10.62
CA LEU H 296 33.47 -12.89 -11.23
C LEU H 296 32.70 -12.95 -12.55
N SER H 297 32.76 -14.08 -13.27
CA SER H 297 32.09 -14.18 -14.55
C SER H 297 30.61 -13.83 -14.45
N ILE H 298 29.98 -14.15 -13.32
CA ILE H 298 28.58 -13.82 -13.08
C ILE H 298 28.46 -12.52 -12.30
N LEU H 299 29.31 -12.31 -11.31
CA LEU H 299 29.20 -11.10 -10.49
C LEU H 299 29.44 -9.82 -11.28
N ILE H 300 30.04 -9.93 -12.47
CA ILE H 300 30.35 -8.73 -13.26
C ILE H 300 29.09 -8.00 -13.72
N LEU H 301 27.96 -8.68 -13.81
CA LEU H 301 26.71 -8.01 -14.21
C LEU H 301 26.37 -6.84 -13.30
N SER H 302 26.84 -6.84 -12.06
CA SER H 302 26.43 -5.83 -11.11
C SER H 302 27.00 -4.44 -11.39
N ILE H 303 28.02 -4.32 -12.25
CA ILE H 303 28.62 -3.03 -12.54
C ILE H 303 28.34 -2.54 -13.95
N ILE H 304 27.52 -3.28 -14.70
CA ILE H 304 27.08 -2.79 -16.01
C ILE H 304 26.36 -1.46 -15.90
N PRO H 305 25.43 -1.26 -14.95
CA PRO H 305 24.80 0.06 -14.83
C PRO H 305 25.80 1.18 -14.63
N THR H 306 26.93 0.88 -13.99
CA THR H 306 27.91 1.90 -13.66
C THR H 306 28.75 2.32 -14.87
N LEU H 307 28.92 1.43 -15.84
CA LEU H 307 29.75 1.69 -17.02
C LEU H 307 28.96 2.26 -18.18
N HIS H 308 27.73 2.67 -17.96
CA HIS H 308 26.84 3.12 -19.03
C HIS H 308 27.13 4.58 -19.35
N ASN H 309 27.52 4.84 -20.60
CA ASN H 309 27.89 6.18 -21.05
C ASN H 309 26.91 6.79 -22.04
N SER H 310 26.03 5.98 -22.63
CA SER H 310 25.22 6.46 -23.73
C SER H 310 24.16 7.45 -23.26
N LYS H 311 23.80 8.36 -24.16
CA LYS H 311 22.66 9.23 -23.90
C LYS H 311 21.35 8.49 -24.06
N GLN H 312 21.29 7.57 -25.03
CA GLN H 312 20.12 6.74 -25.28
C GLN H 312 20.17 5.46 -24.46
N GLN H 313 18.99 4.93 -24.14
CA GLN H 313 18.89 3.74 -23.29
C GLN H 313 19.03 2.46 -24.09
N SER H 314 18.30 2.33 -25.20
CA SER H 314 18.22 1.09 -25.95
C SER H 314 19.25 1.04 -27.07
N MET H 315 19.61 -0.19 -27.46
CA MET H 315 20.47 -0.43 -28.61
C MET H 315 19.72 -0.38 -29.93
N MET H 316 18.40 -0.21 -29.90
CA MET H 316 17.62 -0.22 -31.13
C MET H 316 18.17 0.76 -32.16
N PHE H 317 18.68 1.91 -31.71
CA PHE H 317 19.18 2.95 -32.59
C PHE H 317 20.70 3.08 -32.56
N ARG H 318 21.41 2.05 -32.12
CA ARG H 318 22.86 2.12 -31.89
C ARG H 318 23.55 0.93 -32.52
N PRO H 319 23.96 1.04 -33.79
CA PRO H 319 24.45 -0.12 -34.56
C PRO H 319 25.81 -0.70 -34.14
N LEU H 320 26.87 0.11 -34.04
CA LEU H 320 28.11 -0.40 -33.44
C LEU H 320 27.87 -1.20 -32.15
N SER H 321 27.05 -0.67 -31.25
CA SER H 321 26.69 -1.38 -30.04
C SER H 321 26.16 -2.78 -30.35
N GLN H 322 25.20 -2.85 -31.28
CA GLN H 322 24.57 -4.12 -31.66
C GLN H 322 25.62 -5.13 -32.13
N PHE H 323 26.54 -4.66 -32.96
CA PHE H 323 27.60 -5.53 -33.48
C PHE H 323 28.36 -6.16 -32.31
N LEU H 324 28.76 -5.33 -31.34
CA LEU H 324 29.47 -5.86 -30.17
C LEU H 324 28.62 -6.84 -29.37
N PHE H 325 27.33 -6.53 -29.20
CA PHE H 325 26.44 -7.42 -28.46
C PHE H 325 26.47 -8.83 -29.03
N TRP H 326 26.29 -8.94 -30.34
CA TRP H 326 26.26 -10.27 -30.94
C TRP H 326 27.62 -10.94 -30.89
N PHE H 327 28.71 -10.17 -30.95
CA PHE H 327 30.03 -10.77 -30.77
C PHE H 327 30.18 -11.38 -29.37
N LEU H 328 29.67 -10.68 -28.35
CA LEU H 328 29.68 -11.22 -26.99
C LEU H 328 28.91 -12.55 -26.91
N ILE H 329 27.73 -12.59 -27.53
CA ILE H 329 26.95 -13.83 -27.50
C ILE H 329 27.73 -14.96 -28.14
N THR H 330 28.44 -14.69 -29.24
CA THR H 330 29.24 -15.76 -29.83
C THR H 330 30.40 -16.18 -28.94
N THR H 331 31.00 -15.26 -28.20
CA THR H 331 32.03 -15.67 -27.24
C THR H 331 31.45 -16.68 -26.24
N LEU H 332 30.24 -16.43 -25.77
CA LEU H 332 29.64 -17.37 -24.82
C LEU H 332 29.36 -18.74 -25.46
N LEU H 333 28.83 -18.76 -26.68
CA LEU H 333 28.73 -20.01 -27.43
C LEU H 333 30.08 -20.73 -27.51
N THR H 334 31.15 -19.98 -27.76
CA THR H 334 32.47 -20.59 -27.87
C THR H 334 32.89 -21.25 -26.56
N LEU H 335 32.64 -20.56 -25.44
CA LEU H 335 32.95 -21.16 -24.15
C LEU H 335 32.13 -22.43 -23.92
N THR H 336 30.85 -22.41 -24.31
CA THR H 336 30.03 -23.61 -24.19
C THR H 336 30.61 -24.77 -25.00
N TRP H 337 31.04 -24.50 -26.23
CA TRP H 337 31.62 -25.55 -27.06
C TRP H 337 32.92 -26.09 -26.48
N ILE H 338 33.78 -25.19 -26.00
CA ILE H 338 35.05 -25.61 -25.41
C ILE H 338 34.82 -26.45 -24.17
N GLY H 339 33.78 -26.15 -23.39
CA GLY H 339 33.53 -26.94 -22.20
C GLY H 339 33.27 -28.41 -22.48
N SER H 340 32.80 -28.73 -23.68
CA SER H 340 32.47 -30.10 -24.05
C SER H 340 33.69 -30.92 -24.45
N GLN H 341 34.82 -30.31 -24.69
CA GLN H 341 35.95 -30.98 -25.32
C GLN H 341 36.98 -31.38 -24.28
N PRO H 342 37.80 -32.39 -24.59
CA PRO H 342 38.88 -32.76 -23.68
C PRO H 342 39.78 -31.57 -23.38
N VAL H 343 40.56 -31.70 -22.31
CA VAL H 343 41.51 -30.67 -21.97
C VAL H 343 42.77 -30.93 -22.77
N SER H 344 42.75 -30.52 -24.04
CA SER H 344 43.86 -30.71 -24.96
C SER H 344 44.13 -29.39 -25.66
N GLN H 345 45.28 -29.32 -26.32
CA GLN H 345 45.94 -28.05 -26.54
C GLN H 345 45.13 -27.06 -27.39
N PRO H 346 44.58 -27.43 -28.56
CA PRO H 346 43.79 -26.46 -29.33
C PRO H 346 42.71 -25.81 -28.49
N PHE H 347 41.95 -26.63 -27.77
CA PHE H 347 40.82 -26.15 -26.99
C PHE H 347 41.29 -25.34 -25.80
N ILE H 348 42.44 -25.70 -25.21
CA ILE H 348 43.00 -24.90 -24.13
C ILE H 348 43.21 -23.46 -24.60
N PHE H 349 43.88 -23.33 -25.75
CA PHE H 349 44.25 -22.00 -26.24
C PHE H 349 43.00 -21.21 -26.64
N ILE H 350 42.06 -21.86 -27.34
CA ILE H 350 40.83 -21.20 -27.75
C ILE H 350 40.04 -20.73 -26.54
N GLY H 351 39.96 -21.56 -25.50
CA GLY H 351 39.23 -21.17 -24.31
C GLY H 351 39.83 -19.95 -23.63
N GLN H 352 41.16 -19.91 -23.54
CA GLN H 352 41.80 -18.75 -22.92
C GLN H 352 41.47 -17.48 -23.70
N LEU H 353 41.55 -17.54 -25.04
CA LEU H 353 41.16 -16.34 -25.81
C LEU H 353 39.71 -15.98 -25.56
N ALA H 354 38.79 -16.96 -25.55
CA ALA H 354 37.39 -16.63 -25.36
C ALA H 354 37.15 -15.93 -24.02
N SER H 355 37.84 -16.39 -22.97
CA SER H 355 37.64 -15.81 -21.65
C SER H 355 38.12 -14.36 -21.61
N THR H 356 39.35 -14.13 -22.08
CA THR H 356 39.87 -12.77 -22.08
C THR H 356 38.97 -11.85 -22.89
N MET H 357 38.43 -12.34 -24.01
CA MET H 357 37.58 -11.48 -24.82
C MET H 357 36.24 -11.21 -24.14
N TYR H 358 35.70 -12.17 -23.40
CA TYR H 358 34.46 -11.92 -22.65
C TYR H 358 34.65 -10.74 -21.70
N PHE H 359 35.64 -10.83 -20.81
CA PHE H 359 35.80 -9.73 -19.85
C PHE H 359 36.19 -8.44 -20.56
N THR H 360 37.22 -8.49 -21.41
CA THR H 360 37.51 -7.33 -22.26
C THR H 360 36.24 -6.65 -22.78
N THR H 361 35.37 -7.41 -23.45
CA THR H 361 34.22 -6.79 -24.11
C THR H 361 33.31 -6.10 -23.10
N VAL H 362 33.01 -6.78 -21.99
CA VAL H 362 32.09 -6.14 -21.05
C VAL H 362 32.72 -4.90 -20.43
N LEU H 363 34.02 -4.95 -20.12
CA LEU H 363 34.63 -3.91 -19.31
C LEU H 363 35.23 -2.75 -20.09
N ILE H 364 35.57 -2.94 -21.37
CA ILE H 364 36.33 -1.92 -22.09
C ILE H 364 35.64 -1.52 -23.40
N LEU H 365 35.36 -2.49 -24.27
CA LEU H 365 34.98 -2.16 -25.64
C LEU H 365 33.63 -1.44 -25.70
N MET H 366 32.64 -1.94 -24.98
CA MET H 366 31.32 -1.31 -24.99
C MET H 366 31.37 0.13 -24.49
N PRO H 367 31.98 0.44 -23.34
CA PRO H 367 32.08 1.85 -22.93
C PRO H 367 32.68 2.77 -24.01
N LEU H 368 33.74 2.31 -24.67
CA LEU H 368 34.43 3.15 -25.65
C LEU H 368 33.59 3.34 -26.90
N THR H 369 32.94 2.27 -27.39
CA THR H 369 32.05 2.43 -28.52
C THR H 369 30.91 3.39 -28.18
N SER H 370 30.44 3.36 -26.94
CA SER H 370 29.39 4.32 -26.57
C SER H 370 29.89 5.75 -26.71
N LEU H 371 31.13 6.01 -26.27
CA LEU H 371 31.64 7.37 -26.43
C LEU H 371 31.77 7.77 -27.91
N ILE H 372 32.31 6.88 -28.73
CA ILE H 372 32.39 7.16 -30.18
C ILE H 372 31.01 7.50 -30.72
N GLU H 373 30.02 6.68 -30.37
CA GLU H 373 28.65 6.90 -30.85
C GLU H 373 28.18 8.30 -30.46
N ASN H 374 28.28 8.63 -29.17
CA ASN H 374 27.94 9.99 -28.73
C ASN H 374 28.57 11.04 -29.64
N ASN H 375 29.87 10.90 -29.91
CA ASN H 375 30.53 11.92 -30.72
C ASN H 375 29.97 11.99 -32.13
N LEU H 376 29.54 10.86 -32.68
CA LEU H 376 29.01 10.87 -34.04
C LEU H 376 27.65 11.58 -34.13
N LEU H 377 26.86 11.56 -33.06
CA LEU H 377 25.59 12.29 -33.03
C LEU H 377 25.73 13.72 -32.55
N LYS H 378 26.94 14.17 -32.22
CA LYS H 378 27.22 15.56 -31.88
C LYS H 378 26.59 15.95 -30.53
N TRP H 379 26.80 15.11 -29.52
CA TRP H 379 26.57 15.52 -28.14
C TRP H 379 27.50 14.75 -27.21
N THR I 35 -66.62 13.92 -10.85
CA THR I 35 -65.18 14.30 -11.08
C THR I 35 -64.62 13.27 -12.02
N ALA I 36 -63.57 13.60 -12.76
CA ALA I 36 -63.05 12.67 -13.76
C ALA I 36 -61.80 11.98 -13.26
N THR I 37 -61.36 11.01 -14.04
CA THR I 37 -60.06 10.36 -13.93
C THR I 37 -59.11 11.01 -14.94
N PHE I 38 -57.80 10.90 -14.67
CA PHE I 38 -56.84 11.31 -15.69
C PHE I 38 -57.22 10.86 -17.10
N ALA I 39 -57.33 9.55 -17.29
CA ALA I 39 -57.66 9.00 -18.60
C ALA I 39 -58.95 9.60 -19.15
N GLN I 40 -59.91 9.88 -18.27
CA GLN I 40 -61.17 10.47 -18.73
C GLN I 40 -60.99 11.92 -19.15
N ALA I 41 -60.10 12.65 -18.47
CA ALA I 41 -59.78 14.00 -18.91
C ALA I 41 -59.11 13.99 -20.27
N LEU I 42 -58.41 12.91 -20.61
CA LEU I 42 -57.78 12.86 -21.93
C LEU I 42 -58.79 12.81 -23.07
N GLN I 43 -60.07 12.54 -22.79
CA GLN I 43 -61.07 12.52 -23.84
C GLN I 43 -61.57 13.92 -24.20
N PHE I 44 -61.38 14.89 -23.32
CA PHE I 44 -61.89 16.25 -23.56
C PHE I 44 -60.96 17.07 -24.45
N VAL I 45 -59.76 16.57 -24.75
CA VAL I 45 -58.82 17.32 -25.59
C VAL I 45 -59.36 17.38 -27.02
N PRO I 46 -59.36 18.52 -27.68
CA PRO I 46 -60.02 18.62 -28.99
C PRO I 46 -59.25 17.89 -30.08
N GLU I 47 -59.96 17.63 -31.17
CA GLU I 47 -59.42 16.90 -32.30
C GLU I 47 -58.53 17.79 -33.17
N THR I 48 -57.69 17.14 -33.96
CA THR I 48 -56.87 17.80 -34.97
C THR I 48 -57.49 17.54 -36.33
N GLN I 49 -57.92 18.61 -37.00
CA GLN I 49 -58.49 18.46 -38.33
C GLN I 49 -57.39 18.53 -39.38
N VAL I 50 -57.55 17.74 -40.45
CA VAL I 50 -56.57 17.64 -41.52
C VAL I 50 -57.27 17.65 -42.87
N SER I 51 -56.66 18.30 -43.85
CA SER I 51 -57.20 18.43 -45.19
C SER I 51 -56.05 18.44 -46.19
N LEU I 52 -56.41 18.34 -47.48
CA LEU I 52 -55.44 18.35 -48.57
C LEU I 52 -55.80 19.41 -49.59
N LEU I 53 -54.77 20.05 -50.16
CA LEU I 53 -54.96 20.81 -51.39
C LEU I 53 -54.75 19.91 -52.61
N ASP I 54 -54.98 20.49 -53.79
CA ASP I 54 -54.81 19.73 -55.03
C ASP I 54 -53.35 19.42 -55.31
N ASN I 55 -52.42 20.30 -54.92
CA ASN I 55 -51.02 20.02 -55.13
C ASN I 55 -50.43 19.07 -54.09
N GLY I 56 -51.23 18.57 -53.16
CA GLY I 56 -50.77 17.58 -52.21
C GLY I 56 -50.23 18.14 -50.92
N LEU I 57 -50.25 19.45 -50.72
CA LEU I 57 -49.93 20.03 -49.42
C LEU I 57 -51.05 19.76 -48.44
N ARG I 58 -50.70 19.33 -47.23
CA ARG I 58 -51.69 19.01 -46.21
C ARG I 58 -51.75 20.12 -45.16
N VAL I 59 -52.97 20.47 -44.79
CA VAL I 59 -53.25 21.54 -43.83
C VAL I 59 -53.84 20.90 -42.58
N ALA I 60 -53.28 21.25 -41.42
CA ALA I 60 -53.67 20.65 -40.16
C ALA I 60 -53.83 21.74 -39.10
N SER I 61 -54.83 21.56 -38.25
CA SER I 61 -55.14 22.58 -37.26
C SER I 61 -55.67 21.96 -35.98
N GLU I 62 -55.40 22.63 -34.86
CA GLU I 62 -56.12 22.39 -33.61
C GLU I 62 -56.56 23.73 -33.03
N GLN I 63 -57.88 23.82 -32.83
CA GLN I 63 -58.55 25.03 -32.38
C GLN I 63 -58.74 24.98 -30.87
N SER I 64 -58.30 26.04 -30.19
CA SER I 64 -58.26 26.08 -28.74
C SER I 64 -58.84 27.36 -28.16
N SER I 65 -59.57 28.14 -28.95
CA SER I 65 -60.34 29.29 -28.44
C SER I 65 -59.48 30.20 -27.57
N GLN I 66 -58.53 30.86 -28.21
CA GLN I 66 -57.66 31.81 -27.54
C GLN I 66 -57.44 33.03 -28.42
N PRO I 67 -57.04 34.16 -27.85
CA PRO I 67 -56.74 35.35 -28.65
C PRO I 67 -55.37 35.32 -29.31
N THR I 68 -54.62 34.23 -29.17
CA THR I 68 -53.27 34.13 -29.67
C THR I 68 -53.09 32.82 -30.41
N CYS I 69 -52.17 32.80 -31.38
CA CYS I 69 -52.00 31.62 -32.21
C CYS I 69 -50.57 31.47 -32.69
N THR I 70 -50.24 30.24 -33.09
CA THR I 70 -49.01 29.92 -33.77
C THR I 70 -49.33 29.22 -35.09
N VAL I 71 -48.65 29.63 -36.15
CA VAL I 71 -48.87 29.08 -37.49
C VAL I 71 -47.52 28.87 -38.15
N GLY I 72 -47.32 27.68 -38.73
CA GLY I 72 -46.06 27.41 -39.39
C GLY I 72 -46.15 26.46 -40.56
N VAL I 73 -45.02 26.37 -41.27
CA VAL I 73 -44.79 25.41 -42.34
C VAL I 73 -43.63 24.52 -41.92
N TRP I 74 -43.86 23.22 -41.98
CA TRP I 74 -42.86 22.20 -41.69
C TRP I 74 -42.50 21.46 -42.98
N ILE I 75 -41.20 21.20 -43.17
CA ILE I 75 -40.72 20.70 -44.46
C ILE I 75 -39.84 19.49 -44.23
N ASP I 76 -40.10 18.45 -45.02
CA ASP I 76 -39.50 17.11 -44.87
C ASP I 76 -38.13 17.05 -45.55
N VAL I 77 -37.24 17.94 -45.11
CA VAL I 77 -35.92 18.07 -45.70
C VAL I 77 -34.92 18.38 -44.61
N GLY I 78 -33.71 17.84 -44.74
CA GLY I 78 -32.68 18.09 -43.78
C GLY I 78 -31.32 17.65 -44.29
N SER I 79 -30.35 17.64 -43.38
CA SER I 79 -28.97 17.38 -43.76
C SER I 79 -28.75 15.97 -44.29
N ARG I 80 -29.62 15.01 -43.96
CA ARG I 80 -29.39 13.64 -44.42
C ARG I 80 -29.80 13.42 -45.86
N PHE I 81 -30.22 14.48 -46.55
CA PHE I 81 -30.47 14.46 -47.99
C PHE I 81 -29.41 15.22 -48.78
N GLU I 82 -28.39 15.77 -48.12
CA GLU I 82 -27.32 16.51 -48.79
C GLU I 82 -26.13 15.59 -49.03
N THR I 83 -25.45 15.83 -50.15
CA THR I 83 -24.22 15.15 -50.49
C THR I 83 -23.03 16.01 -50.09
N GLU I 84 -21.84 15.40 -50.12
CA GLU I 84 -20.64 16.11 -49.68
C GLU I 84 -20.37 17.34 -50.53
N LYS I 85 -20.99 17.44 -51.70
CA LYS I 85 -20.78 18.59 -52.58
C LYS I 85 -21.56 19.82 -52.12
N ASN I 86 -22.66 19.63 -51.40
CA ASN I 86 -23.49 20.74 -50.95
C ASN I 86 -23.90 20.59 -49.48
N ASN I 87 -23.20 19.76 -48.73
CA ASN I 87 -23.42 19.66 -47.29
C ASN I 87 -23.30 21.03 -46.65
N GLY I 88 -24.39 21.48 -46.03
CA GLY I 88 -24.45 22.81 -45.43
C GLY I 88 -25.34 23.79 -46.15
N ALA I 89 -26.10 23.36 -47.16
CA ALA I 89 -26.92 24.28 -47.93
C ALA I 89 -28.13 24.78 -47.14
N GLY I 90 -28.79 23.89 -46.40
CA GLY I 90 -29.99 24.28 -45.68
C GLY I 90 -29.74 25.33 -44.62
N TYR I 91 -28.64 25.19 -43.88
CA TYR I 91 -28.23 26.18 -42.89
C TYR I 91 -27.95 27.53 -43.55
N PHE I 92 -27.25 27.50 -44.67
CA PHE I 92 -27.09 28.73 -45.45
C PHE I 92 -28.43 29.37 -45.79
N LEU I 93 -29.35 28.59 -46.36
CA LEU I 93 -30.67 29.12 -46.70
C LEU I 93 -31.39 29.67 -45.47
N GLU I 94 -31.21 29.02 -44.32
CA GLU I 94 -31.85 29.50 -43.10
C GLU I 94 -31.32 30.87 -42.69
N HIS I 95 -30.04 31.14 -43.00
CA HIS I 95 -29.50 32.44 -42.59
C HIS I 95 -30.13 33.61 -43.33
N LEU I 96 -30.52 33.43 -44.60
CA LEU I 96 -31.10 34.52 -45.39
C LEU I 96 -32.55 34.23 -45.78
N ALA I 97 -33.28 33.52 -44.94
CA ALA I 97 -34.69 33.28 -45.21
C ALA I 97 -35.53 34.54 -45.01
N PHE I 98 -35.26 35.29 -43.94
CA PHE I 98 -36.06 36.45 -43.55
C PHE I 98 -35.47 37.76 -44.03
N LYS I 99 -34.60 37.74 -45.04
CA LYS I 99 -33.86 38.94 -45.40
C LYS I 99 -34.47 39.71 -46.56
N GLY I 100 -35.51 39.19 -47.19
CA GLY I 100 -36.24 39.92 -48.21
C GLY I 100 -36.87 38.99 -49.23
N THR I 101 -37.98 39.43 -49.80
CA THR I 101 -38.67 38.76 -50.90
C THR I 101 -38.83 39.76 -52.02
N LYS I 102 -39.25 39.28 -53.20
CA LYS I 102 -39.43 40.23 -54.30
C LYS I 102 -40.53 41.23 -53.95
N ASN I 103 -41.67 40.75 -53.47
CA ASN I 103 -42.76 41.63 -53.09
C ASN I 103 -42.39 42.54 -51.90
N ARG I 104 -41.48 42.10 -51.03
CA ARG I 104 -41.05 42.91 -49.88
C ARG I 104 -39.53 42.96 -49.86
N PRO I 105 -38.94 43.87 -50.63
CA PRO I 105 -37.47 43.99 -50.66
C PRO I 105 -36.93 44.31 -49.27
N GLY I 106 -35.77 43.72 -48.98
CA GLY I 106 -35.00 44.13 -47.82
C GLY I 106 -35.77 44.07 -46.53
N SER I 107 -35.64 45.12 -45.73
CA SER I 107 -36.16 45.11 -44.37
C SER I 107 -37.65 45.40 -44.29
N ALA I 108 -38.34 45.50 -45.43
CA ALA I 108 -39.77 45.76 -45.40
C ALA I 108 -40.52 44.61 -44.70
N LEU I 109 -40.13 43.37 -44.99
CA LEU I 109 -40.74 42.22 -44.35
C LEU I 109 -40.55 42.27 -42.84
N GLU I 110 -39.33 42.58 -42.41
CA GLU I 110 -39.03 42.67 -40.99
C GLU I 110 -39.87 43.75 -40.32
N LYS I 111 -39.98 44.91 -40.96
CA LYS I 111 -40.75 46.01 -40.41
C LYS I 111 -42.23 45.66 -40.32
N GLU I 112 -42.75 44.90 -41.29
CA GLU I 112 -44.18 44.56 -41.22
C GLU I 112 -44.43 43.50 -40.16
N VAL I 113 -43.50 42.57 -39.96
CA VAL I 113 -43.66 41.62 -38.87
C VAL I 113 -43.62 42.36 -37.53
N GLU I 114 -42.66 43.28 -37.37
CA GLU I 114 -42.51 43.96 -36.09
C GLU I 114 -43.63 44.96 -35.82
N SER I 115 -44.29 45.48 -36.86
CA SER I 115 -45.39 46.41 -36.61
C SER I 115 -46.68 45.73 -36.20
N MET I 116 -46.82 44.42 -36.45
CA MET I 116 -47.94 43.67 -35.92
C MET I 116 -47.76 43.28 -34.46
N GLY I 117 -46.52 43.29 -33.98
CA GLY I 117 -46.23 42.74 -32.67
C GLY I 117 -46.04 41.24 -32.66
N ALA I 118 -45.72 40.65 -33.81
CA ALA I 118 -45.59 39.22 -33.96
C ALA I 118 -44.14 38.79 -33.91
N HIS I 119 -43.93 37.47 -33.75
CA HIS I 119 -42.60 36.89 -33.69
C HIS I 119 -42.43 35.86 -34.79
N LEU I 120 -41.20 35.73 -35.28
CA LEU I 120 -40.90 34.88 -36.44
C LEU I 120 -39.65 34.07 -36.16
N ASN I 121 -39.73 32.74 -36.36
CA ASN I 121 -38.61 31.87 -36.01
C ASN I 121 -38.51 30.72 -36.98
N ALA I 122 -37.34 30.05 -36.97
CA ALA I 122 -37.02 28.98 -37.90
C ALA I 122 -36.06 28.01 -37.24
N TYR I 123 -35.96 26.80 -37.82
CA TYR I 123 -34.91 25.88 -37.39
C TYR I 123 -34.73 24.77 -38.43
N SER I 124 -33.66 24.01 -38.23
CA SER I 124 -33.09 23.08 -39.21
C SER I 124 -32.45 21.94 -38.44
N THR I 125 -32.63 20.72 -38.94
CA THR I 125 -32.29 19.52 -38.20
C THR I 125 -31.68 18.51 -39.16
N ARG I 126 -31.07 17.46 -38.59
CA ARG I 126 -30.59 16.33 -39.38
C ARG I 126 -31.65 15.84 -40.36
N GLU I 127 -32.94 16.10 -40.09
CA GLU I 127 -34.02 15.48 -40.86
C GLU I 127 -35.21 16.39 -41.18
N HIS I 128 -35.38 17.54 -40.52
CA HIS I 128 -36.54 18.39 -40.77
C HIS I 128 -36.12 19.85 -40.90
N THR I 129 -37.06 20.67 -41.37
CA THR I 129 -36.90 22.12 -41.39
C THR I 129 -38.25 22.75 -41.02
N ALA I 130 -38.21 23.95 -40.43
CA ALA I 130 -39.46 24.58 -40.02
C ALA I 130 -39.34 26.10 -40.00
N TYR I 131 -40.43 26.76 -40.41
CA TYR I 131 -40.59 28.21 -40.25
C TYR I 131 -41.94 28.49 -39.61
N TYR I 132 -41.98 29.21 -38.49
CA TYR I 132 -43.29 29.56 -37.94
C TYR I 132 -43.35 31.01 -37.43
N ILE I 133 -44.58 31.45 -37.13
CA ILE I 133 -44.91 32.78 -36.66
C ILE I 133 -45.83 32.66 -35.45
N LYS I 134 -45.61 33.51 -34.45
CA LYS I 134 -46.53 33.72 -33.34
C LYS I 134 -47.22 35.06 -33.53
N ALA I 135 -48.54 35.09 -33.34
CA ALA I 135 -49.29 36.31 -33.61
C ALA I 135 -50.62 36.30 -32.87
N LEU I 136 -51.32 37.44 -32.98
CA LEU I 136 -52.70 37.54 -32.57
C LEU I 136 -53.61 36.84 -33.57
N SER I 137 -54.70 36.25 -33.07
CA SER I 137 -55.63 35.55 -33.94
C SER I 137 -56.25 36.46 -34.99
N LYS I 138 -56.28 37.77 -34.73
CA LYS I 138 -56.84 38.71 -35.69
C LYS I 138 -56.05 38.78 -36.99
N ASP I 139 -54.79 38.36 -36.97
CA ASP I 139 -53.87 38.63 -38.06
C ASP I 139 -53.67 37.44 -38.98
N LEU I 140 -54.51 36.42 -38.87
CA LEU I 140 -54.30 35.20 -39.65
C LEU I 140 -54.20 35.46 -41.15
N PRO I 141 -55.05 36.29 -41.77
CA PRO I 141 -54.90 36.52 -43.22
C PRO I 141 -53.53 37.04 -43.61
N LYS I 142 -52.99 38.00 -42.86
CA LYS I 142 -51.64 38.49 -43.15
C LYS I 142 -50.60 37.41 -42.88
N VAL I 143 -50.69 36.77 -41.71
CA VAL I 143 -49.73 35.74 -41.33
C VAL I 143 -49.52 34.77 -42.49
N VAL I 144 -50.59 34.06 -42.88
CA VAL I 144 -50.47 33.08 -43.96
C VAL I 144 -49.86 33.73 -45.19
N GLU I 145 -50.35 34.92 -45.55
CA GLU I 145 -49.79 35.63 -46.69
C GLU I 145 -48.27 35.69 -46.57
N LEU I 146 -47.78 36.31 -45.49
CA LEU I 146 -46.35 36.39 -45.30
C LEU I 146 -45.71 35.00 -45.39
N LEU I 147 -46.33 34.03 -44.73
CA LEU I 147 -45.75 32.69 -44.68
C LEU I 147 -45.63 32.08 -46.07
N GLY I 148 -46.59 32.39 -46.96
CA GLY I 148 -46.47 31.94 -48.33
C GLY I 148 -45.48 32.75 -49.14
N ASP I 149 -45.34 34.03 -48.83
CA ASP I 149 -44.38 34.87 -49.53
C ASP I 149 -42.96 34.44 -49.21
N ILE I 150 -42.72 33.91 -48.02
CA ILE I 150 -41.37 33.55 -47.59
C ILE I 150 -40.89 32.29 -48.30
N VAL I 151 -41.73 31.26 -48.35
CA VAL I 151 -41.28 29.96 -48.86
C VAL I 151 -41.27 29.88 -50.38
N GLN I 152 -41.91 30.82 -51.10
CA GLN I 152 -41.87 30.79 -52.56
C GLN I 152 -41.05 31.91 -53.18
N ASN I 153 -40.73 32.99 -52.47
CA ASN I 153 -40.27 34.20 -53.13
C ASN I 153 -39.12 34.87 -52.39
N CYS I 154 -38.22 34.10 -51.79
CA CYS I 154 -37.02 34.70 -51.22
C CYS I 154 -36.15 35.29 -52.33
N SER I 155 -35.58 36.46 -52.06
CA SER I 155 -34.71 37.14 -53.02
C SER I 155 -33.26 36.80 -52.67
N LEU I 156 -32.71 35.82 -53.36
CA LEU I 156 -31.33 35.39 -53.16
C LEU I 156 -30.40 36.34 -53.91
N GLU I 157 -30.09 37.46 -53.26
CA GLU I 157 -29.24 38.48 -53.86
C GLU I 157 -27.77 38.21 -53.53
N ASP I 158 -26.90 38.49 -54.51
CA ASP I 158 -25.48 38.21 -54.35
C ASP I 158 -24.90 38.92 -53.14
N SER I 159 -25.25 40.20 -52.95
CA SER I 159 -24.73 40.96 -51.82
C SER I 159 -25.08 40.28 -50.50
N GLN I 160 -26.35 39.88 -50.36
CA GLN I 160 -26.78 39.24 -49.13
C GLN I 160 -26.12 37.88 -48.95
N ILE I 161 -25.92 37.15 -50.05
CA ILE I 161 -25.24 35.86 -49.99
C ILE I 161 -23.83 36.04 -49.45
N GLU I 162 -23.10 37.05 -49.94
CA GLU I 162 -21.74 37.26 -49.48
C GLU I 162 -21.71 37.71 -48.02
N LYS I 163 -22.68 38.55 -47.62
CA LYS I 163 -22.73 38.95 -46.21
C LYS I 163 -22.96 37.73 -45.32
N GLU I 164 -23.88 36.84 -45.70
CA GLU I 164 -24.11 35.64 -44.92
C GLU I 164 -22.89 34.74 -44.92
N ARG I 165 -22.18 34.67 -46.05
CA ARG I 165 -20.96 33.87 -46.11
C ARG I 165 -19.96 34.35 -45.08
N ASP I 166 -19.71 35.65 -45.06
CA ASP I 166 -18.78 36.20 -44.07
C ASP I 166 -19.26 35.92 -42.65
N VAL I 167 -20.56 36.09 -42.41
CA VAL I 167 -21.08 35.89 -41.06
C VAL I 167 -20.88 34.44 -40.61
N ILE I 168 -21.20 33.49 -41.47
CA ILE I 168 -21.07 32.07 -41.10
C ILE I 168 -19.61 31.70 -40.90
N LEU I 169 -18.71 32.20 -41.76
CA LEU I 169 -17.30 31.93 -41.56
C LEU I 169 -16.81 32.49 -40.23
N ARG I 170 -17.21 33.72 -39.90
CA ARG I 170 -16.84 34.31 -38.62
C ARG I 170 -17.40 33.47 -37.47
N GLU I 171 -18.62 32.98 -37.62
CA GLU I 171 -19.30 32.20 -36.61
C GLU I 171 -18.67 30.82 -36.44
N MET I 172 -17.94 30.34 -37.45
CA MET I 172 -17.21 29.08 -37.36
C MET I 172 -15.77 29.24 -36.91
N GLN I 173 -15.18 30.42 -37.11
CA GLN I 173 -13.75 30.59 -36.84
C GLN I 173 -13.42 30.31 -35.38
N GLU I 174 -14.05 31.03 -34.46
CA GLU I 174 -13.76 30.91 -33.05
C GLU I 174 -14.54 29.74 -32.44
N ASN I 175 -14.05 29.26 -31.30
CA ASN I 175 -14.62 28.06 -30.66
C ASN I 175 -15.95 28.42 -30.00
N ASP I 176 -16.94 28.71 -30.85
CA ASP I 176 -18.29 29.09 -30.43
C ASP I 176 -19.21 27.90 -30.27
N ALA I 177 -18.70 26.72 -29.95
CA ALA I 177 -19.53 25.54 -29.78
C ALA I 177 -19.44 25.05 -28.34
N SER I 178 -20.56 24.60 -27.82
CA SER I 178 -20.61 23.99 -26.49
C SER I 178 -20.13 22.54 -26.57
N MET I 179 -19.48 22.09 -25.50
CA MET I 179 -18.87 20.76 -25.51
C MET I 179 -19.90 19.66 -25.72
N ARG I 180 -21.12 19.86 -25.21
CA ARG I 180 -22.19 18.89 -25.43
C ARG I 180 -22.45 18.68 -26.92
N ASP I 181 -22.61 19.79 -27.65
CA ASP I 181 -22.80 19.71 -29.10
C ASP I 181 -21.64 19.00 -29.77
N VAL I 182 -20.42 19.29 -29.31
CA VAL I 182 -19.23 18.65 -29.88
C VAL I 182 -19.33 17.13 -29.75
N VAL I 183 -19.65 16.64 -28.54
CA VAL I 183 -19.62 15.19 -28.35
C VAL I 183 -20.78 14.51 -29.09
N PHE I 184 -21.92 15.19 -29.20
CA PHE I 184 -23.02 14.56 -29.93
C PHE I 184 -22.73 14.51 -31.44
N ASP I 185 -22.07 15.55 -31.97
CA ASP I 185 -21.66 15.51 -33.36
C ASP I 185 -20.64 14.38 -33.60
N TYR I 186 -19.70 14.22 -32.66
CA TYR I 186 -18.72 13.14 -32.77
C TYR I 186 -19.41 11.78 -32.74
N LEU I 187 -20.44 11.64 -31.90
CA LEU I 187 -21.17 10.37 -31.81
C LEU I 187 -21.83 10.03 -33.12
N HIS I 188 -22.53 11.00 -33.72
CA HIS I 188 -23.16 10.72 -35.01
C HIS I 188 -22.11 10.36 -36.04
N ALA I 189 -20.94 10.99 -35.99
CA ALA I 189 -19.92 10.74 -37.00
C ALA I 189 -19.37 9.32 -36.90
N THR I 190 -19.14 8.84 -35.68
CA THR I 190 -18.59 7.50 -35.54
C THR I 190 -19.63 6.41 -35.77
N ALA I 191 -20.87 6.66 -35.32
CA ALA I 191 -21.93 5.63 -35.39
C ALA I 191 -22.40 5.36 -36.82
N PHE I 192 -22.59 6.42 -37.60
CA PHE I 192 -23.15 6.42 -38.94
C PHE I 192 -22.12 6.77 -40.01
N GLN I 193 -20.85 6.43 -39.75
CA GLN I 193 -19.76 6.68 -40.69
C GLN I 193 -20.03 6.00 -42.03
N GLY I 194 -19.67 6.70 -43.12
CA GLY I 194 -19.90 6.24 -44.46
C GLY I 194 -21.34 6.33 -44.94
N THR I 195 -22.18 7.05 -44.22
CA THR I 195 -23.61 7.17 -44.46
C THR I 195 -23.99 8.63 -44.28
N PRO I 196 -25.09 9.08 -44.89
CA PRO I 196 -25.36 10.53 -44.87
C PRO I 196 -25.62 11.10 -43.48
N LEU I 197 -26.11 10.28 -42.54
CA LEU I 197 -26.42 10.76 -41.20
C LEU I 197 -25.19 11.15 -40.38
N ALA I 198 -24.00 10.70 -40.79
CA ALA I 198 -22.77 11.08 -40.07
C ALA I 198 -22.48 12.58 -40.20
N GLN I 199 -22.92 13.20 -41.29
CA GLN I 199 -22.58 14.59 -41.61
C GLN I 199 -23.42 15.58 -40.80
N THR I 200 -22.81 16.74 -40.49
CA THR I 200 -23.40 17.78 -39.64
C THR I 200 -24.33 18.72 -40.42
N VAL I 201 -25.19 19.44 -39.67
CA VAL I 201 -26.14 20.36 -40.27
C VAL I 201 -25.41 21.57 -40.86
N GLU I 202 -24.45 22.12 -40.12
CA GLU I 202 -23.71 23.29 -40.59
C GLU I 202 -22.78 22.94 -41.75
N GLY I 203 -22.16 21.76 -41.72
CA GLY I 203 -21.21 21.37 -42.73
C GLY I 203 -19.81 21.90 -42.48
N PRO I 204 -18.88 21.58 -43.36
CA PRO I 204 -17.50 22.04 -43.17
C PRO I 204 -17.34 23.49 -43.61
N SER I 205 -16.30 24.12 -43.08
CA SER I 205 -16.03 25.51 -43.46
C SER I 205 -15.58 25.61 -44.91
N GLU I 206 -14.72 24.68 -45.34
CA GLU I 206 -14.35 24.57 -46.75
C GLU I 206 -15.53 24.69 -47.71
N ASN I 207 -16.73 24.31 -47.28
CA ASN I 207 -17.89 24.37 -48.17
C ASN I 207 -18.56 25.73 -48.18
N VAL I 208 -18.69 26.38 -47.02
CA VAL I 208 -19.37 27.67 -46.98
C VAL I 208 -18.58 28.73 -47.72
N ARG I 209 -17.25 28.61 -47.79
CA ARG I 209 -16.45 29.54 -48.57
C ARG I 209 -16.49 29.22 -50.07
N LYS I 210 -17.33 28.30 -50.50
CA LYS I 210 -17.30 27.79 -51.86
C LYS I 210 -18.68 27.51 -52.44
N LEU I 211 -19.75 27.72 -51.69
CA LEU I 211 -21.11 27.46 -52.15
C LEU I 211 -21.62 28.67 -52.93
N SER I 212 -22.39 28.42 -53.97
CA SER I 212 -22.81 29.45 -54.91
C SER I 212 -24.34 29.54 -54.99
N ARG I 213 -24.80 30.62 -55.63
CA ARG I 213 -26.23 30.83 -55.81
C ARG I 213 -26.86 29.70 -56.61
N ALA I 214 -26.12 29.16 -57.59
CA ALA I 214 -26.62 28.03 -58.35
C ALA I 214 -26.95 26.86 -57.44
N ASP I 215 -26.06 26.57 -56.48
CA ASP I 215 -26.30 25.48 -55.54
C ASP I 215 -27.55 25.74 -54.72
N LEU I 216 -27.73 26.97 -54.23
CA LEU I 216 -28.88 27.28 -53.40
C LEU I 216 -30.18 27.09 -54.18
N THR I 217 -30.24 27.65 -55.41
CA THR I 217 -31.47 27.54 -56.19
C THR I 217 -31.74 26.10 -56.61
N GLU I 218 -30.70 25.33 -56.92
CA GLU I 218 -30.89 23.92 -57.24
C GLU I 218 -31.44 23.16 -56.04
N TYR I 219 -30.87 23.41 -54.86
CA TYR I 219 -31.37 22.81 -53.64
C TYR I 219 -32.87 23.07 -53.48
N LEU I 220 -33.27 24.34 -53.57
CA LEU I 220 -34.68 24.67 -53.42
C LEU I 220 -35.52 23.98 -54.47
N SER I 221 -35.17 24.13 -55.75
CA SER I 221 -35.97 23.51 -56.80
C SER I 221 -36.13 22.01 -56.59
N THR I 222 -35.10 21.34 -56.06
CA THR I 222 -35.18 19.88 -55.95
C THR I 222 -35.89 19.37 -54.73
N HIS I 223 -35.91 20.15 -53.63
CA HIS I 223 -36.43 19.60 -52.38
C HIS I 223 -37.71 20.24 -51.88
N TYR I 224 -38.04 21.46 -52.31
CA TYR I 224 -39.14 22.22 -51.74
C TYR I 224 -40.41 22.04 -52.57
N LYS I 225 -40.98 20.84 -52.48
CA LYS I 225 -42.14 20.45 -53.26
C LYS I 225 -43.33 20.22 -52.34
N ALA I 226 -44.51 20.65 -52.80
CA ALA I 226 -45.76 20.59 -52.04
C ALA I 226 -45.99 19.27 -51.27
N PRO I 227 -45.92 18.09 -51.87
CA PRO I 227 -46.23 16.88 -51.11
C PRO I 227 -45.25 16.56 -50.00
N ARG I 228 -44.22 17.39 -49.79
CA ARG I 228 -43.30 17.25 -48.66
C ARG I 228 -43.54 18.29 -47.59
N MET I 229 -44.62 19.07 -47.67
CA MET I 229 -44.83 20.21 -46.81
C MET I 229 -46.10 20.04 -45.99
N VAL I 230 -46.10 20.64 -44.80
CA VAL I 230 -47.27 20.66 -43.93
C VAL I 230 -47.49 22.08 -43.45
N LEU I 231 -48.75 22.53 -43.49
CA LEU I 231 -49.14 23.83 -42.92
C LEU I 231 -49.93 23.56 -41.65
N ALA I 232 -49.38 23.95 -40.50
CA ALA I 232 -49.93 23.59 -39.21
C ALA I 232 -50.31 24.85 -38.42
N ALA I 233 -51.38 24.74 -37.65
CA ALA I 233 -51.85 25.87 -36.87
C ALA I 233 -52.44 25.43 -35.55
N ALA I 234 -52.17 26.21 -34.50
CA ALA I 234 -52.77 25.96 -33.20
C ALA I 234 -53.17 27.27 -32.56
N GLY I 235 -54.25 27.23 -31.78
CA GLY I 235 -54.72 28.41 -31.09
C GLY I 235 -56.14 28.78 -31.52
N GLY I 236 -56.40 30.08 -31.58
CA GLY I 236 -57.70 30.56 -31.99
C GLY I 236 -57.85 30.63 -33.48
N VAL I 237 -57.73 29.49 -34.15
CA VAL I 237 -57.76 29.40 -35.60
C VAL I 237 -58.89 28.46 -36.01
N GLU I 238 -59.71 28.89 -36.97
CA GLU I 238 -60.71 28.03 -37.56
C GLU I 238 -60.14 27.33 -38.79
N HIS I 239 -60.50 26.06 -38.95
CA HIS I 239 -59.84 25.20 -39.93
C HIS I 239 -60.19 25.60 -41.36
N GLN I 240 -61.46 25.90 -41.62
CA GLN I 240 -61.88 26.20 -42.99
C GLN I 240 -61.31 27.53 -43.48
N GLN I 241 -61.21 28.51 -42.58
CA GLN I 241 -60.56 29.77 -42.94
C GLN I 241 -59.10 29.54 -43.30
N LEU I 242 -58.40 28.73 -42.50
CA LEU I 242 -57.02 28.39 -42.80
C LEU I 242 -56.92 27.69 -44.15
N LEU I 243 -57.88 26.82 -44.47
CA LEU I 243 -57.84 26.10 -45.74
C LEU I 243 -58.06 27.03 -46.93
N ASP I 244 -59.00 27.96 -46.80
CA ASP I 244 -59.19 28.97 -47.85
C ASP I 244 -57.91 29.77 -48.07
N LEU I 245 -57.31 30.27 -46.98
CA LEU I 245 -56.08 31.04 -47.11
C LEU I 245 -54.96 30.19 -47.71
N ALA I 246 -54.92 28.91 -47.37
CA ALA I 246 -53.91 28.02 -47.92
C ALA I 246 -54.06 27.88 -49.42
N GLN I 247 -55.30 27.68 -49.89
CA GLN I 247 -55.50 27.62 -51.34
C GLN I 247 -55.11 28.94 -52.00
N LYS I 248 -55.39 30.07 -51.33
CA LYS I 248 -55.11 31.35 -51.95
C LYS I 248 -53.61 31.63 -52.05
N HIS I 249 -52.84 31.28 -51.02
CA HIS I 249 -51.46 31.74 -50.92
C HIS I 249 -50.40 30.64 -51.08
N LEU I 250 -50.80 29.36 -51.05
CA LEU I 250 -49.86 28.25 -51.15
C LEU I 250 -50.22 27.26 -52.25
N GLY I 251 -51.32 27.46 -52.96
CA GLY I 251 -51.80 26.48 -53.91
C GLY I 251 -51.04 26.40 -55.21
N ASP I 252 -50.16 27.37 -55.46
CA ASP I 252 -49.37 27.40 -56.68
C ASP I 252 -48.00 26.75 -56.51
N ILE I 253 -47.69 26.21 -55.34
CA ILE I 253 -46.43 25.49 -55.16
C ILE I 253 -46.46 24.21 -55.99
N PRO I 254 -45.42 23.92 -56.78
CA PRO I 254 -45.49 22.77 -57.69
C PRO I 254 -45.36 21.44 -56.94
N TRP I 255 -45.66 20.38 -57.68
CA TRP I 255 -45.67 19.04 -57.10
C TRP I 255 -45.03 17.99 -57.98
N THR I 256 -44.64 18.32 -59.21
CA THR I 256 -44.12 17.34 -60.16
C THR I 256 -42.63 17.17 -59.95
N TYR I 257 -42.23 16.08 -59.29
CA TYR I 257 -40.80 15.83 -59.16
C TYR I 257 -40.29 15.50 -60.56
N ALA I 258 -39.17 16.15 -60.93
CA ALA I 258 -38.74 16.18 -62.30
C ALA I 258 -37.44 15.41 -62.47
N GLU I 259 -37.43 14.46 -63.41
CA GLU I 259 -36.23 13.74 -63.78
C GLU I 259 -35.75 12.89 -62.63
N ASP I 260 -36.57 12.73 -61.59
CA ASP I 260 -36.12 12.17 -60.35
C ASP I 260 -34.79 12.80 -59.96
N THR I 261 -34.78 14.15 -60.09
CA THR I 261 -33.58 14.93 -59.88
C THR I 261 -33.04 14.79 -58.47
N MET I 262 -33.85 14.26 -57.57
CA MET I 262 -33.47 14.02 -56.20
C MET I 262 -32.20 13.17 -56.14
N PRO I 263 -31.26 13.49 -55.25
CA PRO I 263 -29.97 12.79 -55.25
C PRO I 263 -30.09 11.37 -54.76
N ALA I 264 -29.27 10.49 -55.35
CA ALA I 264 -29.10 9.13 -54.83
C ALA I 264 -28.22 9.14 -53.61
N LEU I 265 -28.56 8.35 -52.59
CA LEU I 265 -27.69 8.28 -51.42
C LEU I 265 -27.63 6.92 -50.71
N THR I 266 -26.56 6.76 -49.90
CA THR I 266 -26.17 5.51 -49.27
C THR I 266 -27.20 5.02 -48.24
N PRO I 267 -27.49 3.71 -48.19
CA PRO I 267 -28.39 3.18 -47.15
C PRO I 267 -27.78 3.15 -45.76
N CYS I 268 -28.64 3.00 -44.73
CA CYS I 268 -28.28 3.11 -43.32
C CYS I 268 -27.43 1.93 -42.81
N ARG I 269 -26.45 2.26 -41.94
CA ARG I 269 -25.66 1.27 -41.22
C ARG I 269 -25.11 1.85 -39.92
N PHE I 270 -25.05 1.02 -38.85
CA PHE I 270 -24.55 1.47 -37.54
C PHE I 270 -23.29 0.68 -37.22
N THR I 271 -22.25 1.36 -36.74
CA THR I 271 -20.95 0.75 -36.49
C THR I 271 -20.58 0.91 -35.03
N GLY I 272 -20.15 -0.19 -34.40
CA GLY I 272 -19.58 -0.10 -33.07
C GLY I 272 -18.14 0.38 -33.12
N SER I 273 -17.88 1.54 -32.54
CA SER I 273 -16.64 2.26 -32.78
C SER I 273 -16.45 3.32 -31.71
N GLU I 274 -15.25 3.91 -31.64
CA GLU I 274 -14.99 5.00 -30.72
C GLU I 274 -14.22 6.14 -31.41
N ILE I 275 -14.50 7.37 -30.96
CA ILE I 275 -13.72 8.56 -31.28
C ILE I 275 -13.26 9.19 -29.97
N ARG I 276 -11.96 9.47 -29.86
CA ARG I 276 -11.36 10.04 -28.66
C ARG I 276 -10.57 11.29 -29.02
N HIS I 277 -10.95 12.42 -28.42
CA HIS I 277 -10.25 13.70 -28.60
C HIS I 277 -9.72 14.14 -27.24
N ARG I 278 -8.41 14.05 -27.04
CA ARG I 278 -7.79 14.29 -25.74
C ARG I 278 -7.29 15.72 -25.62
N ASP I 279 -7.66 16.37 -24.52
CA ASP I 279 -7.21 17.73 -24.23
C ASP I 279 -7.23 17.88 -22.71
N ASP I 280 -6.08 17.68 -22.08
CA ASP I 280 -5.95 17.67 -20.63
C ASP I 280 -6.00 19.05 -20.00
N ALA I 281 -6.27 20.09 -20.77
CA ALA I 281 -6.41 21.44 -20.22
C ALA I 281 -7.86 21.80 -19.91
N LEU I 282 -8.81 21.08 -20.49
CA LEU I 282 -10.21 21.37 -20.20
C LEU I 282 -10.55 20.90 -18.79
N PRO I 283 -11.41 21.62 -18.07
CA PRO I 283 -11.67 21.25 -16.67
C PRO I 283 -12.19 19.83 -16.47
N PHE I 284 -13.09 19.36 -17.33
CA PHE I 284 -13.88 18.17 -17.01
C PHE I 284 -14.00 17.34 -18.28
N ALA I 285 -14.28 16.05 -18.11
CA ALA I 285 -14.41 15.14 -19.23
C ALA I 285 -15.88 14.95 -19.60
N HIS I 286 -16.18 15.02 -20.89
CA HIS I 286 -17.50 14.76 -21.44
C HIS I 286 -17.48 13.43 -22.18
N VAL I 287 -18.57 12.67 -22.04
CA VAL I 287 -18.63 11.30 -22.54
C VAL I 287 -20.06 11.03 -23.00
N ALA I 288 -20.18 10.30 -24.12
CA ALA I 288 -21.46 9.85 -24.63
C ALA I 288 -21.33 8.43 -25.16
N ILE I 289 -22.30 7.59 -24.84
CA ILE I 289 -22.29 6.18 -25.26
C ILE I 289 -23.70 5.77 -25.66
N ALA I 290 -23.85 5.27 -26.89
CA ALA I 290 -25.13 4.75 -27.37
C ALA I 290 -25.04 3.34 -27.95
N VAL I 291 -26.24 2.75 -28.13
CA VAL I 291 -26.49 1.64 -29.04
C VAL I 291 -27.52 2.11 -30.07
N GLU I 292 -27.90 1.23 -31.00
CA GLU I 292 -28.82 1.60 -32.07
C GLU I 292 -30.27 1.39 -31.64
N GLY I 293 -31.08 2.44 -31.82
CA GLY I 293 -32.50 2.39 -31.54
C GLY I 293 -33.33 2.05 -32.77
N PRO I 294 -34.65 1.85 -32.58
CA PRO I 294 -35.45 1.27 -33.66
C PRO I 294 -36.07 2.23 -34.69
N GLY I 295 -36.21 3.50 -34.32
CA GLY I 295 -36.76 4.51 -35.21
C GLY I 295 -38.17 4.93 -34.79
N TRP I 296 -38.69 5.90 -35.54
CA TRP I 296 -39.98 6.51 -35.21
C TRP I 296 -41.10 5.49 -35.21
N ALA I 297 -41.12 4.61 -36.20
CA ALA I 297 -42.33 3.83 -36.51
C ALA I 297 -42.61 2.73 -35.49
N SER I 298 -41.56 2.12 -34.92
CA SER I 298 -41.76 0.95 -34.09
C SER I 298 -42.57 1.27 -32.83
N PRO I 299 -43.34 0.27 -32.33
CA PRO I 299 -44.01 0.42 -31.03
C PRO I 299 -43.04 0.46 -29.85
N ASP I 300 -41.93 -0.28 -29.94
CA ASP I 300 -41.10 -0.54 -28.78
C ASP I 300 -40.69 0.76 -28.08
N ASN I 301 -40.67 1.87 -28.81
CA ASN I 301 -40.21 3.12 -28.24
C ASN I 301 -40.83 3.33 -26.87
N VAL I 302 -42.14 3.12 -26.74
CA VAL I 302 -42.79 3.45 -25.47
C VAL I 302 -42.07 2.77 -24.33
N ALA I 303 -41.93 1.44 -24.41
CA ALA I 303 -41.29 0.70 -23.34
C ALA I 303 -39.91 1.27 -23.05
N LEU I 304 -39.13 1.54 -24.10
CA LEU I 304 -37.80 2.08 -23.90
C LEU I 304 -37.86 3.34 -23.05
N GLN I 305 -38.74 4.28 -23.41
CA GLN I 305 -38.83 5.50 -22.63
C GLN I 305 -39.02 5.19 -21.16
N VAL I 306 -39.86 4.21 -20.85
CA VAL I 306 -40.09 3.86 -19.44
C VAL I 306 -38.75 3.49 -18.80
N ALA I 307 -38.08 2.49 -19.37
CA ALA I 307 -36.70 2.19 -18.99
C ALA I 307 -35.88 3.46 -18.74
N ASN I 308 -35.85 4.39 -19.69
CA ASN I 308 -35.05 5.59 -19.49
C ASN I 308 -35.43 6.27 -18.18
N ALA I 309 -36.73 6.48 -17.97
CA ALA I 309 -37.19 7.18 -16.78
C ALA I 309 -36.73 6.48 -15.50
N ILE I 310 -36.54 5.16 -15.54
CA ILE I 310 -36.11 4.45 -14.33
C ILE I 310 -34.67 4.80 -14.00
N ILE I 311 -33.81 4.92 -15.01
CA ILE I 311 -32.40 5.17 -14.76
C ILE I 311 -32.16 6.64 -14.47
N GLY I 312 -32.76 7.53 -15.25
CA GLY I 312 -32.61 8.95 -15.05
C GLY I 312 -33.14 9.75 -16.23
N LYS I 336 -23.89 10.53 -5.07
CA LYS I 336 -23.66 10.40 -6.50
C LYS I 336 -22.17 10.52 -6.79
N LEU I 337 -21.78 10.24 -8.02
CA LEU I 337 -20.39 10.38 -8.45
C LEU I 337 -20.04 11.76 -8.99
N CYS I 338 -20.68 12.19 -10.08
CA CYS I 338 -20.23 13.30 -10.89
C CYS I 338 -21.30 14.40 -10.96
N GLN I 339 -20.97 15.47 -11.69
CA GLN I 339 -21.78 16.68 -11.70
C GLN I 339 -23.07 16.50 -12.50
N SER I 340 -23.00 15.88 -13.68
CA SER I 340 -24.14 15.91 -14.60
C SER I 340 -24.23 14.63 -15.42
N PHE I 341 -25.48 14.21 -15.67
CA PHE I 341 -25.81 12.90 -16.23
C PHE I 341 -27.18 12.96 -16.88
N GLN I 342 -27.34 12.27 -18.02
CA GLN I 342 -28.63 12.16 -18.68
C GLN I 342 -28.69 10.90 -19.53
N THR I 343 -29.91 10.44 -19.77
CA THR I 343 -30.22 9.39 -20.75
C THR I 343 -30.98 10.01 -21.90
N PHE I 344 -30.92 9.35 -23.06
CA PHE I 344 -31.54 9.92 -24.25
C PHE I 344 -31.91 8.84 -25.27
N SER I 345 -32.93 9.18 -26.05
CA SER I 345 -33.32 8.47 -27.26
C SER I 345 -33.45 9.49 -28.38
N ILE I 346 -32.81 9.21 -29.51
CA ILE I 346 -32.83 10.07 -30.68
C ILE I 346 -33.30 9.23 -31.85
N CYS I 347 -34.46 9.57 -32.42
CA CYS I 347 -35.10 8.74 -33.42
C CYS I 347 -34.89 9.32 -34.82
N TYR I 348 -34.78 8.40 -35.79
CA TYR I 348 -34.81 8.79 -37.19
C TYR I 348 -35.84 7.94 -37.93
N ALA I 349 -35.86 7.97 -39.26
CA ALA I 349 -36.86 7.20 -39.99
C ALA I 349 -36.66 5.71 -39.80
N ASP I 350 -35.44 5.21 -39.98
CA ASP I 350 -35.16 3.77 -39.94
C ASP I 350 -34.17 3.37 -38.86
N THR I 351 -33.72 4.30 -38.02
CA THR I 351 -32.68 3.99 -37.07
C THR I 351 -32.71 5.05 -35.97
N GLY I 352 -31.77 4.95 -35.04
CA GLY I 352 -31.72 5.88 -33.93
C GLY I 352 -30.56 5.57 -33.02
N LEU I 353 -30.40 6.44 -32.02
CA LEU I 353 -29.39 6.30 -30.98
C LEU I 353 -30.07 6.23 -29.62
N LEU I 354 -29.65 5.28 -28.80
CA LEU I 354 -30.24 5.06 -27.48
C LEU I 354 -29.09 4.95 -26.49
N GLY I 355 -28.97 5.91 -25.59
CA GLY I 355 -27.80 5.92 -24.73
C GLY I 355 -27.78 6.95 -23.63
N ALA I 356 -26.57 7.38 -23.25
CA ALA I 356 -26.42 8.27 -22.11
C ALA I 356 -25.21 9.18 -22.32
N HIS I 357 -25.24 10.29 -21.58
CA HIS I 357 -24.24 11.35 -21.67
C HIS I 357 -23.92 11.83 -20.26
N PHE I 358 -22.63 12.06 -19.98
CA PHE I 358 -22.26 12.56 -18.66
C PHE I 358 -20.96 13.33 -18.65
N VAL I 359 -20.79 14.09 -17.57
CA VAL I 359 -19.61 14.90 -17.31
C VAL I 359 -19.00 14.44 -16.00
N CYS I 360 -17.67 14.31 -15.97
CA CYS I 360 -16.99 13.84 -14.76
C CYS I 360 -15.68 14.58 -14.56
N ASP I 361 -15.27 14.63 -13.29
CA ASP I 361 -13.86 14.82 -12.96
C ASP I 361 -13.03 13.69 -13.56
N ARG I 362 -11.78 14.00 -13.90
CA ARG I 362 -10.96 13.07 -14.67
C ARG I 362 -10.65 11.78 -13.92
N MET I 363 -10.67 11.80 -12.58
CA MET I 363 -10.36 10.64 -11.77
C MET I 363 -11.56 9.75 -11.50
N LYS I 364 -12.75 10.09 -12.02
CA LYS I 364 -13.96 9.34 -11.73
C LYS I 364 -14.72 9.00 -13.00
N ILE I 365 -14.01 8.67 -14.08
CA ILE I 365 -14.71 8.24 -15.29
C ILE I 365 -15.02 6.75 -15.21
N ASP I 366 -14.09 5.97 -14.67
CA ASP I 366 -14.21 4.51 -14.68
C ASP I 366 -15.38 4.04 -13.84
N ASP I 367 -15.40 4.44 -12.56
CA ASP I 367 -16.54 4.18 -11.69
C ASP I 367 -17.87 4.54 -12.34
N MET I 368 -17.96 5.72 -12.95
CA MET I 368 -19.24 6.14 -13.53
C MET I 368 -19.66 5.21 -14.66
N MET I 369 -18.72 4.85 -15.54
CA MET I 369 -19.04 3.88 -16.58
C MET I 369 -19.52 2.57 -15.98
N PHE I 370 -18.85 2.12 -14.92
CA PHE I 370 -19.25 0.89 -14.24
C PHE I 370 -20.69 0.97 -13.76
N VAL I 371 -21.03 2.07 -13.07
CA VAL I 371 -22.37 2.25 -12.53
C VAL I 371 -23.41 2.22 -13.65
N LEU I 372 -23.14 2.94 -14.73
CA LEU I 372 -24.11 3.04 -15.82
C LEU I 372 -24.37 1.67 -16.45
N GLN I 373 -23.29 0.98 -16.84
CA GLN I 373 -23.47 -0.32 -17.46
C GLN I 373 -24.10 -1.34 -16.51
N GLY I 374 -23.82 -1.20 -15.21
CA GLY I 374 -24.47 -2.08 -14.25
C GLY I 374 -25.97 -1.87 -14.18
N GLN I 375 -26.42 -0.61 -14.23
CA GLN I 375 -27.85 -0.35 -14.27
C GLN I 375 -28.49 -0.95 -15.53
N TRP I 376 -27.80 -0.82 -16.66
CA TRP I 376 -28.32 -1.45 -17.88
C TRP I 376 -28.52 -2.95 -17.69
N MET I 377 -27.46 -3.64 -17.24
CA MET I 377 -27.58 -5.08 -17.04
C MET I 377 -28.68 -5.41 -16.05
N ARG I 378 -28.80 -4.62 -14.98
CA ARG I 378 -29.88 -4.84 -14.01
C ARG I 378 -31.23 -4.82 -14.70
N LEU I 379 -31.52 -3.78 -15.48
CA LEU I 379 -32.82 -3.73 -16.14
C LEU I 379 -33.01 -4.90 -17.07
N CYS I 380 -31.96 -5.31 -17.78
CA CYS I 380 -32.15 -6.41 -18.73
C CYS I 380 -32.49 -7.70 -18.00
N THR I 381 -31.87 -7.94 -16.85
CA THR I 381 -32.04 -9.22 -16.17
C THR I 381 -33.03 -9.18 -15.00
N SER I 382 -33.12 -8.09 -14.22
CA SER I 382 -33.75 -8.22 -12.91
C SER I 382 -34.85 -7.20 -12.65
N ALA I 383 -35.57 -6.71 -13.66
CA ALA I 383 -36.46 -5.60 -13.33
C ALA I 383 -37.62 -6.10 -12.48
N THR I 384 -38.29 -5.16 -11.80
CA THR I 384 -39.43 -5.46 -10.95
C THR I 384 -40.55 -4.47 -11.19
N GLU I 385 -41.74 -4.81 -10.70
CA GLU I 385 -42.95 -4.06 -11.01
C GLU I 385 -42.93 -2.67 -10.35
N SER I 386 -42.43 -2.59 -9.12
CA SER I 386 -42.57 -1.38 -8.33
C SER I 386 -41.90 -0.18 -9.00
N GLU I 387 -40.71 -0.38 -9.57
CA GLU I 387 -39.99 0.72 -10.21
C GLU I 387 -40.61 1.10 -11.55
N VAL I 388 -40.94 0.10 -12.36
CA VAL I 388 -41.69 0.26 -13.61
C VAL I 388 -42.91 1.14 -13.43
N ALA I 389 -43.69 0.94 -12.36
CA ALA I 389 -44.84 1.80 -12.12
C ALA I 389 -44.42 3.27 -12.02
N ARG I 390 -43.33 3.52 -11.29
CA ARG I 390 -42.87 4.89 -11.11
C ARG I 390 -42.47 5.49 -12.44
N GLY I 391 -41.76 4.71 -13.25
CA GLY I 391 -41.34 5.18 -14.56
C GLY I 391 -42.52 5.53 -15.45
N LYS I 392 -43.56 4.70 -15.42
CA LYS I 392 -44.75 4.99 -16.20
C LYS I 392 -45.39 6.32 -15.76
N ASN I 393 -45.36 6.58 -14.45
CA ASN I 393 -45.97 7.83 -13.99
C ASN I 393 -45.14 9.04 -14.41
N ILE I 394 -43.82 8.91 -14.33
CA ILE I 394 -42.94 9.97 -14.81
C ILE I 394 -43.19 10.25 -16.29
N LEU I 395 -43.34 9.19 -17.09
CA LEU I 395 -43.60 9.38 -18.52
C LEU I 395 -44.95 10.06 -18.77
N ARG I 396 -45.99 9.64 -18.06
CA ARG I 396 -47.27 10.34 -18.16
C ARG I 396 -47.10 11.84 -17.90
N ASN I 397 -46.44 12.17 -16.79
CA ASN I 397 -46.29 13.58 -16.43
C ASN I 397 -45.54 14.34 -17.51
N ALA I 398 -44.49 13.75 -18.08
CA ALA I 398 -43.74 14.43 -19.13
C ALA I 398 -44.63 14.72 -20.33
N LEU I 399 -45.32 13.69 -20.83
CA LEU I 399 -46.15 13.88 -22.01
C LEU I 399 -47.13 15.01 -21.81
N VAL I 400 -47.82 15.03 -20.67
CA VAL I 400 -48.84 16.07 -20.52
C VAL I 400 -48.21 17.42 -20.24
N SER I 401 -47.03 17.47 -19.62
CA SER I 401 -46.40 18.76 -19.33
C SER I 401 -45.92 19.44 -20.59
N HIS I 402 -45.44 18.68 -21.57
CA HIS I 402 -44.83 19.30 -22.75
C HIS I 402 -45.83 20.16 -23.53
N LEU I 403 -47.07 19.69 -23.67
CA LEU I 403 -48.05 20.31 -24.56
C LEU I 403 -48.80 21.42 -23.84
N ASP I 404 -48.06 22.48 -23.50
CA ASP I 404 -48.62 23.64 -22.81
C ASP I 404 -48.32 24.88 -23.64
N GLY I 405 -49.37 25.54 -24.10
CA GLY I 405 -49.24 26.68 -24.99
C GLY I 405 -49.32 26.28 -26.45
N THR I 406 -49.55 27.29 -27.30
CA THR I 406 -49.82 26.99 -28.70
C THR I 406 -48.58 26.50 -29.43
N THR I 407 -47.46 27.24 -29.33
CA THR I 407 -46.22 26.83 -29.99
C THR I 407 -45.89 25.33 -29.88
N PRO I 408 -45.73 24.74 -28.69
CA PRO I 408 -45.42 23.30 -28.67
C PRO I 408 -46.46 22.46 -29.38
N VAL I 409 -47.73 22.86 -29.33
CA VAL I 409 -48.80 22.05 -29.91
C VAL I 409 -48.73 22.08 -31.44
N CYS I 410 -48.68 23.28 -32.01
CA CYS I 410 -48.38 23.47 -33.44
C CYS I 410 -47.17 22.61 -33.87
N GLU I 411 -46.08 22.71 -33.11
CA GLU I 411 -44.86 21.96 -33.44
C GLU I 411 -45.12 20.46 -33.44
N ASP I 412 -45.89 19.99 -32.46
CA ASP I 412 -46.22 18.58 -32.38
C ASP I 412 -47.04 18.14 -33.60
N ILE I 413 -48.02 18.96 -33.99
CA ILE I 413 -48.81 18.65 -35.19
C ILE I 413 -47.89 18.47 -36.40
N GLY I 414 -47.01 19.44 -36.63
CA GLY I 414 -46.15 19.35 -37.81
C GLY I 414 -45.25 18.14 -37.79
N ARG I 415 -44.49 17.98 -36.71
CA ARG I 415 -43.57 16.85 -36.61
C ARG I 415 -44.32 15.53 -36.75
N SER I 416 -45.51 15.43 -36.14
CA SER I 416 -46.27 14.19 -36.17
C SER I 416 -46.71 13.85 -37.58
N LEU I 417 -47.23 14.83 -38.31
CA LEU I 417 -47.67 14.55 -39.68
C LEU I 417 -46.49 14.22 -40.59
N LEU I 418 -45.28 14.68 -40.28
CA LEU I 418 -44.14 14.23 -41.08
C LEU I 418 -43.68 12.83 -40.71
N THR I 419 -43.63 12.50 -39.42
CA THR I 419 -43.02 11.24 -39.00
C THR I 419 -43.99 10.07 -39.01
N TYR I 420 -45.22 10.28 -38.53
CA TYR I 420 -46.18 9.21 -38.30
C TYR I 420 -47.24 9.11 -39.39
N GLY I 421 -47.42 10.18 -40.17
CA GLY I 421 -48.53 10.30 -41.07
C GLY I 421 -49.83 10.73 -40.43
N ARG I 422 -49.85 10.97 -39.13
CA ARG I 422 -51.10 11.20 -38.42
C ARG I 422 -50.81 11.69 -37.00
N ARG I 423 -51.72 12.49 -36.48
CA ARG I 423 -51.63 12.92 -35.09
C ARG I 423 -52.07 11.78 -34.19
N ILE I 424 -51.25 11.46 -33.20
CA ILE I 424 -51.55 10.42 -32.22
C ILE I 424 -52.10 11.11 -30.97
N PRO I 425 -53.35 10.88 -30.60
CA PRO I 425 -53.91 11.57 -29.43
C PRO I 425 -53.39 11.02 -28.12
N LEU I 426 -53.44 11.86 -27.10
CA LEU I 426 -52.94 11.50 -25.78
C LEU I 426 -53.61 10.24 -25.24
N ALA I 427 -54.87 10.00 -25.59
CA ALA I 427 -55.56 8.79 -25.12
C ALA I 427 -54.87 7.54 -25.64
N GLU I 428 -54.46 7.54 -26.90
CA GLU I 428 -53.76 6.38 -27.46
C GLU I 428 -52.42 6.17 -26.76
N TRP I 429 -51.70 7.26 -26.49
CA TRP I 429 -50.45 7.15 -25.75
C TRP I 429 -50.69 6.55 -24.36
N GLU I 430 -51.76 6.97 -23.70
CA GLU I 430 -52.05 6.42 -22.37
C GLU I 430 -52.35 4.93 -22.46
N SER I 431 -53.12 4.52 -23.47
CA SER I 431 -53.40 3.10 -23.64
C SER I 431 -52.13 2.31 -23.91
N ARG I 432 -51.20 2.89 -24.69
CA ARG I 432 -49.93 2.21 -24.94
C ARG I 432 -49.07 2.14 -23.68
N ILE I 433 -49.11 3.19 -22.86
CA ILE I 433 -48.32 3.18 -21.63
C ILE I 433 -48.84 2.13 -20.67
N ALA I 434 -50.17 2.00 -20.58
CA ALA I 434 -50.76 1.10 -19.59
C ALA I 434 -50.36 -0.36 -19.80
N GLU I 435 -49.94 -0.74 -21.01
CA GLU I 435 -49.66 -2.13 -21.29
C GLU I 435 -48.27 -2.58 -20.82
N VAL I 436 -47.33 -1.64 -20.68
CA VAL I 436 -46.00 -1.99 -20.21
C VAL I 436 -46.05 -2.63 -18.83
N ASP I 437 -45.21 -3.64 -18.61
CA ASP I 437 -44.96 -4.19 -17.29
C ASP I 437 -43.54 -4.72 -17.24
N ALA I 438 -43.10 -5.08 -16.02
CA ALA I 438 -41.72 -5.49 -15.81
C ALA I 438 -41.26 -6.54 -16.83
N SER I 439 -42.16 -7.45 -17.22
CA SER I 439 -41.79 -8.46 -18.20
C SER I 439 -41.49 -7.82 -19.55
N VAL I 440 -42.31 -6.87 -19.97
CA VAL I 440 -42.09 -6.14 -21.22
C VAL I 440 -40.76 -5.40 -21.17
N VAL I 441 -40.47 -4.74 -20.05
CA VAL I 441 -39.21 -4.01 -19.92
C VAL I 441 -38.04 -4.97 -20.03
N ARG I 442 -38.07 -6.07 -19.28
CA ARG I 442 -37.01 -7.06 -19.38
C ARG I 442 -36.80 -7.47 -20.84
N GLU I 443 -37.88 -7.88 -21.51
CA GLU I 443 -37.79 -8.36 -22.87
C GLU I 443 -37.16 -7.33 -23.80
N ILE I 444 -37.69 -6.11 -23.81
CA ILE I 444 -37.28 -5.14 -24.82
C ILE I 444 -35.89 -4.58 -24.53
N CYS I 445 -35.57 -4.31 -23.27
CA CYS I 445 -34.20 -3.94 -22.92
C CYS I 445 -33.23 -5.00 -23.41
N SER I 446 -33.54 -6.29 -23.16
CA SER I 446 -32.70 -7.34 -23.69
C SER I 446 -32.61 -7.28 -25.21
N LYS I 447 -33.71 -6.89 -25.86
CA LYS I 447 -33.75 -6.88 -27.32
C LYS I 447 -32.89 -5.80 -27.93
N TYR I 448 -32.57 -4.73 -27.19
CA TYR I 448 -31.78 -3.65 -27.77
C TYR I 448 -30.45 -3.36 -27.10
N ILE I 449 -30.23 -3.80 -25.86
CA ILE I 449 -29.06 -3.38 -25.09
C ILE I 449 -28.10 -4.52 -24.83
N TYR I 450 -28.61 -5.72 -24.56
CA TYR I 450 -27.82 -6.77 -23.93
C TYR I 450 -26.91 -7.38 -24.99
N ASP I 451 -25.62 -7.49 -24.67
CA ASP I 451 -24.62 -8.00 -25.59
C ASP I 451 -24.74 -7.35 -26.97
N GLN I 452 -24.45 -6.05 -27.01
CA GLN I 452 -24.42 -5.29 -28.24
C GLN I 452 -23.14 -4.47 -28.28
N CYS I 453 -22.74 -4.06 -29.49
CA CYS I 453 -21.53 -3.24 -29.56
C CYS I 453 -21.91 -1.77 -29.53
N PRO I 454 -21.37 -0.97 -28.62
CA PRO I 454 -21.76 0.44 -28.54
C PRO I 454 -20.90 1.36 -29.40
N ALA I 455 -21.43 2.56 -29.59
CA ALA I 455 -20.69 3.70 -30.13
C ALA I 455 -20.33 4.63 -28.99
N VAL I 456 -19.06 5.04 -28.93
CA VAL I 456 -18.55 5.84 -27.83
C VAL I 456 -17.89 7.11 -28.35
N ALA I 457 -18.07 8.21 -27.64
CA ALA I 457 -17.39 9.46 -27.92
C ALA I 457 -16.94 10.11 -26.62
N GLY I 458 -15.72 10.64 -26.62
CA GLY I 458 -15.18 11.31 -25.45
C GLY I 458 -14.37 12.53 -25.79
N TYR I 459 -14.46 13.57 -24.96
CA TYR I 459 -13.75 14.82 -25.18
C TYR I 459 -13.31 15.37 -23.83
N GLY I 460 -12.06 15.77 -23.71
CA GLY I 460 -11.56 16.22 -22.44
C GLY I 460 -10.30 15.51 -22.00
N PRO I 461 -10.02 15.55 -20.68
CA PRO I 461 -9.02 14.70 -20.01
C PRO I 461 -9.53 13.27 -19.79
N ILE I 462 -9.36 12.44 -20.82
CA ILE I 462 -10.07 11.17 -20.94
C ILE I 462 -9.08 10.00 -20.92
N GLU I 463 -7.96 10.19 -20.24
CA GLU I 463 -7.01 9.08 -20.04
C GLU I 463 -7.69 7.90 -19.34
N GLN I 464 -8.55 8.18 -18.37
CA GLN I 464 -9.16 7.16 -17.54
C GLN I 464 -10.44 6.59 -18.15
N LEU I 465 -10.82 7.02 -19.35
CA LEU I 465 -11.94 6.41 -20.03
C LEU I 465 -11.57 4.99 -20.44
N PRO I 466 -12.32 3.96 -20.03
CA PRO I 466 -11.87 2.59 -20.24
C PRO I 466 -11.64 2.24 -21.71
N ASP I 467 -10.79 1.25 -21.91
CA ASP I 467 -10.49 0.75 -23.25
C ASP I 467 -11.74 0.15 -23.88
N TYR I 468 -11.74 0.10 -25.21
CA TYR I 468 -12.96 -0.30 -25.91
C TYR I 468 -13.34 -1.75 -25.61
N ASN I 469 -12.36 -2.64 -25.50
CA ASN I 469 -12.63 -4.01 -25.11
C ASN I 469 -13.24 -4.08 -23.72
N ARG I 470 -12.72 -3.28 -22.79
CA ARG I 470 -13.27 -3.24 -21.44
C ARG I 470 -14.71 -2.73 -21.43
N ILE I 471 -15.04 -1.83 -22.36
CA ILE I 471 -16.40 -1.30 -22.44
C ILE I 471 -17.32 -2.34 -23.07
N ARG I 472 -16.85 -3.02 -24.11
CA ARG I 472 -17.64 -4.05 -24.77
C ARG I 472 -17.95 -5.20 -23.82
N SER I 473 -16.97 -5.60 -23.01
CA SER I 473 -17.19 -6.67 -22.04
C SER I 473 -18.16 -6.27 -20.94
N GLY I 474 -18.47 -5.00 -20.79
CA GLY I 474 -19.43 -4.56 -19.81
C GLY I 474 -20.87 -4.67 -20.24
N MET I 475 -21.11 -5.10 -21.47
CA MET I 475 -22.45 -5.20 -22.04
C MET I 475 -23.08 -6.57 -21.80
N PHE I 476 -22.47 -7.39 -20.96
CA PHE I 476 -23.01 -8.72 -20.66
C PHE I 476 -22.46 -9.15 -19.32
N TRP I 477 -23.19 -10.06 -18.69
CA TRP I 477 -22.82 -10.59 -17.39
C TRP I 477 -22.43 -12.06 -17.54
N LEU I 478 -21.42 -12.46 -16.79
CA LEU I 478 -20.97 -13.86 -16.80
C LEU I 478 -21.81 -14.74 -15.91
N ARG I 479 -22.56 -14.16 -14.97
CA ARG I 479 -23.35 -14.92 -14.02
C ARG I 479 -24.77 -15.17 -14.48
N PHE I 480 -25.10 -14.80 -15.71
CA PHE I 480 -26.46 -14.91 -16.21
C PHE I 480 -26.64 -16.14 -17.09
N MET J 2 -33.73 -12.65 10.18
CA MET J 2 -33.69 -11.40 9.37
C MET J 2 -35.03 -10.66 9.41
N THR J 3 -36.08 -11.29 8.86
CA THR J 3 -37.43 -10.75 8.85
C THR J 3 -37.56 -9.57 7.89
N ARG J 4 -36.43 -9.01 7.45
CA ARG J 4 -36.50 -7.91 6.49
C ARG J 4 -36.89 -8.39 5.11
N PHE J 5 -36.43 -9.57 4.72
CA PHE J 5 -36.53 -9.97 3.32
C PHE J 5 -37.83 -10.70 3.01
N LEU J 6 -38.85 -10.55 3.85
CA LEU J 6 -40.20 -11.01 3.54
C LEU J 6 -40.98 -9.85 2.95
N GLY J 7 -41.28 -9.92 1.64
CA GLY J 7 -42.13 -8.94 1.01
C GLY J 7 -42.16 -9.03 -0.50
N PRO J 8 -43.01 -8.22 -1.12
CA PRO J 8 -43.22 -8.37 -2.58
C PRO J 8 -41.97 -8.27 -3.43
N ARG J 9 -41.13 -7.26 -3.21
CA ARG J 9 -39.98 -7.06 -4.10
C ARG J 9 -39.08 -8.27 -4.10
N TYR J 10 -38.92 -8.90 -2.96
CA TYR J 10 -37.97 -10.00 -2.85
C TYR J 10 -38.48 -11.24 -3.56
N ARG J 11 -39.81 -11.47 -3.50
CA ARG J 11 -40.44 -12.52 -4.28
C ARG J 11 -40.23 -12.30 -5.78
N GLN J 12 -40.52 -11.08 -6.25
CA GLN J 12 -40.30 -10.79 -7.67
C GLN J 12 -38.84 -11.00 -8.07
N LEU J 13 -37.92 -10.52 -7.22
CA LEU J 13 -36.50 -10.60 -7.52
C LEU J 13 -36.02 -12.04 -7.60
N VAL J 14 -36.51 -12.91 -6.70
CA VAL J 14 -36.14 -14.33 -6.75
C VAL J 14 -36.68 -14.98 -8.02
N LYS J 15 -37.92 -14.69 -8.37
CA LYS J 15 -38.47 -15.22 -9.61
C LYS J 15 -37.63 -14.81 -10.81
N ASN J 16 -37.06 -13.60 -10.78
CA ASN J 16 -36.25 -13.17 -11.90
C ASN J 16 -35.03 -14.07 -12.14
N TRP J 17 -34.48 -14.65 -11.08
CA TRP J 17 -33.21 -15.39 -11.19
C TRP J 17 -33.37 -16.90 -11.17
N ILE J 18 -34.58 -17.42 -10.94
CA ILE J 18 -34.74 -18.89 -10.92
C ILE J 18 -34.13 -19.59 -12.14
N PRO J 19 -34.48 -19.20 -13.38
CA PRO J 19 -33.97 -19.97 -14.54
C PRO J 19 -32.45 -20.07 -14.61
N THR J 20 -31.76 -18.94 -14.45
CA THR J 20 -30.30 -18.95 -14.41
C THR J 20 -29.80 -19.92 -13.34
N ALA J 21 -30.50 -19.98 -12.21
CA ALA J 21 -30.10 -20.87 -11.13
C ALA J 21 -30.15 -22.32 -11.56
N TYR J 22 -31.27 -22.76 -12.15
CA TYR J 22 -31.31 -24.18 -12.50
C TYR J 22 -30.42 -24.49 -13.70
N THR J 23 -30.10 -23.50 -14.54
CA THR J 23 -29.15 -23.74 -15.61
C THR J 23 -27.73 -23.94 -15.06
N TRP J 24 -27.30 -23.10 -14.11
CA TRP J 24 -26.01 -23.34 -13.47
C TRP J 24 -26.01 -24.69 -12.74
N GLY J 25 -27.16 -25.07 -12.17
CA GLY J 25 -27.25 -26.40 -11.57
C GLY J 25 -26.98 -27.51 -12.57
N ALA J 26 -27.57 -27.39 -13.75
CA ALA J 26 -27.32 -28.37 -14.81
C ALA J 26 -25.83 -28.41 -15.16
N VAL J 27 -25.23 -27.23 -15.29
CA VAL J 27 -23.80 -27.16 -15.63
C VAL J 27 -22.98 -27.91 -14.58
N GLY J 28 -23.20 -27.59 -13.30
CA GLY J 28 -22.42 -28.24 -12.25
C GLY J 28 -22.62 -29.73 -12.20
N THR J 29 -23.86 -30.19 -12.32
CA THR J 29 -24.13 -31.63 -12.25
C THR J 29 -23.44 -32.37 -13.38
N LEU J 30 -23.68 -31.94 -14.63
CA LEU J 30 -23.06 -32.62 -15.76
C LEU J 30 -21.55 -32.56 -15.69
N GLY J 31 -20.99 -31.44 -15.22
CA GLY J 31 -19.54 -31.35 -15.13
C GLY J 31 -18.97 -32.31 -14.12
N LEU J 32 -19.53 -32.34 -12.92
CA LEU J 32 -19.14 -33.32 -11.91
C LEU J 32 -19.15 -34.73 -12.49
N ALA J 33 -20.26 -35.10 -13.15
CA ALA J 33 -20.36 -36.44 -13.69
C ALA J 33 -19.29 -36.70 -14.75
N TRP J 34 -19.09 -35.75 -15.66
CA TRP J 34 -18.10 -35.93 -16.72
C TRP J 34 -16.68 -36.02 -16.16
N ALA J 35 -16.42 -35.35 -15.06
CA ALA J 35 -15.09 -35.24 -14.46
C ALA J 35 -14.74 -36.48 -13.68
N ALA J 36 -15.73 -37.08 -13.00
CA ALA J 36 -15.51 -38.27 -12.20
C ALA J 36 -15.97 -39.54 -12.90
N ASP J 37 -16.17 -39.50 -14.22
CA ASP J 37 -16.67 -40.63 -14.99
C ASP J 37 -17.73 -41.40 -14.19
N TRP J 38 -18.69 -40.64 -13.70
CA TRP J 38 -19.74 -41.16 -12.80
C TRP J 38 -20.70 -41.98 -13.64
N ARG J 39 -20.57 -43.30 -13.58
CA ARG J 39 -21.34 -44.18 -14.45
C ARG J 39 -22.83 -44.10 -14.19
N LEU J 40 -23.23 -43.71 -12.98
CA LEU J 40 -24.63 -43.69 -12.59
C LEU J 40 -25.43 -42.77 -13.49
N ILE J 41 -24.81 -41.70 -13.95
CA ILE J 41 -25.41 -40.76 -14.89
C ILE J 41 -24.95 -41.02 -16.32
N LEU J 42 -23.67 -41.35 -16.51
CA LEU J 42 -23.12 -41.44 -17.86
C LEU J 42 -23.56 -42.69 -18.61
N ASP J 43 -24.04 -43.72 -17.91
CA ASP J 43 -24.51 -44.91 -18.61
C ASP J 43 -25.81 -44.65 -19.37
N TRP J 44 -26.50 -43.55 -19.07
CA TRP J 44 -27.75 -43.21 -19.76
C TRP J 44 -27.54 -42.30 -20.95
N VAL J 45 -26.33 -41.79 -21.17
CA VAL J 45 -26.02 -40.96 -22.32
C VAL J 45 -25.80 -41.88 -23.52
N PRO J 46 -26.56 -41.72 -24.61
CA PRO J 46 -26.41 -42.61 -25.77
C PRO J 46 -24.98 -42.68 -26.30
N MET K 1 -50.84 42.66 -15.26
CA MET K 1 -49.35 42.78 -15.23
C MET K 1 -48.86 43.11 -13.82
N LEU K 2 -48.95 42.14 -12.91
CA LEU K 2 -48.46 42.32 -11.56
C LEU K 2 -47.45 41.27 -11.13
N SER K 3 -47.24 40.23 -11.93
CA SER K 3 -46.10 39.34 -11.74
C SER K 3 -44.85 39.92 -12.39
N VAL K 4 -43.69 39.51 -11.88
CA VAL K 4 -42.43 39.94 -12.49
C VAL K 4 -42.35 39.46 -13.93
N ALA K 5 -42.82 38.24 -14.20
CA ALA K 5 -42.67 37.66 -15.52
C ALA K 5 -43.51 38.39 -16.57
N ALA K 6 -44.76 38.69 -16.24
CA ALA K 6 -45.62 39.36 -17.23
C ALA K 6 -45.16 40.77 -17.51
N ARG K 7 -44.50 41.42 -16.54
CA ARG K 7 -44.10 42.81 -16.69
C ARG K 7 -42.73 42.95 -17.37
N SER K 8 -41.73 42.19 -16.90
CA SER K 8 -40.33 42.53 -17.18
C SER K 8 -39.79 41.95 -18.48
N GLY K 9 -40.47 41.00 -19.11
CA GLY K 9 -40.00 40.42 -20.34
C GLY K 9 -38.68 39.68 -20.19
N PRO K 10 -37.70 39.98 -21.03
CA PRO K 10 -36.46 39.17 -21.05
C PRO K 10 -35.58 39.33 -19.82
N PHE K 11 -35.90 40.25 -18.90
CA PHE K 11 -35.16 40.38 -17.65
C PHE K 11 -35.79 39.60 -16.51
N ALA K 12 -36.92 38.94 -16.76
CA ALA K 12 -37.56 38.14 -15.72
C ALA K 12 -36.64 37.06 -15.15
N PRO K 13 -35.84 36.34 -15.95
CA PRO K 13 -35.02 35.27 -15.37
C PRO K 13 -33.81 35.75 -14.56
N VAL K 14 -33.52 37.05 -14.54
CA VAL K 14 -32.53 37.59 -13.60
C VAL K 14 -33.19 38.37 -12.47
N LEU K 15 -34.44 38.77 -12.61
CA LEU K 15 -35.20 39.39 -11.53
C LEU K 15 -35.92 38.36 -10.66
N SER K 16 -35.72 37.07 -10.92
CA SER K 16 -36.39 36.00 -10.20
C SER K 16 -35.43 34.83 -10.01
N ALA K 17 -35.64 34.08 -8.92
CA ALA K 17 -34.79 32.95 -8.55
C ALA K 17 -35.66 31.75 -8.20
N THR K 18 -35.19 30.55 -8.54
CA THR K 18 -36.01 29.37 -8.39
C THR K 18 -35.15 28.13 -8.12
N SER K 19 -35.76 27.16 -7.44
CA SER K 19 -35.13 25.88 -7.15
C SER K 19 -36.20 24.80 -7.30
N ARG K 20 -35.99 23.85 -8.22
CA ARG K 20 -37.02 22.93 -8.65
C ARG K 20 -37.15 21.69 -7.78
N GLY K 21 -36.55 21.67 -6.59
CA GLY K 21 -36.84 20.62 -5.63
C GLY K 21 -36.40 19.24 -6.09
N VAL K 22 -37.15 18.23 -5.63
CA VAL K 22 -36.84 16.85 -5.99
C VAL K 22 -37.05 16.66 -7.50
N ALA K 23 -36.21 15.82 -8.09
CA ALA K 23 -36.08 15.79 -9.55
C ALA K 23 -37.40 15.46 -10.22
N GLY K 24 -37.65 16.11 -11.37
CA GLY K 24 -38.90 15.99 -12.09
C GLY K 24 -38.81 15.07 -13.28
N ALA K 25 -39.88 15.08 -14.07
CA ALA K 25 -40.05 14.14 -15.18
C ALA K 25 -39.38 14.62 -16.47
N LEU K 26 -39.42 15.93 -16.74
CA LEU K 26 -38.76 16.50 -17.90
C LEU K 26 -37.35 16.96 -17.53
N ARG K 27 -36.55 17.25 -18.55
CA ARG K 27 -35.13 17.58 -18.37
C ARG K 27 -34.90 19.06 -18.68
N PRO K 28 -34.34 19.83 -17.75
CA PRO K 28 -34.28 21.29 -17.94
C PRO K 28 -33.14 21.74 -18.84
N LEU K 29 -33.29 22.96 -19.34
CA LEU K 29 -32.27 23.62 -20.15
C LEU K 29 -31.33 24.44 -19.25
N VAL K 30 -30.14 24.73 -19.79
CA VAL K 30 -29.06 25.39 -19.06
C VAL K 30 -28.71 24.59 -17.81
N GLN K 31 -28.12 23.41 -18.01
CA GLN K 31 -27.80 22.50 -16.91
C GLN K 31 -26.70 23.05 -16.00
N ALA K 32 -25.69 23.72 -16.57
CA ALA K 32 -24.70 24.46 -15.79
C ALA K 32 -23.75 23.65 -14.88
N THR K 33 -22.78 22.96 -15.48
CA THR K 33 -21.69 22.34 -14.72
C THR K 33 -20.92 23.37 -13.90
N VAL K 34 -20.27 22.91 -12.83
CA VAL K 34 -19.77 23.81 -11.78
C VAL K 34 -18.26 23.71 -11.55
N PRO K 35 -17.44 24.49 -12.26
CA PRO K 35 -16.03 24.69 -11.86
C PRO K 35 -15.86 25.75 -10.77
N ALA K 36 -15.98 25.36 -9.51
CA ALA K 36 -16.02 26.30 -8.40
C ALA K 36 -14.66 26.95 -8.15
N THR K 37 -14.67 28.02 -7.35
CA THR K 37 -13.47 28.81 -7.11
C THR K 37 -12.51 28.08 -6.18
N PRO K 38 -11.20 28.21 -6.40
CA PRO K 38 -10.23 27.58 -5.48
C PRO K 38 -10.20 28.28 -4.12
N GLU K 39 -9.69 27.53 -3.11
CA GLU K 39 -9.64 28.02 -1.74
C GLU K 39 -8.46 28.98 -1.55
N PRO K 40 -8.62 30.04 -0.76
CA PRO K 40 -7.49 30.93 -0.46
C PRO K 40 -6.52 30.32 0.53
N PRO K 41 -5.39 30.98 0.79
CA PRO K 41 -4.47 30.50 1.83
C PRO K 41 -5.12 30.50 3.21
N VAL K 42 -4.77 29.49 4.01
CA VAL K 42 -5.27 29.37 5.38
C VAL K 42 -4.36 30.15 6.31
N LEU K 43 -4.97 30.79 7.33
CA LEU K 43 -4.26 31.72 8.19
C LEU K 43 -4.66 31.49 9.66
N ASP K 44 -3.84 32.04 10.56
CA ASP K 44 -4.14 32.03 11.98
C ASP K 44 -5.36 32.92 12.28
N LEU K 45 -5.99 32.66 13.41
CA LEU K 45 -7.20 33.38 13.82
C LEU K 45 -6.85 34.79 14.32
N LYS K 46 -7.85 35.66 14.29
CA LYS K 46 -7.70 37.04 14.72
C LYS K 46 -8.01 37.19 16.21
N ARG K 47 -7.24 38.09 16.89
CA ARG K 47 -7.51 38.46 18.28
C ARG K 47 -8.51 39.62 18.33
N PRO K 48 -9.36 39.68 19.34
CA PRO K 48 -10.25 40.84 19.50
C PRO K 48 -9.53 42.01 20.16
N PHE K 49 -10.23 43.14 20.21
CA PHE K 49 -9.72 44.40 20.78
C PHE K 49 -10.70 44.97 21.80
N LEU K 50 -11.18 44.15 22.73
CA LEU K 50 -12.25 44.57 23.62
C LEU K 50 -11.76 45.39 24.81
N SER K 51 -11.02 46.46 24.54
CA SER K 51 -10.71 47.49 25.51
C SER K 51 -10.16 48.69 24.75
N ARG K 52 -10.35 49.89 25.32
CA ARG K 52 -9.77 51.08 24.70
C ARG K 52 -8.25 51.00 24.71
N GLU K 53 -7.67 50.47 25.78
CA GLU K 53 -6.22 50.41 25.89
C GLU K 53 -5.61 49.56 24.78
N SER K 54 -6.36 48.57 24.28
CA SER K 54 -5.87 47.73 23.20
C SER K 54 -6.11 48.32 21.82
N LEU K 55 -7.18 49.11 21.66
CA LEU K 55 -7.43 49.79 20.39
C LEU K 55 -6.61 51.07 20.23
N SER K 56 -6.08 51.60 21.32
CA SER K 56 -5.40 52.90 21.27
C SER K 56 -4.22 52.84 20.30
N GLY K 57 -4.25 53.72 19.30
CA GLY K 57 -3.20 53.80 18.32
C GLY K 57 -3.42 52.98 17.07
N GLN K 58 -4.58 52.34 16.92
CA GLN K 58 -4.84 51.54 15.73
C GLN K 58 -5.30 52.39 14.55
N ALA K 59 -5.92 53.55 14.81
CA ALA K 59 -6.43 54.37 13.71
C ALA K 59 -5.29 54.92 12.87
N VAL K 60 -5.57 55.05 11.57
CA VAL K 60 -4.54 55.42 10.60
C VAL K 60 -4.36 56.93 10.58
N ARG K 61 -3.10 57.36 10.49
CA ARG K 61 -2.77 58.77 10.39
C ARG K 61 -2.00 59.13 9.13
N ARG K 62 -1.52 58.15 8.37
CA ARG K 62 -0.64 58.41 7.22
C ARG K 62 -0.77 57.23 6.25
N PRO K 63 -0.62 57.46 4.95
CA PRO K 63 -0.75 56.35 3.99
C PRO K 63 0.42 55.37 4.09
N LEU K 64 0.26 54.26 3.39
CA LEU K 64 1.03 53.04 3.64
C LEU K 64 2.20 52.88 2.67
N VAL K 65 3.14 52.03 3.09
CA VAL K 65 4.33 51.69 2.33
C VAL K 65 4.47 50.17 2.33
N ALA K 66 4.85 49.60 1.19
CA ALA K 66 4.95 48.15 1.02
C ALA K 66 6.42 47.74 0.89
N SER K 67 6.80 46.68 1.59
CA SER K 67 8.21 46.34 1.77
C SER K 67 8.42 44.83 1.66
N VAL K 68 9.62 44.45 1.19
CA VAL K 68 10.04 43.06 1.11
C VAL K 68 11.55 43.00 1.16
N GLY K 69 12.09 41.87 1.62
CA GLY K 69 13.54 41.68 1.68
C GLY K 69 13.90 40.23 1.47
N LEU K 70 15.14 40.02 1.01
CA LEU K 70 15.60 38.68 0.64
C LEU K 70 15.88 37.78 1.84
N ASN K 71 16.11 38.36 3.02
CA ASN K 71 16.26 37.56 4.24
C ASN K 71 15.53 38.21 5.40
N VAL K 72 14.42 38.87 5.11
CA VAL K 72 13.59 39.54 6.13
C VAL K 72 12.13 39.37 5.76
N PRO K 73 11.24 39.30 6.75
CA PRO K 73 9.81 39.18 6.43
C PRO K 73 9.30 40.36 5.63
N ALA K 74 8.34 40.08 4.75
CA ALA K 74 7.62 41.15 4.04
C ALA K 74 6.74 41.90 5.03
N SER K 75 6.58 43.20 4.79
CA SER K 75 6.01 44.09 5.78
C SER K 75 5.20 45.19 5.11
N VAL K 76 4.28 45.77 5.88
CA VAL K 76 3.46 46.89 5.44
C VAL K 76 3.39 47.92 6.55
N CYS K 77 3.49 49.20 6.17
CA CYS K 77 3.54 50.30 7.13
C CYS K 77 2.33 50.30 8.05
N VAL L 87 -4.44 -55.34 38.88
CA VAL L 87 -3.42 -54.56 38.13
C VAL L 87 -2.10 -54.53 38.90
N ALA L 88 -1.05 -54.04 38.25
CA ALA L 88 0.29 -54.17 38.79
C ALA L 88 0.46 -53.37 40.08
N LEU L 89 1.43 -53.82 40.88
CA LEU L 89 1.74 -53.21 42.17
C LEU L 89 2.66 -52.00 41.97
N HIS L 90 2.34 -50.91 42.65
CA HIS L 90 3.03 -49.65 42.43
C HIS L 90 4.37 -49.65 43.15
N PRO L 91 5.49 -49.44 42.46
CA PRO L 91 6.80 -49.47 43.11
C PRO L 91 6.96 -48.33 44.10
N PRO L 92 7.62 -48.56 45.23
CA PRO L 92 7.97 -47.45 46.13
C PRO L 92 9.19 -46.70 45.61
N SER L 93 9.35 -45.49 46.12
CA SER L 93 10.46 -44.64 45.71
C SER L 93 11.68 -44.92 46.58
N TYR L 94 12.80 -45.38 45.93
CA TYR L 94 14.02 -45.57 46.68
C TYR L 94 14.88 -44.30 46.62
N PRO L 95 15.69 -44.05 47.64
CA PRO L 95 16.51 -42.83 47.64
C PRO L 95 17.78 -42.97 46.81
N TRP L 96 17.72 -42.66 45.51
CA TRP L 96 18.85 -42.88 44.62
C TRP L 96 19.72 -41.62 44.67
N SER L 97 21.03 -41.81 44.75
CA SER L 97 21.89 -40.66 45.00
C SER L 97 21.97 -39.68 43.83
N HIS L 98 21.50 -40.07 42.65
CA HIS L 98 21.54 -39.21 41.46
C HIS L 98 20.25 -38.44 41.23
N SER L 99 19.26 -38.58 42.11
CA SER L 99 17.94 -38.00 41.87
C SER L 99 17.85 -36.53 42.23
N GLY L 100 18.86 -35.96 42.90
CA GLY L 100 18.85 -34.54 43.17
C GLY L 100 18.97 -33.72 41.90
N PHE L 101 18.56 -32.46 42.00
CA PHE L 101 18.52 -31.60 40.81
C PHE L 101 19.90 -31.43 40.19
N LEU L 102 20.95 -31.31 41.02
CA LEU L 102 22.32 -31.16 40.53
C LEU L 102 23.24 -32.30 40.96
N SER L 103 22.69 -33.46 41.30
CA SER L 103 23.51 -34.60 41.70
C SER L 103 23.91 -35.42 40.47
N SER L 104 25.18 -35.82 40.43
CA SER L 104 25.66 -36.69 39.37
C SER L 104 25.49 -38.16 39.74
N LEU L 105 25.71 -38.99 38.74
CA LEU L 105 25.73 -40.44 38.89
C LEU L 105 26.97 -40.88 39.65
N ASP L 106 26.86 -42.01 40.34
CA ASP L 106 27.99 -42.63 41.02
C ASP L 106 28.66 -43.58 40.05
N HIS L 107 29.85 -43.21 39.58
CA HIS L 107 30.49 -43.95 38.50
C HIS L 107 31.07 -45.29 38.97
N THR L 108 31.38 -45.42 40.26
CA THR L 108 31.77 -46.73 40.79
C THR L 108 30.65 -47.75 40.59
N SER L 109 29.42 -47.37 40.91
CA SER L 109 28.29 -48.26 40.73
C SER L 109 28.08 -48.60 39.26
N ILE L 110 28.37 -47.66 38.36
CA ILE L 110 28.32 -47.96 36.93
C ILE L 110 29.33 -49.04 36.58
N ARG L 111 30.56 -48.90 37.09
CA ARG L 111 31.59 -49.86 36.76
C ARG L 111 31.22 -51.27 37.21
N ARG L 112 30.68 -51.38 38.42
CA ARG L 112 30.21 -52.70 38.88
C ARG L 112 28.97 -53.20 38.11
N GLY L 113 28.00 -52.31 37.83
CA GLY L 113 26.83 -52.72 37.08
C GLY L 113 27.19 -53.31 35.72
N PHE L 114 28.26 -52.80 35.12
CA PHE L 114 28.66 -53.26 33.80
C PHE L 114 29.22 -54.67 33.86
N GLN L 115 29.92 -54.99 34.95
CA GLN L 115 30.32 -56.37 35.16
C GLN L 115 29.10 -57.28 35.34
N VAL L 116 28.09 -56.81 36.08
CA VAL L 116 26.87 -57.60 36.20
C VAL L 116 26.28 -57.87 34.83
N TYR L 117 26.30 -56.87 33.95
CA TYR L 117 25.67 -57.03 32.64
C TYR L 117 26.51 -57.90 31.71
N LYS L 118 27.82 -57.90 31.86
CA LYS L 118 28.64 -58.90 31.19
C LYS L 118 28.29 -60.29 31.69
N GLN L 119 28.63 -60.58 32.95
CA GLN L 119 28.66 -61.97 33.38
C GLN L 119 27.26 -62.61 33.45
N VAL L 120 26.20 -61.85 33.72
CA VAL L 120 24.85 -62.42 33.85
C VAL L 120 23.94 -62.01 32.69
N CYS L 121 23.65 -60.72 32.58
CA CYS L 121 22.45 -60.31 31.86
C CYS L 121 22.62 -60.28 30.35
N SER L 122 23.85 -60.36 29.83
CA SER L 122 24.09 -60.42 28.39
C SER L 122 24.06 -61.85 27.86
N SER L 123 23.44 -62.78 28.58
CA SER L 123 23.17 -64.08 27.99
C SER L 123 21.89 -64.04 27.17
N CYS L 124 20.81 -63.56 27.78
CA CYS L 124 19.54 -63.40 27.10
C CYS L 124 19.44 -62.09 26.31
N HIS L 125 19.91 -60.97 26.86
CA HIS L 125 19.50 -59.65 26.42
C HIS L 125 20.54 -58.98 25.52
N SER L 126 20.05 -58.20 24.56
CA SER L 126 20.87 -57.35 23.71
C SER L 126 20.88 -55.91 24.24
N MET L 127 21.91 -55.17 23.81
CA MET L 127 22.09 -53.76 24.15
C MET L 127 22.56 -53.02 22.88
N ASN L 128 21.72 -53.07 21.85
CA ASN L 128 22.15 -52.82 20.47
C ASN L 128 22.75 -51.42 20.24
N PHE L 129 22.51 -50.47 21.15
CA PHE L 129 22.84 -49.07 20.92
C PHE L 129 24.03 -48.59 21.75
N VAL L 130 24.82 -49.50 22.30
CA VAL L 130 26.01 -49.14 23.05
C VAL L 130 27.22 -49.84 22.43
N ALA L 131 28.33 -49.11 22.35
CA ALA L 131 29.57 -49.62 21.82
C ALA L 131 30.68 -49.36 22.83
N TYR L 132 31.80 -50.07 22.66
CA TYR L 132 32.89 -49.93 23.61
C TYR L 132 33.44 -48.51 23.65
N ARG L 133 33.48 -47.82 22.51
CA ARG L 133 33.99 -46.44 22.53
C ARG L 133 33.22 -45.57 23.51
N HIS L 134 31.98 -45.94 23.83
CA HIS L 134 31.17 -45.17 24.76
C HIS L 134 31.61 -45.30 26.21
N LEU L 135 32.36 -46.36 26.56
CA LEU L 135 32.83 -46.52 27.92
C LEU L 135 34.05 -45.67 28.22
N VAL L 136 34.70 -45.13 27.20
CA VAL L 136 35.92 -44.34 27.39
C VAL L 136 35.57 -43.01 28.04
N GLY L 137 36.32 -42.64 29.08
CA GLY L 137 36.09 -41.41 29.78
C GLY L 137 34.94 -41.45 30.76
N VAL L 138 34.21 -42.57 30.83
CA VAL L 138 33.16 -42.77 31.81
C VAL L 138 33.65 -43.60 32.99
N CYS L 139 34.26 -44.76 32.70
CA CYS L 139 34.86 -45.59 33.73
C CYS L 139 36.15 -46.27 33.28
N TYR L 140 36.62 -46.02 32.05
CA TYR L 140 37.75 -46.73 31.48
C TYR L 140 38.57 -45.76 30.66
N THR L 141 39.87 -46.05 30.57
CA THR L 141 40.70 -45.35 29.60
C THR L 141 40.45 -45.93 28.20
N GLU L 142 41.06 -45.30 27.20
CA GLU L 142 40.97 -45.85 25.85
C GLU L 142 41.63 -47.21 25.77
N ASP L 143 42.81 -47.35 26.37
CA ASP L 143 43.54 -48.61 26.27
C ASP L 143 42.76 -49.75 26.91
N GLU L 144 42.19 -49.52 28.09
CA GLU L 144 41.45 -50.56 28.79
C GLU L 144 40.15 -50.92 28.08
N ALA L 145 39.52 -49.95 27.41
CA ALA L 145 38.32 -50.25 26.63
C ALA L 145 38.67 -51.08 25.39
N LYS L 146 39.80 -50.77 24.75
CA LYS L 146 40.31 -51.64 23.71
C LYS L 146 40.53 -53.05 24.24
N ALA L 147 41.04 -53.15 25.46
CA ALA L 147 41.26 -54.45 26.08
C ALA L 147 39.95 -55.22 26.25
N LEU L 148 38.92 -54.57 26.80
CA LEU L 148 37.59 -55.18 26.83
C LEU L 148 37.15 -55.65 25.44
N ALA L 149 37.20 -54.75 24.46
CA ALA L 149 36.86 -55.13 23.09
C ALA L 149 37.53 -56.44 22.65
N ALA L 150 38.85 -56.44 22.61
CA ALA L 150 39.67 -57.60 22.25
C ALA L 150 39.18 -58.96 22.76
N GLU L 151 38.35 -58.98 23.80
CA GLU L 151 37.90 -60.25 24.36
C GLU L 151 36.88 -60.98 23.52
N VAL L 152 36.35 -60.36 22.47
CA VAL L 152 35.19 -60.87 21.76
C VAL L 152 35.52 -61.04 20.28
N GLU L 153 35.00 -62.12 19.69
CA GLU L 153 35.11 -62.36 18.26
C GLU L 153 33.92 -61.74 17.54
N VAL L 154 34.18 -61.21 16.34
CA VAL L 154 33.21 -60.47 15.57
C VAL L 154 33.36 -60.86 14.11
N GLN L 155 32.24 -60.98 13.40
CA GLN L 155 32.29 -61.31 11.99
C GLN L 155 32.64 -60.08 11.15
N ASP L 156 33.39 -60.32 10.07
CA ASP L 156 33.83 -59.25 9.19
C ASP L 156 34.03 -59.81 7.79
N GLY L 157 34.17 -58.90 6.83
CA GLY L 157 34.41 -59.27 5.46
C GLY L 157 33.46 -58.58 4.49
N PRO L 158 33.45 -59.01 3.22
CA PRO L 158 34.20 -60.13 2.62
C PRO L 158 35.70 -59.88 2.51
N ASN L 159 36.49 -60.95 2.58
CA ASN L 159 37.91 -60.85 2.28
C ASN L 159 38.13 -60.82 0.76
N GLU L 160 39.40 -60.79 0.36
CA GLU L 160 39.74 -60.70 -1.06
C GLU L 160 39.24 -61.88 -1.87
N ASN L 161 38.87 -62.99 -1.22
CA ASN L 161 38.31 -64.13 -1.94
C ASN L 161 36.79 -64.12 -1.97
N GLY L 162 36.14 -63.17 -1.30
CA GLY L 162 34.70 -63.12 -1.25
C GLY L 162 34.06 -63.87 -0.10
N GLU L 163 34.80 -64.14 0.96
CA GLU L 163 34.32 -64.94 2.08
C GLU L 163 34.40 -64.13 3.37
N MET L 164 33.55 -64.51 4.32
CA MET L 164 33.50 -63.87 5.64
C MET L 164 34.50 -64.53 6.58
N PHE L 165 34.82 -63.83 7.66
CA PHE L 165 35.79 -64.37 8.61
C PHE L 165 35.51 -63.75 9.98
N MET L 166 36.28 -64.19 10.98
CA MET L 166 36.14 -63.73 12.35
C MET L 166 37.41 -63.02 12.79
N ARG L 167 37.25 -61.94 13.55
CA ARG L 167 38.36 -61.14 14.03
C ARG L 167 38.08 -60.68 15.45
N PRO L 168 39.11 -60.29 16.19
CA PRO L 168 38.87 -59.68 17.52
C PRO L 168 38.26 -58.29 17.40
N GLY L 169 37.58 -57.88 18.47
CA GLY L 169 36.78 -56.67 18.45
C GLY L 169 37.59 -55.39 18.52
N LYS L 170 36.89 -54.28 18.26
CA LYS L 170 37.50 -52.95 18.27
C LYS L 170 36.59 -51.99 19.02
N LEU L 171 37.07 -50.76 19.23
CA LEU L 171 36.29 -49.80 20.00
C LEU L 171 34.97 -49.47 19.33
N PHE L 172 34.91 -49.56 18.01
CA PHE L 172 33.78 -49.07 17.23
C PHE L 172 32.74 -50.16 16.96
N ASP L 173 32.94 -51.34 17.56
CA ASP L 173 31.98 -52.42 17.49
C ASP L 173 30.94 -52.29 18.60
N TYR L 174 29.73 -52.73 18.31
CA TYR L 174 28.63 -52.68 19.27
C TYR L 174 28.63 -53.94 20.13
N PHE L 175 28.24 -53.80 21.39
CA PHE L 175 28.04 -54.98 22.22
C PHE L 175 27.40 -56.11 21.41
N PRO L 176 27.87 -57.34 21.54
CA PRO L 176 27.38 -58.42 20.69
C PRO L 176 25.98 -58.90 21.07
N LYS L 177 25.24 -59.36 20.05
CA LYS L 177 23.91 -59.89 20.25
C LYS L 177 23.98 -61.33 20.76
N PRO L 178 23.01 -61.77 21.55
CA PRO L 178 23.00 -63.17 22.00
C PRO L 178 22.39 -64.13 20.99
N TYR L 179 21.46 -63.66 20.18
CA TYR L 179 20.76 -64.49 19.19
C TYR L 179 20.80 -63.82 17.83
N PRO L 180 20.74 -64.60 16.76
CA PRO L 180 20.81 -64.00 15.41
C PRO L 180 19.52 -63.31 15.00
N ASN L 181 18.38 -63.79 15.50
CA ASN L 181 17.08 -63.23 15.14
C ASN L 181 16.10 -63.52 16.27
N SER L 182 14.97 -62.79 16.25
CA SER L 182 14.02 -62.88 17.35
C SER L 182 13.30 -64.23 17.37
N GLU L 183 13.14 -64.86 16.21
CA GLU L 183 12.59 -66.21 16.21
C GLU L 183 13.50 -67.17 16.97
N ALA L 184 14.81 -67.03 16.79
CA ALA L 184 15.75 -67.86 17.52
C ALA L 184 15.74 -67.53 19.01
N ALA L 185 15.54 -66.25 19.33
CA ALA L 185 15.44 -65.85 20.73
C ALA L 185 14.21 -66.46 21.40
N ARG L 186 13.07 -66.47 20.69
CA ARG L 186 11.88 -67.11 21.22
C ARG L 186 12.07 -68.62 21.35
N ALA L 187 12.73 -69.24 20.37
CA ALA L 187 12.96 -70.67 20.45
C ALA L 187 13.80 -71.06 21.66
N ALA L 188 14.64 -70.15 22.15
CA ALA L 188 15.54 -70.47 23.25
C ALA L 188 14.99 -70.08 24.60
N ASN L 189 13.78 -69.50 24.64
CA ASN L 189 13.19 -69.04 25.89
C ASN L 189 11.72 -69.45 25.97
N ASN L 190 11.37 -70.56 25.33
CA ASN L 190 10.03 -71.15 25.41
C ASN L 190 8.96 -70.16 24.97
N GLY L 191 9.21 -69.47 23.85
CA GLY L 191 8.23 -68.62 23.23
C GLY L 191 8.28 -67.15 23.63
N ALA L 192 8.94 -66.83 24.74
CA ALA L 192 9.04 -65.45 25.18
C ALA L 192 10.26 -64.79 24.58
N LEU L 193 10.18 -63.47 24.40
CA LEU L 193 11.23 -62.68 23.78
C LEU L 193 11.81 -61.70 24.79
N PRO L 194 13.07 -61.83 25.20
CA PRO L 194 13.68 -60.86 26.12
C PRO L 194 13.89 -59.53 25.42
N PRO L 195 13.47 -58.42 26.03
CA PRO L 195 13.62 -57.11 25.39
C PRO L 195 15.05 -56.60 25.44
N ASP L 196 15.31 -55.61 24.59
CA ASP L 196 16.59 -54.91 24.58
C ASP L 196 16.63 -53.91 25.73
N LEU L 197 17.71 -53.93 26.51
CA LEU L 197 17.86 -53.12 27.70
C LEU L 197 18.58 -51.80 27.46
N SER L 198 18.59 -51.30 26.23
CA SER L 198 19.29 -50.03 25.99
C SER L 198 18.48 -48.82 26.44
N TYR L 199 17.13 -48.90 26.46
CA TYR L 199 16.33 -47.84 27.07
C TYR L 199 15.29 -48.39 28.04
N ILE L 200 15.51 -49.61 28.56
CA ILE L 200 14.54 -50.20 29.47
C ILE L 200 14.18 -49.26 30.63
N ALA L 201 15.12 -48.44 31.09
CA ALA L 201 14.85 -47.57 32.24
C ALA L 201 13.96 -46.39 31.90
N ARG L 202 13.89 -46.00 30.62
CA ARG L 202 13.03 -44.93 30.15
C ARG L 202 11.77 -45.46 29.48
N ALA L 203 11.66 -46.78 29.30
CA ALA L 203 10.54 -47.41 28.62
C ALA L 203 9.60 -48.10 29.58
N ARG L 204 9.71 -47.85 30.89
CA ARG L 204 8.86 -48.48 31.88
C ARG L 204 8.43 -47.46 32.93
N HIS L 205 7.17 -47.57 33.34
CA HIS L 205 6.65 -46.75 34.41
C HIS L 205 7.39 -47.03 35.71
N GLY L 206 7.88 -45.97 36.35
CA GLY L 206 8.65 -46.09 37.57
C GLY L 206 10.15 -46.14 37.36
N GLY L 207 10.62 -46.38 36.14
CA GLY L 207 12.05 -46.38 35.88
C GLY L 207 12.79 -47.38 36.73
N GLU L 208 13.95 -46.95 37.25
CA GLU L 208 14.80 -47.86 37.99
C GLU L 208 14.22 -48.30 39.31
N ASP L 209 13.17 -47.62 39.81
CA ASP L 209 12.45 -48.14 40.97
C ASP L 209 11.75 -49.45 40.61
N TYR L 210 11.14 -49.51 39.43
CA TYR L 210 10.46 -50.73 39.02
C TYR L 210 11.45 -51.89 38.88
N ILE L 211 12.55 -51.68 38.14
CA ILE L 211 13.43 -52.78 37.81
C ILE L 211 13.97 -53.43 39.08
N PHE L 212 14.53 -52.62 39.98
CA PHE L 212 14.96 -53.08 41.30
C PHE L 212 13.84 -53.89 41.95
N SER L 213 12.64 -53.29 42.03
CA SER L 213 11.49 -54.00 42.58
C SER L 213 11.31 -55.35 41.90
N LEU L 214 11.50 -55.39 40.59
CA LEU L 214 11.28 -56.64 39.87
C LEU L 214 12.39 -57.63 40.18
N LEU L 215 13.62 -57.14 40.29
CA LEU L 215 14.74 -58.06 40.50
C LEU L 215 14.72 -58.64 41.91
N THR L 216 14.34 -57.85 42.91
CA THR L 216 14.38 -58.37 44.27
C THR L 216 13.09 -59.08 44.69
N GLY L 217 12.06 -59.03 43.86
CA GLY L 217 10.68 -59.18 44.31
C GLY L 217 10.02 -60.51 44.10
N TYR L 218 10.74 -61.53 43.66
CA TYR L 218 10.11 -62.83 43.45
C TYR L 218 9.70 -63.45 44.78
N CYS L 219 8.67 -64.29 44.73
CA CYS L 219 8.20 -65.00 45.93
C CYS L 219 7.25 -66.10 45.49
N GLU L 220 6.80 -66.90 46.47
CA GLU L 220 5.88 -68.00 46.19
C GLU L 220 4.45 -67.47 46.04
N PRO L 221 3.64 -68.12 45.23
CA PRO L 221 2.34 -67.55 44.87
C PRO L 221 1.32 -67.69 45.98
N PRO L 222 0.23 -66.93 45.91
CA PRO L 222 -0.85 -67.07 46.91
C PRO L 222 -1.59 -68.39 46.74
N THR L 223 -2.40 -68.70 47.75
CA THR L 223 -3.31 -69.83 47.65
C THR L 223 -4.37 -69.54 46.59
N GLY L 224 -4.73 -70.58 45.83
CA GLY L 224 -5.69 -70.44 44.76
C GLY L 224 -5.07 -70.08 43.42
N VAL L 225 -3.81 -69.67 43.40
CA VAL L 225 -3.13 -69.27 42.17
C VAL L 225 -2.33 -70.46 41.65
N SER L 226 -2.29 -70.60 40.33
CA SER L 226 -1.49 -71.63 39.67
C SER L 226 -0.79 -71.02 38.47
N LEU L 227 0.35 -71.62 38.09
CA LEU L 227 1.18 -71.14 37.00
C LEU L 227 1.28 -72.24 35.94
N ARG L 228 1.10 -71.86 34.69
CA ARG L 228 1.28 -72.80 33.59
C ARG L 228 2.77 -73.14 33.43
N GLU L 229 3.08 -73.93 32.40
CA GLU L 229 4.38 -74.56 32.26
C GLU L 229 5.47 -73.52 31.96
N GLY L 230 6.37 -73.33 32.91
CA GLY L 230 7.54 -72.48 32.69
C GLY L 230 7.37 -71.03 33.04
N LEU L 231 6.41 -70.69 33.90
CA LEU L 231 6.26 -69.33 34.40
C LEU L 231 6.58 -69.29 35.88
N TYR L 232 7.04 -68.12 36.33
CA TYR L 232 7.26 -67.83 37.74
C TYR L 232 6.26 -66.79 38.19
N PHE L 233 6.18 -66.62 39.51
CA PHE L 233 5.31 -65.62 40.12
C PHE L 233 6.15 -64.43 40.59
N ASN L 234 5.66 -63.23 40.30
CA ASN L 234 6.33 -62.00 40.70
C ASN L 234 5.29 -60.88 40.76
N PRO L 235 5.01 -60.33 41.94
CA PRO L 235 3.89 -59.39 42.06
C PRO L 235 4.08 -58.09 41.30
N TYR L 236 5.30 -57.72 40.93
CA TYR L 236 5.56 -56.43 40.28
C TYR L 236 5.50 -56.50 38.77
N PHE L 237 5.22 -57.67 38.20
CA PHE L 237 4.90 -57.85 36.79
C PHE L 237 3.40 -57.77 36.53
N PRO L 238 3.01 -57.08 35.44
CA PRO L 238 1.59 -56.99 35.07
C PRO L 238 1.01 -58.32 34.66
N GLY L 239 0.21 -58.96 35.51
CA GLY L 239 -0.21 -60.33 35.33
C GLY L 239 0.33 -61.26 36.39
N GLN L 240 1.47 -60.90 36.98
CA GLN L 240 2.11 -61.61 38.09
C GLN L 240 2.74 -62.93 37.64
N ALA L 241 2.58 -63.32 36.39
CA ALA L 241 3.27 -64.48 35.83
C ALA L 241 4.31 -63.97 34.83
N ILE L 242 5.55 -64.45 34.98
CA ILE L 242 6.66 -63.96 34.17
C ILE L 242 7.53 -65.14 33.77
N ALA L 243 7.99 -65.12 32.51
CA ALA L 243 8.79 -66.21 31.98
C ALA L 243 10.19 -66.25 32.57
N MET L 244 10.73 -65.09 32.97
CA MET L 244 12.12 -65.00 33.40
C MET L 244 12.26 -65.57 34.81
N ALA L 245 13.12 -66.57 34.95
CA ALA L 245 13.45 -67.09 36.26
C ALA L 245 14.29 -66.08 37.03
N PRO L 246 14.28 -66.16 38.36
CA PRO L 246 15.08 -65.23 39.17
C PRO L 246 16.53 -65.20 38.71
N PRO L 247 16.98 -64.07 38.15
CA PRO L 247 18.29 -64.06 37.48
C PRO L 247 19.50 -63.95 38.41
N ILE L 248 19.36 -63.40 39.61
CA ILE L 248 20.50 -63.12 40.46
C ILE L 248 20.30 -63.70 41.85
N TYR L 249 21.42 -63.97 42.51
CA TYR L 249 21.45 -64.34 43.91
C TYR L 249 22.80 -63.97 44.48
N THR L 250 22.95 -64.16 45.80
CA THR L 250 24.19 -63.83 46.47
C THR L 250 25.35 -64.67 45.92
N ASP L 251 26.46 -63.99 45.62
CA ASP L 251 27.68 -64.62 45.11
C ASP L 251 27.47 -65.27 43.75
N VAL L 252 26.60 -64.69 42.91
CA VAL L 252 26.52 -65.12 41.53
C VAL L 252 27.65 -64.51 40.70
N LEU L 253 28.37 -63.55 41.24
CA LEU L 253 29.60 -63.03 40.66
C LEU L 253 30.42 -62.40 41.77
N GLU L 254 31.63 -61.96 41.44
CA GLU L 254 32.52 -61.29 42.37
C GLU L 254 33.01 -59.99 41.76
N PHE L 255 32.86 -58.89 42.50
CA PHE L 255 33.28 -57.59 42.01
C PHE L 255 34.79 -57.41 42.18
N ASP L 256 35.42 -56.77 41.21
CA ASP L 256 36.87 -56.62 41.27
C ASP L 256 37.31 -55.61 42.32
N ASP L 257 36.41 -54.81 42.88
CA ASP L 257 36.81 -53.85 43.91
C ASP L 257 36.62 -54.41 45.32
N GLY L 258 36.29 -55.69 45.45
CA GLY L 258 36.14 -56.33 46.74
C GLY L 258 34.81 -56.13 47.43
N THR L 259 33.86 -55.44 46.81
CA THR L 259 32.58 -55.21 47.45
C THR L 259 31.86 -56.55 47.68
N PRO L 260 31.19 -56.72 48.82
CA PRO L 260 30.44 -57.97 49.01
C PRO L 260 29.21 -58.02 48.12
N ALA L 261 29.09 -59.12 47.38
CA ALA L 261 28.10 -59.35 46.32
C ALA L 261 26.85 -60.02 46.88
N THR L 262 26.12 -59.26 47.68
CA THR L 262 24.78 -59.69 48.07
C THR L 262 23.78 -59.30 46.99
N MET L 263 22.73 -60.11 46.84
CA MET L 263 21.73 -59.84 45.81
C MET L 263 21.33 -58.36 45.75
N SER L 264 21.09 -57.75 46.91
CA SER L 264 20.65 -56.35 46.95
C SER L 264 21.69 -55.43 46.30
N GLN L 265 22.95 -55.63 46.65
CA GLN L 265 24.03 -54.82 46.10
C GLN L 265 24.10 -54.98 44.58
N ILE L 266 24.01 -56.23 44.11
CA ILE L 266 24.07 -56.51 42.68
C ILE L 266 22.94 -55.78 41.96
N ALA L 267 21.72 -55.86 42.51
CA ALA L 267 20.57 -55.23 41.88
C ALA L 267 20.75 -53.73 41.79
N LYS L 268 21.12 -53.10 42.91
CA LYS L 268 21.31 -51.65 42.92
C LYS L 268 22.35 -51.22 41.89
N ASP L 269 23.40 -52.02 41.71
CA ASP L 269 24.47 -51.59 40.83
C ASP L 269 24.08 -51.73 39.36
N VAL L 270 23.60 -52.91 38.97
CA VAL L 270 23.05 -53.05 37.62
C VAL L 270 21.99 -51.99 37.32
N CYS L 271 21.20 -51.58 38.32
CA CYS L 271 20.21 -50.56 38.03
C CYS L 271 20.87 -49.21 37.73
N THR L 272 21.88 -48.84 38.52
CA THR L 272 22.65 -47.64 38.21
C THR L 272 23.21 -47.71 36.78
N PHE L 273 23.72 -48.87 36.40
CA PHE L 273 24.31 -49.02 35.07
C PHE L 273 23.27 -48.84 33.97
N LEU L 274 22.06 -49.37 34.18
CA LEU L 274 21.01 -49.17 33.20
C LEU L 274 20.60 -47.70 33.13
N ARG L 275 20.60 -47.00 34.27
CA ARG L 275 20.38 -45.56 34.22
C ARG L 275 21.37 -44.89 33.28
N TRP L 276 22.65 -45.22 33.45
CA TRP L 276 23.65 -44.61 32.58
C TRP L 276 23.47 -45.04 31.13
N ALA L 277 23.10 -46.28 30.88
CA ALA L 277 22.95 -46.73 29.51
C ALA L 277 21.78 -46.02 28.82
N SER L 278 20.76 -45.60 29.58
CA SER L 278 19.60 -44.97 28.98
C SER L 278 19.78 -43.46 28.74
N GLU L 279 20.74 -42.83 29.40
CA GLU L 279 20.79 -41.37 29.36
C GLU L 279 22.21 -40.89 29.61
N PRO L 280 23.12 -40.99 28.64
CA PRO L 280 24.51 -40.59 28.91
C PRO L 280 24.71 -39.11 29.21
N GLU L 281 23.83 -38.24 28.72
CA GLU L 281 24.03 -36.80 28.85
C GLU L 281 23.73 -36.27 30.26
N HIS L 282 23.41 -37.15 31.20
CA HIS L 282 22.95 -36.78 32.53
C HIS L 282 23.82 -35.73 33.22
N ASP L 283 25.06 -36.11 33.54
CA ASP L 283 25.93 -35.24 34.32
C ASP L 283 26.18 -33.91 33.62
N HIS L 284 26.51 -33.96 32.33
CA HIS L 284 26.79 -32.72 31.60
C HIS L 284 25.55 -31.85 31.53
N ARG L 285 24.36 -32.47 31.42
CA ARG L 285 23.12 -31.70 31.41
C ARG L 285 22.98 -30.88 32.70
N LYS L 286 23.16 -31.52 33.85
CA LYS L 286 23.03 -30.78 35.10
C LYS L 286 24.11 -29.70 35.22
N ARG L 287 25.34 -30.04 34.83
CA ARG L 287 26.42 -29.06 34.77
C ARG L 287 25.97 -27.81 34.03
N MET L 288 25.35 -28.01 32.87
CA MET L 288 25.02 -26.91 31.98
C MET L 288 23.82 -26.11 32.46
N ALA L 289 22.90 -26.80 33.16
CA ALA L 289 21.76 -26.13 33.75
C ALA L 289 22.21 -25.04 34.70
N LEU L 290 23.11 -25.35 35.63
CA LEU L 290 23.52 -24.32 36.58
C LEU L 290 23.82 -23.00 35.84
N LYS L 291 24.72 -23.04 34.87
CA LYS L 291 25.12 -21.84 34.13
C LYS L 291 23.91 -21.14 33.52
N MET L 292 23.32 -21.76 32.49
CA MET L 292 22.37 -20.97 31.70
C MET L 292 21.11 -20.61 32.48
N LEU L 293 20.74 -21.38 33.51
CA LEU L 293 19.63 -20.94 34.37
C LEU L 293 20.02 -19.72 35.19
N THR L 294 21.24 -19.68 35.74
CA THR L 294 21.68 -18.46 36.41
C THR L 294 21.52 -17.26 35.48
N MET L 295 21.94 -17.43 34.23
CA MET L 295 21.87 -16.30 33.29
C MET L 295 20.43 -15.87 33.01
N MET L 296 19.58 -16.81 32.64
CA MET L 296 18.20 -16.45 32.32
C MET L 296 17.46 -15.90 33.52
N ALA L 297 17.83 -16.33 34.73
CA ALA L 297 17.26 -15.73 35.93
C ALA L 297 17.73 -14.30 36.12
N LEU L 298 19.00 -14.04 35.79
CA LEU L 298 19.53 -12.68 35.93
C LEU L 298 18.85 -11.72 34.97
N LEU L 299 18.52 -12.18 33.76
CA LEU L 299 18.04 -11.24 32.74
C LEU L 299 16.63 -10.71 32.97
N ILE L 300 15.85 -11.30 33.86
CA ILE L 300 14.46 -10.92 34.10
C ILE L 300 14.36 -9.56 34.77
N PRO L 301 14.94 -9.37 35.97
CA PRO L 301 14.83 -8.04 36.61
C PRO L 301 15.45 -6.90 35.81
N LEU L 302 16.55 -7.14 35.09
CA LEU L 302 17.16 -6.10 34.30
C LEU L 302 16.21 -5.56 33.23
N THR L 303 15.65 -6.47 32.43
CA THR L 303 14.72 -6.06 31.38
C THR L 303 13.44 -5.49 31.97
N TYR L 304 13.02 -5.98 33.14
CA TYR L 304 11.88 -5.39 33.81
C TYR L 304 12.15 -3.93 34.18
N ILE L 305 13.36 -3.65 34.67
CA ILE L 305 13.74 -2.27 34.98
C ILE L 305 13.69 -1.41 33.73
N MET L 306 14.23 -1.91 32.61
CA MET L 306 14.20 -1.14 31.38
C MET L 306 12.76 -0.82 30.96
N LYS L 307 11.88 -1.81 31.05
CA LYS L 307 10.47 -1.58 30.75
C LYS L 307 9.88 -0.49 31.63
N ARG L 308 10.13 -0.58 32.94
CA ARG L 308 9.56 0.39 33.86
C ARG L 308 10.05 1.79 33.55
N HIS L 309 11.33 1.90 33.19
CA HIS L 309 11.90 3.17 32.80
C HIS L 309 11.15 3.76 31.62
N LYS L 310 10.91 2.96 30.57
CA LYS L 310 10.25 3.52 29.40
C LYS L 310 8.79 3.85 29.67
N TRP L 311 8.15 3.18 30.63
CA TRP L 311 6.71 3.34 30.83
C TRP L 311 6.36 4.34 31.93
N SER L 312 7.35 4.83 32.66
CA SER L 312 7.09 5.84 33.69
C SER L 312 6.43 7.10 33.12
N VAL L 313 6.69 7.43 31.85
CA VAL L 313 6.10 8.63 31.27
C VAL L 313 4.58 8.55 31.34
N LEU L 314 4.03 7.40 30.93
CA LEU L 314 2.58 7.22 30.97
C LEU L 314 2.07 6.93 32.38
N LYS L 315 2.86 6.25 33.20
CA LYS L 315 2.35 5.84 34.50
C LYS L 315 2.09 7.01 35.44
N SER L 316 2.73 8.16 35.23
CA SER L 316 2.56 9.33 36.08
C SER L 316 1.83 10.48 35.38
N ARG L 317 1.30 10.23 34.19
CA ARG L 317 0.64 11.27 33.41
C ARG L 317 -0.60 11.81 34.14
N LYS L 318 -0.85 13.10 33.97
CA LYS L 318 -2.00 13.78 34.57
C LYS L 318 -2.80 14.51 33.50
N LEU L 319 -4.12 14.31 33.53
CA LEU L 319 -5.06 14.94 32.61
C LEU L 319 -5.90 16.01 33.28
N ALA L 320 -6.48 16.87 32.45
CA ALA L 320 -7.46 17.86 32.89
C ALA L 320 -8.38 18.22 31.73
N TYR L 321 -9.59 18.62 32.07
CA TYR L 321 -10.61 19.04 31.09
C TYR L 321 -10.98 20.48 31.39
N ARG L 322 -10.85 21.36 30.38
CA ARG L 322 -11.05 22.79 30.57
C ARG L 322 -11.87 23.36 29.41
N PRO L 323 -13.18 23.07 29.37
CA PRO L 323 -14.02 23.67 28.35
C PRO L 323 -14.29 25.12 28.64
N PRO L 324 -14.52 25.95 27.62
CA PRO L 324 -14.91 27.34 27.88
C PRO L 324 -16.16 27.47 28.73
N LYS L 325 -17.03 26.46 28.72
CA LYS L 325 -18.21 26.45 29.58
C LYS L 325 -19.09 27.68 29.36
N SER M 79 -14.28 25.35 -35.69
CA SER M 79 -14.71 24.61 -34.46
C SER M 79 -14.65 23.10 -34.77
N HIS M 80 -15.49 22.30 -34.12
CA HIS M 80 -15.58 20.87 -34.41
C HIS M 80 -16.23 20.48 -35.75
N THR M 81 -17.14 21.28 -36.31
CA THR M 81 -18.08 20.72 -37.30
C THR M 81 -17.39 20.01 -38.46
N ASP M 82 -16.15 20.37 -38.77
CA ASP M 82 -15.30 19.69 -39.75
C ASP M 82 -14.92 18.23 -39.46
N VAL M 83 -15.59 17.57 -38.52
CA VAL M 83 -15.19 16.22 -38.10
C VAL M 83 -15.60 15.18 -39.15
N LYS M 84 -14.74 14.16 -39.34
CA LYS M 84 -15.04 13.02 -40.19
C LYS M 84 -14.07 11.88 -39.87
N VAL M 85 -14.62 10.72 -39.53
CA VAL M 85 -13.81 9.51 -39.29
C VAL M 85 -13.18 9.04 -40.61
N PRO M 86 -11.88 8.75 -40.64
CA PRO M 86 -11.27 8.22 -41.87
C PRO M 86 -11.75 6.80 -42.17
N ASP M 87 -11.67 6.45 -43.45
CA ASP M 87 -12.30 5.23 -43.94
C ASP M 87 -11.54 3.98 -43.51
N PHE M 88 -12.29 2.93 -43.17
CA PHE M 88 -11.74 1.68 -42.64
C PHE M 88 -11.95 0.51 -43.61
N TYR M 89 -12.19 0.82 -44.89
CA TYR M 89 -12.64 -0.21 -45.83
C TYR M 89 -11.75 -1.45 -45.83
N ASP M 90 -10.44 -1.26 -45.70
CA ASP M 90 -9.51 -2.39 -45.81
C ASP M 90 -9.76 -3.44 -44.74
N TYR M 91 -10.26 -3.05 -43.57
CA TYR M 91 -10.28 -3.93 -42.41
C TYR M 91 -11.63 -4.58 -42.16
N ARG M 92 -12.71 -4.02 -42.70
CA ARG M 92 -14.04 -4.48 -42.34
C ARG M 92 -14.33 -5.85 -42.95
N ARG M 93 -15.22 -6.59 -42.29
CA ARG M 93 -15.54 -7.95 -42.70
C ARG M 93 -16.44 -7.95 -43.93
N LEU M 94 -16.23 -8.94 -44.80
CA LEU M 94 -17.13 -9.14 -45.92
C LEU M 94 -18.53 -9.54 -45.48
N GLU M 95 -18.69 -9.99 -44.23
CA GLU M 95 -19.98 -10.46 -43.76
C GLU M 95 -21.00 -9.33 -43.63
N VAL M 96 -20.56 -8.07 -43.68
CA VAL M 96 -21.48 -6.94 -43.71
C VAL M 96 -21.45 -6.23 -45.06
N LEU M 97 -20.41 -6.43 -45.87
CA LEU M 97 -20.35 -5.84 -47.20
C LEU M 97 -21.29 -6.55 -48.17
N ASP M 98 -21.52 -7.85 -47.98
CA ASP M 98 -22.49 -8.60 -48.79
C ASP M 98 -23.87 -8.36 -48.18
N SER M 99 -24.43 -7.19 -48.51
CA SER M 99 -25.60 -6.68 -47.80
C SER M 99 -26.87 -7.13 -48.50
N THR M 100 -27.41 -8.26 -48.04
CA THR M 100 -28.74 -8.72 -48.43
C THR M 100 -29.46 -9.32 -47.22
N LYS M 101 -29.15 -8.81 -46.02
CA LYS M 101 -29.66 -9.37 -44.78
C LYS M 101 -29.74 -8.26 -43.74
N SER M 102 -30.85 -8.23 -43.00
CA SER M 102 -31.06 -7.21 -41.98
C SER M 102 -29.84 -7.09 -41.07
N SER M 103 -29.69 -5.94 -40.41
CA SER M 103 -28.47 -5.62 -39.70
C SER M 103 -28.25 -6.53 -38.50
N ARG M 104 -29.28 -6.66 -37.65
CA ARG M 104 -29.13 -7.32 -36.37
C ARG M 104 -28.94 -8.84 -36.53
N GLU M 105 -29.53 -9.42 -37.57
CA GLU M 105 -29.29 -10.82 -37.89
C GLU M 105 -27.83 -11.04 -38.29
N SER M 106 -27.27 -10.13 -39.07
CA SER M 106 -25.84 -10.18 -39.37
C SER M 106 -25.04 -10.20 -38.07
N SER M 107 -25.19 -9.16 -37.25
CA SER M 107 -24.57 -9.17 -35.92
C SER M 107 -24.59 -10.56 -35.30
N GLU M 108 -25.76 -11.22 -35.30
CA GLU M 108 -25.86 -12.53 -34.68
C GLU M 108 -24.92 -13.54 -35.34
N ALA M 109 -24.88 -13.56 -36.66
CA ALA M 109 -23.97 -14.50 -37.33
C ALA M 109 -22.52 -14.29 -36.91
N ARG M 110 -22.06 -13.04 -36.97
CA ARG M 110 -20.68 -12.74 -36.61
C ARG M 110 -20.37 -13.19 -35.19
N LYS M 111 -21.27 -12.85 -34.25
CA LYS M 111 -21.03 -13.19 -32.86
C LYS M 111 -20.98 -14.71 -32.68
N GLY M 112 -21.90 -15.43 -33.32
CA GLY M 112 -21.91 -16.87 -33.24
C GLY M 112 -20.59 -17.49 -33.62
N PHE M 113 -20.04 -17.07 -34.75
CA PHE M 113 -18.83 -17.69 -35.27
C PHE M 113 -17.67 -17.44 -34.31
N SER M 114 -17.51 -16.19 -33.88
CA SER M 114 -16.43 -15.86 -32.97
C SER M 114 -16.55 -16.66 -31.66
N TYR M 115 -17.77 -16.91 -31.19
CA TYR M 115 -17.94 -17.65 -29.94
C TYR M 115 -17.74 -19.15 -30.13
N LEU M 116 -18.05 -19.66 -31.32
CA LEU M 116 -17.77 -21.06 -31.63
C LEU M 116 -16.28 -21.36 -31.52
N VAL M 117 -15.45 -20.43 -32.01
CA VAL M 117 -14.00 -20.65 -31.89
C VAL M 117 -13.60 -20.85 -30.43
N THR M 118 -14.08 -19.95 -29.55
CA THR M 118 -13.74 -20.03 -28.14
C THR M 118 -14.22 -21.33 -27.50
N ALA M 119 -15.51 -21.66 -27.65
CA ALA M 119 -15.98 -23.00 -27.32
C ALA M 119 -15.01 -24.13 -27.69
N VAL M 120 -14.62 -24.22 -28.97
CA VAL M 120 -13.79 -25.35 -29.39
C VAL M 120 -12.46 -25.35 -28.64
N THR M 121 -11.84 -24.18 -28.54
CA THR M 121 -10.59 -24.07 -27.80
C THR M 121 -10.74 -24.58 -26.37
N THR M 122 -11.82 -24.15 -25.70
CA THR M 122 -12.04 -24.56 -24.32
C THR M 122 -12.21 -26.07 -24.20
N VAL M 123 -12.91 -26.67 -25.17
CA VAL M 123 -13.09 -28.12 -25.14
C VAL M 123 -11.74 -28.82 -25.16
N GLY M 124 -10.84 -28.39 -26.04
CA GLY M 124 -9.54 -29.06 -26.10
C GLY M 124 -8.76 -28.88 -24.80
N VAL M 125 -8.82 -27.68 -24.24
CA VAL M 125 -8.08 -27.40 -23.03
C VAL M 125 -8.58 -28.27 -21.88
N ALA M 126 -9.90 -28.46 -21.81
CA ALA M 126 -10.46 -29.34 -20.80
C ALA M 126 -9.96 -30.76 -20.95
N TYR M 127 -9.92 -31.28 -22.19
CA TYR M 127 -9.40 -32.63 -22.39
C TYR M 127 -7.98 -32.77 -21.84
N ALA M 128 -7.09 -31.86 -22.27
CA ALA M 128 -5.70 -31.97 -21.83
C ALA M 128 -5.60 -31.89 -20.30
N ALA M 129 -6.34 -30.97 -19.69
CA ALA M 129 -6.27 -30.80 -18.24
C ALA M 129 -6.71 -32.07 -17.52
N LYS M 130 -7.82 -32.66 -17.94
CA LYS M 130 -8.27 -33.90 -17.32
C LYS M 130 -7.16 -34.94 -17.32
N ASN M 131 -6.55 -35.17 -18.49
CA ASN M 131 -5.55 -36.25 -18.55
C ASN M 131 -4.38 -35.97 -17.61
N VAL M 132 -3.83 -34.74 -17.65
CA VAL M 132 -2.67 -34.43 -16.82
C VAL M 132 -3.01 -34.67 -15.34
N VAL M 133 -4.11 -34.06 -14.88
CA VAL M 133 -4.42 -34.10 -13.46
C VAL M 133 -4.63 -35.53 -13.00
N THR M 134 -5.32 -36.34 -13.81
CA THR M 134 -5.61 -37.70 -13.40
C THR M 134 -4.36 -38.57 -13.31
N GLN M 135 -3.41 -38.42 -14.24
CA GLN M 135 -2.22 -39.27 -14.12
C GLN M 135 -1.37 -38.87 -12.91
N PHE M 136 -1.24 -37.56 -12.67
CA PHE M 136 -0.62 -37.11 -11.42
C PHE M 136 -1.28 -37.76 -10.21
N ILE M 137 -2.62 -37.78 -10.17
CA ILE M 137 -3.31 -38.35 -9.03
C ILE M 137 -3.01 -39.84 -8.90
N SER M 138 -2.98 -40.56 -10.02
CA SER M 138 -2.67 -41.98 -10.00
C SER M 138 -1.21 -42.25 -9.67
N SER M 139 -0.39 -41.22 -9.52
CA SER M 139 0.96 -41.47 -8.99
C SER M 139 0.90 -41.97 -7.54
N MET M 140 -0.10 -41.56 -6.77
CA MET M 140 -0.12 -41.77 -5.32
C MET M 140 -0.87 -43.04 -4.91
N SER M 141 -1.37 -43.83 -5.85
CA SER M 141 -1.99 -45.10 -5.50
C SER M 141 -0.94 -46.20 -5.44
N ALA M 142 -1.35 -47.37 -4.97
CA ALA M 142 -0.41 -48.42 -4.64
C ALA M 142 0.45 -48.80 -5.84
N SER M 143 1.74 -49.00 -5.59
CA SER M 143 2.71 -49.33 -6.63
C SER M 143 2.64 -50.81 -6.98
N ALA M 144 3.29 -51.17 -8.08
CA ALA M 144 3.25 -52.52 -8.64
C ALA M 144 4.19 -53.48 -7.94
N ASP M 145 4.66 -53.15 -6.75
CA ASP M 145 5.47 -54.05 -5.94
C ASP M 145 4.88 -54.21 -4.55
N VAL M 146 3.77 -53.54 -4.28
CA VAL M 146 3.10 -53.61 -2.99
C VAL M 146 1.93 -54.59 -2.99
N LEU M 147 1.41 -54.96 -4.18
CA LEU M 147 0.13 -55.63 -4.34
C LEU M 147 0.22 -57.16 -4.34
N ALA M 148 1.21 -57.76 -3.70
CA ALA M 148 1.28 -59.22 -3.64
C ALA M 148 0.15 -59.77 -2.76
N MET M 149 -0.44 -60.90 -3.18
CA MET M 149 -1.46 -61.57 -2.36
C MET M 149 -1.18 -63.07 -2.32
N ALA M 150 -0.54 -63.53 -1.25
CA ALA M 150 -0.24 -64.93 -1.02
C ALA M 150 -1.30 -65.58 -0.13
N LYS M 151 -1.25 -66.91 -0.05
CA LYS M 151 -2.01 -67.67 0.92
C LYS M 151 -1.10 -68.04 2.09
N ILE M 152 -1.71 -68.59 3.15
CA ILE M 152 -0.97 -68.92 4.36
C ILE M 152 -1.53 -70.23 4.92
N GLU M 153 -0.62 -71.10 5.36
CA GLU M 153 -0.97 -72.41 5.88
C GLU M 153 -0.61 -72.48 7.36
N ILE M 154 -1.56 -72.93 8.18
CA ILE M 154 -1.38 -73.00 9.63
C ILE M 154 -1.52 -74.45 10.08
N ASN M 155 -0.57 -74.87 10.90
CA ASN M 155 -0.53 -76.19 11.52
C ASN M 155 -1.27 -76.12 12.85
N LEU M 156 -2.38 -76.86 12.98
CA LEU M 156 -3.28 -76.66 14.11
C LEU M 156 -2.86 -77.42 15.36
N SER M 157 -1.98 -78.40 15.25
CA SER M 157 -1.57 -79.19 16.41
C SER M 157 -0.55 -78.48 17.29
N ASP M 158 -0.26 -77.21 17.03
CA ASP M 158 0.57 -76.39 17.91
C ASP M 158 -0.26 -75.39 18.68
N ILE M 159 -1.59 -75.48 18.61
CA ILE M 159 -2.49 -74.51 19.21
C ILE M 159 -3.32 -75.21 20.27
N PRO M 160 -2.98 -75.05 21.55
CA PRO M 160 -3.75 -75.70 22.62
C PRO M 160 -5.20 -75.22 22.65
N GLU M 161 -6.00 -75.94 23.42
CA GLU M 161 -7.38 -75.54 23.65
C GLU M 161 -7.44 -74.30 24.54
N GLY M 162 -8.28 -73.35 24.15
CA GLY M 162 -8.35 -72.07 24.82
C GLY M 162 -7.35 -71.04 24.34
N LYS M 163 -6.45 -71.41 23.44
CA LYS M 163 -5.38 -70.54 22.98
C LYS M 163 -5.83 -69.73 21.77
N ASN M 164 -5.53 -68.43 21.80
CA ASN M 164 -5.68 -67.55 20.63
C ASN M 164 -4.28 -67.26 20.09
N MET M 165 -4.03 -67.66 18.84
CA MET M 165 -2.78 -67.40 18.15
C MET M 165 -2.97 -66.30 17.12
N ALA M 166 -1.95 -65.45 16.97
CA ALA M 166 -1.95 -64.38 15.97
C ALA M 166 -0.80 -64.60 15.00
N PHE M 167 -1.12 -64.50 13.70
CA PHE M 167 -0.16 -64.69 12.62
C PHE M 167 -0.19 -63.45 11.73
N LYS M 168 0.94 -63.13 11.11
CA LYS M 168 1.01 -61.97 10.22
C LYS M 168 0.60 -62.39 8.82
N TRP M 169 -0.40 -61.71 8.25
CA TRP M 169 -0.90 -62.08 6.93
C TRP M 169 -1.35 -60.84 6.19
N ARG M 170 -0.79 -60.63 5.00
CA ARG M 170 -1.10 -59.46 4.17
C ARG M 170 -1.00 -58.18 4.98
N GLY M 171 -0.02 -58.14 5.87
CA GLY M 171 0.27 -56.95 6.65
C GLY M 171 -0.54 -56.77 7.90
N LYS M 172 -1.43 -57.70 8.24
CA LYS M 172 -2.32 -57.53 9.37
C LYS M 172 -2.46 -58.83 10.15
N PRO M 173 -2.84 -58.74 11.42
CA PRO M 173 -2.99 -59.96 12.24
C PRO M 173 -4.11 -60.86 11.73
N LEU M 174 -3.92 -62.16 11.97
CA LEU M 174 -4.89 -63.20 11.68
C LEU M 174 -5.01 -64.05 12.94
N PHE M 175 -6.21 -64.06 13.54
CA PHE M 175 -6.44 -64.84 14.75
C PHE M 175 -6.91 -66.24 14.38
N VAL M 176 -6.37 -67.22 15.09
CA VAL M 176 -6.87 -68.58 15.10
C VAL M 176 -7.16 -68.95 16.56
N ARG M 177 -8.40 -69.33 16.84
CA ARG M 177 -8.85 -69.59 18.20
C ARG M 177 -9.40 -71.00 18.28
N HIS M 178 -8.97 -71.74 19.31
CA HIS M 178 -9.32 -73.13 19.55
C HIS M 178 -10.25 -73.15 20.76
N ARG M 179 -11.54 -73.15 20.50
CA ARG M 179 -12.54 -72.91 21.53
C ARG M 179 -12.80 -74.15 22.36
N THR M 180 -13.16 -73.93 23.63
CA THR M 180 -13.54 -75.00 24.54
C THR M 180 -15.05 -75.27 24.43
N GLN M 181 -15.49 -76.33 25.10
CA GLN M 181 -16.87 -76.79 24.93
C GLN M 181 -17.87 -75.81 25.51
N LYS M 182 -17.61 -75.26 26.70
CA LYS M 182 -18.55 -74.30 27.28
C LYS M 182 -18.65 -73.04 26.45
N GLU M 183 -17.59 -72.70 25.71
CA GLU M 183 -17.65 -71.55 24.83
C GLU M 183 -18.55 -71.83 23.63
N ILE M 184 -18.39 -73.03 23.06
CA ILE M 184 -19.26 -73.46 21.96
C ILE M 184 -20.71 -73.45 22.43
N GLU M 185 -20.96 -73.90 23.66
CA GLU M 185 -22.32 -73.92 24.18
C GLU M 185 -22.85 -72.50 24.37
N GLN M 186 -22.12 -71.65 25.10
CA GLN M 186 -22.68 -70.36 25.49
C GLN M 186 -22.72 -69.36 24.35
N GLU M 187 -21.93 -69.55 23.29
CA GLU M 187 -22.05 -68.67 22.12
C GLU M 187 -23.32 -68.93 21.33
N ALA M 188 -23.90 -70.13 21.44
CA ALA M 188 -25.11 -70.44 20.69
C ALA M 188 -26.36 -69.87 21.35
N ALA M 189 -26.37 -69.78 22.68
CA ALA M 189 -27.48 -69.22 23.42
C ALA M 189 -27.86 -67.79 23.05
N VAL M 190 -27.00 -67.04 22.35
CA VAL M 190 -27.22 -65.59 22.23
C VAL M 190 -28.49 -65.31 21.45
N GLU M 191 -29.26 -64.32 21.92
CA GLU M 191 -30.43 -63.82 21.20
C GLU M 191 -29.97 -62.91 20.08
N LEU M 192 -30.33 -63.27 18.84
CA LEU M 192 -29.89 -62.48 17.69
C LEU M 192 -30.62 -61.14 17.59
N SER M 193 -31.74 -60.97 18.30
CA SER M 193 -32.46 -59.71 18.23
C SER M 193 -31.75 -58.58 18.97
N GLN M 194 -30.86 -58.90 19.89
CA GLN M 194 -30.13 -57.91 20.68
C GLN M 194 -28.74 -57.63 20.13
N LEU M 195 -28.59 -57.65 18.81
CA LEU M 195 -27.32 -57.40 18.16
C LEU M 195 -27.48 -56.31 17.11
N ARG M 196 -26.40 -55.54 16.90
CA ARG M 196 -26.39 -54.54 15.85
C ARG M 196 -25.97 -55.10 14.49
N ASP M 197 -25.35 -56.27 14.48
CA ASP M 197 -24.95 -56.96 13.26
C ASP M 197 -25.33 -58.43 13.41
N PRO M 198 -26.63 -58.74 13.38
CA PRO M 198 -27.08 -60.08 13.78
C PRO M 198 -26.47 -61.17 12.94
N GLN M 199 -26.08 -62.26 13.60
CA GLN M 199 -25.51 -63.42 12.93
C GLN M 199 -25.36 -64.53 13.94
N HIS M 200 -25.64 -65.76 13.51
CA HIS M 200 -25.51 -66.95 14.33
C HIS M 200 -24.08 -67.48 14.24
N ASP M 201 -23.68 -68.22 15.29
CA ASP M 201 -22.31 -68.71 15.35
C ASP M 201 -22.01 -69.64 14.18
N LEU M 202 -22.93 -70.54 13.85
CA LEU M 202 -22.71 -71.49 12.77
C LEU M 202 -22.74 -70.84 11.40
N ASP M 203 -23.13 -69.56 11.31
CA ASP M 203 -22.87 -68.79 10.10
C ASP M 203 -21.44 -68.31 10.02
N ARG M 204 -20.64 -68.52 11.07
CA ARG M 204 -19.34 -67.91 11.22
C ARG M 204 -18.20 -68.89 11.44
N VAL M 205 -18.48 -70.20 11.48
CA VAL M 205 -17.45 -71.21 11.64
C VAL M 205 -17.76 -72.38 10.72
N LYS M 206 -16.72 -73.13 10.37
CA LYS M 206 -16.86 -74.37 9.61
C LYS M 206 -16.77 -75.60 10.50
N LYS M 207 -15.89 -75.58 11.49
CA LYS M 207 -15.84 -76.53 12.59
C LYS M 207 -16.09 -75.78 13.89
N PRO M 208 -16.94 -76.30 14.78
CA PRO M 208 -17.28 -75.53 15.99
C PRO M 208 -16.10 -75.21 16.88
N GLU M 209 -15.09 -76.08 16.99
CA GLU M 209 -14.00 -75.86 17.94
C GLU M 209 -12.90 -74.98 17.39
N TRP M 210 -13.02 -74.49 16.15
CA TRP M 210 -12.06 -73.57 15.57
C TRP M 210 -12.79 -72.34 15.06
N VAL M 211 -12.22 -71.17 15.28
CA VAL M 211 -12.71 -69.95 14.66
C VAL M 211 -11.53 -69.11 14.20
N ILE M 212 -11.64 -68.56 12.98
CA ILE M 212 -10.54 -67.87 12.32
C ILE M 212 -11.03 -66.48 11.94
N LEU M 213 -10.28 -65.45 12.34
CA LEU M 213 -10.72 -64.08 12.20
C LEU M 213 -9.59 -63.19 11.72
N ILE M 214 -9.97 -62.03 11.19
CA ILE M 214 -9.02 -60.97 10.88
C ILE M 214 -8.97 -60.02 12.08
N GLY M 215 -7.86 -60.02 12.79
CA GLY M 215 -7.73 -59.31 14.06
C GLY M 215 -7.66 -57.79 13.99
N VAL M 216 -8.56 -57.16 13.24
CA VAL M 216 -8.59 -55.71 13.11
C VAL M 216 -9.94 -55.19 13.57
N CYS M 217 -9.90 -54.17 14.43
CA CYS M 217 -11.13 -53.59 14.97
C CYS M 217 -11.86 -52.80 13.90
N THR M 218 -13.17 -53.01 13.80
CA THR M 218 -13.97 -52.39 12.76
C THR M 218 -14.25 -50.92 13.00
N HIS M 219 -13.90 -50.38 14.17
CA HIS M 219 -14.15 -48.97 14.44
C HIS M 219 -13.11 -48.09 13.75
N LEU M 220 -11.84 -48.17 14.20
CA LEU M 220 -10.77 -47.38 13.61
C LEU M 220 -9.45 -48.14 13.49
N GLY M 221 -9.44 -49.46 13.68
CA GLY M 221 -8.35 -50.28 13.22
C GLY M 221 -7.38 -50.81 14.27
N CYS M 222 -7.62 -50.57 15.56
CA CYS M 222 -6.73 -51.13 16.56
C CYS M 222 -6.95 -52.64 16.68
N VAL M 223 -6.01 -53.31 17.35
CA VAL M 223 -6.00 -54.77 17.46
C VAL M 223 -6.65 -55.16 18.77
N PRO M 224 -7.74 -55.91 18.77
CA PRO M 224 -8.35 -56.35 20.03
C PRO M 224 -7.47 -57.30 20.81
N ILE M 225 -7.44 -57.10 22.13
CA ILE M 225 -6.78 -58.01 23.05
C ILE M 225 -7.68 -59.18 23.35
N ALA M 226 -7.11 -60.38 23.46
CA ALA M 226 -7.95 -61.56 23.61
C ALA M 226 -8.23 -61.82 25.08
N ASN M 227 -9.26 -62.64 25.33
CA ASN M 227 -9.63 -63.04 26.68
C ASN M 227 -9.73 -61.82 27.59
N ALA M 228 -10.50 -60.83 27.14
CA ALA M 228 -10.68 -59.59 27.89
C ALA M 228 -12.03 -59.00 27.54
N GLY M 229 -12.51 -58.11 28.40
CA GLY M 229 -13.85 -57.58 28.27
C GLY M 229 -14.87 -58.39 29.05
N ASP M 230 -16.13 -57.99 28.87
CA ASP M 230 -17.26 -58.50 29.64
C ASP M 230 -17.81 -59.82 29.14
N PHE M 231 -17.32 -60.28 27.98
CA PHE M 231 -18.00 -61.26 27.15
C PHE M 231 -17.08 -62.44 26.84
N GLY M 232 -15.89 -62.47 27.44
CA GLY M 232 -14.96 -63.56 27.27
C GLY M 232 -14.28 -63.61 25.91
N GLY M 233 -14.60 -62.69 25.01
CA GLY M 233 -14.03 -62.68 23.69
C GLY M 233 -12.82 -61.77 23.58
N TYR M 234 -12.97 -60.59 22.98
CA TYR M 234 -11.84 -59.69 22.84
C TYR M 234 -12.24 -58.27 23.22
N TYR M 235 -11.26 -57.49 23.66
CA TYR M 235 -11.48 -56.11 24.07
C TYR M 235 -10.49 -55.19 23.36
N CYS M 236 -10.99 -54.07 22.83
CA CYS M 236 -10.15 -53.14 22.10
C CYS M 236 -9.85 -51.93 22.97
N PRO M 237 -8.58 -51.68 23.34
CA PRO M 237 -8.29 -50.61 24.30
C PRO M 237 -8.51 -49.21 23.77
N CYS M 238 -8.49 -49.02 22.45
CA CYS M 238 -8.36 -47.68 21.88
C CYS M 238 -9.58 -46.81 22.18
N HIS M 239 -10.78 -47.34 21.94
CA HIS M 239 -11.99 -46.59 22.30
C HIS M 239 -13.05 -47.46 22.95
N GLY M 240 -12.75 -48.72 23.28
CA GLY M 240 -13.56 -49.48 24.20
C GLY M 240 -14.66 -50.35 23.62
N SER M 241 -14.35 -51.15 22.61
CA SER M 241 -15.33 -52.06 22.01
C SER M 241 -15.06 -53.49 22.44
N HIS M 242 -16.14 -54.20 22.77
CA HIS M 242 -16.10 -55.56 23.29
C HIS M 242 -16.61 -56.52 22.23
N TYR M 243 -15.98 -57.69 22.14
CA TYR M 243 -16.36 -58.74 21.20
C TYR M 243 -16.56 -60.03 21.97
N ASP M 244 -17.41 -60.90 21.44
CA ASP M 244 -17.60 -62.24 21.98
C ASP M 244 -16.79 -63.26 21.18
N ALA M 245 -16.66 -64.46 21.74
CA ALA M 245 -15.81 -65.51 21.19
C ALA M 245 -16.26 -65.99 19.80
N SER M 246 -17.34 -65.42 19.26
CA SER M 246 -17.65 -65.57 17.85
C SER M 246 -17.11 -64.39 17.03
N GLY M 247 -16.53 -63.39 17.68
CA GLY M 247 -16.12 -62.18 16.99
C GLY M 247 -17.23 -61.20 16.74
N ARG M 248 -18.34 -61.31 17.46
CA ARG M 248 -19.49 -60.44 17.28
C ARG M 248 -19.36 -59.21 18.18
N ILE M 249 -19.78 -58.06 17.67
CA ILE M 249 -19.62 -56.80 18.39
C ILE M 249 -20.76 -56.67 19.40
N ARG M 250 -20.40 -56.46 20.65
CA ARG M 250 -21.35 -56.51 21.76
C ARG M 250 -21.48 -55.22 22.54
N LEU M 251 -20.43 -54.40 22.59
CA LEU M 251 -20.50 -53.11 23.28
C LEU M 251 -19.43 -52.21 22.70
N GLY M 252 -19.69 -50.91 22.74
CA GLY M 252 -18.75 -49.92 22.25
C GLY M 252 -18.97 -49.53 20.81
N PRO M 253 -18.19 -48.56 20.33
CA PRO M 253 -18.60 -47.77 19.16
C PRO M 253 -18.50 -48.48 17.82
N ALA M 254 -17.98 -49.70 17.75
CA ALA M 254 -17.73 -50.34 16.47
C ALA M 254 -19.04 -50.72 15.78
N PRO M 255 -19.09 -50.65 14.43
CA PRO M 255 -20.36 -50.89 13.74
C PRO M 255 -20.58 -52.33 13.25
N LEU M 256 -19.54 -53.15 13.18
CA LEU M 256 -19.63 -54.45 12.52
C LEU M 256 -18.88 -55.51 13.31
N ASN M 257 -19.18 -56.76 12.99
CA ASN M 257 -18.48 -57.91 13.56
C ASN M 257 -17.11 -58.05 12.93
N LEU M 258 -16.23 -58.77 13.61
CA LEU M 258 -14.90 -59.04 13.08
C LEU M 258 -15.01 -59.89 11.83
N GLU M 259 -14.14 -59.62 10.86
CA GLU M 259 -14.26 -60.20 9.54
C GLU M 259 -13.70 -61.61 9.48
N VAL M 260 -14.35 -62.46 8.71
CA VAL M 260 -13.98 -63.86 8.54
C VAL M 260 -13.38 -64.02 7.15
N PRO M 261 -12.16 -64.53 7.01
CA PRO M 261 -11.58 -64.70 5.68
C PRO M 261 -12.01 -66.01 5.05
N PRO M 262 -11.77 -66.18 3.74
CA PRO M 262 -11.96 -67.50 3.14
C PRO M 262 -10.90 -68.47 3.62
N TYR M 263 -11.32 -69.69 3.96
CA TYR M 263 -10.35 -70.73 4.29
C TYR M 263 -10.86 -72.09 3.86
N GLU M 264 -10.05 -73.12 4.14
CA GLU M 264 -10.49 -74.50 4.05
C GLU M 264 -9.49 -75.39 4.78
N PHE M 265 -9.98 -76.54 5.25
CA PHE M 265 -9.17 -77.50 5.99
C PHE M 265 -8.59 -78.52 5.02
N THR M 266 -7.25 -78.56 4.94
CA THR M 266 -6.56 -79.54 4.13
C THR M 266 -6.15 -80.77 4.91
N ARG M 267 -6.02 -80.66 6.24
CA ARG M 267 -5.83 -81.80 7.10
C ARG M 267 -6.59 -81.53 8.39
N ASP M 268 -6.90 -82.59 9.13
CA ASP M 268 -7.49 -82.41 10.44
C ASP M 268 -6.49 -81.69 11.36
N ASP M 269 -5.27 -81.45 10.86
CA ASP M 269 -4.31 -80.60 11.55
C ASP M 269 -3.66 -79.57 10.63
N MET M 270 -4.31 -79.22 9.51
CA MET M 270 -3.77 -78.18 8.63
C MET M 270 -4.91 -77.40 8.00
N VAL M 271 -4.81 -76.07 8.03
CA VAL M 271 -5.80 -75.19 7.43
C VAL M 271 -5.09 -74.17 6.55
N VAL M 272 -5.72 -73.83 5.43
CA VAL M 272 -5.17 -72.87 4.48
C VAL M 272 -6.12 -71.69 4.36
N VAL M 273 -5.58 -70.48 4.54
CA VAL M 273 -6.34 -69.24 4.41
C VAL M 273 -5.82 -68.50 3.20
N GLY M 274 -6.72 -68.14 2.29
CA GLY M 274 -6.39 -67.54 1.02
C GLY M 274 -7.52 -66.67 0.49
N SER N 8 -47.90 -1.31 42.03
CA SER N 8 -47.65 -2.49 42.90
C SER N 8 -46.14 -2.64 43.22
N ALA N 9 -45.88 -3.44 44.24
CA ALA N 9 -44.55 -3.69 44.79
C ALA N 9 -43.56 -4.18 43.73
N SER N 10 -44.07 -4.84 42.69
CA SER N 10 -43.19 -5.45 41.69
C SER N 10 -42.21 -4.44 41.12
N GLY N 11 -42.61 -3.17 41.03
CA GLY N 11 -41.70 -2.15 40.54
C GLY N 11 -40.49 -1.97 41.43
N LYS N 12 -40.72 -1.83 42.74
CA LYS N 12 -39.61 -1.70 43.67
C LYS N 12 -38.71 -2.94 43.62
N TRP N 13 -39.31 -4.12 43.42
CA TRP N 13 -38.51 -5.34 43.40
C TRP N 13 -37.60 -5.39 42.16
N LEU N 14 -38.17 -5.09 40.99
CA LEU N 14 -37.36 -5.11 39.77
C LEU N 14 -36.27 -4.05 39.83
N ASP N 15 -36.59 -2.84 40.30
CA ASP N 15 -35.59 -1.80 40.43
C ASP N 15 -34.50 -2.22 41.41
N GLY N 16 -34.84 -3.02 42.41
CA GLY N 16 -33.81 -3.50 43.32
C GLY N 16 -32.79 -4.37 42.60
N ILE N 17 -33.27 -5.36 41.86
CA ILE N 17 -32.30 -6.22 41.17
C ILE N 17 -31.51 -5.44 40.13
N ARG N 18 -32.15 -4.46 39.50
CA ARG N 18 -31.46 -3.66 38.48
C ARG N 18 -30.31 -2.87 39.10
N LYS N 19 -30.53 -2.29 40.27
CA LYS N 19 -29.45 -1.58 40.96
C LYS N 19 -28.32 -2.53 41.35
N TRP N 20 -28.68 -3.74 41.79
CA TRP N 20 -27.63 -4.73 42.10
C TRP N 20 -26.79 -5.00 40.87
N TYR N 21 -27.43 -5.21 39.73
CA TYR N 21 -26.67 -5.55 38.53
C TYR N 21 -25.77 -4.37 38.14
N TYR N 22 -26.25 -3.16 38.37
CA TYR N 22 -25.48 -1.97 37.97
C TYR N 22 -24.21 -1.85 38.78
N ASN N 23 -24.30 -2.05 40.11
CA ASN N 23 -23.10 -1.97 40.95
C ASN N 23 -22.15 -3.13 40.65
N ALA N 24 -22.67 -4.30 40.27
CA ALA N 24 -21.78 -5.41 39.94
C ALA N 24 -20.96 -5.15 38.66
N ALA N 25 -21.54 -4.42 37.71
CA ALA N 25 -20.88 -4.15 36.43
C ALA N 25 -19.62 -3.32 36.59
N GLY N 26 -19.67 -2.29 37.44
CA GLY N 26 -18.49 -1.57 37.85
C GLY N 26 -17.90 -0.54 36.92
N PHE N 27 -18.63 -0.14 35.85
CA PHE N 27 -18.09 0.94 35.02
C PHE N 27 -18.19 2.27 35.76
N ASN N 28 -19.05 2.32 36.79
CA ASN N 28 -19.17 3.51 37.62
C ASN N 28 -17.89 3.76 38.43
N LYS N 29 -17.15 2.71 38.76
CA LYS N 29 -15.88 2.86 39.47
C LYS N 29 -14.86 3.64 38.64
N LEU N 30 -14.96 3.56 37.32
CA LEU N 30 -14.10 4.31 36.41
C LEU N 30 -14.62 5.70 36.04
N GLY N 31 -15.75 6.12 36.61
CA GLY N 31 -16.32 7.40 36.28
C GLY N 31 -17.11 7.47 35.00
N LEU N 32 -17.64 6.34 34.53
CA LEU N 32 -18.28 6.24 33.22
C LEU N 32 -19.80 6.09 33.35
N LEU N 33 -20.52 6.68 32.39
CA LEU N 33 -21.95 6.48 32.21
C LEU N 33 -22.22 5.24 31.34
N ARG N 34 -23.47 4.76 31.43
CA ARG N 34 -23.87 3.56 30.70
C ARG N 34 -23.75 3.79 29.19
N ASP N 35 -24.21 4.94 28.72
CA ASP N 35 -24.23 5.18 27.30
C ASP N 35 -22.81 5.32 26.73
N ASP N 36 -21.82 5.61 27.58
CA ASP N 36 -20.42 5.54 27.18
C ASP N 36 -19.96 4.15 26.77
N THR N 37 -20.60 3.08 27.28
CA THR N 37 -20.01 1.76 27.17
C THR N 37 -20.52 0.97 25.97
N MET N 38 -21.34 1.58 25.13
CA MET N 38 -21.86 0.88 23.96
C MET N 38 -20.75 0.63 22.95
N TYR N 39 -20.87 -0.48 22.22
CA TYR N 39 -20.00 -0.74 21.09
C TYR N 39 -20.46 0.10 19.90
N GLU N 40 -19.51 0.66 19.17
CA GLU N 40 -19.82 1.59 18.08
C GLU N 40 -20.05 0.82 16.78
N ASP N 41 -21.28 0.32 16.64
CA ASP N 41 -21.77 -0.18 15.37
C ASP N 41 -22.17 1.02 14.50
N GLU N 42 -22.81 0.74 13.36
CA GLU N 42 -23.13 1.79 12.40
C GLU N 42 -24.11 2.81 13.00
N ASP N 43 -25.21 2.32 13.58
CA ASP N 43 -26.21 3.22 14.12
C ASP N 43 -25.65 4.06 15.26
N VAL N 44 -24.85 3.45 16.13
CA VAL N 44 -24.30 4.16 17.27
C VAL N 44 -23.36 5.27 16.81
N LYS N 45 -22.56 5.01 15.78
CA LYS N 45 -21.69 6.05 15.25
C LYS N 45 -22.49 7.20 14.68
N GLU N 46 -23.63 6.89 14.04
CA GLU N 46 -24.42 7.98 13.48
C GLU N 46 -25.09 8.79 14.58
N ALA N 47 -25.51 8.13 15.65
CA ALA N 47 -26.05 8.85 16.80
C ALA N 47 -24.97 9.72 17.45
N ILE N 48 -23.74 9.22 17.53
CA ILE N 48 -22.66 10.03 18.07
C ILE N 48 -22.38 11.23 17.16
N ARG N 49 -22.51 11.05 15.84
CA ARG N 49 -22.32 12.19 14.96
C ARG N 49 -23.31 13.32 15.26
N ARG N 50 -24.51 12.99 15.75
CA ARG N 50 -25.56 13.98 15.89
C ARG N 50 -25.48 14.77 17.19
N LEU N 51 -24.60 14.39 18.12
CA LEU N 51 -24.56 15.04 19.42
C LEU N 51 -24.16 16.51 19.27
N PRO N 52 -24.64 17.37 20.17
CA PRO N 52 -24.09 18.72 20.25
C PRO N 52 -22.70 18.72 20.90
N ASP N 53 -22.00 19.84 20.72
CA ASP N 53 -20.57 19.88 21.02
C ASP N 53 -20.27 19.57 22.48
N ASN N 54 -21.06 20.14 23.41
CA ASN N 54 -20.76 19.97 24.82
C ASN N 54 -20.80 18.50 25.23
N LEU N 55 -21.85 17.79 24.81
CA LEU N 55 -21.97 16.38 25.14
C LEU N 55 -20.83 15.57 24.54
N TYR N 56 -20.49 15.86 23.28
CA TYR N 56 -19.40 15.16 22.60
C TYR N 56 -18.09 15.31 23.36
N ASN N 57 -17.76 16.55 23.76
CA ASN N 57 -16.49 16.78 24.46
C ASN N 57 -16.48 16.11 25.83
N ASP N 58 -17.59 16.20 26.56
CA ASP N 58 -17.67 15.53 27.85
C ASP N 58 -17.44 14.04 27.70
N ARG N 59 -18.11 13.42 26.71
CA ARG N 59 -17.94 11.99 26.47
C ARG N 59 -16.48 11.66 26.20
N MET N 60 -15.84 12.40 25.30
CA MET N 60 -14.46 12.09 24.94
C MET N 60 -13.55 12.14 26.15
N PHE N 61 -13.68 13.19 26.98
CA PHE N 61 -12.79 13.26 28.14
C PHE N 61 -13.06 12.12 29.12
N ARG N 62 -14.34 11.83 29.38
CA ARG N 62 -14.65 10.74 30.30
C ARG N 62 -13.99 9.44 29.84
N ILE N 63 -14.06 9.18 28.53
CA ILE N 63 -13.52 7.92 28.02
C ILE N 63 -12.01 7.88 28.13
N LYS N 64 -11.33 8.97 27.77
CA LYS N 64 -9.88 9.01 27.91
C LYS N 64 -9.49 8.77 29.37
N ARG N 65 -10.26 9.33 30.31
CA ARG N 65 -9.91 9.22 31.72
C ARG N 65 -10.03 7.78 32.19
N ALA N 66 -11.09 7.09 31.75
CA ALA N 66 -11.23 5.67 32.07
C ALA N 66 -10.07 4.86 31.49
N LEU N 67 -9.67 5.15 30.26
CA LEU N 67 -8.55 4.44 29.66
C LEU N 67 -7.26 4.67 30.44
N ASP N 68 -7.01 5.91 30.87
CA ASP N 68 -5.82 6.18 31.67
C ASP N 68 -5.83 5.38 32.97
N LEU N 69 -6.98 5.37 33.67
CA LEU N 69 -7.08 4.60 34.91
C LEU N 69 -6.79 3.12 34.65
N ASN N 70 -7.40 2.56 33.60
CA ASN N 70 -7.20 1.16 33.26
C ASN N 70 -5.72 0.87 32.99
N LEU N 71 -5.05 1.78 32.29
CA LEU N 71 -3.60 1.71 32.14
C LEU N 71 -2.91 1.60 33.49
N LYS N 72 -3.33 2.43 34.46
CA LYS N 72 -2.71 2.44 35.78
C LYS N 72 -3.35 1.47 36.77
N HIS N 73 -4.05 0.44 36.30
CA HIS N 73 -4.68 -0.53 37.19
C HIS N 73 -5.27 0.10 38.45
N GLN N 74 -6.00 1.20 38.31
CA GLN N 74 -6.55 1.94 39.43
C GLN N 74 -8.01 2.30 39.15
N ILE N 75 -8.67 2.84 40.18
CA ILE N 75 -10.04 3.31 40.06
C ILE N 75 -10.18 4.64 40.80
N LEU N 76 -11.29 5.32 40.55
CA LEU N 76 -11.58 6.57 41.24
C LEU N 76 -11.85 6.36 42.72
N PRO N 77 -11.75 7.41 43.53
CA PRO N 77 -12.25 7.34 44.90
C PRO N 77 -13.74 7.06 44.93
N LYS N 78 -14.18 6.35 45.97
CA LYS N 78 -15.58 5.96 46.07
C LYS N 78 -16.50 7.18 45.99
N GLU N 79 -16.06 8.30 46.56
CA GLU N 79 -16.84 9.53 46.54
C GLU N 79 -17.23 9.96 45.13
N GLN N 80 -16.49 9.53 44.11
CA GLN N 80 -16.64 10.03 42.75
C GLN N 80 -17.26 9.02 41.79
N TRP N 81 -17.69 7.86 42.30
CA TRP N 81 -18.32 6.85 41.47
C TRP N 81 -19.67 7.36 40.94
N THR N 82 -20.05 6.88 39.77
CA THR N 82 -21.35 7.22 39.22
C THR N 82 -22.44 6.48 39.98
N LYS N 83 -23.45 7.21 40.44
CA LYS N 83 -24.51 6.66 41.26
C LYS N 83 -25.72 6.29 40.38
N TYR N 84 -26.41 5.23 40.80
CA TYR N 84 -27.46 4.64 39.98
C TYR N 84 -28.68 5.53 39.84
N GLU N 85 -28.87 6.48 40.73
CA GLU N 85 -30.13 7.18 40.87
C GLU N 85 -30.07 8.56 40.24
N GLU N 86 -28.94 8.90 39.65
CA GLU N 86 -28.69 10.24 39.14
C GLU N 86 -27.79 10.15 37.91
N GLU N 87 -28.09 9.20 37.02
CA GLU N 87 -27.36 9.01 35.79
C GLU N 87 -28.14 9.64 34.64
N ASN N 88 -27.45 9.88 33.53
CA ASN N 88 -28.04 10.56 32.39
C ASN N 88 -27.86 9.71 31.14
N PHE N 89 -28.96 9.26 30.55
CA PHE N 89 -28.94 8.49 29.31
C PHE N 89 -28.94 9.47 28.14
N TYR N 90 -27.79 10.11 27.90
CA TYR N 90 -27.76 11.21 26.96
C TYR N 90 -27.87 10.79 25.50
N LEU N 91 -27.57 9.54 25.16
CA LEU N 91 -27.48 9.10 23.77
C LEU N 91 -28.73 8.39 23.27
N GLU N 92 -29.48 7.72 24.14
CA GLU N 92 -30.72 7.02 23.78
C GLU N 92 -31.62 7.76 22.80
N PRO N 93 -32.00 9.02 23.03
CA PRO N 93 -32.96 9.66 22.10
C PRO N 93 -32.48 9.66 20.64
N TYR N 94 -31.23 10.06 20.43
CA TYR N 94 -30.68 10.14 19.08
C TYR N 94 -30.66 8.76 18.42
N LEU N 95 -30.28 7.75 19.19
CA LEU N 95 -30.22 6.39 18.67
C LEU N 95 -31.59 5.91 18.23
N LYS N 96 -32.63 6.21 19.02
CA LYS N 96 -33.97 5.80 18.62
C LYS N 96 -34.35 6.42 17.28
N GLU N 97 -34.03 7.70 17.07
CA GLU N 97 -34.35 8.28 15.78
C GLU N 97 -33.59 7.60 14.63
N VAL N 98 -32.29 7.37 14.81
CA VAL N 98 -31.51 6.71 13.77
C VAL N 98 -32.14 5.38 13.39
N ILE N 99 -32.55 4.60 14.39
CA ILE N 99 -33.11 3.28 14.13
C ILE N 99 -34.44 3.39 13.42
N ARG N 100 -35.28 4.36 13.81
CA ARG N 100 -36.54 4.57 13.09
C ARG N 100 -36.28 4.82 11.61
N GLU N 101 -35.33 5.71 11.31
CA GLU N 101 -35.05 6.03 9.91
C GLU N 101 -34.65 4.78 9.13
N ARG N 102 -33.74 3.98 9.70
CA ARG N 102 -33.34 2.76 9.00
C ARG N 102 -34.52 1.82 8.79
N LYS N 103 -35.39 1.69 9.80
CA LYS N 103 -36.55 0.81 9.65
C LYS N 103 -37.45 1.28 8.53
N GLU N 104 -37.71 2.58 8.45
CA GLU N 104 -38.51 3.15 7.38
C GLU N 104 -37.92 2.78 6.01
N ARG N 105 -36.61 2.93 5.86
CA ARG N 105 -36.02 2.62 4.56
C ARG N 105 -36.15 1.15 4.21
N GLU N 106 -35.70 0.24 5.09
CA GLU N 106 -36.06 -1.15 4.92
C GLU N 106 -37.50 -1.39 4.46
N GLU N 107 -38.48 -0.83 5.17
CA GLU N 107 -39.87 -1.11 4.81
C GLU N 107 -40.20 -0.62 3.40
N TRP N 108 -39.59 0.49 2.98
CA TRP N 108 -39.74 0.89 1.58
C TRP N 108 -39.16 -0.14 0.63
N ALA N 109 -38.08 -0.80 1.05
CA ALA N 109 -37.34 -1.62 0.10
C ALA N 109 -38.03 -2.93 -0.27
N LYS N 110 -39.09 -3.33 0.43
CA LYS N 110 -39.74 -4.62 0.15
C LYS N 110 -41.00 -4.48 -0.70
N LYS N 111 -41.39 -3.28 -1.07
CA LYS N 111 -42.61 -3.06 -1.83
C LYS N 111 -42.35 -3.13 -3.33
N GLY O 2 -3.46 5.03 5.59
CA GLY O 2 -4.73 4.82 6.33
C GLY O 2 -4.68 5.37 7.74
N ARG O 3 -4.77 4.47 8.71
CA ARG O 3 -4.70 4.85 10.12
C ARG O 3 -3.31 5.41 10.43
N GLU O 4 -3.25 6.65 10.87
CA GLU O 4 -1.99 7.37 11.02
C GLU O 4 -2.17 8.44 12.08
N PHE O 5 -1.09 8.72 12.83
CA PHE O 5 -1.21 9.66 13.94
C PHE O 5 -1.62 11.08 13.58
N GLY O 6 -1.90 11.37 12.32
CA GLY O 6 -2.33 12.73 12.01
C GLY O 6 -3.82 12.99 12.09
N ASN O 7 -4.65 11.97 11.86
CA ASN O 7 -6.09 12.17 11.73
C ASN O 7 -6.89 11.01 12.32
N LEU O 8 -6.60 10.62 13.57
CA LEU O 8 -7.36 9.52 14.15
C LEU O 8 -8.74 9.95 14.64
N THR O 9 -8.83 11.05 15.37
CA THR O 9 -10.11 11.49 15.93
C THR O 9 -10.05 12.99 16.21
N ARG O 10 -11.19 13.53 16.67
CA ARG O 10 -11.35 14.96 16.93
C ARG O 10 -11.62 15.18 18.41
N ILE O 11 -10.74 15.96 19.05
CA ILE O 11 -10.74 16.22 20.48
C ILE O 11 -10.51 17.70 20.72
N ARG O 12 -11.10 18.22 21.80
CA ARG O 12 -10.93 19.63 22.18
C ARG O 12 -10.82 19.78 23.68
N HIS O 13 -9.85 20.58 24.13
CA HIS O 13 -9.78 21.11 25.50
C HIS O 13 -9.34 20.05 26.52
N VAL O 14 -8.34 19.24 26.17
CA VAL O 14 -7.73 18.29 27.10
C VAL O 14 -6.27 18.65 27.26
N ILE O 15 -5.81 18.75 28.51
CA ILE O 15 -4.43 19.12 28.84
C ILE O 15 -3.74 17.93 29.49
N SER O 16 -2.47 17.73 29.15
CA SER O 16 -1.66 16.65 29.67
C SER O 16 -0.38 17.19 30.28
N TYR O 17 0.19 16.44 31.22
CA TYR O 17 1.45 16.79 31.85
C TYR O 17 2.29 15.53 32.04
N SER O 18 3.58 15.64 31.76
CA SER O 18 4.50 14.52 31.91
C SER O 18 5.87 15.00 32.37
N LEU O 19 6.55 14.12 33.08
CA LEU O 19 7.97 14.17 33.42
C LEU O 19 8.80 13.29 32.51
N SER O 20 10.13 13.52 32.53
CA SER O 20 11.00 12.63 31.79
C SER O 20 11.37 11.43 32.67
N PRO O 21 11.69 10.28 32.06
CA PRO O 21 12.01 9.11 32.87
C PRO O 21 13.18 9.32 33.81
N LEU O 22 14.16 10.11 33.41
CA LEU O 22 15.36 10.33 34.22
C LEU O 22 15.13 11.27 35.39
N GLU O 23 13.95 11.89 35.48
CA GLU O 23 13.59 12.76 36.59
C GLU O 23 12.94 12.01 37.74
N GLN O 24 12.44 10.79 37.51
CA GLN O 24 11.56 10.11 38.45
C GLN O 24 12.02 8.67 38.65
N ARG O 25 11.42 8.02 39.65
CA ARG O 25 11.78 6.65 40.03
C ARG O 25 10.94 5.62 39.28
N ALA O 26 11.57 4.46 39.04
CA ALA O 26 10.93 3.39 38.28
C ALA O 26 9.98 2.55 39.12
N LEU O 27 10.27 2.36 40.41
CA LEU O 27 9.42 1.60 41.32
C LEU O 27 9.16 2.46 42.55
N PRO O 28 8.34 3.51 42.42
CA PRO O 28 8.27 4.54 43.46
C PRO O 28 7.69 4.07 44.78
N HIS O 29 6.53 3.40 44.79
CA HIS O 29 5.87 3.00 46.04
C HIS O 29 5.21 1.64 45.84
N VAL O 30 5.86 0.59 46.32
CA VAL O 30 5.39 -0.78 46.14
C VAL O 30 4.55 -1.22 47.34
N LEU O 31 5.16 -1.28 48.53
CA LEU O 31 4.47 -1.83 49.69
C LEU O 31 3.43 -0.88 50.30
N SER O 32 3.49 0.42 49.99
CA SER O 32 2.49 1.32 50.52
C SER O 32 1.31 1.53 49.56
N LYS O 33 1.48 1.22 48.28
CA LYS O 33 0.38 1.40 47.33
C LYS O 33 0.10 0.14 46.51
N GLY O 34 1.14 -0.50 45.99
CA GLY O 34 0.93 -1.61 45.06
C GLY O 34 0.31 -2.82 45.72
N VAL O 35 0.79 -3.19 46.90
CA VAL O 35 0.30 -4.39 47.59
C VAL O 35 -1.19 -4.30 47.87
N PRO O 36 -1.69 -3.25 48.53
CA PRO O 36 -3.15 -3.15 48.77
C PRO O 36 -3.96 -3.19 47.48
N ASN O 37 -3.43 -2.57 46.42
CA ASN O 37 -4.13 -2.56 45.14
C ASN O 37 -4.27 -3.97 44.60
N MET O 38 -3.18 -4.75 44.62
CA MET O 38 -3.27 -6.15 44.23
C MET O 38 -4.29 -6.89 45.08
N LEU O 39 -4.35 -6.56 46.38
CA LEU O 39 -5.28 -7.25 47.25
C LEU O 39 -6.73 -6.98 46.85
N ARG O 40 -7.08 -5.72 46.61
CA ARG O 40 -8.45 -5.43 46.17
C ARG O 40 -8.72 -6.05 44.81
N ARG O 41 -7.72 -6.04 43.93
CA ARG O 41 -7.86 -6.63 42.60
C ARG O 41 -8.15 -8.13 42.67
N VAL O 42 -7.61 -8.80 43.69
CA VAL O 42 -7.95 -10.20 43.93
C VAL O 42 -9.35 -10.30 44.51
N ARG O 43 -9.70 -9.40 45.41
CA ARG O 43 -11.03 -9.42 46.03
C ARG O 43 -12.14 -9.28 44.99
N GLU O 44 -11.95 -8.40 44.01
CA GLU O 44 -13.02 -8.08 43.06
C GLU O 44 -13.35 -9.22 42.11
N SER O 45 -12.51 -10.25 42.02
CA SER O 45 -12.71 -11.33 41.07
C SER O 45 -12.81 -12.71 41.71
N PHE O 46 -12.64 -12.80 43.03
CA PHE O 46 -12.51 -14.10 43.69
C PHE O 46 -13.70 -15.00 43.41
N PHE O 47 -14.91 -14.50 43.68
CA PHE O 47 -16.11 -15.32 43.61
C PHE O 47 -16.64 -15.51 42.20
N ARG O 48 -16.03 -14.88 41.20
CA ARG O 48 -16.41 -15.10 39.82
C ARG O 48 -15.59 -16.23 39.16
N VAL O 49 -14.48 -16.66 39.77
CA VAL O 49 -13.58 -17.61 39.16
C VAL O 49 -13.44 -18.89 39.98
N VAL O 50 -13.29 -18.77 41.30
CA VAL O 50 -12.80 -19.84 42.16
C VAL O 50 -13.78 -21.00 42.33
N PRO O 51 -15.07 -20.73 42.62
CA PRO O 51 -15.97 -21.85 42.94
C PRO O 51 -16.09 -22.89 41.83
N GLN O 52 -16.04 -22.49 40.57
CA GLN O 52 -16.09 -23.46 39.49
C GLN O 52 -14.94 -24.46 39.59
N PHE O 53 -13.73 -23.95 39.87
CA PHE O 53 -12.58 -24.84 40.00
C PHE O 53 -12.69 -25.72 41.24
N VAL O 54 -13.25 -25.19 42.33
CA VAL O 54 -13.49 -26.04 43.49
C VAL O 54 -14.40 -27.21 43.12
N VAL O 55 -15.47 -26.93 42.36
CA VAL O 55 -16.37 -28.00 41.94
C VAL O 55 -15.63 -29.01 41.07
N PHE O 56 -14.78 -28.52 40.17
CA PHE O 56 -13.97 -29.45 39.37
C PHE O 56 -13.15 -30.37 40.26
N TYR O 57 -12.58 -29.82 41.33
CA TYR O 57 -11.72 -30.62 42.20
C TYR O 57 -12.53 -31.70 42.90
N LEU O 58 -13.72 -31.34 43.39
CA LEU O 58 -14.58 -32.34 44.02
C LEU O 58 -14.94 -33.45 43.04
N LEU O 59 -15.31 -33.09 41.81
CA LEU O 59 -15.68 -34.09 40.81
C LEU O 59 -14.51 -35.03 40.53
N TYR O 60 -13.32 -34.47 40.34
CA TYR O 60 -12.14 -35.28 40.07
C TYR O 60 -11.89 -36.29 41.17
N THR O 61 -11.86 -35.83 42.43
CA THR O 61 -11.57 -36.75 43.52
C THR O 61 -12.64 -37.83 43.65
N TRP O 62 -13.92 -37.44 43.52
CA TRP O 62 -14.98 -38.43 43.58
C TRP O 62 -14.77 -39.52 42.54
N GLY O 63 -14.55 -39.11 41.28
CA GLY O 63 -14.47 -40.07 40.20
C GLY O 63 -13.31 -41.03 40.34
N THR O 64 -12.18 -40.50 40.83
CA THR O 64 -11.01 -41.33 41.15
C THR O 64 -11.34 -42.37 42.21
N GLU O 65 -11.84 -41.92 43.36
CA GLU O 65 -12.26 -42.86 44.41
C GLU O 65 -13.20 -43.95 43.89
N GLU O 66 -14.22 -43.56 43.12
CA GLU O 66 -15.20 -44.54 42.65
C GLU O 66 -14.54 -45.59 41.75
N PHE O 67 -13.70 -45.13 40.82
CA PHE O 67 -13.02 -46.05 39.92
C PHE O 67 -12.16 -47.01 40.70
N GLU O 68 -11.49 -46.52 41.74
CA GLU O 68 -10.61 -47.39 42.52
C GLU O 68 -11.39 -48.37 43.38
N LYS O 69 -12.56 -47.98 43.89
CA LYS O 69 -13.41 -48.96 44.57
C LYS O 69 -13.81 -50.08 43.61
N SER O 70 -14.14 -49.72 42.36
CA SER O 70 -14.69 -50.71 41.45
C SER O 70 -13.76 -51.87 41.17
N LYS O 71 -12.47 -51.77 41.52
CA LYS O 71 -11.49 -52.80 41.19
C LYS O 71 -11.24 -53.78 42.33
N ARG O 72 -11.95 -53.66 43.45
CA ARG O 72 -11.73 -54.52 44.62
C ARG O 72 -12.76 -55.63 44.64
N LYS O 73 -12.34 -56.82 45.08
CA LYS O 73 -13.22 -57.98 44.99
C LYS O 73 -14.36 -57.90 46.00
N ASN O 74 -15.54 -58.29 45.54
CA ASN O 74 -16.77 -58.28 46.33
C ASN O 74 -16.89 -59.59 47.08
N PRO O 75 -16.90 -59.61 48.41
CA PRO O 75 -17.06 -60.90 49.11
C PRO O 75 -18.32 -61.66 48.74
N ALA O 76 -19.45 -60.98 48.54
CA ALA O 76 -20.65 -61.72 48.16
C ALA O 76 -20.53 -62.47 46.84
N ALA O 77 -19.51 -62.19 46.03
CA ALA O 77 -19.38 -62.91 44.76
C ALA O 77 -18.95 -64.35 44.96
N TYR O 78 -18.45 -64.72 46.14
CA TYR O 78 -18.06 -66.09 46.44
C TYR O 78 -18.76 -66.66 47.66
N GLU O 79 -19.20 -65.80 48.58
CA GLU O 79 -19.74 -66.26 49.86
C GLU O 79 -21.21 -66.64 49.79
N ASN O 80 -21.93 -66.20 48.76
CA ASN O 80 -23.39 -66.14 48.87
C ASN O 80 -24.06 -67.50 48.75
N ASP O 81 -23.59 -68.37 47.84
CA ASP O 81 -24.34 -69.55 47.47
C ASP O 81 -23.64 -70.88 47.74
N LYS O 82 -22.36 -70.87 48.08
CA LYS O 82 -21.62 -72.11 48.31
C LYS O 82 -20.41 -71.88 49.20
N ALA P 2 31.92 19.99 41.04
CA ALA P 2 32.18 19.92 42.51
C ALA P 2 32.62 18.50 42.88
N ALA P 3 31.63 17.64 43.08
CA ALA P 3 31.86 16.30 43.64
C ALA P 3 32.12 15.32 42.51
N VAL P 4 33.39 15.07 42.20
CA VAL P 4 33.70 14.04 41.22
C VAL P 4 33.23 12.70 41.79
N ALA P 5 32.07 12.24 41.33
CA ALA P 5 31.47 11.01 41.83
C ALA P 5 31.60 9.90 40.79
N PHE P 6 31.46 8.66 41.25
CA PHE P 6 31.90 7.53 40.44
C PHE P 6 31.07 7.39 39.18
N THR P 7 29.74 7.39 39.32
CA THR P 7 28.89 7.18 38.15
C THR P 7 29.00 8.34 37.16
N SER P 8 29.33 9.54 37.63
CA SER P 8 29.49 10.67 36.71
C SER P 8 30.76 10.50 35.86
N LYS P 9 31.86 10.10 36.49
CA LYS P 9 33.07 9.77 35.73
C LYS P 9 32.79 8.66 34.73
N LEU P 10 31.95 7.71 35.14
CA LEU P 10 31.64 6.56 34.30
C LEU P 10 30.85 6.99 33.09
N TYR P 11 29.84 7.83 33.30
CA TYR P 11 29.12 8.43 32.18
C TYR P 11 30.06 9.20 31.26
N SER P 12 30.84 10.13 31.82
CA SER P 12 31.61 11.04 30.98
C SER P 12 32.73 10.33 30.23
N LEU P 13 33.37 9.33 30.84
CA LEU P 13 34.48 8.68 30.15
C LEU P 13 33.98 7.66 29.13
N LEU P 14 33.01 6.82 29.51
CA LEU P 14 32.68 5.64 28.73
C LEU P 14 31.34 5.72 28.01
N PHE P 15 30.26 6.07 28.72
CA PHE P 15 28.92 5.89 28.20
C PHE P 15 28.42 7.02 27.31
N ARG P 16 29.11 8.16 27.29
CA ARG P 16 28.58 9.33 26.58
C ARG P 16 28.53 9.11 25.07
N ARG P 17 29.44 8.30 24.54
CA ARG P 17 29.61 8.12 23.11
C ARG P 17 29.28 6.67 22.77
N THR P 18 28.47 6.46 21.73
CA THR P 18 27.88 5.13 21.54
C THR P 18 28.94 4.10 21.15
N SER P 19 29.86 4.45 20.26
CA SER P 19 30.95 3.54 19.93
C SER P 19 31.69 3.05 21.17
N THR P 20 32.04 3.97 22.08
CA THR P 20 32.81 3.57 23.27
C THR P 20 31.97 2.73 24.22
N PHE P 21 30.69 3.04 24.33
CA PHE P 21 29.74 2.19 25.06
C PHE P 21 29.78 0.75 24.54
N ALA P 22 29.70 0.60 23.22
CA ALA P 22 29.77 -0.74 22.61
C ALA P 22 31.09 -1.43 22.93
N LEU P 23 32.20 -0.69 22.81
CA LEU P 23 33.50 -1.25 23.11
C LEU P 23 33.59 -1.72 24.56
N THR P 24 33.10 -0.89 25.49
CA THR P 24 33.02 -1.26 26.90
C THR P 24 32.28 -2.58 27.07
N ILE P 25 31.21 -2.78 26.30
CA ILE P 25 30.39 -3.97 26.47
C ILE P 25 31.14 -5.22 26.02
N VAL P 26 31.81 -5.14 24.85
CA VAL P 26 32.56 -6.32 24.41
C VAL P 26 33.68 -6.64 25.41
N VAL P 27 34.35 -5.59 25.91
CA VAL P 27 35.45 -5.83 26.85
C VAL P 27 34.91 -6.45 28.14
N GLY P 28 33.74 -6.03 28.60
CA GLY P 28 33.22 -6.62 29.81
C GLY P 28 32.82 -8.07 29.63
N VAL P 29 32.28 -8.39 28.45
CA VAL P 29 31.81 -9.76 28.28
C VAL P 29 33.00 -10.71 28.20
N LEU P 30 34.10 -10.25 27.61
CA LEU P 30 35.27 -11.12 27.52
C LEU P 30 35.66 -11.70 28.89
N PHE P 31 35.64 -10.87 29.92
CA PHE P 31 36.15 -11.22 31.24
C PHE P 31 35.06 -11.86 32.10
N PHE P 32 33.82 -11.35 31.96
CA PHE P 32 32.71 -11.99 32.64
C PHE P 32 32.59 -13.47 32.27
N GLU P 33 32.72 -13.79 30.98
CA GLU P 33 32.56 -15.18 30.56
C GLU P 33 33.48 -16.11 31.34
N ARG P 34 34.77 -15.77 31.38
CA ARG P 34 35.75 -16.64 32.03
C ARG P 34 35.50 -16.73 33.53
N ALA P 35 35.31 -15.59 34.19
CA ALA P 35 35.08 -15.61 35.64
C ALA P 35 33.87 -16.45 36.01
N PHE P 36 32.79 -16.31 35.24
CA PHE P 36 31.52 -16.96 35.51
C PHE P 36 31.62 -18.46 35.30
N ASP P 37 32.18 -18.88 34.16
CA ASP P 37 32.47 -20.29 33.95
C ASP P 37 33.25 -20.89 35.11
N GLN P 38 34.35 -20.26 35.51
CA GLN P 38 35.20 -20.88 36.54
C GLN P 38 34.41 -21.05 37.84
N GLY P 39 33.69 -20.01 38.25
CA GLY P 39 32.90 -20.12 39.47
C GLY P 39 31.89 -21.25 39.42
N ALA P 40 31.15 -21.35 38.31
CA ALA P 40 30.13 -22.39 38.19
C ALA P 40 30.76 -23.77 38.25
N ASP P 41 31.86 -23.98 37.53
CA ASP P 41 32.48 -25.29 37.49
C ASP P 41 32.97 -25.67 38.88
N ALA P 42 33.56 -24.71 39.60
CA ALA P 42 33.96 -24.95 40.97
C ALA P 42 32.78 -25.43 41.82
N ILE P 43 31.65 -24.70 41.74
CA ILE P 43 30.53 -25.07 42.61
C ILE P 43 30.10 -26.50 42.32
N TYR P 44 29.99 -26.83 41.04
CA TYR P 44 29.44 -28.08 40.53
C TYR P 44 30.34 -29.21 41.02
N ASP P 45 31.59 -29.24 40.54
CA ASP P 45 32.60 -30.12 41.13
C ASP P 45 32.51 -30.27 42.65
N HIS P 46 32.23 -29.20 43.39
CA HIS P 46 32.23 -29.31 44.84
C HIS P 46 30.98 -30.02 45.37
N ILE P 47 29.84 -29.83 44.72
CA ILE P 47 28.60 -30.44 45.18
C ILE P 47 28.69 -31.96 45.19
N ASN P 48 29.41 -32.57 44.24
CA ASN P 48 29.45 -34.02 44.12
C ASN P 48 30.87 -34.52 43.96
N GLU P 49 31.74 -34.10 44.89
CA GLU P 49 33.07 -34.70 44.99
C GLU P 49 32.93 -36.20 45.19
N GLY P 50 33.94 -36.93 44.71
CA GLY P 50 34.00 -38.38 44.89
C GLY P 50 33.22 -39.20 43.90
N LYS P 51 32.36 -38.58 43.10
CA LYS P 51 31.48 -39.31 42.19
C LYS P 51 31.77 -39.05 40.71
N LEU P 52 32.70 -38.18 40.38
CA LEU P 52 33.02 -37.85 39.01
C LEU P 52 34.28 -38.60 38.58
N TRP P 53 34.25 -39.13 37.35
CA TRP P 53 35.36 -39.95 36.89
C TRP P 53 36.63 -39.16 36.63
N LYS P 54 36.55 -37.82 36.55
CA LYS P 54 37.77 -37.06 36.36
C LYS P 54 38.77 -37.39 37.47
N HIS P 55 38.31 -37.35 38.72
CA HIS P 55 39.18 -37.65 39.85
C HIS P 55 39.39 -39.14 40.07
N ILE P 56 38.38 -39.98 39.81
CA ILE P 56 38.56 -41.42 39.99
C ILE P 56 39.65 -41.93 39.06
N LYS P 57 39.77 -41.35 37.88
CA LYS P 57 40.82 -41.67 36.92
C LYS P 57 42.17 -41.86 37.58
N GLU Q 25 30.50 -66.75 54.12
CA GLU Q 25 29.06 -66.60 53.98
C GLU Q 25 28.65 -65.15 54.24
N LEU Q 26 27.69 -64.67 53.45
CA LEU Q 26 27.21 -63.31 53.55
C LEU Q 26 25.72 -63.31 53.88
N VAL Q 27 25.31 -62.33 54.68
CA VAL Q 27 23.91 -62.09 54.99
C VAL Q 27 23.49 -60.82 54.26
N ASP Q 28 22.46 -60.93 53.44
CA ASP Q 28 21.98 -59.79 52.67
C ASP Q 28 21.21 -58.84 53.59
N PRO Q 29 21.57 -57.56 53.65
CA PRO Q 29 20.83 -56.64 54.53
C PRO Q 29 19.33 -56.62 54.27
N LEU Q 30 18.91 -56.95 53.04
CA LEU Q 30 17.49 -56.87 52.71
C LEU Q 30 16.66 -57.84 53.55
N THR Q 31 17.13 -59.08 53.70
CA THR Q 31 16.53 -59.99 54.67
C THR Q 31 16.24 -59.32 56.01
N THR Q 32 17.28 -58.81 56.67
CA THR Q 32 17.10 -58.24 58.00
C THR Q 32 16.11 -57.08 57.97
N VAL Q 33 16.23 -56.21 56.98
CA VAL Q 33 15.37 -55.04 56.91
C VAL Q 33 13.92 -55.44 56.75
N ARG Q 34 13.64 -56.44 55.90
CA ARG Q 34 12.28 -56.95 55.81
C ARG Q 34 11.82 -57.47 57.16
N GLU Q 35 12.62 -58.36 57.78
CA GLU Q 35 12.21 -58.93 59.06
C GLU Q 35 11.91 -57.86 60.10
N GLN Q 36 12.55 -56.69 59.99
CA GLN Q 36 12.36 -55.64 60.99
C GLN Q 36 11.09 -54.87 60.70
N CYS Q 37 10.95 -54.36 59.47
CA CYS Q 37 9.70 -53.75 59.03
C CYS Q 37 8.47 -54.61 59.29
N GLU Q 38 8.57 -55.93 59.16
CA GLU Q 38 7.37 -56.74 59.31
C GLU Q 38 6.85 -56.79 60.74
N GLN Q 39 7.54 -56.14 61.68
CA GLN Q 39 7.09 -56.08 63.06
C GLN Q 39 6.07 -54.97 63.31
N LEU Q 40 5.88 -54.08 62.34
CA LEU Q 40 5.13 -52.85 62.58
C LEU Q 40 3.63 -53.06 62.38
N GLU Q 41 2.85 -52.20 63.04
CA GLU Q 41 1.41 -52.40 63.17
C GLU Q 41 0.71 -52.48 61.81
N LYS Q 42 0.99 -51.51 60.93
CA LYS Q 42 0.30 -51.44 59.65
C LYS Q 42 0.57 -52.69 58.83
N CYS Q 43 1.79 -53.24 58.92
CA CYS Q 43 2.05 -54.55 58.37
C CYS Q 43 1.22 -55.64 59.06
N VAL Q 44 1.14 -55.59 60.39
CA VAL Q 44 0.60 -56.73 61.13
C VAL Q 44 -0.86 -56.96 60.78
N LYS Q 45 -1.65 -55.88 60.69
CA LYS Q 45 -3.07 -56.07 60.40
C LYS Q 45 -3.27 -56.69 59.01
N ALA Q 46 -2.52 -56.22 58.02
CA ALA Q 46 -2.61 -56.78 56.67
C ALA Q 46 -2.16 -58.23 56.66
N ARG Q 47 -1.11 -58.55 57.42
CA ARG Q 47 -0.65 -59.94 57.54
C ARG Q 47 -1.75 -60.83 58.09
N GLU Q 48 -2.47 -60.34 59.10
CA GLU Q 48 -3.57 -61.10 59.69
C GLU Q 48 -4.68 -61.33 58.67
N ARG Q 49 -5.04 -60.29 57.91
CA ARG Q 49 -6.04 -60.44 56.86
C ARG Q 49 -5.60 -61.48 55.83
N LEU Q 50 -4.30 -61.49 55.51
CA LEU Q 50 -3.77 -62.47 54.58
C LEU Q 50 -3.99 -63.88 55.10
N GLU Q 51 -3.69 -64.11 56.38
CA GLU Q 51 -3.89 -65.43 56.96
C GLU Q 51 -5.36 -65.85 56.88
N LEU Q 52 -6.26 -64.93 57.23
CA LEU Q 52 -7.69 -65.24 57.16
C LEU Q 52 -8.10 -65.69 55.76
N CYS Q 53 -7.62 -64.97 54.74
CA CYS Q 53 -8.03 -65.31 53.38
C CYS Q 53 -7.42 -66.64 52.92
N ASP Q 54 -6.18 -66.92 53.30
CA ASP Q 54 -5.60 -68.24 53.07
C ASP Q 54 -6.49 -69.32 53.65
N GLU Q 55 -6.96 -69.12 54.88
CA GLU Q 55 -7.76 -70.15 55.53
C GLU Q 55 -9.07 -70.39 54.78
N ARG Q 56 -9.81 -69.32 54.46
CA ARG Q 56 -11.01 -69.53 53.65
C ARG Q 56 -10.67 -70.34 52.42
N VAL Q 57 -9.81 -69.79 51.54
CA VAL Q 57 -9.62 -70.40 50.23
C VAL Q 57 -9.17 -71.85 50.36
N SER Q 58 -8.36 -72.16 51.37
CA SER Q 58 -7.90 -73.53 51.53
C SER Q 58 -9.00 -74.45 52.03
N SER Q 59 -9.98 -73.90 52.77
CA SER Q 59 -10.96 -74.75 53.43
C SER Q 59 -12.10 -75.20 52.51
N ARG Q 60 -12.38 -74.49 51.42
CA ARG Q 60 -13.55 -74.80 50.62
C ARG Q 60 -13.28 -76.00 49.71
N SER Q 61 -14.35 -76.53 49.14
CA SER Q 61 -14.27 -77.66 48.23
C SER Q 61 -14.03 -77.22 46.79
N HIS Q 62 -14.80 -76.24 46.31
CA HIS Q 62 -14.74 -75.82 44.91
C HIS Q 62 -15.08 -74.34 44.85
N THR Q 63 -14.10 -73.50 44.55
CA THR Q 63 -14.31 -72.07 44.47
C THR Q 63 -13.41 -71.47 43.39
N GLU Q 64 -13.78 -70.28 42.92
CA GLU Q 64 -12.99 -69.53 41.95
C GLU Q 64 -12.20 -68.40 42.59
N GLU Q 65 -12.32 -68.21 43.91
CA GLU Q 65 -11.62 -67.15 44.60
C GLU Q 65 -10.12 -67.46 44.68
N ASP Q 66 -9.32 -66.40 44.80
CA ASP Q 66 -7.90 -66.51 45.08
C ASP Q 66 -7.52 -65.45 46.09
N CYS Q 67 -6.33 -65.62 46.69
CA CYS Q 67 -5.91 -64.83 47.83
C CYS Q 67 -4.88 -63.75 47.45
N MET Q 68 -4.96 -63.21 46.23
CA MET Q 68 -3.88 -62.38 45.73
C MET Q 68 -3.99 -60.93 46.21
N GLU Q 69 -5.15 -60.28 45.99
CA GLU Q 69 -5.37 -58.93 46.51
C GLU Q 69 -4.81 -58.70 47.91
N GLU Q 70 -5.09 -59.62 48.85
CA GLU Q 70 -4.59 -59.46 50.21
C GLU Q 70 -3.06 -59.43 50.23
N LEU Q 71 -2.45 -60.33 49.47
CA LEU Q 71 -0.99 -60.37 49.41
C LEU Q 71 -0.42 -59.05 48.88
N LEU Q 72 -1.03 -58.52 47.82
CA LEU Q 72 -0.55 -57.27 47.24
C LEU Q 72 -0.72 -56.12 48.22
N ASP Q 73 -1.83 -56.07 48.96
CA ASP Q 73 -2.00 -55.06 49.98
C ASP Q 73 -0.86 -55.12 51.00
N PHE Q 74 -0.59 -56.32 51.52
CA PHE Q 74 0.47 -56.48 52.51
C PHE Q 74 1.82 -56.06 51.95
N LEU Q 75 2.11 -56.45 50.70
CA LEU Q 75 3.40 -56.11 50.10
C LEU Q 75 3.55 -54.62 49.87
N TYR Q 76 2.48 -53.95 49.41
CA TYR Q 76 2.55 -52.50 49.29
C TYR Q 76 2.93 -51.89 50.63
N ALA Q 77 2.22 -52.29 51.69
CA ALA Q 77 2.45 -51.70 53.01
C ALA Q 77 3.89 -51.92 53.46
N ARG Q 78 4.43 -53.11 53.21
CA ARG Q 78 5.76 -53.45 53.74
C ARG Q 78 6.88 -52.80 52.93
N ASP Q 79 6.82 -52.91 51.60
CA ASP Q 79 7.87 -52.31 50.79
C ASP Q 79 7.88 -50.80 50.94
N HIS Q 80 6.80 -50.17 51.41
CA HIS Q 80 6.90 -48.74 51.67
C HIS Q 80 8.01 -48.44 52.67
N CYS Q 81 8.02 -49.13 53.82
CA CYS Q 81 9.03 -48.85 54.84
C CYS Q 81 10.34 -49.57 54.59
N VAL Q 82 10.39 -50.57 53.71
CA VAL Q 82 11.71 -51.08 53.32
C VAL Q 82 12.49 -50.00 52.57
N ALA Q 83 11.80 -49.25 51.71
CA ALA Q 83 12.47 -48.27 50.86
C ALA Q 83 13.08 -47.12 51.65
N HIS Q 84 12.58 -46.83 52.85
CA HIS Q 84 13.12 -45.77 53.66
C HIS Q 84 14.41 -46.18 54.40
N LYS Q 85 14.76 -47.46 54.40
CA LYS Q 85 15.80 -47.96 55.31
C LYS Q 85 16.76 -48.96 54.71
N LEU Q 86 16.74 -49.20 53.39
CA LEU Q 86 17.58 -50.26 52.85
C LEU Q 86 18.94 -49.75 52.38
N PHE Q 87 18.93 -48.62 51.69
CA PHE Q 87 20.09 -48.03 51.04
C PHE Q 87 21.13 -47.51 52.02
N ASN Q 88 20.78 -47.35 53.30
CA ASN Q 88 21.78 -46.97 54.30
C ASN Q 88 22.80 -48.08 54.51
N ASN Q 89 22.44 -49.33 54.23
CA ASN Q 89 23.31 -50.47 54.45
C ASN Q 89 24.09 -50.88 53.21
N LEU Q 90 23.76 -50.34 52.06
CA LEU Q 90 24.42 -50.70 50.80
C LEU Q 90 25.52 -49.69 50.47
N LYS Q 91 26.34 -50.06 49.50
CA LYS Q 91 27.43 -49.22 49.05
C LYS Q 91 27.11 -48.57 47.71
N GLN R 36 30.39 67.16 9.34
CA GLN R 36 30.58 66.71 7.93
C GLN R 36 29.21 66.59 7.26
N ASP R 37 29.13 67.00 6.00
CA ASP R 37 27.87 67.35 5.36
C ASP R 37 27.63 66.55 4.09
N LEU R 38 26.38 66.59 3.65
CA LEU R 38 25.98 65.97 2.38
C LEU R 38 26.51 66.78 1.20
N GLU R 39 26.60 66.11 0.05
CA GLU R 39 27.05 66.74 -1.19
C GLU R 39 26.19 66.22 -2.35
N PHE R 40 25.26 67.05 -2.81
CA PHE R 40 24.47 66.71 -3.99
C PHE R 40 25.31 66.90 -5.26
N THR R 41 24.94 66.16 -6.30
CA THR R 41 25.65 66.22 -7.58
C THR R 41 24.82 65.51 -8.62
N LYS R 42 24.96 65.93 -9.88
CA LYS R 42 24.24 65.34 -11.00
C LYS R 42 25.22 65.06 -12.13
N LEU R 43 25.14 63.87 -12.69
CA LEU R 43 25.99 63.43 -13.78
C LEU R 43 25.42 63.88 -15.12
N PRO R 44 26.20 63.72 -16.20
CA PRO R 44 25.67 64.06 -17.54
C PRO R 44 24.44 63.25 -17.91
N ASN R 45 24.31 62.02 -17.43
CA ASN R 45 23.12 61.22 -17.71
C ASN R 45 21.86 61.83 -17.11
N GLY R 46 22.00 62.71 -16.13
CA GLY R 46 20.88 63.19 -15.33
C GLY R 46 20.69 62.45 -14.03
N LEU R 47 21.49 61.44 -13.77
CA LEU R 47 21.43 60.71 -12.50
C LEU R 47 21.92 61.59 -11.36
N VAL R 48 21.21 61.56 -10.24
CA VAL R 48 21.62 62.33 -9.06
C VAL R 48 22.38 61.41 -8.12
N ILE R 49 23.45 61.94 -7.50
CA ILE R 49 24.21 61.17 -6.53
C ILE R 49 24.51 62.05 -5.32
N ALA R 50 24.47 61.45 -4.12
CA ALA R 50 24.75 62.17 -2.89
C ALA R 50 25.32 61.20 -1.86
N SER R 51 26.12 61.72 -0.95
CA SER R 51 26.76 60.85 0.04
C SER R 51 27.18 61.64 1.27
N LEU R 52 27.58 60.88 2.30
CA LEU R 52 27.86 61.45 3.62
C LEU R 52 28.67 60.42 4.39
N GLU R 53 29.91 60.77 4.72
CA GLU R 53 30.83 59.86 5.41
C GLU R 53 30.69 60.04 6.91
N ASN R 54 29.58 59.54 7.44
CA ASN R 54 29.49 59.31 8.87
C ASN R 54 30.30 58.09 9.22
N TYR R 55 31.04 58.17 10.32
CA TYR R 55 32.05 57.15 10.62
C TYR R 55 31.47 55.88 11.25
N ALA R 56 30.32 55.46 10.75
CA ALA R 56 29.54 54.32 11.21
C ALA R 56 30.11 53.00 10.70
N PRO R 57 30.01 51.94 11.50
CA PRO R 57 30.53 50.63 11.06
C PRO R 57 29.73 50.02 9.92
N LEU R 58 28.48 50.42 9.73
CA LEU R 58 27.59 49.82 8.75
C LEU R 58 27.27 50.85 7.67
N SER R 59 27.58 50.51 6.42
CA SER R 59 27.31 51.38 5.28
C SER R 59 25.98 51.01 4.64
N ARG R 60 25.25 52.03 4.19
CA ARG R 60 23.94 51.87 3.57
C ARG R 60 23.92 52.61 2.24
N ILE R 61 23.47 51.94 1.19
CA ILE R 61 23.36 52.57 -0.13
C ILE R 61 21.96 52.33 -0.69
N GLY R 62 21.33 53.39 -1.17
CA GLY R 62 19.98 53.33 -1.73
C GLY R 62 19.97 53.81 -3.17
N LEU R 63 19.28 53.07 -4.02
CA LEU R 63 18.94 53.49 -5.38
C LEU R 63 17.45 53.77 -5.43
N PHE R 64 17.08 55.00 -5.78
CA PHE R 64 15.70 55.47 -5.75
C PHE R 64 15.25 55.83 -7.16
N ILE R 65 14.00 55.51 -7.46
CA ILE R 65 13.46 55.55 -8.82
C ILE R 65 12.05 56.12 -8.78
N LYS R 66 11.74 56.98 -9.75
CA LYS R 66 10.36 57.42 -9.97
C LYS R 66 9.61 56.30 -10.67
N ALA R 67 9.07 55.37 -9.88
CA ALA R 67 8.19 54.35 -10.41
C ALA R 67 7.22 53.94 -9.31
N GLY R 68 6.18 53.21 -9.72
CA GLY R 68 5.19 52.75 -8.77
C GLY R 68 3.89 52.43 -9.49
N SER R 69 2.88 52.14 -8.68
CA SER R 69 1.60 51.67 -9.21
C SER R 69 0.85 52.75 -9.96
N ARG R 70 1.16 54.03 -9.74
CA ARG R 70 0.40 55.06 -10.45
C ARG R 70 0.71 55.06 -11.95
N TYR R 71 1.79 54.44 -12.37
CA TYR R 71 2.13 54.36 -13.79
C TYR R 71 1.59 53.11 -14.47
N GLU R 72 0.81 52.28 -13.77
CA GLU R 72 0.11 51.18 -14.42
C GLU R 72 -1.22 51.68 -14.99
N ASP R 73 -1.81 50.87 -15.85
CA ASP R 73 -3.15 51.11 -16.36
C ASP R 73 -3.94 49.81 -16.31
N SER R 74 -5.24 49.89 -16.60
CA SER R 74 -6.11 48.73 -16.43
C SER R 74 -5.68 47.49 -17.18
N ASN R 75 -4.76 47.59 -18.14
CA ASN R 75 -4.36 46.41 -18.90
C ASN R 75 -3.17 45.67 -18.30
N ASN R 76 -2.42 46.28 -17.39
CA ASN R 76 -1.27 45.64 -16.78
C ASN R 76 -1.20 45.90 -15.28
N LEU R 77 -2.34 45.82 -14.60
CA LEU R 77 -2.34 45.99 -13.15
C LEU R 77 -1.57 44.85 -12.47
N GLY R 78 -0.98 45.17 -11.32
CA GLY R 78 -0.20 44.24 -10.54
C GLY R 78 1.23 44.04 -10.96
N THR R 79 1.68 44.67 -12.04
CA THR R 79 3.03 44.42 -12.54
C THR R 79 4.08 44.76 -11.49
N THR R 80 3.91 45.91 -10.83
CA THR R 80 4.94 46.41 -9.91
C THR R 80 5.07 45.55 -8.66
N HIS R 81 3.96 44.95 -8.21
CA HIS R 81 4.02 44.04 -7.07
C HIS R 81 4.94 42.85 -7.36
N LEU R 82 4.68 42.16 -8.47
CA LEU R 82 5.55 41.08 -8.88
C LEU R 82 6.97 41.59 -9.12
N LEU R 83 7.11 42.83 -9.57
CA LEU R 83 8.44 43.38 -9.82
C LEU R 83 9.24 43.50 -8.53
N ARG R 84 8.59 43.94 -7.44
CA ARG R 84 9.31 44.03 -6.18
C ARG R 84 9.57 42.65 -5.60
N LEU R 85 8.70 41.68 -5.87
CA LEU R 85 9.02 40.33 -5.42
C LEU R 85 10.09 39.65 -6.26
N ALA R 86 10.24 40.04 -7.53
CA ALA R 86 11.18 39.37 -8.42
C ALA R 86 12.64 39.80 -8.23
N SER R 87 12.97 40.47 -7.14
CA SER R 87 14.28 41.12 -7.01
C SER R 87 15.41 40.14 -6.66
N SER R 88 15.24 38.85 -6.94
CA SER R 88 16.36 37.92 -6.82
C SER R 88 16.33 36.87 -7.93
N LEU R 89 15.55 37.08 -8.98
CA LEU R 89 15.63 36.21 -10.15
C LEU R 89 16.93 36.49 -10.91
N THR R 90 17.26 35.58 -11.82
CA THR R 90 18.54 35.63 -12.50
C THR R 90 18.64 36.86 -13.39
N THR R 91 19.88 37.26 -13.65
CA THR R 91 20.20 38.44 -14.44
C THR R 91 21.26 38.08 -15.48
N LYS R 92 21.54 39.02 -16.38
CA LYS R 92 22.59 38.78 -17.37
C LYS R 92 23.96 38.72 -16.72
N GLY R 93 24.11 39.33 -15.55
CA GLY R 93 25.39 39.38 -14.89
C GLY R 93 25.57 38.39 -13.76
N ALA R 94 24.50 37.96 -13.09
CA ALA R 94 24.71 36.98 -12.04
C ALA R 94 23.52 36.06 -11.85
N SER R 95 23.81 34.80 -11.60
CA SER R 95 22.81 33.77 -11.38
C SER R 95 22.04 34.04 -10.10
N SER R 96 20.79 33.57 -10.06
CA SER R 96 19.96 33.70 -8.86
C SER R 96 20.64 33.06 -7.65
N PHE R 97 21.12 31.83 -7.82
CA PHE R 97 21.88 31.15 -6.77
C PHE R 97 23.03 32.02 -6.29
N LYS R 98 23.79 32.58 -7.24
CA LYS R 98 24.92 33.43 -6.88
C LYS R 98 24.46 34.65 -6.09
N ILE R 99 23.41 35.33 -6.56
CA ILE R 99 22.98 36.54 -5.85
C ILE R 99 22.61 36.18 -4.41
N THR R 100 21.74 35.18 -4.25
CA THR R 100 21.26 34.80 -2.93
C THR R 100 22.41 34.43 -2.00
N ARG R 101 23.22 33.44 -2.40
CA ARG R 101 24.26 32.95 -1.50
C ARG R 101 25.31 34.01 -1.25
N GLY R 102 25.66 34.80 -2.26
CA GLY R 102 26.68 35.82 -2.08
C GLY R 102 26.26 36.91 -1.12
N ILE R 103 24.98 37.31 -1.16
CA ILE R 103 24.50 38.28 -0.19
C ILE R 103 24.46 37.66 1.20
N GLU R 104 24.08 36.39 1.31
CA GLU R 104 24.06 35.76 2.63
C GLU R 104 25.45 35.64 3.22
N ALA R 105 26.46 35.34 2.40
CA ALA R 105 27.77 34.96 2.91
C ALA R 105 28.50 36.07 3.66
N VAL R 106 28.07 37.32 3.49
CA VAL R 106 28.64 38.44 4.23
C VAL R 106 27.70 38.98 5.29
N GLY R 107 26.48 38.47 5.37
CA GLY R 107 25.51 38.89 6.37
C GLY R 107 24.64 40.05 5.96
N SER R 108 24.72 40.50 4.71
CA SER R 108 24.10 41.73 4.27
C SER R 108 22.62 41.51 3.93
N LYS R 109 21.95 42.61 3.58
CA LYS R 109 20.57 42.58 3.13
C LYS R 109 20.40 43.46 1.89
N LEU R 110 19.46 43.04 1.04
CA LEU R 110 18.95 43.82 -0.09
C LEU R 110 17.43 43.90 0.05
N SER R 111 16.94 45.08 0.40
CA SER R 111 15.50 45.33 0.50
C SER R 111 14.97 46.07 -0.73
N VAL R 112 13.65 45.95 -0.93
CA VAL R 112 12.91 46.74 -1.90
C VAL R 112 11.67 47.28 -1.22
N THR R 113 11.41 48.57 -1.40
CA THR R 113 10.29 49.28 -0.79
C THR R 113 9.58 50.09 -1.85
N ALA R 114 8.25 50.09 -1.86
CA ALA R 114 7.58 50.95 -2.83
C ALA R 114 6.54 51.83 -2.17
N THR R 115 6.07 52.81 -2.96
CA THR R 115 4.86 53.58 -2.70
C THR R 115 4.07 53.61 -4.00
N ARG R 116 3.04 54.45 -4.09
CA ARG R 116 2.39 54.63 -5.38
C ARG R 116 3.25 55.42 -6.35
N GLU R 117 4.19 56.23 -5.85
CA GLU R 117 4.95 57.13 -6.70
C GLU R 117 6.43 56.78 -6.87
N THR R 118 7.03 56.01 -5.95
CA THR R 118 8.47 55.78 -5.99
C THR R 118 8.78 54.33 -5.64
N MET R 119 9.92 53.84 -6.15
CA MET R 119 10.47 52.56 -5.68
C MET R 119 11.91 52.75 -5.24
N ALA R 120 12.34 51.92 -4.30
CA ALA R 120 13.68 52.03 -3.72
C ALA R 120 14.27 50.65 -3.49
N TYR R 121 15.52 50.47 -3.92
CA TYR R 121 16.32 49.28 -3.66
C TYR R 121 17.45 49.68 -2.73
N THR R 122 17.54 49.01 -1.57
CA THR R 122 18.51 49.41 -0.57
C THR R 122 19.40 48.23 -0.17
N VAL R 123 20.68 48.54 0.09
CA VAL R 123 21.70 47.56 0.43
C VAL R 123 22.36 47.98 1.73
N GLU R 124 22.55 47.00 2.63
CA GLU R 124 23.26 47.23 3.88
C GLU R 124 24.47 46.31 3.96
N CYS R 125 25.61 46.85 4.39
CA CYS R 125 26.80 45.99 4.45
C CYS R 125 27.83 46.57 5.41
N LEU R 126 28.72 45.69 5.87
CA LEU R 126 29.85 46.10 6.68
C LEU R 126 30.88 46.82 5.80
N ARG R 127 31.78 47.55 6.46
CA ARG R 127 32.75 48.36 5.72
C ARG R 127 33.69 47.47 4.93
N GLY R 128 33.85 47.76 3.64
CA GLY R 128 34.69 46.99 2.76
C GLY R 128 33.95 46.00 1.87
N ASP R 129 32.64 45.83 2.07
CA ASP R 129 31.85 44.88 1.31
C ASP R 129 31.24 45.47 0.04
N VAL R 130 31.29 46.80 -0.10
CA VAL R 130 30.50 47.52 -1.10
C VAL R 130 30.59 46.89 -2.49
N ASP R 131 31.81 46.73 -3.03
CA ASP R 131 31.98 46.63 -4.48
C ASP R 131 31.09 45.56 -5.12
N ILE R 132 31.15 44.33 -4.59
CA ILE R 132 30.44 43.22 -5.22
C ILE R 132 28.92 43.39 -5.08
N LEU R 133 28.48 43.84 -3.90
CA LEU R 133 27.07 44.16 -3.72
C LEU R 133 26.61 45.23 -4.70
N MET R 134 27.48 46.15 -5.08
CA MET R 134 27.11 47.16 -6.06
C MET R 134 26.98 46.56 -7.45
N GLU R 135 27.84 45.59 -7.78
CA GLU R 135 27.61 44.83 -9.01
C GLU R 135 26.21 44.21 -9.02
N PHE R 136 25.81 43.64 -7.89
CA PHE R 136 24.49 42.99 -7.78
C PHE R 136 23.38 44.01 -7.98
N LEU R 137 23.50 45.17 -7.32
CA LEU R 137 22.52 46.24 -7.48
C LEU R 137 22.39 46.63 -8.95
N LEU R 138 23.52 46.84 -9.62
CA LEU R 138 23.51 47.23 -11.02
C LEU R 138 22.78 46.19 -11.86
N ASN R 139 23.10 44.91 -11.68
CA ASN R 139 22.46 43.91 -12.53
C ASN R 139 20.99 43.76 -12.21
N VAL R 140 20.59 43.92 -10.96
CA VAL R 140 19.18 43.79 -10.62
C VAL R 140 18.36 44.90 -11.28
N THR R 141 18.92 46.12 -11.36
CA THR R 141 18.11 47.23 -11.87
C THR R 141 18.28 47.52 -13.35
N THR R 142 19.42 47.21 -13.96
CA THR R 142 19.69 47.61 -15.33
C THR R 142 19.71 46.45 -16.33
N ALA R 143 19.76 45.22 -15.87
CA ALA R 143 19.90 44.08 -16.76
C ALA R 143 19.28 42.85 -16.13
N PRO R 144 17.96 42.87 -15.90
CA PRO R 144 17.26 41.67 -15.46
C PRO R 144 16.85 40.77 -16.61
N GLU R 145 16.94 39.48 -16.38
CA GLU R 145 16.23 38.49 -17.18
C GLU R 145 14.95 38.11 -16.46
N PHE R 146 13.90 37.87 -17.22
CA PHE R 146 12.61 37.50 -16.67
C PHE R 146 12.18 36.16 -17.26
N ARG R 147 13.03 35.16 -17.05
CA ARG R 147 12.85 33.83 -17.61
C ARG R 147 11.46 33.27 -17.31
N ARG R 148 10.84 32.70 -18.34
CA ARG R 148 9.45 32.26 -18.23
C ARG R 148 9.23 31.40 -17.00
N TRP R 149 10.07 30.38 -16.82
CA TRP R 149 9.82 29.40 -15.75
C TRP R 149 10.02 30.01 -14.37
N GLU R 150 11.00 30.88 -14.18
CA GLU R 150 11.18 31.49 -12.87
C GLU R 150 10.01 32.41 -12.53
N VAL R 151 9.53 33.18 -13.50
CA VAL R 151 8.39 34.05 -13.26
C VAL R 151 7.16 33.20 -12.91
N ALA R 152 6.95 32.12 -13.66
CA ALA R 152 5.80 31.26 -13.46
C ALA R 152 5.88 30.46 -12.17
N ASP R 153 7.08 30.28 -11.62
CA ASP R 153 7.19 29.69 -10.29
C ASP R 153 7.04 30.72 -9.19
N LEU R 154 7.29 31.99 -9.51
CA LEU R 154 7.15 33.07 -8.54
C LEU R 154 5.73 33.55 -8.37
N GLN R 155 4.85 33.31 -9.35
CA GLN R 155 3.49 33.86 -9.26
C GLN R 155 2.76 33.52 -7.96
N PRO R 156 2.68 32.27 -7.50
CA PRO R 156 1.78 31.97 -6.37
C PRO R 156 2.12 32.69 -5.08
N GLN R 157 3.24 33.41 -5.01
CA GLN R 157 3.61 34.13 -3.78
C GLN R 157 2.89 35.47 -3.65
N LEU R 158 2.36 36.01 -4.74
CA LEU R 158 1.55 37.22 -4.67
C LEU R 158 0.37 37.02 -3.72
N LYS R 159 -0.34 35.90 -3.87
CA LYS R 159 -1.48 35.60 -3.02
C LYS R 159 -1.09 35.64 -1.54
N ILE R 160 0.01 34.96 -1.21
CA ILE R 160 0.46 34.83 0.17
C ILE R 160 0.87 36.19 0.74
N ASP R 161 1.65 36.96 -0.02
CA ASP R 161 2.09 38.26 0.44
C ASP R 161 0.91 39.18 0.69
N LYS R 162 -0.03 39.23 -0.25
CA LYS R 162 -1.22 40.04 -0.07
C LYS R 162 -2.01 39.60 1.16
N ALA R 163 -2.01 38.30 1.44
CA ALA R 163 -2.79 37.82 2.58
C ALA R 163 -2.17 38.33 3.88
N VAL R 164 -0.85 38.18 4.02
CA VAL R 164 -0.26 38.68 5.27
C VAL R 164 -0.45 40.19 5.37
N ALA R 165 -0.39 40.91 4.25
CA ALA R 165 -0.64 42.34 4.30
C ALA R 165 -2.05 42.63 4.79
N PHE R 166 -3.04 41.90 4.26
CA PHE R 166 -4.44 42.15 4.54
C PHE R 166 -4.92 41.54 5.85
N GLN R 167 -4.01 41.03 6.69
CA GLN R 167 -4.42 40.69 8.05
C GLN R 167 -4.71 41.95 8.88
N ASN R 168 -3.87 42.98 8.79
CA ASN R 168 -4.18 44.22 9.47
C ASN R 168 -5.31 44.92 8.71
N PRO R 169 -6.45 45.21 9.36
CA PRO R 169 -7.61 45.75 8.62
C PRO R 169 -7.38 47.14 8.01
N GLN R 170 -6.47 47.94 8.57
CA GLN R 170 -6.28 49.30 8.09
C GLN R 170 -5.88 49.33 6.61
N THR R 171 -5.14 48.33 6.16
CA THR R 171 -4.54 48.37 4.83
C THR R 171 -5.59 48.33 3.73
N HIS R 172 -6.56 47.42 3.87
CA HIS R 172 -7.55 47.28 2.80
C HIS R 172 -8.54 48.44 2.81
N VAL R 173 -8.78 49.04 3.97
CA VAL R 173 -9.60 50.24 4.03
C VAL R 173 -8.93 51.39 3.29
N ILE R 174 -7.63 51.60 3.54
CA ILE R 174 -6.92 52.70 2.86
C ILE R 174 -6.86 52.45 1.35
N GLU R 175 -6.66 51.17 0.96
CA GLU R 175 -6.69 50.82 -0.45
C GLU R 175 -8.02 51.23 -1.10
N ASN R 176 -9.13 50.91 -0.44
CA ASN R 176 -10.44 51.31 -0.96
C ASN R 176 -10.59 52.83 -1.00
N LEU R 177 -10.01 53.52 -0.02
CA LEU R 177 -10.13 54.97 0.02
C LEU R 177 -9.51 55.60 -1.22
N HIS R 178 -8.37 55.08 -1.66
CA HIS R 178 -7.78 55.64 -2.86
C HIS R 178 -8.63 55.36 -4.10
N ALA R 179 -9.28 54.20 -4.14
CA ALA R 179 -10.13 53.85 -5.28
C ALA R 179 -11.36 54.76 -5.41
N ALA R 180 -12.02 55.00 -4.30
CA ALA R 180 -13.10 55.99 -4.11
C ALA R 180 -12.66 57.42 -4.41
N ALA R 181 -11.48 57.82 -3.96
CA ALA R 181 -11.06 59.22 -4.04
C ALA R 181 -10.63 59.64 -5.44
N TYR R 182 -10.14 58.72 -6.28
CA TYR R 182 -9.55 59.09 -7.57
C TYR R 182 -10.11 58.22 -8.69
N ARG R 183 -10.25 58.84 -9.87
CA ARG R 183 -10.71 58.12 -11.06
C ARG R 183 -9.62 57.24 -11.68
N ASN R 184 -8.37 57.71 -11.81
CA ASN R 184 -7.45 56.95 -12.64
C ASN R 184 -6.17 56.45 -11.97
N ALA R 185 -5.30 57.36 -11.50
CA ALA R 185 -3.89 57.02 -11.27
C ALA R 185 -3.52 56.66 -9.83
N LEU R 186 -3.76 57.57 -8.87
CA LEU R 186 -3.50 57.24 -7.48
C LEU R 186 -4.48 56.21 -6.97
N ALA R 187 -5.51 55.93 -7.78
CA ALA R 187 -6.49 54.89 -7.50
C ALA R 187 -5.90 53.48 -7.62
N ASN R 188 -4.92 53.28 -8.50
CA ASN R 188 -4.41 51.94 -8.77
C ASN R 188 -3.86 51.30 -7.49
N PRO R 189 -4.06 49.99 -7.30
CA PRO R 189 -3.75 49.37 -6.01
C PRO R 189 -2.27 49.04 -5.86
N LEU R 190 -1.80 49.08 -4.61
CA LEU R 190 -0.43 48.67 -4.34
C LEU R 190 -0.23 47.17 -4.48
N TYR R 191 -1.22 46.37 -4.08
CA TYR R 191 -1.18 44.91 -4.18
C TYR R 191 -1.97 44.41 -5.38
N CYS R 192 -1.52 43.29 -5.94
CA CYS R 192 -2.05 42.79 -7.20
C CYS R 192 -3.53 42.46 -7.10
N PRO R 193 -4.33 42.77 -8.14
CA PRO R 193 -5.71 42.28 -8.16
C PRO R 193 -5.79 40.77 -8.26
N ASP R 194 -6.83 40.21 -7.64
CA ASP R 194 -6.95 38.76 -7.55
C ASP R 194 -7.10 38.12 -8.93
N TYR R 195 -7.87 38.75 -9.81
CA TYR R 195 -8.08 38.19 -11.14
C TYR R 195 -6.81 38.17 -11.98
N ARG R 196 -5.77 38.89 -11.56
CA ARG R 196 -4.53 38.99 -12.32
C ARG R 196 -3.44 38.04 -11.84
N ILE R 197 -3.61 37.41 -10.67
CA ILE R 197 -2.59 36.52 -10.14
C ILE R 197 -2.49 35.29 -11.04
N GLY R 198 -1.26 34.93 -11.42
CA GLY R 198 -1.02 33.87 -12.35
C GLY R 198 -1.03 34.29 -13.80
N LYS R 199 -1.34 35.56 -14.09
CA LYS R 199 -1.44 36.04 -15.46
C LYS R 199 -0.70 37.36 -15.66
N VAL R 200 0.34 37.60 -14.86
CA VAL R 200 1.34 38.62 -15.16
C VAL R 200 2.46 37.95 -15.94
N THR R 201 2.87 38.56 -17.04
CA THR R 201 3.79 37.92 -17.99
C THR R 201 5.16 38.58 -17.95
N SER R 202 6.13 37.86 -18.50
CA SER R 202 7.50 38.35 -18.59
C SER R 202 7.59 39.59 -19.48
N GLU R 203 6.83 39.60 -20.57
CA GLU R 203 6.86 40.73 -21.49
C GLU R 203 6.44 42.02 -20.80
N GLU R 204 5.43 41.95 -19.94
CA GLU R 204 4.99 43.13 -19.20
C GLU R 204 6.11 43.67 -18.31
N LEU R 205 6.81 42.77 -17.61
CA LEU R 205 7.92 43.19 -16.76
C LEU R 205 9.01 43.87 -17.58
N HIS R 206 9.39 43.26 -18.70
CA HIS R 206 10.40 43.86 -19.55
C HIS R 206 9.99 45.25 -20.01
N TYR R 207 8.74 45.38 -20.47
CA TYR R 207 8.26 46.67 -20.97
C TYR R 207 8.28 47.73 -19.88
N PHE R 208 7.78 47.39 -18.69
CA PHE R 208 7.75 48.36 -17.62
C PHE R 208 9.16 48.83 -17.25
N VAL R 209 10.09 47.89 -17.11
CA VAL R 209 11.45 48.29 -16.75
C VAL R 209 12.06 49.15 -17.84
N GLN R 210 11.86 48.76 -19.11
CA GLN R 210 12.46 49.53 -20.19
C GLN R 210 11.90 50.94 -20.29
N ASN R 211 10.64 51.14 -19.90
CA ASN R 211 10.00 52.44 -20.05
C ASN R 211 9.99 53.29 -18.80
N HIS R 212 10.43 52.77 -17.65
CA HIS R 212 10.40 53.56 -16.42
C HIS R 212 11.68 53.55 -15.60
N PHE R 213 12.56 52.58 -15.77
CA PHE R 213 13.83 52.56 -15.03
C PHE R 213 14.90 53.28 -15.86
N THR R 214 14.78 54.61 -15.88
CA THR R 214 15.62 55.44 -16.72
C THR R 214 16.44 56.42 -15.87
N SER R 215 17.64 56.75 -16.36
CA SER R 215 18.64 57.42 -15.55
C SER R 215 18.21 58.80 -15.07
N ALA R 216 17.35 59.50 -15.82
CA ALA R 216 16.90 60.81 -15.39
C ALA R 216 15.78 60.72 -14.37
N ARG R 217 15.32 59.52 -14.03
CA ARG R 217 14.35 59.28 -12.98
C ARG R 217 15.00 58.78 -11.70
N MET R 218 16.33 58.84 -11.59
CA MET R 218 17.08 58.10 -10.57
C MET R 218 17.95 58.98 -9.68
N ALA R 219 18.13 58.48 -8.45
CA ALA R 219 19.15 59.00 -7.55
C ALA R 219 19.81 57.85 -6.78
N LEU R 220 21.09 58.04 -6.49
CA LEU R 220 21.91 57.11 -5.72
C LEU R 220 22.41 57.84 -4.48
N ILE R 221 22.13 57.28 -3.30
CA ILE R 221 22.43 57.91 -2.03
C ILE R 221 23.28 56.96 -1.20
N GLY R 222 24.30 57.51 -0.54
CA GLY R 222 25.22 56.70 0.26
C GLY R 222 25.54 57.28 1.63
N LEU R 223 25.22 56.54 2.68
CA LEU R 223 25.62 56.85 4.05
C LEU R 223 26.71 55.87 4.48
N GLY R 224 27.80 56.41 5.02
CA GLY R 224 28.92 55.57 5.40
C GLY R 224 29.90 55.37 4.27
N VAL R 225 30.03 56.37 3.41
CA VAL R 225 30.68 56.23 2.10
C VAL R 225 31.20 57.59 1.69
N SER R 226 32.45 57.62 1.25
CA SER R 226 33.09 58.84 0.77
C SER R 226 32.70 59.11 -0.67
N HIS R 227 32.34 60.36 -0.97
CA HIS R 227 32.01 60.78 -2.33
C HIS R 227 32.89 60.16 -3.42
N PRO R 228 34.22 60.17 -3.33
CA PRO R 228 35.00 59.48 -4.38
C PRO R 228 34.58 58.03 -4.59
N VAL R 229 34.34 57.30 -3.51
CA VAL R 229 33.93 55.90 -3.62
C VAL R 229 32.56 55.79 -4.28
N LEU R 230 31.64 56.67 -3.90
CA LEU R 230 30.32 56.63 -4.53
C LEU R 230 30.39 57.05 -5.99
N LYS R 231 31.38 57.86 -6.35
CA LYS R 231 31.61 58.16 -7.76
C LYS R 231 32.09 56.91 -8.50
N GLN R 232 33.02 56.17 -7.90
CA GLN R 232 33.43 54.90 -8.50
C GLN R 232 32.23 53.99 -8.71
N VAL R 233 31.30 53.99 -7.76
CA VAL R 233 30.10 53.16 -7.92
C VAL R 233 29.23 53.68 -9.06
N ALA R 234 28.88 54.97 -9.00
CA ALA R 234 28.01 55.54 -10.03
C ALA R 234 28.60 55.42 -11.43
N GLU R 235 29.91 55.25 -11.55
CA GLU R 235 30.57 55.14 -12.85
C GLU R 235 30.00 54.00 -13.69
N GLN R 236 29.49 52.94 -13.05
CA GLN R 236 29.01 51.76 -13.77
C GLN R 236 27.67 51.99 -14.46
N PHE R 237 26.98 53.05 -14.08
CA PHE R 237 25.67 53.47 -14.53
C PHE R 237 25.73 54.47 -15.69
N LEU R 238 26.92 54.72 -16.22
CA LEU R 238 27.07 55.76 -17.23
C LEU R 238 26.47 55.37 -18.58
N ASN R 239 26.45 54.07 -18.92
CA ASN R 239 25.98 53.60 -20.21
C ASN R 239 24.57 53.02 -20.13
N MET R 240 23.81 53.32 -19.07
CA MET R 240 22.48 52.77 -18.96
C MET R 240 21.49 53.60 -19.77
N ARG R 241 20.23 53.16 -19.76
CA ARG R 241 19.17 53.84 -20.47
C ARG R 241 19.07 55.30 -20.09
N GLY R 242 19.05 56.17 -21.11
CA GLY R 242 19.12 57.60 -20.91
C GLY R 242 17.77 58.30 -21.03
N GLY R 243 17.78 59.57 -20.62
CA GLY R 243 16.63 60.44 -20.76
C GLY R 243 15.50 60.09 -19.81
N PHE R 244 14.33 60.61 -20.16
CA PHE R 244 13.08 60.41 -19.44
C PHE R 244 12.33 59.23 -20.05
N GLY R 245 11.18 58.92 -19.46
CA GLY R 245 10.38 57.81 -19.92
C GLY R 245 8.97 58.23 -20.28
N LEU R 246 8.01 57.35 -20.05
CA LEU R 246 6.61 57.69 -20.23
C LEU R 246 6.11 58.39 -18.96
N SER R 247 5.55 59.59 -19.15
CA SER R 247 5.32 60.53 -18.05
C SER R 247 4.03 60.26 -17.29
N GLY R 248 3.07 59.60 -17.91
CA GLY R 248 1.84 59.20 -17.24
C GLY R 248 0.71 60.20 -17.42
N VAL R 249 -0.30 60.06 -16.58
CA VAL R 249 -1.46 60.94 -16.60
C VAL R 249 -1.65 61.58 -15.23
N LYS R 250 -2.29 62.75 -15.22
CA LYS R 250 -2.60 63.45 -13.99
C LYS R 250 -3.80 62.82 -13.31
N ALA R 251 -3.79 62.81 -11.99
CA ALA R 251 -4.87 62.19 -11.22
C ALA R 251 -6.09 63.09 -11.20
N LYS R 252 -7.26 62.47 -11.38
CA LYS R 252 -8.55 63.17 -11.38
C LYS R 252 -9.38 62.71 -10.19
N TYR R 253 -10.00 63.66 -9.51
CA TYR R 253 -10.69 63.39 -8.26
C TYR R 253 -12.06 62.77 -8.51
N ARG R 254 -12.44 61.84 -7.63
CA ARG R 254 -13.74 61.21 -7.62
C ARG R 254 -14.39 61.46 -6.26
N GLY R 255 -15.69 61.72 -6.26
CA GLY R 255 -16.42 61.81 -5.01
C GLY R 255 -17.07 60.49 -4.64
N GLY R 256 -16.25 59.45 -4.50
CA GLY R 256 -16.74 58.09 -4.41
C GLY R 256 -17.25 57.69 -3.04
N GLU R 257 -17.64 56.42 -2.97
CA GLU R 257 -18.09 55.79 -1.73
C GLU R 257 -18.07 54.29 -1.95
N ILE R 258 -17.39 53.57 -1.06
CA ILE R 258 -17.27 52.12 -1.15
C ILE R 258 -17.65 51.54 0.21
N ARG R 259 -18.54 50.55 0.18
CA ARG R 259 -19.01 49.87 1.39
C ARG R 259 -18.73 48.39 1.26
N GLU R 260 -18.16 47.81 2.31
CA GLU R 260 -17.85 46.38 2.38
C GLU R 260 -18.53 45.81 3.61
N GLN R 261 -19.41 44.85 3.41
CA GLN R 261 -20.20 44.25 4.47
C GLN R 261 -19.56 42.94 4.91
N ASN R 262 -19.21 42.86 6.19
CA ASN R 262 -18.80 41.63 6.84
C ASN R 262 -19.63 41.46 8.10
N GLY R 263 -19.35 40.39 8.85
CA GLY R 263 -20.01 40.11 10.09
C GLY R 263 -19.35 40.70 11.31
N ASP R 264 -18.22 41.40 11.13
CA ASP R 264 -17.43 41.86 12.26
C ASP R 264 -18.22 42.84 13.12
N SER R 265 -18.08 42.70 14.45
CA SER R 265 -18.77 43.57 15.39
C SER R 265 -18.15 44.96 15.45
N LEU R 266 -16.92 45.12 14.97
CA LEU R 266 -16.27 46.41 14.88
C LEU R 266 -16.30 46.89 13.44
N VAL R 267 -16.55 48.18 13.25
CA VAL R 267 -16.60 48.80 11.94
C VAL R 267 -15.49 49.84 11.84
N HIS R 268 -14.78 49.81 10.72
CA HIS R 268 -13.74 50.77 10.37
C HIS R 268 -14.28 51.73 9.31
N ALA R 269 -13.96 53.01 9.47
CA ALA R 269 -14.38 54.07 8.56
C ALA R 269 -13.31 55.13 8.34
N ALA R 270 -13.33 55.69 7.12
CA ALA R 270 -12.45 56.77 6.70
C ALA R 270 -13.28 57.78 5.91
N LEU R 271 -13.10 59.07 6.22
CA LEU R 271 -13.82 60.14 5.52
C LEU R 271 -12.84 61.26 5.21
N VAL R 272 -12.65 61.57 3.92
CA VAL R 272 -11.64 62.54 3.49
C VAL R 272 -12.20 63.53 2.48
N ALA R 273 -11.42 64.59 2.26
CA ALA R 273 -11.52 65.44 1.08
C ALA R 273 -10.11 65.70 0.52
N GLU R 274 -10.05 66.49 -0.55
CA GLU R 274 -8.81 66.88 -1.20
C GLU R 274 -8.20 68.11 -0.54
N SER R 275 -6.89 68.08 -0.28
CA SER R 275 -6.26 69.12 0.54
C SER R 275 -5.19 69.91 -0.20
N ALA R 276 -4.07 69.31 -0.58
CA ALA R 276 -2.91 70.12 -0.96
C ALA R 276 -1.81 69.23 -1.52
N VAL R 277 -0.89 69.86 -2.27
CA VAL R 277 0.19 69.15 -2.94
C VAL R 277 1.41 69.06 -2.03
N ALA R 278 2.22 68.02 -2.26
CA ALA R 278 3.41 67.80 -1.46
C ALA R 278 4.36 68.99 -1.55
N GLY R 279 4.97 69.32 -0.42
CA GLY R 279 5.89 70.44 -0.38
C GLY R 279 5.18 71.76 -0.63
N SER R 280 4.15 72.07 0.14
CA SER R 280 3.45 73.33 -0.02
C SER R 280 3.24 73.95 1.36
N ALA R 281 3.18 75.28 1.41
CA ALA R 281 2.83 75.94 2.66
C ALA R 281 1.46 75.49 3.17
N GLU R 282 0.47 75.42 2.27
CA GLU R 282 -0.86 74.95 2.65
C GLU R 282 -0.80 73.54 3.25
N ALA R 283 0.16 72.73 2.81
CA ALA R 283 0.31 71.40 3.38
C ALA R 283 0.78 71.46 4.82
N ASN R 284 1.65 72.43 5.12
CA ASN R 284 2.06 72.67 6.51
C ASN R 284 0.85 73.09 7.36
N ALA R 285 0.00 73.95 6.80
CA ALA R 285 -1.23 74.31 7.50
C ALA R 285 -2.05 73.07 7.87
N PHE R 286 -2.26 72.20 6.89
CA PHE R 286 -3.00 70.96 7.09
C PHE R 286 -2.33 70.06 8.12
N SER R 287 -1.00 69.99 8.13
CA SER R 287 -0.29 69.20 9.13
C SER R 287 -0.58 69.72 10.53
N VAL R 288 -0.47 71.04 10.73
CA VAL R 288 -0.75 71.60 12.04
C VAL R 288 -2.19 71.32 12.44
N LEU R 289 -3.12 71.39 11.49
CA LEU R 289 -4.51 71.05 11.78
C LEU R 289 -4.63 69.62 12.27
N GLN R 290 -3.96 68.68 11.57
CA GLN R 290 -3.97 67.29 12.00
C GLN R 290 -3.54 67.16 13.45
N HIS R 291 -2.48 67.87 13.83
CA HIS R 291 -1.96 67.74 15.18
C HIS R 291 -2.79 68.49 16.21
N VAL R 292 -3.59 69.47 15.79
CA VAL R 292 -4.57 70.05 16.70
C VAL R 292 -5.70 69.06 16.97
N LEU R 293 -6.20 68.40 15.93
CA LEU R 293 -7.28 67.44 16.12
C LEU R 293 -6.83 66.21 16.88
N GLY R 294 -5.61 65.75 16.62
CA GLY R 294 -5.10 64.54 17.23
C GLY R 294 -4.56 63.55 16.23
N ALA R 295 -3.26 63.27 16.32
CA ALA R 295 -2.59 62.40 15.37
C ALA R 295 -2.27 61.02 15.93
N GLY R 296 -2.12 60.88 17.24
CA GLY R 296 -1.89 59.58 17.82
C GLY R 296 -1.35 59.68 19.23
N PRO R 297 -1.28 58.55 19.92
CA PRO R 297 -1.02 58.57 21.37
C PRO R 297 0.42 58.91 21.71
N HIS R 298 0.61 59.36 22.95
CA HIS R 298 1.92 59.73 23.46
C HIS R 298 2.27 59.03 24.77
N ILE R 299 1.28 58.62 25.55
CA ILE R 299 1.49 57.96 26.83
C ILE R 299 0.92 56.55 26.74
N LYS R 300 1.64 55.58 27.30
CA LYS R 300 1.17 54.21 27.33
C LYS R 300 -0.07 54.10 28.20
N ARG R 301 -1.18 53.65 27.62
CA ARG R 301 -2.44 53.47 28.32
C ARG R 301 -3.05 54.81 28.74
N GLY R 302 -2.77 55.87 27.98
CA GLY R 302 -3.20 57.19 28.36
C GLY R 302 -4.63 57.49 27.92
N SER R 303 -5.12 58.63 28.39
CA SER R 303 -6.46 59.10 28.06
C SER R 303 -6.48 60.11 26.92
N ASN R 304 -5.32 60.57 26.45
CA ASN R 304 -5.24 61.51 25.33
C ASN R 304 -6.08 62.76 25.60
N THR R 305 -5.96 63.30 26.81
CA THR R 305 -6.67 64.53 27.16
C THR R 305 -6.34 65.71 26.25
N THR R 306 -5.19 65.72 25.59
CA THR R 306 -4.87 66.82 24.69
C THR R 306 -5.60 66.72 23.36
N SER R 307 -6.20 65.58 23.05
CA SER R 307 -6.72 65.30 21.72
C SER R 307 -8.19 65.68 21.63
N HIS R 308 -8.50 66.60 20.72
CA HIS R 308 -9.88 67.08 20.58
C HIS R 308 -10.80 65.99 20.08
N LEU R 309 -10.38 65.25 19.04
CA LEU R 309 -11.23 64.22 18.47
C LEU R 309 -11.55 63.14 19.51
N TYR R 310 -10.52 62.66 20.20
CA TYR R 310 -10.72 61.59 21.18
C TYR R 310 -11.67 62.03 22.28
N GLN R 311 -11.51 63.25 22.77
CA GLN R 311 -12.36 63.73 23.87
C GLN R 311 -13.78 63.97 23.40
N ALA R 312 -13.97 64.54 22.20
CA ALA R 312 -15.30 64.58 21.60
C ALA R 312 -15.95 63.20 21.58
N VAL R 313 -15.28 62.21 20.97
CA VAL R 313 -15.91 60.90 20.80
C VAL R 313 -16.20 60.27 22.14
N ALA R 314 -15.30 60.41 23.11
CA ALA R 314 -15.45 59.71 24.38
C ALA R 314 -16.78 60.01 25.05
N LYS R 315 -17.45 61.09 24.65
CA LYS R 315 -18.74 61.46 25.20
C LYS R 315 -19.91 61.00 24.36
N ALA R 316 -19.65 60.25 23.28
CA ALA R 316 -20.73 59.73 22.44
C ALA R 316 -20.90 58.22 22.57
N THR R 317 -19.93 57.52 23.14
CA THR R 317 -19.94 56.07 23.22
C THR R 317 -19.29 55.66 24.53
N GLN R 318 -19.69 54.51 25.05
CA GLN R 318 -19.15 54.00 26.31
C GLN R 318 -18.44 52.67 26.16
N GLN R 319 -18.34 52.12 24.95
CA GLN R 319 -17.55 50.94 24.64
C GLN R 319 -16.31 51.33 23.85
N PRO R 320 -15.39 50.39 23.65
CA PRO R 320 -14.08 50.75 23.06
C PRO R 320 -14.19 51.35 21.67
N PHE R 321 -13.57 52.52 21.49
CA PHE R 321 -13.36 53.15 20.20
C PHE R 321 -11.90 53.55 19.99
N ASP R 322 -11.62 53.91 18.74
CA ASP R 322 -10.40 54.60 18.31
C ASP R 322 -10.77 55.67 17.30
N VAL R 323 -10.12 56.83 17.36
CA VAL R 323 -10.27 57.86 16.33
C VAL R 323 -8.96 58.61 16.15
N SER R 324 -8.78 59.18 14.96
CA SER R 324 -7.62 60.03 14.67
C SER R 324 -7.82 60.73 13.33
N ALA R 325 -6.87 61.62 13.02
CA ALA R 325 -6.87 62.40 11.78
C ALA R 325 -5.82 61.87 10.81
N PHE R 326 -6.07 62.13 9.53
CA PHE R 326 -5.40 61.46 8.42
C PHE R 326 -4.89 62.48 7.41
N ASN R 327 -3.64 62.29 6.97
CA ASN R 327 -2.99 63.14 5.98
C ASN R 327 -2.28 62.28 4.95
N ALA R 328 -2.54 62.50 3.66
CA ALA R 328 -1.60 62.10 2.63
C ALA R 328 -1.38 63.27 1.67
N ASN R 329 -0.22 63.27 1.02
CA ASN R 329 0.16 64.29 0.06
C ASN R 329 0.87 63.62 -1.11
N TYR R 330 0.65 64.13 -2.32
CA TYR R 330 1.30 63.53 -3.47
C TYR R 330 1.96 64.58 -4.35
N SER R 331 2.33 64.17 -5.57
CA SER R 331 2.94 65.11 -6.50
C SER R 331 1.92 66.07 -7.11
N ASP R 332 0.67 65.64 -7.28
CA ASP R 332 -0.36 66.44 -7.91
C ASP R 332 -1.70 66.30 -7.20
N SER R 333 -1.69 66.05 -5.90
CA SER R 333 -2.93 65.94 -5.13
C SER R 333 -2.60 65.62 -3.68
N GLY R 334 -3.64 65.61 -2.85
CA GLY R 334 -3.51 65.23 -1.46
C GLY R 334 -4.86 65.04 -0.82
N LEU R 335 -4.87 64.30 0.28
CA LEU R 335 -6.09 63.95 0.99
C LEU R 335 -5.94 64.26 2.47
N PHE R 336 -7.02 64.78 3.06
CA PHE R 336 -7.08 64.99 4.50
C PHE R 336 -8.44 64.53 5.03
N GLY R 337 -8.45 63.92 6.19
CA GLY R 337 -9.71 63.48 6.76
C GLY R 337 -9.59 62.88 8.14
N ILE R 338 -10.57 62.04 8.47
CA ILE R 338 -10.66 61.39 9.78
C ILE R 338 -10.78 59.88 9.58
N TYR R 339 -10.31 59.14 10.59
CA TYR R 339 -10.35 57.69 10.60
C TYR R 339 -10.87 57.19 11.95
N THR R 340 -11.87 56.30 11.91
CA THR R 340 -12.57 55.86 13.11
C THR R 340 -12.72 54.34 13.13
N ILE R 341 -12.69 53.80 14.35
CA ILE R 341 -13.01 52.40 14.65
C ILE R 341 -13.98 52.39 15.80
N SER R 342 -15.10 51.68 15.64
CA SER R 342 -16.09 51.66 16.71
C SER R 342 -16.91 50.39 16.66
N GLN R 343 -17.78 50.22 17.66
CA GLN R 343 -18.76 49.14 17.62
C GLN R 343 -19.74 49.39 16.48
N ALA R 344 -20.46 48.34 16.09
CA ALA R 344 -21.25 48.45 14.87
C ALA R 344 -22.47 49.32 15.11
N THR R 345 -23.09 49.18 16.28
CA THR R 345 -24.28 49.95 16.62
C THR R 345 -23.97 51.40 16.99
N ALA R 346 -22.72 51.73 17.27
CA ALA R 346 -22.33 53.07 17.68
C ALA R 346 -21.78 53.92 16.55
N ALA R 347 -21.52 53.34 15.38
CA ALA R 347 -20.78 54.04 14.34
C ALA R 347 -21.39 55.40 14.03
N GLY R 348 -22.69 55.44 13.77
CA GLY R 348 -23.32 56.70 13.40
C GLY R 348 -23.08 57.80 14.40
N ASP R 349 -23.07 57.45 15.70
CA ASP R 349 -22.83 58.47 16.71
C ASP R 349 -21.38 58.91 16.72
N VAL R 350 -20.45 57.96 16.54
CA VAL R 350 -19.03 58.29 16.57
C VAL R 350 -18.66 59.18 15.38
N ILE R 351 -18.94 58.71 14.17
CA ILE R 351 -18.55 59.43 12.96
C ILE R 351 -19.06 60.85 13.00
N LYS R 352 -20.29 61.04 13.48
CA LYS R 352 -20.84 62.39 13.56
C LYS R 352 -20.10 63.21 14.60
N ALA R 353 -19.92 62.65 15.80
CA ALA R 353 -19.24 63.38 16.87
C ALA R 353 -17.86 63.85 16.44
N ALA R 354 -17.13 63.00 15.72
CA ALA R 354 -15.83 63.41 15.19
C ALA R 354 -16.01 64.58 14.22
N TYR R 355 -16.88 64.41 13.23
CA TYR R 355 -17.00 65.42 12.17
C TYR R 355 -17.31 66.79 12.76
N ASN R 356 -18.29 66.86 13.65
CA ASN R 356 -18.68 68.13 14.25
C ASN R 356 -17.48 68.86 14.84
N GLN R 357 -16.57 68.11 15.46
CA GLN R 357 -15.42 68.77 16.07
C GLN R 357 -14.68 69.62 15.04
N VAL R 358 -14.37 69.03 13.88
CA VAL R 358 -13.67 69.79 12.85
C VAL R 358 -14.43 71.06 12.53
N LYS R 359 -15.76 70.96 12.44
CA LYS R 359 -16.55 72.09 12.03
C LYS R 359 -16.36 73.27 12.98
N THR R 360 -16.22 73.00 14.28
CA THR R 360 -16.06 74.11 15.22
C THR R 360 -14.77 74.88 14.95
N ILE R 361 -13.73 74.20 14.47
CA ILE R 361 -12.51 74.91 14.11
C ILE R 361 -12.75 75.74 12.85
N ALA R 362 -13.54 75.23 11.91
CA ALA R 362 -13.84 75.99 10.71
C ALA R 362 -14.56 77.29 11.05
N GLN R 363 -15.37 77.28 12.11
CA GLN R 363 -16.06 78.47 12.57
C GLN R 363 -15.17 79.38 13.42
N GLY R 364 -13.97 78.93 13.73
CA GLY R 364 -12.94 79.77 14.32
C GLY R 364 -12.89 79.73 15.83
N ASN R 365 -13.32 78.61 16.42
CA ASN R 365 -13.01 78.25 17.80
C ASN R 365 -11.64 77.59 17.83
N LEU R 366 -10.60 78.41 17.90
CA LEU R 366 -9.24 77.88 17.90
C LEU R 366 -8.38 78.80 18.75
N SER R 367 -7.43 78.22 19.48
CA SER R 367 -6.74 78.92 20.54
C SER R 367 -5.24 78.87 20.30
N ASN R 368 -4.58 79.98 20.66
CA ASN R 368 -3.12 80.05 20.57
C ASN R 368 -2.46 78.87 21.27
N THR R 369 -3.00 78.48 22.43
CA THR R 369 -2.37 77.44 23.24
C THR R 369 -2.35 76.10 22.50
N ASP R 370 -3.52 75.67 22.03
CA ASP R 370 -3.61 74.50 21.16
C ASP R 370 -2.64 74.57 19.98
N VAL R 371 -2.59 75.72 19.29
CA VAL R 371 -1.75 75.81 18.09
C VAL R 371 -0.28 75.62 18.45
N GLN R 372 0.17 76.29 19.51
CA GLN R 372 1.57 76.15 19.91
C GLN R 372 1.87 74.72 20.32
N ALA R 373 0.98 74.09 21.07
CA ALA R 373 1.19 72.70 21.46
C ALA R 373 1.27 71.79 20.23
N ALA R 374 0.41 72.04 19.24
CA ALA R 374 0.43 71.25 18.02
C ALA R 374 1.77 71.39 17.29
N LYS R 375 2.27 72.62 17.19
CA LYS R 375 3.55 72.81 16.51
C LYS R 375 4.68 72.13 17.30
N ASN R 376 4.55 72.07 18.62
CA ASN R 376 5.54 71.35 19.41
C ASN R 376 5.53 69.87 19.07
N LYS R 377 4.33 69.27 19.10
CA LYS R 377 4.19 67.87 18.71
C LYS R 377 4.81 67.62 17.35
N LEU R 378 4.61 68.57 16.42
CA LEU R 378 4.99 68.32 15.04
C LEU R 378 6.51 68.43 14.86
N LYS R 379 7.11 69.48 15.42
CA LYS R 379 8.57 69.59 15.35
C LYS R 379 9.24 68.41 16.03
N ALA R 380 8.77 68.03 17.22
CA ALA R 380 9.40 66.92 17.94
C ALA R 380 9.21 65.59 17.21
N GLY R 381 8.00 65.30 16.74
CA GLY R 381 7.80 64.08 15.99
C GLY R 381 8.67 64.01 14.75
N TYR R 382 8.80 65.14 14.04
CA TYR R 382 9.65 65.13 12.86
C TYR R 382 11.09 64.79 13.22
N LEU R 383 11.65 65.46 14.24
CA LEU R 383 13.05 65.20 14.57
C LEU R 383 13.24 63.77 15.07
N MET R 384 12.24 63.20 15.74
CA MET R 384 12.39 61.82 16.19
C MET R 384 12.32 60.83 15.03
N SER R 385 11.48 61.11 14.02
CA SER R 385 11.39 60.26 12.84
C SER R 385 12.72 60.04 12.11
N VAL R 386 13.76 60.82 12.36
CA VAL R 386 15.00 60.67 11.59
C VAL R 386 16.21 60.43 12.49
N GLU R 387 16.00 59.81 13.65
CA GLU R 387 17.14 59.39 14.47
C GLU R 387 17.94 58.29 13.78
N SER R 388 17.24 57.31 13.20
CA SER R 388 17.88 56.12 12.66
C SER R 388 18.30 56.33 11.21
N SER R 389 19.43 55.72 10.85
CA SER R 389 19.97 55.90 9.50
C SER R 389 19.02 55.39 8.43
N GLU R 390 18.22 54.37 8.73
CA GLU R 390 17.33 53.80 7.73
C GLU R 390 16.34 54.85 7.22
N ARG R 391 15.63 55.50 8.15
CA ARG R 391 14.66 56.50 7.77
C ARG R 391 15.33 57.76 7.23
N PHE R 392 16.52 58.08 7.75
CA PHE R 392 17.24 59.26 7.27
C PHE R 392 17.57 59.09 5.79
N LEU R 393 18.03 57.88 5.40
CA LEU R 393 18.29 57.58 4.01
C LEU R 393 17.04 57.72 3.17
N GLU R 394 15.94 57.08 3.59
CA GLU R 394 14.68 57.30 2.89
C GLU R 394 14.35 58.78 2.68
N GLU R 395 14.44 59.61 3.72
CA GLU R 395 14.05 61.01 3.59
C GLU R 395 14.93 61.72 2.56
N VAL R 396 16.24 61.51 2.65
CA VAL R 396 17.16 62.14 1.70
C VAL R 396 16.83 61.69 0.27
N GLY R 397 16.57 60.39 0.10
CA GLY R 397 16.28 59.89 -1.24
C GLY R 397 14.98 60.45 -1.80
N SER R 398 13.99 60.64 -0.93
CA SER R 398 12.75 61.28 -1.36
C SER R 398 13.01 62.71 -1.84
N GLN R 399 13.81 63.46 -1.09
CA GLN R 399 14.11 64.82 -1.51
C GLN R 399 14.88 64.84 -2.83
N ALA R 400 15.82 63.90 -3.01
CA ALA R 400 16.69 63.94 -4.17
C ALA R 400 15.93 63.76 -5.48
N LEU R 401 14.77 63.12 -5.46
CA LEU R 401 14.01 62.88 -6.68
C LEU R 401 13.16 64.06 -7.11
N VAL R 402 13.05 65.10 -6.28
CA VAL R 402 12.07 66.16 -6.53
C VAL R 402 12.65 67.56 -6.34
N ALA R 403 13.80 67.71 -5.72
CA ALA R 403 14.39 69.02 -5.47
C ALA R 403 15.85 69.03 -5.93
N GLY R 404 16.35 70.23 -6.20
CA GLY R 404 17.72 70.41 -6.61
C GLY R 404 18.73 70.53 -5.50
N SER R 405 18.28 70.64 -4.25
CA SER R 405 19.19 70.77 -3.12
C SER R 405 18.53 70.22 -1.86
N TYR R 406 19.35 69.71 -0.97
CA TYR R 406 18.88 69.12 0.28
C TYR R 406 18.47 70.20 1.27
N VAL R 407 17.32 69.99 1.91
CA VAL R 407 16.76 70.93 2.88
C VAL R 407 17.10 70.42 4.27
N PRO R 408 17.91 71.12 5.06
CA PRO R 408 18.23 70.64 6.40
C PRO R 408 17.05 70.79 7.34
N PRO R 409 17.01 70.00 8.42
CA PRO R 409 15.87 70.08 9.35
C PRO R 409 15.61 71.45 9.95
N SER R 410 16.63 72.24 10.28
CA SER R 410 16.36 73.59 10.77
C SER R 410 15.38 74.34 9.88
N THR R 411 15.58 74.26 8.55
CA THR R 411 14.69 74.97 7.64
C THR R 411 13.27 74.43 7.75
N VAL R 412 13.13 73.11 7.89
CA VAL R 412 11.80 72.51 8.06
C VAL R 412 11.14 73.04 9.33
N LEU R 413 11.90 73.13 10.41
CA LEU R 413 11.36 73.61 11.67
C LEU R 413 10.88 75.05 11.55
N GLN R 414 11.65 75.88 10.84
CA GLN R 414 11.20 77.26 10.62
C GLN R 414 9.91 77.30 9.81
N GLN R 415 9.86 76.54 8.72
CA GLN R 415 8.64 76.48 7.92
C GLN R 415 7.44 76.08 8.77
N ILE R 416 7.62 75.13 9.68
CA ILE R 416 6.56 74.79 10.63
C ILE R 416 6.22 76.02 11.47
N ASP R 417 7.24 76.66 12.02
CA ASP R 417 7.04 77.82 12.89
C ASP R 417 6.24 78.92 12.21
N SER R 418 6.13 78.90 10.89
CA SER R 418 5.63 80.03 10.14
C SER R 418 4.14 79.92 9.82
N VAL R 419 3.44 78.91 10.36
CA VAL R 419 2.02 78.75 10.10
C VAL R 419 1.24 79.56 11.12
N ALA R 420 0.20 80.24 10.66
CA ALA R 420 -0.60 81.09 11.53
C ALA R 420 -1.88 80.35 11.93
N ASN R 421 -2.69 81.01 12.76
CA ASN R 421 -4.00 80.48 13.12
C ASN R 421 -4.96 80.54 11.93
N ALA R 422 -4.90 81.65 11.17
CA ALA R 422 -5.80 81.82 10.05
C ALA R 422 -5.61 80.72 9.01
N ASP R 423 -4.37 80.28 8.80
CA ASP R 423 -4.11 79.19 7.88
C ASP R 423 -4.80 77.91 8.33
N VAL R 424 -4.71 77.61 9.62
CA VAL R 424 -5.35 76.41 10.16
C VAL R 424 -6.86 76.49 9.98
N ILE R 425 -7.45 77.64 10.29
CA ILE R 425 -8.89 77.78 10.15
C ILE R 425 -9.32 77.67 8.69
N ASN R 426 -8.54 78.26 7.78
CA ASN R 426 -8.83 78.15 6.35
C ASN R 426 -8.80 76.69 5.89
N ALA R 427 -7.80 75.94 6.36
CA ALA R 427 -7.70 74.52 6.02
C ALA R 427 -8.94 73.77 6.50
N ALA R 428 -9.37 74.04 7.73
CA ALA R 428 -10.58 73.40 8.23
C ALA R 428 -11.79 73.74 7.38
N LYS R 429 -11.89 75.00 6.95
CA LYS R 429 -13.01 75.41 6.08
C LYS R 429 -12.95 74.69 4.74
N LYS R 430 -11.73 74.51 4.20
CA LYS R 430 -11.60 73.78 2.95
C LYS R 430 -12.15 72.38 3.11
N PHE R 431 -11.72 71.68 4.17
CA PHE R 431 -12.24 70.35 4.41
C PHE R 431 -13.76 70.35 4.52
N VAL R 432 -14.31 71.25 5.35
CA VAL R 432 -15.76 71.23 5.59
C VAL R 432 -16.51 71.49 4.30
N SER R 433 -16.01 72.38 3.45
CA SER R 433 -16.77 72.75 2.26
C SER R 433 -16.64 71.75 1.13
N GLY R 434 -15.50 71.06 0.98
CA GLY R 434 -15.29 70.34 -0.25
C GLY R 434 -15.95 68.98 -0.30
N GLN R 435 -15.99 68.43 -1.51
CA GLN R 435 -16.69 67.18 -1.78
C GLN R 435 -15.99 66.01 -1.09
N LYS R 436 -16.75 65.19 -0.39
CA LYS R 436 -16.20 64.13 0.44
C LYS R 436 -16.07 62.82 -0.33
N SER R 437 -15.13 62.00 0.14
CA SER R 437 -15.06 60.59 -0.21
C SER R 437 -15.04 59.79 1.08
N MET R 438 -15.57 58.57 1.02
CA MET R 438 -15.78 57.79 2.23
C MET R 438 -15.58 56.31 1.95
N VAL R 439 -15.02 55.60 2.93
CA VAL R 439 -15.02 54.14 2.92
C VAL R 439 -15.39 53.62 4.30
N ALA R 440 -16.04 52.45 4.31
CA ALA R 440 -16.46 51.79 5.53
C ALA R 440 -16.41 50.28 5.32
N SER R 441 -16.05 49.56 6.39
CA SER R 441 -15.96 48.11 6.35
C SER R 441 -16.38 47.53 7.69
N GLY R 442 -17.28 46.56 7.65
CA GLY R 442 -17.76 45.90 8.84
C GLY R 442 -19.22 45.52 8.68
N ASN R 443 -19.93 45.49 9.80
CA ASN R 443 -21.39 45.33 9.80
C ASN R 443 -22.00 46.72 9.77
N LEU R 444 -22.51 47.12 8.60
CA LEU R 444 -22.89 48.51 8.30
C LEU R 444 -24.37 48.80 8.54
N GLY R 445 -25.05 48.01 9.37
CA GLY R 445 -26.46 48.24 9.65
C GLY R 445 -26.78 49.60 10.24
N HIS R 446 -25.78 50.34 10.72
CA HIS R 446 -26.02 51.65 11.33
C HIS R 446 -25.03 52.71 10.86
N THR R 447 -24.00 52.33 10.11
CA THR R 447 -23.16 53.31 9.46
C THR R 447 -24.00 54.23 8.58
N PRO R 448 -23.71 55.53 8.58
CA PRO R 448 -24.41 56.44 7.66
C PRO R 448 -23.81 56.43 6.27
N PHE R 449 -24.58 56.98 5.33
CA PHE R 449 -24.12 57.19 3.96
C PHE R 449 -23.55 58.60 3.83
N VAL R 450 -22.46 58.71 3.07
CA VAL R 450 -21.82 60.01 2.79
C VAL R 450 -22.78 61.15 2.49
N ASP R 451 -23.97 60.87 1.95
CA ASP R 451 -24.86 61.98 1.62
C ASP R 451 -25.53 62.60 2.85
N GLU R 452 -25.54 61.89 3.98
CA GLU R 452 -26.27 62.33 5.16
C GLU R 452 -25.34 62.67 6.32
N LEU R 453 -24.15 63.19 6.02
CA LEU R 453 -23.24 63.68 7.04
C LEU R 453 -23.12 65.20 6.96
N THR S 2 11.82 14.02 4.07
CA THR S 2 11.34 12.87 4.88
C THR S 2 12.51 12.08 5.48
N PRO S 3 12.28 11.37 6.58
CA PRO S 3 13.29 10.41 7.02
C PRO S 3 13.28 9.15 6.17
N MET S 4 14.42 8.46 6.16
CA MET S 4 14.50 7.21 5.40
C MET S 4 13.44 6.22 5.86
N ARG S 5 13.03 6.32 7.13
CA ARG S 5 11.95 5.52 7.66
C ARG S 5 10.74 5.48 6.73
N LYS S 6 10.54 6.54 5.94
CA LYS S 6 9.37 6.72 5.08
C LYS S 6 9.77 6.99 3.64
N SER S 7 10.91 6.47 3.18
CA SER S 7 11.38 6.81 1.84
C SER S 7 11.09 5.77 0.77
N ASN S 8 10.42 4.68 1.10
CA ASN S 8 10.57 3.46 0.31
C ASN S 8 9.54 2.41 0.72
N PRO S 9 8.99 1.66 -0.24
CA PRO S 9 7.83 0.80 0.09
C PRO S 9 8.14 -0.26 1.14
N ILE S 10 9.24 -0.99 0.97
CA ILE S 10 9.58 -2.03 1.95
C ILE S 10 9.75 -1.40 3.34
N MET S 11 10.50 -0.30 3.41
CA MET S 11 10.74 0.36 4.68
C MET S 11 9.45 0.95 5.25
N LYS S 12 8.61 1.52 4.39
CA LYS S 12 7.39 2.14 4.87
C LYS S 12 6.38 1.10 5.36
N MET S 13 6.42 -0.11 4.78
CA MET S 13 5.57 -1.19 5.29
C MET S 13 6.06 -1.64 6.65
N ILE S 14 7.38 -1.81 6.80
CA ILE S 14 7.94 -2.10 8.12
C ILE S 14 7.52 -1.04 9.13
N ASN S 15 7.59 0.24 8.74
CA ASN S 15 7.27 1.34 9.63
C ASN S 15 5.80 1.29 10.04
N HIS S 16 4.90 1.11 9.08
CA HIS S 16 3.48 0.98 9.41
C HIS S 16 3.19 -0.27 10.22
N SER S 17 4.08 -1.26 10.18
CA SER S 17 3.85 -2.50 10.91
C SER S 17 4.27 -2.39 12.37
N LEU S 18 5.53 -1.98 12.63
CA LEU S 18 6.05 -2.06 13.99
C LEU S 18 7.01 -0.93 14.36
N ILE S 19 6.81 0.28 13.83
CA ILE S 19 7.52 1.42 14.43
C ILE S 19 6.54 2.54 14.78
N ASP S 20 5.71 2.94 13.82
CA ASP S 20 4.79 4.05 14.00
C ASP S 20 3.33 3.63 14.01
N LEU S 21 3.05 2.34 13.92
CA LEU S 21 1.75 1.75 14.24
C LEU S 21 1.15 2.36 15.50
N PRO S 22 -0.10 2.84 15.46
CA PRO S 22 -0.79 3.26 16.70
C PRO S 22 -1.46 2.11 17.43
N THR S 23 -0.98 1.81 18.65
CA THR S 23 -1.46 0.78 19.55
C THR S 23 -2.22 1.38 20.75
N PRO S 24 -3.22 0.66 21.27
CA PRO S 24 -3.85 1.10 22.53
C PRO S 24 -2.85 1.22 23.66
N SER S 25 -3.04 2.24 24.50
CA SER S 25 -2.21 2.39 25.69
C SER S 25 -2.45 1.34 26.77
N ASN S 26 -3.63 0.72 26.82
CA ASN S 26 -4.07 0.03 28.03
C ASN S 26 -4.17 -1.48 27.91
N ILE S 27 -3.73 -2.08 26.80
CA ILE S 27 -3.77 -3.53 26.68
C ILE S 27 -2.78 -4.20 27.63
N SER S 28 -3.13 -5.40 28.08
CA SER S 28 -2.51 -6.12 29.18
C SER S 28 -1.64 -7.28 28.66
N MET S 29 -1.21 -8.13 29.61
CA MET S 29 -0.32 -9.24 29.28
C MET S 29 -0.96 -10.22 28.31
N TRP S 30 -2.28 -10.30 28.27
CA TRP S 30 -2.94 -11.27 27.40
C TRP S 30 -2.65 -11.03 25.93
N TRP S 31 -2.10 -9.87 25.58
CA TRP S 31 -1.80 -9.51 24.20
C TRP S 31 -0.34 -9.82 23.80
N ASN S 32 0.41 -10.52 24.66
CA ASN S 32 1.80 -10.86 24.37
C ASN S 32 1.96 -12.19 23.67
N PHE S 33 0.90 -12.98 23.56
CA PHE S 33 0.97 -14.39 23.25
C PHE S 33 1.02 -14.62 21.75
N GLY S 34 0.62 -13.61 20.96
CA GLY S 34 0.81 -13.68 19.52
C GLY S 34 2.27 -13.61 19.12
N SER S 35 3.01 -12.67 19.69
CA SER S 35 4.44 -12.58 19.40
C SER S 35 5.16 -13.84 19.87
N LEU S 36 4.74 -14.40 21.01
CA LEU S 36 5.32 -15.65 21.47
C LEU S 36 5.00 -16.79 20.51
N LEU S 37 3.79 -16.80 19.94
CA LEU S 37 3.46 -17.77 18.92
C LEU S 37 4.41 -17.69 17.73
N ALA S 38 4.65 -16.47 17.25
CA ALA S 38 5.57 -16.31 16.13
C ALA S 38 6.97 -16.81 16.50
N PHE S 39 7.49 -16.38 17.65
CA PHE S 39 8.76 -16.89 18.14
C PHE S 39 8.80 -18.42 18.09
N CYS S 40 7.74 -19.07 18.59
CA CYS S 40 7.70 -20.52 18.64
C CYS S 40 7.76 -21.12 17.24
N LEU S 41 7.03 -20.54 16.29
CA LEU S 41 7.10 -21.01 14.92
C LEU S 41 8.53 -20.96 14.39
N ILE S 42 9.22 -19.84 14.65
CA ILE S 42 10.59 -19.69 14.17
C ILE S 42 11.51 -20.73 14.80
N LEU S 43 11.41 -20.90 16.12
CA LEU S 43 12.19 -21.90 16.82
C LEU S 43 11.98 -23.29 16.21
N GLN S 44 10.72 -23.63 15.96
CA GLN S 44 10.41 -24.95 15.43
C GLN S 44 11.03 -25.14 14.06
N ILE S 45 10.93 -24.14 13.18
CA ILE S 45 11.49 -24.28 11.85
C ILE S 45 13.00 -24.48 11.92
N ILE S 46 13.71 -23.71 12.75
CA ILE S 46 15.17 -23.85 12.82
C ILE S 46 15.55 -25.24 13.34
N THR S 47 15.00 -25.63 14.51
CA THR S 47 15.41 -26.92 15.07
C THR S 47 15.04 -28.09 14.17
N GLY S 48 13.92 -27.93 13.44
CA GLY S 48 13.53 -28.93 12.47
C GLY S 48 14.46 -29.03 11.29
N LEU S 49 14.92 -27.89 10.76
CA LEU S 49 15.84 -28.01 9.64
C LEU S 49 17.10 -28.74 10.06
N PHE S 50 17.45 -28.66 11.34
CA PHE S 50 18.69 -29.35 11.71
C PHE S 50 18.43 -30.84 11.85
N LEU S 51 17.50 -31.22 12.73
CA LEU S 51 17.05 -32.60 12.82
C LEU S 51 16.88 -33.27 11.45
N ALA S 52 16.25 -32.57 10.50
CA ALA S 52 15.98 -33.16 9.20
C ALA S 52 17.21 -33.79 8.58
N MET S 53 18.39 -33.23 8.81
CA MET S 53 19.62 -33.66 8.15
C MET S 53 20.19 -34.94 8.75
N HIS S 54 19.53 -35.52 9.75
CA HIS S 54 19.97 -36.77 10.36
C HIS S 54 18.88 -37.84 10.44
N TYR S 55 17.63 -37.49 10.17
CA TYR S 55 16.51 -38.40 10.30
C TYR S 55 16.34 -39.22 9.02
N SER S 56 15.71 -40.37 9.16
CA SER S 56 15.55 -41.35 8.08
C SER S 56 14.08 -41.69 7.94
N PRO S 57 13.40 -41.28 6.86
CA PRO S 57 11.97 -41.57 6.69
C PRO S 57 11.67 -42.98 6.19
N ASP S 58 12.27 -43.97 6.83
CA ASP S 58 12.10 -45.37 6.44
C ASP S 58 11.80 -46.20 7.67
N THR S 59 10.80 -47.08 7.57
CA THR S 59 10.31 -47.81 8.72
C THR S 59 11.34 -48.78 9.31
N SER S 60 12.40 -49.08 8.56
CA SER S 60 13.44 -49.97 9.05
C SER S 60 14.60 -49.22 9.70
N SER S 61 14.56 -47.89 9.75
CA SER S 61 15.63 -47.14 10.39
C SER S 61 15.21 -45.86 11.10
N ALA S 62 13.92 -45.53 11.14
CA ALA S 62 13.49 -44.26 11.72
C ALA S 62 13.90 -44.15 13.19
N PHE S 63 13.30 -45.01 14.02
CA PHE S 63 13.71 -45.22 15.40
C PHE S 63 15.21 -45.11 15.61
N SER S 64 15.98 -45.92 14.89
CA SER S 64 17.42 -45.94 15.11
C SER S 64 18.09 -44.67 14.66
N SER S 65 17.53 -43.95 13.70
CA SER S 65 18.08 -42.65 13.35
C SER S 65 17.94 -41.67 14.50
N ILE S 66 16.80 -41.70 15.19
CA ILE S 66 16.68 -40.83 16.36
C ILE S 66 17.63 -41.26 17.49
N ALA S 67 17.80 -42.57 17.68
CA ALA S 67 18.82 -43.03 18.63
C ALA S 67 20.19 -42.45 18.27
N HIS S 68 20.54 -42.53 16.99
CA HIS S 68 21.78 -41.95 16.51
C HIS S 68 21.87 -40.46 16.82
N ILE S 69 20.78 -39.73 16.60
CA ILE S 69 20.79 -38.30 16.85
C ILE S 69 21.09 -38.03 18.33
N THR S 70 20.41 -38.75 19.22
CA THR S 70 20.51 -38.44 20.64
C THR S 70 21.77 -38.98 21.29
N ARG S 71 22.48 -39.91 20.67
CA ARG S 71 23.67 -40.49 21.28
C ARG S 71 24.99 -40.05 20.67
N ASP S 72 25.06 -39.88 19.35
CA ASP S 72 26.32 -39.63 18.67
C ASP S 72 26.49 -38.21 18.15
N VAL S 73 25.41 -37.53 17.80
CA VAL S 73 25.52 -36.16 17.31
C VAL S 73 25.82 -35.22 18.46
N ASN S 74 26.75 -34.28 18.23
CA ASN S 74 27.18 -33.39 19.30
C ASN S 74 26.05 -32.46 19.70
N HIS S 75 25.63 -32.55 20.96
CA HIS S 75 24.49 -31.80 21.50
C HIS S 75 23.19 -32.06 20.75
N GLY S 76 23.11 -33.18 20.01
CA GLY S 76 21.87 -33.51 19.35
C GLY S 76 20.72 -33.74 20.32
N TRP S 77 21.04 -34.24 21.52
CA TRP S 77 19.99 -34.51 22.50
C TRP S 77 19.24 -33.23 22.87
N ILE S 78 19.95 -32.13 23.05
CA ILE S 78 19.28 -30.91 23.46
C ILE S 78 18.47 -30.31 22.30
N ILE S 79 18.94 -30.47 21.07
CA ILE S 79 18.16 -30.04 19.92
C ILE S 79 16.85 -30.81 19.83
N ARG S 80 16.92 -32.12 20.03
CA ARG S 80 15.70 -32.94 20.12
C ARG S 80 14.77 -32.43 21.22
N TYR S 81 15.33 -32.23 22.41
CA TYR S 81 14.57 -31.77 23.56
C TYR S 81 13.87 -30.45 23.27
N LEU S 82 14.60 -29.52 22.64
CA LEU S 82 14.07 -28.21 22.32
C LEU S 82 12.91 -28.30 21.35
N HIS S 83 13.07 -29.08 20.27
CA HIS S 83 11.97 -29.26 19.33
C HIS S 83 10.71 -29.76 20.04
N ALA S 84 10.86 -30.84 20.81
CA ALA S 84 9.71 -31.46 21.43
C ALA S 84 9.02 -30.54 22.43
N ASN S 85 9.81 -29.81 23.24
CA ASN S 85 9.21 -28.91 24.23
C ASN S 85 8.64 -27.65 23.59
N GLY S 86 9.25 -27.19 22.49
CA GLY S 86 8.72 -26.03 21.80
C GLY S 86 7.33 -26.28 21.25
N ALA S 87 7.06 -27.49 20.76
CA ALA S 87 5.70 -27.80 20.32
C ALA S 87 4.69 -27.59 21.46
N SER S 88 5.04 -28.09 22.65
CA SER S 88 4.16 -27.95 23.81
C SER S 88 3.92 -26.48 24.16
N MET S 89 4.99 -25.70 24.21
CA MET S 89 4.83 -24.26 24.44
C MET S 89 3.94 -23.63 23.38
N PHE S 90 4.05 -24.13 22.14
CA PHE S 90 3.35 -23.53 21.02
C PHE S 90 1.86 -23.65 21.26
N PHE S 91 1.44 -24.83 21.71
CA PHE S 91 0.02 -25.08 21.97
C PHE S 91 -0.47 -24.36 23.22
N ILE S 92 0.36 -24.28 24.26
CA ILE S 92 -0.02 -23.50 25.44
C ILE S 92 -0.38 -22.07 25.03
N CYS S 93 0.54 -21.42 24.29
CA CYS S 93 0.29 -20.07 23.83
C CYS S 93 -0.95 -20.01 22.95
N LEU S 94 -1.16 -21.04 22.13
CA LEU S 94 -2.28 -21.01 21.18
C LEU S 94 -3.63 -20.98 21.90
N PHE S 95 -3.80 -21.88 22.86
CA PHE S 95 -4.99 -21.97 23.70
C PHE S 95 -5.23 -20.67 24.45
N LEU S 96 -4.20 -20.12 25.10
CA LEU S 96 -4.39 -18.85 25.80
C LEU S 96 -4.78 -17.74 24.83
N HIS S 97 -4.18 -17.74 23.64
CA HIS S 97 -4.46 -16.73 22.62
C HIS S 97 -5.91 -16.79 22.18
N VAL S 98 -6.44 -17.99 21.96
CA VAL S 98 -7.86 -18.13 21.61
C VAL S 98 -8.73 -17.59 22.74
N GLY S 99 -8.45 -18.05 23.97
CA GLY S 99 -9.30 -17.70 25.09
C GLY S 99 -9.43 -16.21 25.32
N ARG S 100 -8.30 -15.48 25.25
CA ARG S 100 -8.40 -14.03 25.29
C ARG S 100 -9.54 -13.57 24.39
N GLY S 101 -9.42 -13.85 23.10
CA GLY S 101 -10.38 -13.32 22.14
C GLY S 101 -11.80 -13.72 22.44
N LEU S 102 -12.01 -14.91 22.98
CA LEU S 102 -13.37 -15.26 23.39
C LEU S 102 -13.85 -14.35 24.52
N TYR S 103 -12.97 -14.03 25.47
CA TYR S 103 -13.39 -13.25 26.64
C TYR S 103 -13.62 -11.79 26.29
N TYR S 104 -12.72 -11.19 25.51
CA TYR S 104 -12.72 -9.75 25.29
C TYR S 104 -13.42 -9.33 24.00
N GLY S 105 -14.07 -10.27 23.32
CA GLY S 105 -14.91 -9.92 22.19
C GLY S 105 -14.19 -9.52 20.94
N SER S 106 -12.96 -9.99 20.74
CA SER S 106 -12.19 -9.64 19.57
C SER S 106 -12.57 -10.45 18.34
N PHE S 107 -13.49 -11.41 18.47
CA PHE S 107 -14.02 -12.11 17.32
C PHE S 107 -14.82 -11.20 16.39
N LEU S 108 -15.14 -9.98 16.82
CA LEU S 108 -15.86 -9.08 15.92
C LEU S 108 -14.98 -8.57 14.79
N LEU S 109 -13.67 -8.82 14.85
CA LEU S 109 -12.78 -8.64 13.72
C LEU S 109 -12.84 -9.94 12.91
N LEU S 110 -13.79 -9.99 11.97
CA LEU S 110 -14.17 -11.26 11.36
C LEU S 110 -13.02 -11.90 10.58
N LYS S 111 -12.33 -11.11 9.74
CA LYS S 111 -11.28 -11.66 8.90
C LYS S 111 -10.14 -12.26 9.74
N THR S 112 -9.70 -11.51 10.75
CA THR S 112 -8.65 -11.99 11.63
C THR S 112 -9.08 -13.29 12.32
N TRP S 113 -10.32 -13.35 12.78
CA TRP S 113 -10.84 -14.52 13.48
C TRP S 113 -10.85 -15.76 12.58
N ASN S 114 -11.37 -15.61 11.36
CA ASN S 114 -11.41 -16.72 10.41
C ASN S 114 -10.02 -17.21 10.03
N THR S 115 -9.10 -16.28 9.78
CA THR S 115 -7.73 -16.71 9.48
C THR S 115 -7.09 -17.39 10.69
N GLY S 116 -7.48 -16.98 11.90
CA GLY S 116 -7.05 -17.68 13.10
C GLY S 116 -7.53 -19.11 13.14
N ILE S 117 -8.79 -19.34 12.79
CA ILE S 117 -9.33 -20.71 12.79
C ILE S 117 -8.57 -21.58 11.79
N MET S 118 -8.33 -21.04 10.59
CA MET S 118 -7.50 -21.74 9.61
C MET S 118 -6.15 -22.12 10.20
N LEU S 119 -5.50 -21.16 10.87
CA LEU S 119 -4.18 -21.43 11.45
C LEU S 119 -4.24 -22.52 12.51
N LEU S 120 -5.28 -22.52 13.33
CA LEU S 120 -5.41 -23.56 14.36
C LEU S 120 -5.41 -24.95 13.73
N PHE S 121 -6.28 -25.14 12.75
CA PHE S 121 -6.37 -26.39 11.98
C PHE S 121 -5.02 -26.80 11.40
N LEU S 122 -4.35 -25.88 10.69
CA LEU S 122 -3.04 -26.19 10.10
C LEU S 122 -2.04 -26.63 11.16
N THR S 123 -1.95 -25.89 12.26
CA THR S 123 -0.99 -26.24 13.30
C THR S 123 -1.26 -27.63 13.86
N MET S 124 -2.53 -28.00 13.98
CA MET S 124 -2.85 -29.30 14.57
C MET S 124 -2.43 -30.43 13.65
N ALA S 125 -2.87 -30.37 12.39
CA ALA S 125 -2.31 -31.24 11.35
C ALA S 125 -0.79 -31.39 11.43
N THR S 126 -0.08 -30.26 11.44
CA THR S 126 1.38 -30.33 11.47
C THR S 126 1.88 -31.12 12.68
N ALA S 127 1.41 -30.73 13.87
CA ALA S 127 1.86 -31.36 15.10
C ALA S 127 1.64 -32.87 15.08
N PHE S 128 0.47 -33.30 14.62
CA PHE S 128 0.16 -34.73 14.56
C PHE S 128 1.07 -35.44 13.57
N MET S 129 1.31 -34.85 12.40
CA MET S 129 2.15 -35.53 11.42
C MET S 129 3.61 -35.57 11.85
N GLY S 130 4.03 -34.71 12.78
CA GLY S 130 5.34 -34.87 13.38
C GLY S 130 5.40 -35.94 14.44
N TYR S 131 4.29 -36.16 15.14
CA TYR S 131 4.25 -37.09 16.26
C TYR S 131 4.40 -38.55 15.83
N VAL S 132 4.19 -38.87 14.55
CA VAL S 132 4.27 -40.25 14.10
C VAL S 132 5.62 -40.60 13.49
N LEU S 133 6.55 -39.64 13.39
CA LEU S 133 7.79 -39.88 12.68
C LEU S 133 8.74 -40.81 13.42
N PRO S 134 8.80 -40.79 14.76
CA PRO S 134 9.71 -41.71 15.45
C PRO S 134 9.38 -43.17 15.26
N TRP S 135 8.16 -43.51 14.86
CA TRP S 135 7.76 -44.90 14.61
C TRP S 135 7.92 -45.76 15.85
N GLY S 136 7.55 -45.20 17.00
CA GLY S 136 7.39 -45.97 18.22
C GLY S 136 6.03 -46.64 18.26
N GLN S 137 5.75 -47.27 19.40
CA GLN S 137 4.53 -48.06 19.52
C GLN S 137 3.28 -47.20 19.57
N MET S 138 3.36 -46.01 20.17
CA MET S 138 2.21 -45.11 20.17
C MET S 138 2.03 -44.40 18.85
N SER S 139 3.15 -44.00 18.22
CA SER S 139 3.12 -43.32 16.93
C SER S 139 2.36 -44.13 15.89
N PHE S 140 2.66 -45.44 15.83
CA PHE S 140 2.08 -46.32 14.83
C PHE S 140 0.55 -46.35 14.93
N TRP S 141 0.03 -46.58 16.14
CA TRP S 141 -1.41 -46.71 16.29
C TRP S 141 -2.11 -45.36 16.18
N GLY S 142 -1.43 -44.27 16.53
CA GLY S 142 -1.97 -42.96 16.24
C GLY S 142 -2.18 -42.73 14.75
N ALA S 143 -1.12 -42.95 13.96
CA ALA S 143 -1.24 -42.98 12.51
C ALA S 143 -2.45 -43.79 12.05
N THR S 144 -2.53 -45.03 12.55
CA THR S 144 -3.60 -45.93 12.12
C THR S 144 -4.97 -45.30 12.30
N VAL S 145 -5.24 -44.83 13.52
CA VAL S 145 -6.56 -44.26 13.81
C VAL S 145 -6.81 -43.04 12.93
N ILE S 146 -5.84 -42.13 12.85
CA ILE S 146 -6.12 -40.86 12.18
C ILE S 146 -6.35 -41.08 10.69
N THR S 147 -5.76 -42.11 10.11
CA THR S 147 -5.95 -42.36 8.69
C THR S 147 -7.18 -43.21 8.42
N ASN S 148 -7.64 -43.98 9.41
CA ASN S 148 -8.94 -44.62 9.28
C ASN S 148 -10.10 -43.66 9.45
N LEU S 149 -9.85 -42.45 9.98
CA LEU S 149 -10.98 -41.52 10.16
C LEU S 149 -11.81 -41.32 8.89
N LEU S 150 -11.17 -41.26 7.71
CA LEU S 150 -11.94 -41.00 6.49
C LEU S 150 -12.81 -42.16 6.05
N SER S 151 -12.73 -43.32 6.71
CA SER S 151 -13.66 -44.40 6.38
C SER S 151 -15.10 -44.03 6.71
N ALA S 152 -15.32 -43.00 7.51
CA ALA S 152 -16.68 -42.62 7.91
C ALA S 152 -17.45 -41.94 6.80
N ILE S 153 -16.77 -41.40 5.79
CA ILE S 153 -17.42 -40.82 4.63
C ILE S 153 -18.18 -41.92 3.91
N PRO S 154 -19.49 -41.78 3.68
CA PRO S 154 -20.29 -42.98 3.36
C PRO S 154 -19.98 -43.60 2.00
N TYR S 155 -19.85 -42.79 0.95
CA TYR S 155 -19.77 -43.35 -0.40
C TYR S 155 -18.34 -43.65 -0.83
N ILE S 156 -17.37 -42.83 -0.45
CA ILE S 156 -16.03 -42.86 -1.04
C ILE S 156 -14.94 -43.10 0.00
N GLY S 157 -15.31 -43.36 1.25
CA GLY S 157 -14.33 -43.32 2.33
C GLY S 157 -13.21 -44.36 2.28
N THR S 158 -13.59 -45.64 2.26
CA THR S 158 -12.58 -46.71 2.25
C THR S 158 -11.56 -46.50 1.14
N ASP S 159 -12.01 -46.07 -0.04
CA ASP S 159 -11.10 -45.82 -1.14
C ASP S 159 -10.15 -44.67 -0.81
N LEU S 160 -10.65 -43.64 -0.14
CA LEU S 160 -9.78 -42.55 0.31
C LEU S 160 -8.71 -43.07 1.27
N VAL S 161 -9.10 -43.94 2.19
CA VAL S 161 -8.13 -44.51 3.14
C VAL S 161 -7.04 -45.24 2.37
N GLN S 162 -7.44 -46.10 1.44
CA GLN S 162 -6.44 -46.89 0.71
C GLN S 162 -5.61 -46.01 -0.23
N TRP S 163 -6.15 -44.89 -0.68
CA TRP S 163 -5.36 -43.99 -1.53
C TRP S 163 -4.37 -43.15 -0.71
N ILE S 164 -4.67 -42.90 0.58
CA ILE S 164 -3.71 -42.23 1.43
C ILE S 164 -2.63 -43.20 1.92
N TRP S 165 -2.99 -44.47 2.12
CA TRP S 165 -1.99 -45.45 2.55
C TRP S 165 -0.99 -45.75 1.44
N GLY S 166 -1.44 -45.76 0.19
CA GLY S 166 -0.58 -46.24 -0.87
C GLY S 166 -0.39 -47.74 -0.86
N GLY S 167 -1.33 -48.48 -0.30
CA GLY S 167 -1.21 -49.92 -0.22
C GLY S 167 -2.36 -50.49 0.56
N TYR S 168 -2.23 -51.77 0.92
CA TYR S 168 -3.27 -52.45 1.69
C TYR S 168 -3.28 -52.08 3.16
N SER S 169 -2.23 -51.41 3.65
CA SER S 169 -2.13 -51.13 5.08
C SER S 169 -1.12 -50.02 5.32
N ILE S 170 -1.08 -49.55 6.56
CA ILE S 170 -0.02 -48.64 6.98
C ILE S 170 1.32 -49.29 6.69
N GLY S 171 2.23 -48.52 6.10
CA GLY S 171 3.52 -49.07 5.74
C GLY S 171 4.42 -48.00 5.18
N ASN S 172 5.65 -48.42 4.90
CA ASN S 172 6.73 -47.58 4.38
C ASN S 172 6.25 -46.47 3.45
N PRO S 173 5.34 -46.73 2.50
CA PRO S 173 4.88 -45.64 1.63
C PRO S 173 4.13 -44.53 2.36
N THR S 174 3.61 -44.81 3.56
CA THR S 174 2.87 -43.78 4.29
C THR S 174 3.79 -42.87 5.10
N LEU S 175 4.92 -43.40 5.57
CA LEU S 175 5.82 -42.62 6.40
C LEU S 175 6.47 -41.50 5.61
N SER S 176 6.86 -41.76 4.37
CA SER S 176 7.43 -40.71 3.54
C SER S 176 6.41 -39.62 3.22
N ARG S 177 5.13 -39.99 3.09
CA ARG S 177 4.07 -38.99 2.93
C ARG S 177 3.97 -38.11 4.18
N PHE S 178 3.90 -38.73 5.36
CA PHE S 178 3.92 -37.96 6.62
C PHE S 178 5.12 -37.01 6.61
N PHE S 179 6.28 -37.47 6.14
CA PHE S 179 7.45 -36.61 6.31
C PHE S 179 7.45 -35.46 5.31
N THR S 180 7.06 -35.70 4.07
CA THR S 180 6.95 -34.62 3.10
C THR S 180 5.96 -33.56 3.56
N LEU S 181 4.78 -34.00 4.04
CA LEU S 181 3.77 -33.03 4.47
C LEU S 181 4.23 -32.24 5.69
N HIS S 182 4.86 -32.93 6.65
CA HIS S 182 5.35 -32.24 7.84
C HIS S 182 6.44 -31.25 7.49
N PHE S 183 7.23 -31.54 6.45
CA PHE S 183 8.22 -30.58 5.97
C PHE S 183 7.54 -29.35 5.38
N ILE S 184 6.52 -29.54 4.54
CA ILE S 184 6.03 -28.37 3.80
C ILE S 184 5.05 -27.50 4.60
N LEU S 185 4.24 -28.05 5.51
CA LEU S 185 3.17 -27.26 6.12
C LEU S 185 3.64 -26.01 6.86
N PRO S 186 4.67 -26.05 7.70
CA PRO S 186 5.03 -24.85 8.48
C PRO S 186 5.18 -23.57 7.65
N PHE S 187 5.61 -23.69 6.40
CA PHE S 187 5.83 -22.51 5.59
C PHE S 187 4.51 -21.92 5.09
N ILE S 188 3.55 -22.78 4.74
CA ILE S 188 2.19 -22.33 4.50
C ILE S 188 1.66 -21.61 5.74
N ILE S 189 1.95 -22.15 6.92
CA ILE S 189 1.55 -21.48 8.16
C ILE S 189 2.15 -20.07 8.22
N THR S 190 3.43 -19.95 7.86
CA THR S 190 4.11 -18.65 7.89
C THR S 190 3.39 -17.64 6.99
N ALA S 191 3.16 -18.02 5.73
CA ALA S 191 2.49 -17.13 4.79
C ALA S 191 1.12 -16.69 5.31
N LEU S 192 0.34 -17.65 5.81
CA LEU S 192 -0.98 -17.30 6.30
C LEU S 192 -0.90 -16.41 7.53
N THR S 193 0.15 -16.56 8.35
CA THR S 193 0.35 -15.63 9.46
C THR S 193 0.54 -14.21 8.97
N MET S 194 1.32 -14.05 7.90
CA MET S 194 1.50 -12.70 7.34
C MET S 194 0.16 -12.12 6.87
N VAL S 195 -0.66 -12.93 6.20
CA VAL S 195 -1.99 -12.46 5.79
C VAL S 195 -2.82 -12.07 7.01
N HIS S 196 -2.78 -12.90 8.05
CA HIS S 196 -3.47 -12.64 9.32
C HIS S 196 -3.14 -11.24 9.86
N LEU S 197 -1.84 -10.92 9.95
CA LEU S 197 -1.46 -9.62 10.46
C LEU S 197 -1.83 -8.49 9.50
N LEU S 198 -1.78 -8.75 8.19
CA LEU S 198 -2.19 -7.73 7.23
C LEU S 198 -3.62 -7.29 7.50
N PHE S 199 -4.51 -8.26 7.65
CA PHE S 199 -5.89 -8.04 8.04
C PHE S 199 -6.00 -7.29 9.36
N LEU S 200 -5.19 -7.66 10.35
CA LEU S 200 -5.28 -6.98 11.65
C LEU S 200 -4.97 -5.49 11.52
N HIS S 201 -3.88 -5.14 10.83
CA HIS S 201 -3.41 -3.75 10.86
C HIS S 201 -4.32 -2.78 10.13
N GLU S 202 -5.38 -3.25 9.48
CA GLU S 202 -6.33 -2.36 8.83
C GLU S 202 -7.27 -1.70 9.82
N THR S 203 -7.51 -2.36 10.96
CA THR S 203 -8.34 -1.84 12.04
C THR S 203 -7.57 -1.47 13.30
N GLY S 204 -6.61 -2.29 13.71
CA GLY S 204 -5.92 -2.09 14.97
C GLY S 204 -6.49 -2.94 16.08
N SER S 205 -5.80 -2.92 17.22
CA SER S 205 -6.11 -3.82 18.33
C SER S 205 -7.28 -3.33 19.17
N ASN S 206 -8.21 -4.26 19.44
CA ASN S 206 -9.19 -4.15 20.52
C ASN S 206 -8.50 -4.05 21.88
N ASN S 207 -9.29 -3.72 22.93
CA ASN S 207 -8.66 -3.59 24.22
C ASN S 207 -9.56 -4.08 25.34
N PRO S 208 -9.10 -4.10 26.59
CA PRO S 208 -9.89 -4.74 27.66
C PRO S 208 -11.25 -4.10 27.91
N CYS S 209 -11.36 -2.78 27.76
CA CYS S 209 -12.63 -2.12 28.06
C CYS S 209 -13.67 -2.28 26.96
N GLY S 210 -13.28 -2.62 25.74
CA GLY S 210 -14.27 -2.77 24.69
C GLY S 210 -14.80 -1.47 24.15
N ILE S 211 -14.16 -0.34 24.49
CA ILE S 211 -14.52 0.94 23.90
C ILE S 211 -13.36 1.52 23.11
N SER S 212 -13.71 2.41 22.20
CA SER S 212 -12.77 2.89 21.18
C SER S 212 -11.64 3.68 21.80
N SER S 213 -10.41 3.36 21.38
CA SER S 213 -9.18 3.84 22.00
C SER S 213 -8.47 4.90 21.18
N ASP S 214 -9.15 5.48 20.18
CA ASP S 214 -8.49 6.41 19.27
C ASP S 214 -8.15 7.75 19.91
N SER S 215 -8.57 7.98 21.15
CA SER S 215 -8.18 9.17 21.89
C SER S 215 -6.90 8.98 22.69
N ASP S 216 -6.39 7.75 22.80
CA ASP S 216 -5.22 7.46 23.63
C ASP S 216 -4.32 6.42 22.99
N LYS S 217 -4.03 6.59 21.69
CA LYS S 217 -3.08 5.71 21.01
C LYS S 217 -1.64 6.14 21.27
N ILE S 218 -0.77 5.15 21.51
CA ILE S 218 0.66 5.40 21.62
C ILE S 218 1.35 4.61 20.50
N PRO S 219 2.58 4.98 20.16
CA PRO S 219 3.32 4.24 19.13
C PRO S 219 3.85 2.91 19.64
N PHE S 220 4.03 1.97 18.70
CA PHE S 220 4.47 0.64 19.08
C PHE S 220 5.88 0.65 19.65
N HIS S 221 6.73 1.49 19.09
CA HIS S 221 8.09 1.65 19.54
C HIS S 221 8.23 2.95 20.30
N PRO S 222 8.81 2.95 21.51
CA PRO S 222 9.51 1.86 22.22
C PRO S 222 8.66 0.97 23.15
N TYR S 223 7.39 1.30 23.38
CA TYR S 223 6.66 0.73 24.50
C TYR S 223 6.51 -0.78 24.37
N TYR S 224 5.85 -1.21 23.29
CA TYR S 224 5.51 -2.62 23.17
C TYR S 224 6.68 -3.45 22.68
N THR S 225 7.67 -2.81 22.07
CA THR S 225 8.92 -3.50 21.73
C THR S 225 9.58 -4.07 22.99
N ILE S 226 9.86 -3.22 23.98
CA ILE S 226 10.45 -3.70 25.22
C ILE S 226 9.49 -4.62 25.97
N LYS S 227 8.18 -4.35 25.93
CA LYS S 227 7.25 -5.23 26.63
C LYS S 227 7.31 -6.66 26.06
N ASP S 228 7.28 -6.78 24.73
CA ASP S 228 7.35 -8.10 24.11
C ASP S 228 8.71 -8.76 24.33
N ILE S 229 9.79 -7.97 24.37
CA ILE S 229 11.10 -8.54 24.68
C ILE S 229 11.10 -9.15 26.08
N LEU S 230 10.48 -8.46 27.04
CA LEU S 230 10.33 -9.01 28.39
C LEU S 230 9.57 -10.34 28.35
N GLY S 231 8.46 -10.37 27.63
CA GLY S 231 7.72 -11.61 27.50
C GLY S 231 8.56 -12.75 26.94
N LEU S 232 9.38 -12.44 25.93
CA LEU S 232 10.24 -13.46 25.33
C LEU S 232 11.27 -13.97 26.33
N VAL S 233 11.86 -13.07 27.11
CA VAL S 233 12.82 -13.50 28.13
C VAL S 233 12.15 -14.49 29.09
N LEU S 234 10.93 -14.19 29.52
CA LEU S 234 10.23 -15.10 30.42
C LEU S 234 9.99 -16.46 29.78
N LEU S 235 9.53 -16.46 28.52
CA LEU S 235 9.29 -17.72 27.83
C LEU S 235 10.57 -18.54 27.74
N LEU S 236 11.70 -17.87 27.49
CA LEU S 236 12.96 -18.61 27.40
C LEU S 236 13.37 -19.20 28.74
N PHE S 237 13.16 -18.47 29.83
CA PHE S 237 13.44 -19.05 31.14
C PHE S 237 12.64 -20.34 31.34
N ILE S 238 11.34 -20.29 31.07
CA ILE S 238 10.51 -21.48 31.26
C ILE S 238 10.97 -22.61 30.35
N LEU S 239 11.23 -22.29 29.08
CA LEU S 239 11.64 -23.32 28.13
C LEU S 239 12.94 -23.98 28.54
N THR S 240 13.93 -23.19 28.99
CA THR S 240 15.19 -23.78 29.43
C THR S 240 14.98 -24.69 30.64
N THR S 241 14.22 -24.23 31.63
CA THR S 241 14.00 -25.09 32.80
C THR S 241 13.31 -26.38 32.40
N LEU S 242 12.40 -26.31 31.44
CA LEU S 242 11.75 -27.54 30.99
C LEU S 242 12.72 -28.44 30.22
N THR S 243 13.66 -27.85 29.48
CA THR S 243 14.57 -28.62 28.64
C THR S 243 15.68 -29.29 29.45
N LEU S 244 16.20 -28.61 30.47
CA LEU S 244 17.39 -29.08 31.18
C LEU S 244 17.13 -29.62 32.57
N LEU S 245 16.16 -29.06 33.30
CA LEU S 245 15.99 -29.41 34.70
C LEU S 245 14.96 -30.52 34.91
N SER S 246 14.04 -30.70 33.98
CA SER S 246 12.95 -31.66 34.13
C SER S 246 12.48 -32.07 32.75
N PRO S 247 13.35 -32.69 31.95
CA PRO S 247 12.99 -33.00 30.55
C PRO S 247 11.91 -34.07 30.42
N ASN S 248 11.77 -34.96 31.40
CA ASN S 248 10.89 -36.11 31.31
C ASN S 248 9.50 -35.84 31.86
N LEU S 249 9.18 -34.59 32.19
CA LEU S 249 7.91 -34.27 32.82
C LEU S 249 6.72 -34.68 31.95
N LEU S 250 6.75 -34.30 30.67
CA LEU S 250 5.68 -34.59 29.72
C LEU S 250 5.93 -35.84 28.89
N ASN S 251 6.97 -36.61 29.18
CA ASN S 251 7.37 -37.69 28.28
C ASN S 251 6.52 -38.94 28.51
N ASP S 252 6.43 -39.76 27.46
CA ASP S 252 5.62 -40.96 27.46
C ASP S 252 6.50 -42.19 27.27
N PRO S 253 6.50 -43.16 28.19
CA PRO S 253 7.39 -44.32 28.02
C PRO S 253 7.01 -45.23 26.86
N ASP S 254 5.72 -45.34 26.52
CA ASP S 254 5.30 -46.29 25.50
C ASP S 254 5.80 -45.95 24.11
N ASN S 255 6.32 -44.75 23.90
CA ASN S 255 6.92 -44.40 22.62
C ASN S 255 8.42 -44.66 22.58
N TYR S 256 9.00 -45.22 23.65
CA TYR S 256 10.35 -45.76 23.63
C TYR S 256 10.38 -47.25 23.34
N ILE S 257 9.28 -47.82 22.87
CA ILE S 257 9.23 -49.19 22.38
C ILE S 257 8.93 -49.12 20.89
N PRO S 258 9.74 -49.71 20.01
CA PRO S 258 9.47 -49.57 18.58
C PRO S 258 8.16 -50.23 18.21
N ALA S 259 7.75 -50.00 16.96
CA ALA S 259 6.41 -50.35 16.52
C ALA S 259 6.26 -51.84 16.29
N ASP S 260 5.08 -52.35 16.62
CA ASP S 260 4.75 -53.77 16.47
C ASP S 260 3.36 -53.86 15.84
N PRO S 261 3.26 -54.11 14.53
CA PRO S 261 1.95 -54.11 13.87
C PRO S 261 0.96 -55.15 14.39
N LEU S 262 1.37 -56.08 15.25
CA LEU S 262 0.50 -57.15 15.69
C LEU S 262 -0.10 -56.95 17.07
N ASN S 263 0.32 -55.92 17.82
CA ASN S 263 -0.16 -55.73 19.18
C ASN S 263 -0.38 -54.25 19.46
N THR S 264 -1.61 -53.91 19.86
CA THR S 264 -1.93 -52.61 20.43
C THR S 264 -1.79 -52.67 21.95
N PRO S 265 -1.11 -51.70 22.59
CA PRO S 265 -0.92 -51.80 24.03
C PRO S 265 -2.22 -51.59 24.79
N PRO S 266 -2.34 -52.16 25.98
CA PRO S 266 -3.61 -52.10 26.74
C PRO S 266 -4.09 -50.70 27.06
N HIS S 267 -3.20 -49.77 27.34
CA HIS S 267 -3.57 -48.41 27.75
C HIS S 267 -3.08 -47.43 26.71
N ILE S 268 -4.02 -46.72 26.10
CA ILE S 268 -3.78 -45.83 24.97
C ILE S 268 -3.98 -44.39 25.42
N LYS S 269 -3.07 -43.50 25.00
CA LYS S 269 -3.13 -42.11 25.41
C LYS S 269 -2.35 -41.25 24.40
N PRO S 270 -3.02 -40.33 23.69
CA PRO S 270 -2.28 -39.41 22.81
C PRO S 270 -1.51 -38.32 23.56
N GLU S 271 -0.88 -37.43 22.79
CA GLU S 271 -0.20 -36.28 23.36
C GLU S 271 -1.21 -35.38 24.07
N TRP S 272 -0.75 -34.65 25.08
CA TRP S 272 -1.68 -33.96 25.96
C TRP S 272 -2.53 -32.95 25.20
N TYR S 273 -1.92 -32.15 24.29
CA TYR S 273 -2.81 -31.15 23.70
C TYR S 273 -3.93 -31.76 22.86
N PHE S 274 -4.06 -33.08 22.82
CA PHE S 274 -5.14 -33.64 22.03
C PHE S 274 -6.21 -34.30 22.87
N LEU S 275 -5.90 -34.59 24.15
CA LEU S 275 -6.75 -35.47 24.93
C LEU S 275 -8.21 -35.12 24.79
N PHE S 276 -8.54 -33.84 24.67
CA PHE S 276 -9.91 -33.41 24.86
C PHE S 276 -10.73 -33.89 23.67
N ALA S 277 -10.19 -33.70 22.46
CA ALA S 277 -10.81 -34.23 21.27
C ALA S 277 -11.01 -35.74 21.42
N TYR S 278 -9.96 -36.43 21.87
CA TYR S 278 -10.06 -37.87 22.07
C TYR S 278 -11.27 -38.18 22.94
N ALA S 279 -11.40 -37.49 24.06
CA ALA S 279 -12.55 -37.70 24.94
C ALA S 279 -13.85 -37.51 24.18
N ILE S 280 -13.96 -36.41 23.44
CA ILE S 280 -15.16 -36.17 22.66
C ILE S 280 -15.41 -37.34 21.70
N LEU S 281 -14.36 -37.75 20.99
CA LEU S 281 -14.50 -38.87 20.07
C LEU S 281 -14.96 -40.13 20.80
N ARG S 282 -14.53 -40.30 22.05
CA ARG S 282 -14.91 -41.48 22.82
C ARG S 282 -16.35 -41.45 23.30
N SER S 283 -17.03 -40.31 23.22
CA SER S 283 -18.28 -40.13 23.96
C SER S 283 -19.53 -40.48 23.15
N VAL S 284 -19.41 -40.69 21.85
CA VAL S 284 -20.58 -40.94 21.00
C VAL S 284 -20.58 -42.41 20.62
N PRO S 285 -21.67 -43.17 20.88
CA PRO S 285 -21.67 -44.61 20.58
C PRO S 285 -21.85 -44.94 19.10
N ASN S 286 -21.64 -43.96 18.22
CA ASN S 286 -21.81 -44.16 16.78
C ASN S 286 -20.60 -43.60 16.04
N LYS S 287 -20.15 -44.33 15.03
CA LYS S 287 -18.93 -43.98 14.30
C LYS S 287 -19.05 -42.60 13.64
N LEU S 288 -19.96 -42.51 12.67
CA LEU S 288 -20.13 -41.26 11.93
C LEU S 288 -20.42 -40.09 12.86
N GLY S 289 -21.33 -40.29 13.81
CA GLY S 289 -21.64 -39.23 14.75
C GLY S 289 -20.43 -38.81 15.56
N GLY S 290 -19.60 -39.79 15.93
CA GLY S 290 -18.41 -39.48 16.69
C GLY S 290 -17.47 -38.57 15.93
N VAL S 291 -17.15 -38.94 14.69
CA VAL S 291 -16.28 -38.13 13.85
C VAL S 291 -16.87 -36.74 13.63
N LEU S 292 -18.18 -36.67 13.33
CA LEU S 292 -18.83 -35.39 13.12
C LEU S 292 -18.67 -34.50 14.34
N ALA S 293 -18.93 -35.03 15.53
CA ALA S 293 -18.73 -34.26 16.75
C ALA S 293 -17.28 -33.82 16.88
N LEU S 294 -16.35 -34.70 16.54
CA LEU S 294 -14.93 -34.40 16.71
C LEU S 294 -14.56 -33.12 15.97
N PHE S 295 -14.99 -33.02 14.72
CA PHE S 295 -14.70 -31.87 13.87
C PHE S 295 -15.54 -30.65 14.21
N LEU S 296 -16.81 -30.84 14.57
CA LEU S 296 -17.63 -29.71 14.97
C LEU S 296 -17.10 -29.04 16.23
N SER S 297 -16.46 -29.81 17.11
CA SER S 297 -15.96 -29.24 18.36
C SER S 297 -15.06 -28.03 18.12
N ILE S 298 -14.31 -28.04 17.03
CA ILE S 298 -13.46 -26.91 16.65
C ILE S 298 -14.16 -25.99 15.67
N LEU S 299 -14.89 -26.56 14.70
CA LEU S 299 -15.54 -25.72 13.69
C LEU S 299 -16.59 -24.80 14.28
N ILE S 300 -17.06 -25.08 15.50
CA ILE S 300 -18.12 -24.27 16.10
C ILE S 300 -17.67 -22.84 16.38
N LEU S 301 -16.37 -22.59 16.50
CA LEU S 301 -15.90 -21.22 16.72
C LEU S 301 -16.34 -20.27 15.61
N SER S 302 -16.63 -20.78 14.42
CA SER S 302 -16.93 -19.91 13.29
C SER S 302 -18.28 -19.21 13.38
N ILE S 303 -19.18 -19.66 14.27
CA ILE S 303 -20.49 -19.04 14.38
C ILE S 303 -20.67 -18.27 15.67
N ILE S 304 -19.63 -18.16 16.50
CA ILE S 304 -19.70 -17.30 17.67
C ILE S 304 -20.01 -15.86 17.30
N PRO S 305 -19.37 -15.26 16.29
CA PRO S 305 -19.76 -13.89 15.92
C PRO S 305 -21.23 -13.75 15.60
N THR S 306 -21.85 -14.80 15.09
CA THR S 306 -23.25 -14.74 14.66
C THR S 306 -24.22 -14.78 15.83
N LEU S 307 -23.83 -15.41 16.94
CA LEU S 307 -24.70 -15.57 18.09
C LEU S 307 -24.54 -14.45 19.12
N HIS S 308 -23.86 -13.37 18.75
CA HIS S 308 -23.56 -12.29 19.68
C HIS S 308 -24.76 -11.34 19.78
N ASN S 309 -25.29 -11.20 21.00
CA ASN S 309 -26.47 -10.38 21.24
C ASN S 309 -26.19 -9.13 22.06
N SER S 310 -25.03 -9.06 22.72
CA SER S 310 -24.79 -8.00 23.69
C SER S 310 -24.61 -6.66 23.00
N LYS S 311 -24.98 -5.60 23.72
CA LYS S 311 -24.69 -4.26 23.24
C LYS S 311 -23.21 -3.93 23.46
N GLN S 312 -22.63 -4.40 24.55
CA GLN S 312 -21.22 -4.22 24.87
C GLN S 312 -20.37 -5.34 24.27
N GLN S 313 -19.12 -5.01 23.97
CA GLN S 313 -18.21 -5.95 23.32
C GLN S 313 -17.53 -6.88 24.32
N SER S 314 -16.96 -6.32 25.39
CA SER S 314 -16.13 -7.06 26.31
C SER S 314 -16.95 -7.59 27.49
N MET S 315 -16.44 -8.67 28.09
CA MET S 315 -17.02 -9.23 29.32
C MET S 315 -16.56 -8.50 30.56
N MET S 316 -15.68 -7.50 30.43
CA MET S 316 -15.16 -6.80 31.60
C MET S 316 -16.27 -6.28 32.49
N PHE S 317 -17.38 -5.83 31.88
CA PHE S 317 -18.49 -5.24 32.62
C PHE S 317 -19.72 -6.15 32.67
N ARG S 318 -19.55 -7.45 32.43
CA ARG S 318 -20.68 -8.37 32.28
C ARG S 318 -20.47 -9.61 33.14
N PRO S 319 -20.93 -9.59 34.40
CA PRO S 319 -20.60 -10.65 35.37
C PRO S 319 -21.20 -12.03 35.12
N LEU S 320 -22.52 -12.14 34.96
CA LEU S 320 -23.10 -13.42 34.52
C LEU S 320 -22.32 -14.07 33.37
N SER S 321 -21.99 -13.27 32.35
CA SER S 321 -21.17 -13.77 31.24
C SER S 321 -19.88 -14.40 31.75
N GLN S 322 -19.16 -13.68 32.63
CA GLN S 322 -17.89 -14.16 33.15
C GLN S 322 -18.05 -15.50 33.84
N PHE S 323 -19.11 -15.63 34.64
CA PHE S 323 -19.37 -16.88 35.35
C PHE S 323 -19.46 -18.04 34.34
N LEU S 324 -20.24 -17.83 33.28
CA LEU S 324 -20.37 -18.87 32.26
C LEU S 324 -19.03 -19.16 31.58
N PHE S 325 -18.24 -18.13 31.29
CA PHE S 325 -16.96 -18.33 30.65
C PHE S 325 -16.09 -19.30 31.43
N TRP S 326 -15.97 -19.05 32.74
CA TRP S 326 -15.11 -19.92 33.53
C TRP S 326 -15.69 -21.32 33.67
N PHE S 327 -17.03 -21.44 33.68
CA PHE S 327 -17.62 -22.78 33.67
C PHE S 327 -17.24 -23.55 32.39
N LEU S 328 -17.26 -22.87 31.25
CA LEU S 328 -16.83 -23.49 30.00
C LEU S 328 -15.38 -23.98 30.09
N ILE S 329 -14.50 -23.14 30.64
CA ILE S 329 -13.09 -23.55 30.75
C ILE S 329 -12.98 -24.81 31.61
N THR S 330 -13.76 -24.89 32.69
CA THR S 330 -13.71 -26.11 33.50
C THR S 330 -14.26 -27.32 32.76
N THR S 331 -15.27 -27.14 31.91
CA THR S 331 -15.71 -28.28 31.09
C THR S 331 -14.57 -28.81 30.24
N LEU S 332 -13.77 -27.91 29.66
CA LEU S 332 -12.65 -28.37 28.84
C LEU S 332 -11.59 -29.10 29.67
N LEU S 333 -11.24 -28.57 30.85
CA LEU S 333 -10.40 -29.31 31.79
C LEU S 333 -10.96 -30.71 32.06
N THR S 334 -12.27 -30.82 32.25
CA THR S 334 -12.87 -32.11 32.54
C THR S 334 -12.68 -33.08 31.37
N LEU S 335 -12.88 -32.59 30.15
CA LEU S 335 -12.63 -33.44 28.99
C LEU S 335 -11.18 -33.88 28.91
N THR S 336 -10.25 -32.97 29.22
CA THR S 336 -8.84 -33.34 29.24
C THR S 336 -8.58 -34.45 30.25
N TRP S 337 -9.15 -34.33 31.46
CA TRP S 337 -8.95 -35.35 32.48
C TRP S 337 -9.55 -36.69 32.06
N ILE S 338 -10.75 -36.67 31.50
CA ILE S 338 -11.40 -37.90 31.07
C ILE S 338 -10.61 -38.58 29.97
N GLY S 339 -9.97 -37.80 29.09
CA GLY S 339 -9.18 -38.41 28.02
C GLY S 339 -8.05 -39.29 28.53
N SER S 340 -7.56 -39.02 29.74
CA SER S 340 -6.44 -39.77 30.29
C SER S 340 -6.84 -41.11 30.90
N GLN S 341 -8.11 -41.35 31.10
CA GLN S 341 -8.57 -42.48 31.89
C GLN S 341 -9.03 -43.62 31.00
N PRO S 342 -9.00 -44.85 31.52
CA PRO S 342 -9.52 -45.98 30.74
C PRO S 342 -10.96 -45.74 30.31
N VAL S 343 -11.39 -46.50 29.32
CA VAL S 343 -12.77 -46.42 28.87
C VAL S 343 -13.60 -47.31 29.78
N SER S 344 -13.93 -46.78 30.96
CA SER S 344 -14.70 -47.50 31.96
C SER S 344 -15.81 -46.58 32.46
N GLN S 345 -16.76 -47.18 33.17
CA GLN S 345 -18.11 -46.64 33.22
C GLN S 345 -18.19 -45.25 33.84
N PRO S 346 -17.61 -44.98 35.02
CA PRO S 346 -17.69 -43.61 35.58
C PRO S 346 -17.24 -42.56 34.59
N PHE S 347 -16.09 -42.79 33.96
CA PHE S 347 -15.50 -41.82 33.05
C PHE S 347 -16.32 -41.72 31.77
N ILE S 348 -16.91 -42.82 31.32
CA ILE S 348 -17.80 -42.78 30.15
C ILE S 348 -18.91 -41.77 30.41
N PHE S 349 -19.58 -41.92 31.55
CA PHE S 349 -20.75 -41.11 31.85
C PHE S 349 -20.36 -39.64 32.05
N ILE S 350 -19.26 -39.40 32.78
CA ILE S 350 -18.78 -38.04 33.01
C ILE S 350 -18.43 -37.37 31.69
N GLY S 351 -17.76 -38.10 30.79
CA GLY S 351 -17.39 -37.51 29.51
C GLY S 351 -18.60 -37.13 28.69
N GLN S 352 -19.62 -37.97 28.67
CA GLN S 352 -20.83 -37.63 27.92
C GLN S 352 -21.45 -36.35 28.46
N LEU S 353 -21.56 -36.22 29.78
CA LEU S 353 -22.09 -34.97 30.33
C LEU S 353 -21.20 -33.79 29.94
N ALA S 354 -19.88 -33.93 30.04
CA ALA S 354 -19.03 -32.78 29.72
C ALA S 354 -19.22 -32.33 28.27
N SER S 355 -19.38 -33.29 27.35
CA SER S 355 -19.53 -32.94 25.94
C SER S 355 -20.83 -32.18 25.70
N THR S 356 -21.94 -32.74 26.20
CA THR S 356 -23.21 -32.08 26.01
C THR S 356 -23.19 -30.68 26.61
N MET S 357 -22.53 -30.51 27.76
CA MET S 357 -22.49 -29.19 28.36
C MET S 357 -21.62 -28.22 27.57
N TYR S 358 -20.52 -28.70 26.97
CA TYR S 358 -19.73 -27.83 26.12
C TYR S 358 -20.57 -27.21 25.00
N PHE S 359 -21.22 -28.07 24.19
CA PHE S 359 -22.00 -27.52 23.09
C PHE S 359 -23.17 -26.70 23.60
N THR S 360 -23.97 -27.27 24.51
CA THR S 360 -24.99 -26.47 25.17
C THR S 360 -24.51 -25.06 25.50
N THR S 361 -23.40 -24.93 26.24
CA THR S 361 -22.97 -23.63 26.71
C THR S 361 -22.68 -22.69 25.56
N VAL S 362 -21.94 -23.17 24.55
CA VAL S 362 -21.60 -22.25 23.47
C VAL S 362 -22.85 -21.84 22.70
N LEU S 363 -23.77 -22.77 22.48
CA LEU S 363 -24.87 -22.53 21.54
C LEU S 363 -26.12 -21.94 22.18
N ILE S 364 -26.33 -22.10 23.48
CA ILE S 364 -27.61 -21.72 24.07
C ILE S 364 -27.45 -20.77 25.26
N LEU S 365 -26.65 -21.16 26.24
CA LEU S 365 -26.66 -20.46 27.53
C LEU S 365 -26.12 -19.04 27.39
N MET S 366 -25.00 -18.87 26.69
CA MET S 366 -24.42 -17.53 26.53
C MET S 366 -25.36 -16.58 25.81
N PRO S 367 -25.96 -16.93 24.66
CA PRO S 367 -26.93 -16.02 24.04
C PRO S 367 -28.04 -15.56 24.99
N LEU S 368 -28.58 -16.49 25.77
CA LEU S 368 -29.71 -16.16 26.64
C LEU S 368 -29.29 -15.27 27.80
N THR S 369 -28.13 -15.56 28.41
CA THR S 369 -27.62 -14.68 29.45
C THR S 369 -27.37 -13.28 28.90
N SER S 370 -26.91 -13.19 27.65
CA SER S 370 -26.72 -11.85 27.07
C SER S 370 -28.04 -11.11 27.01
N LEU S 371 -29.13 -11.78 26.62
CA LEU S 371 -30.41 -11.09 26.58
C LEU S 371 -30.86 -10.65 27.98
N ILE S 372 -30.74 -11.53 28.97
CA ILE S 372 -31.06 -11.14 30.35
C ILE S 372 -30.28 -9.89 30.74
N GLU S 373 -28.97 -9.91 30.49
CA GLU S 373 -28.12 -8.77 30.83
C GLU S 373 -28.64 -7.49 30.20
N ASN S 374 -28.86 -7.52 28.88
CA ASN S 374 -29.45 -6.37 28.21
C ASN S 374 -30.68 -5.86 28.96
N ASN S 375 -31.58 -6.76 29.34
CA ASN S 375 -32.80 -6.31 30.00
C ASN S 375 -32.51 -5.66 31.35
N LEU S 376 -31.48 -6.14 32.06
CA LEU S 376 -31.17 -5.56 33.36
C LEU S 376 -30.61 -4.14 33.25
N LEU S 377 -29.94 -3.80 32.16
CA LEU S 377 -29.45 -2.44 31.93
C LEU S 377 -30.46 -1.55 31.24
N LYS S 378 -31.65 -2.07 30.91
CA LYS S 378 -32.75 -1.27 30.36
C LYS S 378 -32.45 -0.78 28.95
N TRP S 379 -31.99 -1.70 28.10
CA TRP S 379 -32.00 -1.47 26.65
C TRP S 379 -32.13 -2.80 25.92
N THR T 35 41.23 54.82 4.57
CA THR T 35 39.90 54.23 4.82
C THR T 35 40.05 53.23 5.95
N ALA T 36 38.98 52.94 6.68
CA ALA T 36 39.12 52.08 7.84
C ALA T 36 38.64 50.67 7.54
N THR T 37 38.87 49.78 8.50
CA THR T 37 38.30 48.45 8.57
C THR T 37 37.09 48.49 9.50
N PHE T 38 36.18 47.52 9.33
CA PHE T 38 35.11 47.39 10.32
C PHE T 38 35.60 47.53 11.76
N ALA T 39 36.51 46.64 12.16
CA ALA T 39 37.02 46.66 13.53
C ALA T 39 37.61 48.02 13.89
N GLN T 40 38.21 48.71 12.93
CA GLN T 40 38.77 50.02 13.21
C GLN T 40 37.67 51.07 13.40
N ALA T 41 36.57 50.95 12.65
CA ALA T 41 35.43 51.82 12.88
C ALA T 41 34.84 51.60 14.26
N LEU T 42 34.96 50.39 14.81
CA LEU T 42 34.43 50.17 16.15
C LEU T 42 35.16 50.96 17.22
N GLN T 43 36.34 51.53 16.92
CA GLN T 43 37.05 52.34 17.91
C GLN T 43 36.51 53.76 18.00
N PHE T 44 35.80 54.23 16.98
CA PHE T 44 35.30 55.61 16.97
C PHE T 44 34.01 55.78 17.76
N VAL T 45 33.39 54.69 18.20
CA VAL T 45 32.14 54.78 18.95
C VAL T 45 32.42 55.40 20.32
N PRO T 46 31.65 56.38 20.78
CA PRO T 46 32.00 57.07 22.02
C PRO T 46 31.81 56.21 23.26
N GLU T 47 32.45 56.65 24.34
CA GLU T 47 32.43 55.93 25.60
C GLU T 47 31.12 56.19 26.35
N THR T 48 30.85 55.29 27.29
CA THR T 48 29.72 55.42 28.21
C THR T 48 30.28 55.85 29.57
N GLN T 49 29.88 57.03 30.02
CA GLN T 49 30.32 57.51 31.33
C GLN T 49 29.37 57.03 32.41
N VAL T 50 29.93 56.71 33.58
CA VAL T 50 29.16 56.18 34.71
C VAL T 50 29.62 56.85 35.99
N SER T 51 28.66 57.11 36.88
CA SER T 51 28.91 57.78 38.16
C SER T 51 27.95 57.22 39.20
N LEU T 52 28.20 57.58 40.46
CA LEU T 52 27.39 57.14 41.59
C LEU T 52 26.92 58.33 42.41
N LEU T 53 25.69 58.25 42.91
CA LEU T 53 25.26 59.14 43.98
C LEU T 53 25.60 58.53 45.34
N ASP T 54 25.33 59.29 46.40
CA ASP T 54 25.60 58.83 47.76
C ASP T 54 24.66 57.70 48.17
N ASN T 55 23.42 57.71 47.68
CA ASN T 55 22.50 56.62 48.01
C ASN T 55 22.73 55.37 47.18
N GLY T 56 23.73 55.35 46.30
CA GLY T 56 24.07 54.16 45.56
C GLY T 56 23.39 54.02 44.22
N LEU T 57 22.57 54.98 43.82
CA LEU T 57 22.04 55.00 42.46
C LEU T 57 23.15 55.36 41.48
N ARG T 58 23.22 54.61 40.38
CA ARG T 58 24.25 54.85 39.36
C ARG T 58 23.66 55.55 38.15
N VAL T 59 24.39 56.54 37.65
CA VAL T 59 23.99 57.35 36.51
C VAL T 59 24.92 57.05 35.35
N ALA T 60 24.34 56.76 34.19
CA ALA T 60 25.12 56.36 33.02
C ALA T 60 24.62 57.10 31.80
N SER T 61 25.55 57.48 30.93
CA SER T 61 25.20 58.28 29.76
C SER T 61 26.09 57.93 28.59
N GLU T 62 25.51 58.08 27.39
CA GLU T 62 26.29 58.16 26.15
C GLU T 62 25.83 59.36 25.33
N GLN T 63 26.78 60.24 25.04
CA GLN T 63 26.56 61.51 24.37
C GLN T 63 26.82 61.33 22.87
N SER T 64 25.86 61.75 22.06
CA SER T 64 25.90 61.50 20.62
C SER T 64 25.57 62.74 19.80
N SER T 65 25.58 63.93 20.41
CA SER T 65 25.46 65.19 19.69
C SER T 65 24.28 65.20 18.72
N GLN T 66 23.07 65.18 19.29
CA GLN T 66 21.84 65.23 18.52
C GLN T 66 20.85 66.14 19.21
N PRO T 67 19.85 66.63 18.46
CA PRO T 67 18.80 67.47 19.07
C PRO T 67 17.74 66.68 19.81
N THR T 68 17.87 65.36 19.89
CA THR T 68 16.85 64.50 20.48
C THR T 68 17.51 63.52 21.43
N CYS T 69 16.76 63.07 22.44
CA CYS T 69 17.34 62.22 23.46
C CYS T 69 16.30 61.27 24.04
N THR T 70 16.81 60.20 24.66
CA THR T 70 16.03 59.27 25.46
C THR T 70 16.64 59.18 26.85
N VAL T 71 15.78 59.22 27.86
CA VAL T 71 16.21 59.17 29.25
C VAL T 71 15.28 58.25 30.02
N GLY T 72 15.84 57.33 30.81
CA GLY T 72 15.01 56.42 31.57
C GLY T 72 15.61 55.96 32.87
N VAL T 73 14.76 55.29 33.64
CA VAL T 73 15.13 54.59 34.87
C VAL T 73 14.84 53.11 34.67
N TRP T 74 15.84 52.29 34.94
CA TRP T 74 15.74 50.84 34.88
C TRP T 74 15.85 50.27 36.28
N ILE T 75 15.02 49.27 36.60
CA ILE T 75 14.89 48.80 37.96
C ILE T 75 15.00 47.29 37.99
N ASP T 76 15.81 46.80 38.94
CA ASP T 76 16.22 45.40 39.05
C ASP T 76 15.17 44.57 39.79
N VAL T 77 13.95 44.60 39.26
CA VAL T 77 12.81 43.95 39.90
C VAL T 77 11.92 43.36 38.82
N GLY T 78 11.34 42.20 39.12
CA GLY T 78 10.45 41.57 38.18
C GLY T 78 9.66 40.46 38.84
N SER T 79 8.98 39.68 37.99
CA SER T 79 8.07 38.66 38.48
C SER T 79 8.77 37.55 39.26
N ARG T 80 10.06 37.33 39.04
CA ARG T 80 10.74 36.23 39.73
C ARG T 80 11.10 36.57 41.17
N PHE T 81 10.69 37.74 41.66
CA PHE T 81 10.80 38.12 43.06
C PHE T 81 9.45 38.14 43.76
N GLU T 82 8.36 37.79 43.08
CA GLU T 82 7.04 37.77 43.67
C GLU T 82 6.68 36.36 44.14
N THR T 83 5.93 36.29 45.23
CA THR T 83 5.41 35.04 45.75
C THR T 83 3.98 34.85 45.27
N GLU T 84 3.45 33.64 45.47
CA GLU T 84 2.11 33.34 44.99
C GLU T 84 1.06 34.22 45.64
N LYS T 85 1.40 34.88 46.74
CA LYS T 85 0.44 35.76 47.42
C LYS T 85 0.27 37.10 46.72
N ASN T 86 1.30 37.56 45.99
CA ASN T 86 1.24 38.84 45.30
C ASN T 86 1.76 38.75 43.88
N ASN T 87 1.79 37.55 43.30
CA ASN T 87 2.11 37.39 41.90
C ASN T 87 1.19 38.25 41.04
N GLY T 88 1.77 39.17 40.29
CA GLY T 88 1.02 40.10 39.48
C GLY T 88 1.02 41.54 39.97
N ALA T 89 1.82 41.86 41.00
CA ALA T 89 1.81 43.21 41.56
C ALA T 89 2.46 44.22 40.63
N GLY T 90 3.59 43.86 40.01
CA GLY T 90 4.30 44.81 39.18
C GLY T 90 3.51 45.26 37.97
N TYR T 91 2.80 44.32 37.32
CA TYR T 91 1.92 44.64 36.21
C TYR T 91 0.79 45.59 36.64
N PHE T 92 0.20 45.29 37.80
CA PHE T 92 -0.75 46.24 38.36
C PHE T 92 -0.16 47.64 38.52
N LEU T 93 1.01 47.73 39.16
CA LEU T 93 1.65 49.03 39.33
C LEU T 93 1.93 49.70 37.99
N GLU T 94 2.28 48.92 36.97
CA GLU T 94 2.55 49.49 35.66
C GLU T 94 1.29 50.10 35.06
N HIS T 95 0.13 49.55 35.38
CA HIS T 95 -1.10 50.09 34.79
C HIS T 95 -1.41 51.51 35.30
N LEU T 96 -1.08 51.84 36.55
CA LEU T 96 -1.38 53.15 37.11
C LEU T 96 -0.12 53.92 37.47
N ALA T 97 0.96 53.72 36.71
CA ALA T 97 2.18 54.49 36.94
C ALA T 97 2.02 55.94 36.50
N PHE T 98 1.41 56.15 35.33
CA PHE T 98 1.31 57.47 34.72
C PHE T 98 -0.02 58.16 34.99
N LYS T 99 -0.74 57.75 36.03
CA LYS T 99 -2.10 58.23 36.23
C LYS T 99 -2.21 59.40 37.21
N GLY T 100 -1.11 59.77 37.86
CA GLY T 100 -1.09 60.94 38.71
C GLY T 100 -0.08 60.82 39.84
N THR T 101 0.46 61.96 40.25
CA THR T 101 1.34 62.07 41.40
C THR T 101 0.75 63.11 42.34
N LYS T 102 1.29 63.22 43.55
CA LYS T 102 0.76 64.22 44.47
C LYS T 102 0.98 65.62 43.90
N ASN T 103 2.20 65.91 43.45
CA ASN T 103 2.49 67.22 42.86
C ASN T 103 1.71 67.47 41.57
N ARG T 104 1.35 66.42 40.82
CA ARG T 104 0.57 66.55 39.58
C ARG T 104 -0.62 65.61 39.64
N PRO T 105 -1.71 66.05 40.27
CA PRO T 105 -2.91 65.19 40.37
C PRO T 105 -3.44 64.86 38.98
N GLY T 106 -3.94 63.63 38.85
CA GLY T 106 -4.71 63.24 37.69
C GLY T 106 -3.99 63.48 36.38
N SER T 107 -4.71 64.07 35.42
CA SER T 107 -4.22 64.17 34.06
C SER T 107 -3.26 65.34 33.85
N ALA T 108 -2.87 66.03 34.92
CA ALA T 108 -1.93 67.13 34.77
C ALA T 108 -0.59 66.65 34.24
N LEU T 109 -0.11 65.51 34.75
CA LEU T 109 1.15 64.94 34.27
C LEU T 109 1.06 64.61 32.78
N GLU T 110 -0.05 63.97 32.38
CA GLU T 110 -0.25 63.62 30.98
C GLU T 110 -0.25 64.86 30.09
N LYS T 111 -0.95 65.91 30.53
CA LYS T 111 -1.03 67.13 29.76
C LYS T 111 0.33 67.81 29.65
N GLU T 112 1.16 67.73 30.70
CA GLU T 112 2.48 68.37 30.61
C GLU T 112 3.42 67.58 29.72
N VAL T 113 3.31 66.25 29.74
CA VAL T 113 4.11 65.46 28.81
C VAL T 113 3.69 65.77 27.38
N GLU T 114 2.38 65.81 27.12
CA GLU T 114 1.92 66.03 25.75
C GLU T 114 2.15 67.45 25.26
N SER T 115 2.26 68.44 26.16
CA SER T 115 2.51 69.80 25.70
C SER T 115 3.97 70.03 25.33
N MET T 116 4.90 69.19 25.80
CA MET T 116 6.28 69.26 25.33
C MET T 116 6.47 68.60 23.97
N GLY T 117 5.55 67.74 23.56
CA GLY T 117 5.77 66.93 22.38
C GLY T 117 6.58 65.68 22.63
N ALA T 118 6.63 65.23 23.88
CA ALA T 118 7.46 64.09 24.27
C ALA T 118 6.61 62.83 24.39
N HIS T 119 7.30 61.70 24.45
CA HIS T 119 6.66 60.38 24.56
C HIS T 119 7.13 59.69 25.83
N LEU T 120 6.24 58.87 26.40
CA LEU T 120 6.47 58.25 27.70
C LEU T 120 6.06 56.78 27.62
N ASN T 121 6.94 55.88 28.04
CA ASN T 121 6.66 54.45 27.90
C ASN T 121 7.27 53.67 29.07
N ALA T 122 6.81 52.43 29.22
CA ALA T 122 7.19 51.57 30.33
C ALA T 122 7.11 50.11 29.91
N TYR T 123 7.76 49.24 30.68
CA TYR T 123 7.58 47.80 30.47
C TYR T 123 8.09 47.03 31.68
N SER T 124 7.77 45.74 31.67
CA SER T 124 7.86 44.84 32.83
C SER T 124 8.15 43.44 32.30
N THR T 125 9.05 42.73 32.97
CA THR T 125 9.60 41.49 32.47
C THR T 125 9.71 40.49 33.62
N ARG T 126 9.95 39.22 33.27
CA ARG T 126 10.26 38.20 34.26
C ARG T 126 11.33 38.67 35.25
N GLU T 127 12.16 39.64 34.87
CA GLU T 127 13.33 40.00 35.67
C GLU T 127 13.63 41.50 35.77
N HIS T 128 13.07 42.37 34.92
CA HIS T 128 13.41 43.78 34.96
C HIS T 128 12.15 44.63 34.86
N THR T 129 12.31 45.93 35.14
CA THR T 129 11.26 46.91 34.91
C THR T 129 11.91 48.19 34.38
N ALA T 130 11.16 48.97 33.60
CA ALA T 130 11.73 50.17 33.02
C ALA T 130 10.68 51.23 32.77
N TYR T 131 11.04 52.50 33.00
CA TYR T 131 10.25 53.66 32.59
C TYR T 131 11.15 54.63 31.84
N TYR T 132 10.80 55.01 30.60
CA TYR T 132 11.60 56.02 29.93
C TYR T 132 10.75 57.07 29.20
N ILE T 133 11.44 58.13 28.75
CA ILE T 133 10.87 59.27 28.04
C ILE T 133 11.74 59.57 26.82
N LYS T 134 11.08 59.90 25.71
CA LYS T 134 11.72 60.47 24.53
C LYS T 134 11.39 61.96 24.45
N ALA T 135 12.39 62.78 24.20
CA ALA T 135 12.16 64.23 24.21
C ALA T 135 13.24 64.96 23.41
N LEU T 136 13.04 66.27 23.29
CA LEU T 136 14.06 67.17 22.79
C LEU T 136 15.13 67.39 23.84
N SER T 137 16.37 67.56 23.39
CA SER T 137 17.49 67.77 24.31
C SER T 137 17.30 69.02 25.15
N LYS T 138 16.51 69.99 24.68
CA LYS T 138 16.27 71.21 25.43
C LYS T 138 15.55 70.96 26.74
N ASP T 139 14.84 69.84 26.87
CA ASP T 139 13.89 69.63 27.95
C ASP T 139 14.45 68.76 29.06
N LEU T 140 15.75 68.52 29.08
CA LEU T 140 16.32 67.60 30.07
C LEU T 140 15.98 67.97 31.50
N PRO T 141 16.05 69.23 31.92
CA PRO T 141 15.69 69.54 33.32
C PRO T 141 14.29 69.12 33.70
N LYS T 142 13.31 69.38 32.83
CA LYS T 142 11.94 68.93 33.11
C LYS T 142 11.86 67.41 33.08
N VAL T 143 12.42 66.79 32.03
CA VAL T 143 12.37 65.33 31.89
C VAL T 143 12.75 64.67 33.20
N VAL T 144 13.99 64.88 33.64
CA VAL T 144 14.46 64.25 34.87
C VAL T 144 13.50 64.55 36.01
N GLU T 145 13.09 65.81 36.14
CA GLU T 145 12.13 66.17 37.17
C GLU T 145 10.94 65.23 37.13
N LEU T 146 10.24 65.20 35.99
CA LEU T 146 9.09 64.30 35.88
C LEU T 146 9.49 62.88 36.22
N LEU T 147 10.64 62.42 35.70
CA LEU T 147 11.04 61.04 35.91
C LEU T 147 11.26 60.75 37.38
N GLY T 148 11.73 61.74 38.16
CA GLY T 148 11.85 61.55 39.59
C GLY T 148 10.52 61.64 40.30
N ASP T 149 9.62 62.48 39.79
CA ASP T 149 8.29 62.59 40.38
C ASP T 149 7.49 61.31 40.24
N ILE T 150 7.73 60.56 39.16
CA ILE T 150 6.95 59.37 38.88
C ILE T 150 7.35 58.23 39.80
N VAL T 151 8.65 58.00 39.99
CA VAL T 151 9.10 56.82 40.74
C VAL T 151 9.05 57.00 42.24
N GLN T 152 8.88 58.22 42.75
CA GLN T 152 8.78 58.43 44.19
C GLN T 152 7.40 58.84 44.67
N ASN T 153 6.52 59.33 43.80
CA ASN T 153 5.34 60.04 44.28
C ASN T 153 4.08 59.70 43.51
N CYS T 154 3.92 58.44 43.09
CA CYS T 154 2.66 58.04 42.49
C CYS T 154 1.55 58.09 43.53
N SER T 155 0.37 58.57 43.11
CA SER T 155 -0.80 58.68 43.99
C SER T 155 -1.66 57.44 43.78
N LEU T 156 -1.50 56.46 44.66
CA LEU T 156 -2.27 55.21 44.61
C LEU T 156 -3.64 55.45 45.24
N GLU T 157 -4.55 55.99 44.43
CA GLU T 157 -5.89 56.31 44.90
C GLU T 157 -6.82 55.12 44.70
N ASP T 158 -7.73 54.93 45.66
CA ASP T 158 -8.63 53.77 45.64
C ASP T 158 -9.46 53.74 44.35
N SER T 159 -9.98 54.90 43.94
CA SER T 159 -10.80 54.94 42.73
C SER T 159 -10.02 54.45 41.52
N GLN T 160 -8.78 54.92 41.38
CA GLN T 160 -7.95 54.53 40.25
C GLN T 160 -7.57 53.06 40.33
N ILE T 161 -7.33 52.56 41.56
CA ILE T 161 -7.03 51.15 41.75
C ILE T 161 -8.19 50.29 41.26
N GLU T 162 -9.42 50.67 41.63
CA GLU T 162 -10.58 49.88 41.21
C GLU T 162 -10.79 49.95 39.70
N LYS T 163 -10.56 51.14 39.11
CA LYS T 163 -10.67 51.24 37.66
C LYS T 163 -9.67 50.33 36.96
N GLU T 164 -8.42 50.32 37.44
CA GLU T 164 -7.42 49.43 36.84
C GLU T 164 -7.78 47.97 37.08
N ARG T 165 -8.35 47.65 38.24
CA ARG T 165 -8.77 46.28 38.50
C ARG T 165 -9.78 45.83 37.46
N ASP T 166 -10.81 46.64 37.23
CA ASP T 166 -11.81 46.30 36.22
C ASP T 166 -11.17 46.17 34.84
N VAL T 167 -10.25 47.08 34.51
CA VAL T 167 -9.64 47.05 33.17
C VAL T 167 -8.85 45.77 32.98
N ILE T 168 -8.05 45.39 33.98
CA ILE T 168 -7.22 44.19 33.86
C ILE T 168 -8.09 42.94 33.81
N LEU T 169 -9.14 42.88 34.63
CA LEU T 169 -10.04 41.73 34.55
C LEU T 169 -10.69 41.62 33.17
N ARG T 170 -11.15 42.75 32.63
CA ARG T 170 -11.72 42.74 31.28
C ARG T 170 -10.69 42.29 30.25
N GLU T 171 -9.45 42.73 30.42
CA GLU T 171 -8.35 42.41 29.51
C GLU T 171 -7.95 40.94 29.61
N MET T 172 -8.27 40.29 30.73
CA MET T 172 -8.01 38.85 30.89
C MET T 172 -9.19 37.98 30.50
N GLN T 173 -10.41 38.52 30.53
CA GLN T 173 -11.59 37.69 30.32
C GLN T 173 -11.58 37.03 28.95
N GLU T 174 -11.49 37.83 27.89
CA GLU T 174 -11.54 37.30 26.54
C GLU T 174 -10.16 36.84 26.09
N ASN T 175 -10.15 35.98 25.07
CA ASN T 175 -8.91 35.34 24.62
C ASN T 175 -8.08 36.36 23.82
N ASP T 176 -7.57 37.34 24.56
CA ASP T 176 -6.75 38.42 24.01
C ASP T 176 -5.26 38.10 24.00
N ALA T 177 -4.88 36.83 23.91
CA ALA T 177 -3.48 36.44 23.89
C ALA T 177 -3.15 35.78 22.56
N SER T 178 -1.95 36.09 22.05
CA SER T 178 -1.44 35.43 20.86
C SER T 178 -0.89 34.06 21.20
N MET T 179 -1.03 33.13 20.25
CA MET T 179 -0.65 31.74 20.52
C MET T 179 0.83 31.62 20.86
N ARG T 180 1.68 32.45 20.25
CA ARG T 180 3.10 32.45 20.57
C ARG T 180 3.33 32.71 22.05
N ASP T 181 2.70 33.77 22.59
CA ASP T 181 2.81 34.05 24.01
C ASP T 181 2.32 32.89 24.85
N VAL T 182 1.24 32.25 24.42
CA VAL T 182 0.70 31.10 25.16
C VAL T 182 1.76 30.00 25.27
N VAL T 183 2.40 29.65 24.15
CA VAL T 183 3.31 28.51 24.20
C VAL T 183 4.57 28.87 24.97
N PHE T 184 5.01 30.12 24.92
CA PHE T 184 6.21 30.47 25.67
C PHE T 184 5.92 30.50 27.18
N ASP T 185 4.72 30.94 27.57
CA ASP T 185 4.35 30.87 28.98
C ASP T 185 4.27 29.41 29.44
N TYR T 186 3.70 28.54 28.61
CA TYR T 186 3.65 27.12 28.94
C TYR T 186 5.04 26.53 29.11
N LEU T 187 5.98 26.95 28.25
CA LEU T 187 7.35 26.45 28.33
C LEU T 187 7.99 26.84 29.64
N HIS T 188 7.88 28.11 30.02
CA HIS T 188 8.44 28.51 31.31
C HIS T 188 7.80 27.74 32.45
N ALA T 189 6.50 27.45 32.35
CA ALA T 189 5.82 26.78 33.44
C ALA T 189 6.32 25.35 33.61
N THR T 190 6.52 24.64 32.51
CA THR T 190 6.96 23.25 32.62
C THR T 190 8.45 23.15 32.96
N ALA T 191 9.27 24.05 32.42
CA ALA T 191 10.73 23.97 32.60
C ALA T 191 11.17 24.30 34.02
N PHE T 192 10.58 25.34 34.60
CA PHE T 192 10.94 25.93 35.89
C PHE T 192 9.86 25.69 36.95
N GLN T 193 9.12 24.59 36.82
CA GLN T 193 8.06 24.23 37.76
C GLN T 193 8.61 24.12 39.18
N GLY T 194 7.81 24.58 40.15
CA GLY T 194 8.20 24.60 41.54
C GLY T 194 9.21 25.67 41.92
N THR T 195 9.45 26.64 41.04
CA THR T 195 10.45 27.68 41.18
C THR T 195 9.81 28.99 40.73
N PRO T 196 10.31 30.14 41.21
CA PRO T 196 9.61 31.40 40.92
C PRO T 196 9.55 31.76 39.44
N LEU T 197 10.49 31.31 38.63
CA LEU T 197 10.51 31.65 37.22
C LEU T 197 9.38 31.01 36.41
N ALA T 198 8.72 29.99 36.96
CA ALA T 198 7.58 29.36 36.26
C ALA T 198 6.39 30.32 36.14
N GLN T 199 6.26 31.25 37.08
CA GLN T 199 5.10 32.12 37.19
C GLN T 199 5.15 33.28 36.18
N THR T 200 3.96 33.71 35.72
CA THR T 200 3.82 34.72 34.67
C THR T 200 3.87 36.15 35.23
N VAL T 201 4.12 37.11 34.33
CA VAL T 201 4.21 38.52 34.71
C VAL T 201 2.85 39.05 35.13
N GLU T 202 1.80 38.73 34.36
CA GLU T 202 0.46 39.20 34.67
C GLU T 202 -0.11 38.53 35.93
N GLY T 203 0.18 37.25 36.13
CA GLY T 203 -0.36 36.50 37.24
C GLY T 203 -1.76 35.97 36.98
N PRO T 204 -2.32 35.27 37.97
CA PRO T 204 -3.66 34.71 37.77
C PRO T 204 -4.74 35.76 37.97
N SER T 205 -5.92 35.48 37.40
CA SER T 205 -7.03 36.41 37.56
C SER T 205 -7.52 36.44 39.00
N GLU T 206 -7.63 35.26 39.62
CA GLU T 206 -7.94 35.17 41.05
C GLU T 206 -7.17 36.17 41.90
N ASN T 207 -5.97 36.59 41.47
CA ASN T 207 -5.18 37.52 42.28
C ASN T 207 -5.53 38.98 42.03
N VAL T 208 -5.79 39.35 40.77
CA VAL T 208 -6.09 40.75 40.48
C VAL T 208 -7.42 41.16 41.07
N ARG T 209 -8.36 40.23 41.24
CA ARG T 209 -9.62 40.55 41.90
C ARG T 209 -9.49 40.57 43.42
N LYS T 210 -8.27 40.49 43.95
CA LYS T 210 -8.07 40.31 45.38
C LYS T 210 -6.87 41.08 45.92
N LEU T 211 -6.13 41.80 45.08
CA LEU T 211 -4.97 42.55 45.51
C LEU T 211 -5.39 43.91 46.04
N SER T 212 -4.70 44.39 47.07
CA SER T 212 -5.11 45.59 47.79
C SER T 212 -4.01 46.65 47.76
N ARG T 213 -4.38 47.85 48.20
CA ARG T 213 -3.43 48.96 48.26
C ARG T 213 -2.28 48.64 49.21
N ALA T 214 -2.56 47.93 50.30
CA ALA T 214 -1.51 47.52 51.21
C ALA T 214 -0.44 46.71 50.48
N ASP T 215 -0.88 45.77 49.64
CA ASP T 215 0.06 44.96 48.88
C ASP T 215 0.92 45.81 47.95
N LEU T 216 0.30 46.76 47.26
CA LEU T 216 1.03 47.62 46.33
C LEU T 216 2.09 48.43 47.06
N THR T 217 1.71 49.08 48.17
CA THR T 217 2.66 49.91 48.89
C THR T 217 3.76 49.08 49.54
N GLU T 218 3.43 47.87 50.03
CA GLU T 218 4.47 47.01 50.57
C GLU T 218 5.45 46.59 49.48
N TYR T 219 4.94 46.22 48.30
CA TYR T 219 5.79 45.88 47.17
C TYR T 219 6.78 47.01 46.89
N LEU T 220 6.26 48.24 46.74
CA LEU T 220 7.14 49.36 46.46
C LEU T 220 8.16 49.56 47.57
N SER T 221 7.70 49.65 48.82
CA SER T 221 8.64 49.88 49.91
C SER T 221 9.74 48.82 49.96
N THR T 222 9.42 47.58 49.60
CA THR T 222 10.41 46.51 49.74
C THR T 222 11.36 46.38 48.57
N HIS T 223 10.97 46.80 47.36
CA HIS T 223 11.78 46.52 46.19
C HIS T 223 12.39 47.73 45.51
N TYR T 224 11.83 48.93 45.72
CA TYR T 224 12.23 50.12 44.97
C TYR T 224 13.26 50.92 45.75
N LYS T 225 14.47 50.38 45.83
CA LYS T 225 15.56 50.96 46.59
C LYS T 225 16.68 51.40 45.67
N ALA T 226 17.28 52.55 45.98
CA ALA T 226 18.33 53.17 45.17
C ALA T 226 19.39 52.23 44.62
N PRO T 227 20.05 51.37 45.42
CA PRO T 227 21.12 50.55 44.85
C PRO T 227 20.64 49.50 43.86
N ARG T 228 19.34 49.43 43.57
CA ARG T 228 18.79 48.54 42.54
C ARG T 228 18.38 49.30 41.29
N MET T 229 18.71 50.59 41.19
CA MET T 229 18.19 51.44 40.13
C MET T 229 19.32 52.00 39.30
N VAL T 230 19.02 52.25 38.02
CA VAL T 230 19.96 52.87 37.09
C VAL T 230 19.25 54.01 36.38
N LEU T 231 19.92 55.16 36.27
CA LEU T 231 19.42 56.29 35.47
C LEU T 231 20.30 56.39 34.22
N ALA T 232 19.70 56.14 33.05
CA ALA T 232 20.44 56.02 31.81
C ALA T 232 19.96 57.06 30.80
N ALA T 233 20.91 57.56 30.00
CA ALA T 233 20.60 58.58 29.02
C ALA T 233 21.42 58.39 27.75
N ALA T 234 20.78 58.64 26.61
CA ALA T 234 21.48 58.63 25.33
C ALA T 234 20.98 59.77 24.47
N GLY T 235 21.89 60.29 23.65
CA GLY T 235 21.55 61.37 22.74
C GLY T 235 22.36 62.63 23.03
N GLY T 236 21.73 63.77 22.85
CA GLY T 236 22.39 65.04 23.10
C GLY T 236 22.37 65.44 24.56
N VAL T 237 22.95 64.60 25.41
CA VAL T 237 22.94 64.80 26.86
C VAL T 237 24.38 64.88 27.35
N GLU T 238 24.67 65.88 28.17
CA GLU T 238 25.96 65.99 28.84
C GLU T 238 25.88 65.29 30.20
N HIS T 239 26.96 64.60 30.55
CA HIS T 239 26.94 63.68 31.69
C HIS T 239 26.85 64.45 33.02
N GLN T 240 27.62 65.53 33.15
CA GLN T 240 27.66 66.24 34.43
C GLN T 240 26.34 66.95 34.72
N GLN T 241 25.70 67.48 33.69
CA GLN T 241 24.37 68.07 33.86
C GLN T 241 23.38 67.02 34.35
N LEU T 242 23.41 65.83 33.72
CA LEU T 242 22.55 64.74 34.15
C LEU T 242 22.83 64.37 35.60
N LEU T 243 24.10 64.39 36.01
CA LEU T 243 24.45 64.03 37.38
C LEU T 243 23.95 65.06 38.38
N ASP T 244 24.07 66.35 38.05
CA ASP T 244 23.51 67.39 38.89
C ASP T 244 22.00 67.21 39.05
N LEU T 245 21.30 67.01 37.94
CA LEU T 245 19.86 66.82 38.00
C LEU T 245 19.50 65.57 38.79
N ALA T 246 20.32 64.53 38.68
CA ALA T 246 20.07 63.30 39.42
C ALA T 246 20.18 63.54 40.92
N GLN T 247 21.23 64.26 41.35
CA GLN T 247 21.32 64.58 42.77
C GLN T 247 20.15 65.43 43.22
N LYS T 248 19.68 66.34 42.36
CA LYS T 248 18.60 67.23 42.77
C LYS T 248 17.27 66.50 42.90
N HIS T 249 16.96 65.57 41.99
CA HIS T 249 15.63 65.01 41.89
C HIS T 249 15.51 63.54 42.29
N LEU T 250 16.62 62.83 42.45
CA LEU T 250 16.62 61.42 42.78
C LEU T 250 17.46 61.08 44.00
N GLY T 251 18.11 62.05 44.62
CA GLY T 251 19.05 61.78 45.70
C GLY T 251 18.43 61.44 47.03
N ASP T 252 17.13 61.65 47.17
CA ASP T 252 16.43 61.36 48.41
C ASP T 252 15.80 59.96 48.43
N ILE T 253 15.99 59.17 47.38
CA ILE T 253 15.50 57.79 47.38
C ILE T 253 16.28 57.00 48.42
N PRO T 254 15.63 56.23 49.30
CA PRO T 254 16.35 55.57 50.38
C PRO T 254 17.15 54.37 49.88
N TRP T 255 18.02 53.87 50.76
CA TRP T 255 18.92 52.79 50.42
C TRP T 255 19.04 51.72 51.49
N THR T 256 18.46 51.92 52.67
CA THR T 256 18.62 51.02 53.79
C THR T 256 17.59 49.91 53.70
N TYR T 257 18.02 48.72 53.26
CA TYR T 257 17.10 47.60 53.25
C TYR T 257 16.83 47.25 54.71
N ALA T 258 15.54 47.09 55.03
CA ALA T 258 15.10 47.05 56.41
C ALA T 258 14.58 45.66 56.77
N GLU T 259 15.13 45.10 57.85
CA GLU T 259 14.65 43.85 58.40
C GLU T 259 14.90 42.72 57.44
N ASP T 260 15.70 42.96 56.39
CA ASP T 260 15.79 42.04 55.29
C ASP T 260 14.39 41.60 54.87
N THR T 261 13.51 42.62 54.78
CA THR T 261 12.10 42.41 54.52
C THR T 261 11.87 41.73 53.18
N MET T 262 12.90 41.71 52.34
CA MET T 262 12.84 41.05 51.04
C MET T 262 12.41 39.60 51.20
N PRO T 263 11.56 39.09 50.33
CA PRO T 263 11.02 37.74 50.51
C PRO T 263 12.05 36.67 50.26
N ALA T 264 11.95 35.58 51.04
CA ALA T 264 12.72 34.36 50.76
C ALA T 264 12.11 33.61 49.60
N LEU T 265 12.95 33.07 48.71
CA LEU T 265 12.40 32.26 47.62
C LEU T 265 13.27 31.09 47.15
N THR T 266 12.61 30.15 46.43
CA THR T 266 13.17 28.86 46.04
C THR T 266 14.33 28.98 45.05
N PRO T 267 15.39 28.19 45.22
CA PRO T 267 16.48 28.19 44.22
C PRO T 267 16.12 27.54 42.89
N CYS T 268 16.95 27.82 41.86
CA CYS T 268 16.69 27.44 40.47
C CYS T 268 16.83 25.94 40.22
N ARG T 269 15.93 25.41 39.37
CA ARG T 269 15.99 24.04 38.85
C ARG T 269 15.29 23.91 37.50
N PHE T 270 15.85 23.07 36.59
CA PHE T 270 15.27 22.88 35.27
C PHE T 270 14.83 21.42 35.16
N THR T 271 13.62 21.20 34.63
CA THR T 271 13.04 19.86 34.55
C THR T 271 12.76 19.51 33.10
N GLY T 272 13.16 18.31 32.69
CA GLY T 272 12.76 17.78 31.40
C GLY T 272 11.35 17.24 31.46
N SER T 273 10.44 17.84 30.70
CA SER T 273 9.01 17.62 30.90
C SER T 273 8.27 18.13 29.66
N GLU T 274 6.98 17.78 29.57
CA GLU T 274 6.12 18.29 28.50
C GLU T 274 4.77 18.76 29.03
N ILE T 275 4.23 19.78 28.36
CA ILE T 275 2.85 20.23 28.52
C ILE T 275 2.17 20.20 27.15
N ARG T 276 1.01 19.56 27.08
CA ARG T 276 0.26 19.41 25.83
C ARG T 276 -1.17 19.89 26.01
N HIS T 277 -1.57 20.89 25.22
CA HIS T 277 -2.93 21.43 25.22
C HIS T 277 -3.53 21.20 23.84
N ARG T 278 -4.47 20.26 23.73
CA ARG T 278 -4.99 19.82 22.44
C ARG T 278 -6.28 20.56 22.11
N ASP T 279 -6.35 21.11 20.90
CA ASP T 279 -7.55 21.79 20.41
C ASP T 279 -7.53 21.67 18.89
N ASP T 280 -8.25 20.67 18.37
CA ASP T 280 -8.24 20.35 16.95
C ASP T 280 -9.04 21.31 16.09
N ALA T 281 -9.55 22.40 16.67
CA ALA T 281 -10.27 23.40 15.90
C ALA T 281 -9.38 24.54 15.45
N LEU T 282 -8.22 24.73 16.08
CA LEU T 282 -7.32 25.79 15.67
C LEU T 282 -6.66 25.41 14.34
N PRO T 283 -6.42 26.39 13.46
CA PRO T 283 -5.89 26.05 12.13
C PRO T 283 -4.57 25.30 12.15
N PHE T 284 -3.64 25.65 13.03
CA PHE T 284 -2.26 25.22 12.87
C PHE T 284 -1.71 24.88 14.24
N ALA T 285 -0.67 24.06 14.28
CA ALA T 285 -0.05 23.65 15.53
C ALA T 285 1.17 24.50 15.83
N HIS T 286 1.26 24.96 17.08
CA HIS T 286 2.41 25.70 17.60
C HIS T 286 3.20 24.81 18.55
N VAL T 287 4.53 24.92 18.48
CA VAL T 287 5.42 24.02 19.18
C VAL T 287 6.67 24.79 19.60
N ALA T 288 7.15 24.52 20.82
CA ALA T 288 8.38 25.08 21.33
C ALA T 288 9.14 24.01 22.09
N ILE T 289 10.46 23.95 21.86
CA ILE T 289 11.32 22.96 22.51
C ILE T 289 12.64 23.62 22.90
N ALA T 290 13.00 23.55 24.18
CA ALA T 290 14.27 24.05 24.67
C ALA T 290 15.07 23.03 25.48
N VAL T 291 16.34 23.38 25.69
CA VAL T 291 17.19 22.86 26.76
C VAL T 291 17.61 24.03 27.64
N GLU T 292 18.41 23.78 28.68
CA GLU T 292 18.81 24.82 29.62
C GLU T 292 20.07 25.53 29.16
N GLY T 293 20.02 26.86 29.11
CA GLY T 293 21.15 27.69 28.76
C GLY T 293 21.92 28.16 29.98
N PRO T 294 23.08 28.82 29.75
CA PRO T 294 23.99 29.09 30.88
C PRO T 294 23.77 30.36 31.69
N GLY T 295 23.10 31.35 31.11
CA GLY T 295 22.83 32.60 31.78
C GLY T 295 23.66 33.75 31.23
N TRP T 296 23.38 34.94 31.78
CA TRP T 296 24.00 36.17 31.27
C TRP T 296 25.51 36.12 31.37
N ALA T 297 26.04 35.64 32.50
CA ALA T 297 27.43 35.88 32.87
C ALA T 297 28.41 35.06 32.03
N SER T 298 28.04 33.85 31.64
CA SER T 298 28.99 32.96 31.00
C SER T 298 29.50 33.51 29.66
N PRO T 299 30.75 33.17 29.30
CA PRO T 299 31.26 33.50 27.95
C PRO T 299 30.57 32.72 26.84
N ASP T 300 30.18 31.47 27.12
CA ASP T 300 29.79 30.55 26.05
C ASP T 300 28.70 31.14 25.17
N ASN T 301 27.92 32.08 25.71
CA ASN T 301 26.81 32.63 24.95
C ASN T 301 27.23 32.97 23.54
N VAL T 302 28.39 33.63 23.38
CA VAL T 302 28.75 34.08 22.04
C VAL T 302 28.70 32.92 21.07
N ALA T 303 29.45 31.86 21.38
CA ALA T 303 29.50 30.71 20.48
C ALA T 303 28.09 30.20 20.18
N LEU T 304 27.26 30.08 21.22
CA LEU T 304 25.91 29.60 21.00
C LEU T 304 25.19 30.44 19.96
N GLN T 305 25.24 31.77 20.10
CA GLN T 305 24.59 32.62 19.12
C GLN T 305 25.03 32.26 17.71
N VAL T 306 26.33 32.02 17.52
CA VAL T 306 26.81 31.67 16.19
C VAL T 306 26.07 30.44 15.69
N ALA T 307 26.15 29.34 16.45
CA ALA T 307 25.31 28.18 16.21
C ALA T 307 23.89 28.55 15.79
N ASN T 308 23.21 29.39 16.58
CA ASN T 308 21.85 29.76 16.23
C ASN T 308 21.79 30.29 14.80
N ALA T 309 22.66 31.25 14.48
CA ALA T 309 22.64 31.87 13.17
C ALA T 309 22.82 30.85 12.05
N ILE T 310 23.52 29.74 12.32
CA ILE T 310 23.73 28.75 11.28
C ILE T 310 22.42 28.03 10.97
N ILE T 311 21.62 27.73 12.00
CA ILE T 311 20.40 26.97 11.78
C ILE T 311 19.29 27.87 11.26
N GLY T 312 19.12 29.04 11.86
CA GLY T 312 18.12 29.99 11.43
C GLY T 312 17.93 31.11 12.43
N LYS T 336 11.07 23.94 1.82
CA LYS T 336 10.89 23.95 3.27
C LYS T 336 9.66 23.12 3.60
N LEU T 337 9.46 22.87 4.90
CA LEU T 337 8.27 22.15 5.37
C LEU T 337 7.08 23.06 5.69
N CYS T 338 7.24 23.95 6.66
CA CYS T 338 6.13 24.64 7.30
C CYS T 338 6.23 26.16 7.13
N GLN T 339 5.24 26.86 7.68
CA GLN T 339 5.09 28.30 7.45
C GLN T 339 6.14 29.12 8.19
N SER T 340 6.41 28.80 9.46
CA SER T 340 7.20 29.70 10.30
C SER T 340 8.05 28.94 11.31
N PHE T 341 9.25 29.46 11.56
CA PHE T 341 10.30 28.78 12.32
C PHE T 341 11.27 29.81 12.87
N GLN T 342 11.76 29.58 14.10
CA GLN T 342 12.78 30.44 14.68
C GLN T 342 13.57 29.66 15.73
N THR T 343 14.79 30.14 15.97
CA THR T 343 15.63 29.70 17.09
C THR T 343 15.76 30.85 18.10
N PHE T 344 16.04 30.51 19.35
CA PHE T 344 16.08 31.52 20.39
C PHE T 344 16.98 31.12 21.54
N SER T 345 17.50 32.16 22.21
CA SER T 345 18.17 32.07 23.49
C SER T 345 17.55 33.10 24.42
N ILE T 346 17.16 32.66 25.61
CA ILE T 346 16.55 33.52 26.62
C ILE T 346 17.38 33.38 27.89
N CYS T 347 17.99 34.47 28.32
CA CYS T 347 18.95 34.43 29.41
C CYS T 347 18.35 34.95 30.71
N TYR T 348 18.77 34.35 31.82
CA TYR T 348 18.46 34.88 33.12
C TYR T 348 19.75 35.03 33.94
N ALA T 349 19.64 35.28 35.25
CA ALA T 349 20.86 35.47 36.04
C ALA T 349 21.69 34.18 36.11
N ASP T 350 21.05 33.06 36.45
CA ASP T 350 21.75 31.80 36.66
C ASP T 350 21.33 30.69 35.71
N THR T 351 20.44 30.96 34.76
CA THR T 351 19.90 29.91 33.92
C THR T 351 19.31 30.54 32.67
N GLY T 352 18.72 29.71 31.82
CA GLY T 352 18.17 30.19 30.57
C GLY T 352 17.53 29.07 29.79
N LEU T 353 16.93 29.46 28.68
CA LEU T 353 16.31 28.54 27.74
C LEU T 353 16.96 28.70 26.37
N LEU T 354 17.30 27.57 25.74
CA LEU T 354 17.97 27.56 24.45
C LEU T 354 17.23 26.59 23.55
N GLY T 355 16.58 27.09 22.51
CA GLY T 355 15.74 26.21 21.74
C GLY T 355 15.14 26.79 20.48
N ALA T 356 13.96 26.28 20.10
CA ALA T 356 13.35 26.66 18.85
C ALA T 356 11.83 26.60 18.95
N HIS T 357 11.18 27.33 18.04
CA HIS T 357 9.74 27.50 18.00
C HIS T 357 9.28 27.42 16.56
N PHE T 358 8.16 26.73 16.32
CA PHE T 358 7.65 26.65 14.96
C PHE T 358 6.15 26.38 14.90
N VAL T 359 5.61 26.68 13.72
CA VAL T 359 4.20 26.48 13.38
C VAL T 359 4.11 25.54 12.19
N CYS T 360 3.19 24.58 12.27
CA CYS T 360 3.04 23.59 11.20
C CYS T 360 1.58 23.28 10.95
N ASP T 361 1.31 22.85 9.71
CA ASP T 361 0.14 22.04 9.44
C ASP T 361 0.19 20.75 10.26
N ARG T 362 -0.99 20.23 10.62
CA ARG T 362 -1.07 19.14 11.57
C ARG T 362 -0.44 17.84 11.06
N MET T 363 -0.34 17.67 9.74
CA MET T 363 0.21 16.45 9.15
C MET T 363 1.72 16.51 8.97
N LYS T 364 2.37 17.61 9.36
CA LYS T 364 3.80 17.79 9.13
C LYS T 364 4.52 18.22 10.40
N ILE T 365 4.11 17.69 11.56
CA ILE T 365 4.85 18.02 12.77
C ILE T 365 6.05 17.09 12.93
N ASP T 366 5.87 15.82 12.58
CA ASP T 366 6.88 14.80 12.83
C ASP T 366 8.14 15.06 12.01
N ASP T 367 7.98 15.17 10.69
CA ASP T 367 9.08 15.56 9.82
C ASP T 367 9.83 16.78 10.32
N MET T 368 9.10 17.82 10.72
CA MET T 368 9.77 19.06 11.15
C MET T 368 10.62 18.82 12.39
N MET T 369 10.08 18.08 13.37
CA MET T 369 10.87 17.73 14.54
C MET T 369 12.12 16.96 14.14
N PHE T 370 11.96 16.01 13.20
CA PHE T 370 13.10 15.24 12.72
C PHE T 370 14.18 16.16 12.15
N VAL T 371 13.78 17.08 11.28
CA VAL T 371 14.72 17.98 10.63
C VAL T 371 15.47 18.81 11.68
N LEU T 372 14.72 19.36 12.65
CA LEU T 372 15.34 20.22 13.65
C LEU T 372 16.37 19.47 14.48
N GLN T 373 15.97 18.33 15.04
CA GLN T 373 16.90 17.57 15.86
C GLN T 373 18.08 17.06 15.06
N GLY T 374 17.88 16.76 13.77
CA GLY T 374 18.99 16.36 12.93
C GLY T 374 20.01 17.47 12.74
N GLN T 375 19.54 18.71 12.57
CA GLN T 375 20.48 19.82 12.48
C GLN T 375 21.26 19.99 13.78
N TRP T 376 20.58 19.84 14.92
CA TRP T 376 21.30 19.90 16.19
C TRP T 376 22.42 18.86 16.24
N MET T 377 22.09 17.60 15.97
CA MET T 377 23.11 16.56 16.00
C MET T 377 24.24 16.86 15.03
N ARG T 378 23.89 17.35 13.84
CA ARG T 378 24.91 17.72 12.86
C ARG T 378 25.90 18.72 13.46
N LEU T 379 25.39 19.81 14.03
CA LEU T 379 26.32 20.78 14.61
C LEU T 379 27.15 20.18 15.72
N CYS T 380 26.57 19.31 16.54
CA CYS T 380 27.36 18.77 17.64
C CYS T 380 28.49 17.90 17.12
N THR T 381 28.24 17.14 16.06
CA THR T 381 29.23 16.18 15.59
C THR T 381 30.04 16.64 14.38
N SER T 382 29.46 17.39 13.43
CA SER T 382 30.11 17.49 12.13
C SER T 382 30.32 18.93 11.64
N ALA T 383 30.49 19.91 12.51
CA ALA T 383 30.48 21.25 11.95
C ALA T 383 31.75 21.49 11.13
N THR T 384 31.71 22.51 10.27
CA THR T 384 32.83 22.86 9.41
C THR T 384 33.03 24.38 9.43
N GLU T 385 34.20 24.80 8.93
CA GLU T 385 34.61 26.19 9.05
C GLU T 385 33.77 27.11 8.17
N SER T 386 33.40 26.65 6.98
CA SER T 386 32.78 27.53 5.98
C SER T 386 31.46 28.10 6.49
N GLU T 387 30.65 27.29 7.14
CA GLU T 387 29.35 27.76 7.63
C GLU T 387 29.50 28.66 8.85
N VAL T 388 30.33 28.25 9.80
CA VAL T 388 30.73 29.05 10.96
C VAL T 388 31.11 30.47 10.57
N ALA T 389 31.90 30.63 9.50
CA ALA T 389 32.25 31.98 9.06
C ALA T 389 30.99 32.79 8.73
N ARG T 390 30.05 32.17 8.03
CA ARG T 390 28.83 32.87 7.66
C ARG T 390 28.05 33.28 8.89
N GLY T 391 27.95 32.37 9.85
CA GLY T 391 27.24 32.68 11.09
C GLY T 391 27.87 33.84 11.85
N LYS T 392 29.19 33.88 11.90
CA LYS T 392 29.87 35.00 12.55
C LYS T 392 29.53 36.31 11.87
N ASN T 393 29.43 36.29 10.53
CA ASN T 393 29.13 37.53 9.83
C ASN T 393 27.70 37.97 10.09
N ILE T 394 26.77 37.02 10.11
CA ILE T 394 25.38 37.32 10.45
C ILE T 394 25.31 37.95 11.84
N LEU T 395 26.04 37.38 12.81
CA LEU T 395 26.03 37.91 14.17
C LEU T 395 26.60 39.32 14.22
N ARG T 396 27.72 39.57 13.54
CA ARG T 396 28.25 40.93 13.44
C ARG T 396 27.18 41.90 12.95
N ASN T 397 26.53 41.55 11.83
CA ASN T 397 25.53 42.45 11.26
C ASN T 397 24.41 42.72 12.24
N ALA T 398 23.95 41.69 12.95
CA ALA T 398 22.86 41.90 13.91
C ALA T 398 23.28 42.88 14.99
N LEU T 399 24.43 42.63 15.62
CA LEU T 399 24.86 43.49 16.72
C LEU T 399 24.91 44.94 16.27
N VAL T 400 25.51 45.21 15.11
CA VAL T 400 25.63 46.61 14.73
C VAL T 400 24.29 47.19 14.26
N SER T 401 23.40 46.37 13.71
CA SER T 401 22.12 46.88 13.24
C SER T 401 21.22 47.29 14.40
N HIS T 402 21.29 46.56 15.52
CA HIS T 402 20.34 46.83 16.61
C HIS T 402 20.51 48.24 17.18
N LEU T 403 21.75 48.71 17.32
CA LEU T 403 22.04 49.95 18.04
C LEU T 403 21.96 51.16 17.11
N ASP T 404 20.74 51.41 16.63
CA ASP T 404 20.47 52.53 15.74
C ASP T 404 19.39 53.41 16.35
N GLY T 405 19.74 54.66 16.64
CA GLY T 405 18.85 55.57 17.33
C GLY T 405 19.07 55.55 18.83
N THR T 406 18.55 56.59 19.49
CA THR T 406 18.86 56.78 20.90
C THR T 406 18.17 55.72 21.77
N THR T 407 16.86 55.55 21.60
CA THR T 407 16.13 54.56 22.39
C THR T 407 16.84 53.21 22.56
N PRO T 408 17.16 52.46 21.49
CA PRO T 408 17.85 51.18 21.73
C PRO T 408 19.14 51.33 22.51
N VAL T 409 19.85 52.44 22.32
CA VAL T 409 21.15 52.61 22.98
C VAL T 409 20.97 52.83 24.48
N CYS T 410 20.13 53.80 24.86
CA CYS T 410 19.69 53.97 26.23
C CYS T 410 19.29 52.64 26.86
N GLU T 411 18.45 51.88 26.16
CA GLU T 411 17.97 50.60 26.68
C GLU T 411 19.12 49.64 26.92
N ASP T 412 20.07 49.61 25.99
CA ASP T 412 21.24 48.76 26.13
C ASP T 412 22.07 49.16 27.35
N ILE T 413 22.28 50.45 27.55
CA ILE T 413 23.00 50.93 28.73
C ILE T 413 22.34 50.40 30.00
N GLY T 414 21.02 50.60 30.13
CA GLY T 414 20.34 50.18 31.35
C GLY T 414 20.42 48.69 31.58
N ARG T 415 20.01 47.90 30.59
CA ARG T 415 20.04 46.46 30.72
C ARG T 415 21.45 45.97 31.03
N SER T 416 22.46 46.56 30.39
CA SER T 416 23.84 46.12 30.59
C SER T 416 24.30 46.37 32.01
N LEU T 417 24.03 47.57 32.54
CA LEU T 417 24.45 47.85 33.90
C LEU T 417 23.71 47.00 34.93
N LEU T 418 22.51 46.53 34.61
CA LEU T 418 21.87 45.59 35.54
C LEU T 418 22.44 44.17 35.43
N THR T 419 22.69 43.69 34.22
CA THR T 419 23.06 42.28 34.04
C THR T 419 24.55 42.03 34.20
N TYR T 420 25.38 42.89 33.63
CA TYR T 420 26.81 42.67 33.53
C TYR T 420 27.62 43.46 34.55
N GLY T 421 27.03 44.50 35.12
CA GLY T 421 27.74 45.45 35.94
C GLY T 421 28.51 46.49 35.16
N ARG T 422 28.45 46.47 33.84
CA ARG T 422 29.31 47.34 33.03
C ARG T 422 28.87 47.28 31.58
N ARG T 423 29.08 48.39 30.88
CA ARG T 423 28.84 48.42 29.44
C ARG T 423 29.96 47.70 28.71
N ILE T 424 29.59 46.77 27.84
CA ILE T 424 30.56 46.03 27.03
C ILE T 424 30.61 46.70 25.66
N PRO T 425 31.75 47.27 25.26
CA PRO T 425 31.82 47.95 23.97
C PRO T 425 31.86 46.98 22.79
N LEU T 426 31.40 47.49 21.64
CA LEU T 426 31.35 46.67 20.44
C LEU T 426 32.70 46.06 20.08
N ALA T 427 33.80 46.76 20.39
CA ALA T 427 35.11 46.22 20.10
C ALA T 427 35.37 44.91 20.84
N GLU T 428 34.98 44.86 22.12
CA GLU T 428 35.14 43.63 22.89
C GLU T 428 34.29 42.51 22.33
N TRP T 429 33.06 42.83 21.91
CA TRP T 429 32.22 41.81 21.27
C TRP T 429 32.88 41.29 20.00
N GLU T 430 33.48 42.18 19.21
CA GLU T 430 34.14 41.74 17.99
C GLU T 430 35.32 40.83 18.29
N SER T 431 36.10 41.18 19.31
CA SER T 431 37.22 40.32 19.71
C SER T 431 36.72 38.96 20.18
N ARG T 432 35.60 38.93 20.90
CA ARG T 432 35.04 37.65 21.33
C ARG T 432 34.51 36.84 20.15
N ILE T 433 33.93 37.51 19.16
CA ILE T 433 33.40 36.80 18.00
C ILE T 433 34.54 36.19 17.20
N ALA T 434 35.65 36.92 17.06
CA ALA T 434 36.73 36.46 16.20
C ALA T 434 37.36 35.15 16.67
N GLU T 435 37.20 34.80 17.94
CA GLU T 435 37.86 33.61 18.48
C GLU T 435 37.10 32.32 18.16
N VAL T 436 35.79 32.40 17.93
CA VAL T 436 35.03 31.19 17.59
C VAL T 436 35.58 30.53 16.34
N ASP T 437 35.59 29.20 16.34
CA ASP T 437 35.83 28.41 15.14
C ASP T 437 35.09 27.09 15.25
N ALA T 438 35.06 26.34 14.15
CA ALA T 438 34.28 25.12 14.09
C ALA T 438 34.53 24.21 15.29
N SER T 439 35.77 24.16 15.77
CA SER T 439 36.07 23.33 16.93
C SER T 439 35.35 23.83 18.17
N VAL T 440 35.35 25.15 18.37
CA VAL T 440 34.63 25.74 19.49
C VAL T 440 33.14 25.45 19.40
N VAL T 441 32.56 25.57 18.20
CA VAL T 441 31.14 25.29 18.02
C VAL T 441 30.85 23.84 18.35
N ARG T 442 31.63 22.91 17.79
CA ARG T 442 31.44 21.50 18.13
C ARG T 442 31.45 21.30 19.64
N GLU T 443 32.49 21.79 20.30
CA GLU T 443 32.65 21.60 21.73
C GLU T 443 31.44 22.12 22.51
N ILE T 444 31.07 23.37 22.27
CA ILE T 444 30.08 24.00 23.14
C ILE T 444 28.67 23.48 22.84
N CYS T 445 28.34 23.28 21.56
CA CYS T 445 27.08 22.62 21.24
C CYS T 445 26.98 21.27 21.95
N SER T 446 28.04 20.47 21.89
CA SER T 446 28.04 19.23 22.65
C SER T 446 27.84 19.48 24.14
N LYS T 447 28.40 20.58 24.66
CA LYS T 447 28.32 20.84 26.08
C LYS T 447 26.92 21.20 26.56
N TYR T 448 26.05 21.68 25.66
CA TYR T 448 24.72 22.07 26.11
C TYR T 448 23.55 21.34 25.46
N ILE T 449 23.74 20.66 24.33
CA ILE T 449 22.63 20.11 23.57
C ILE T 449 22.64 18.58 23.55
N TYR T 450 23.82 17.98 23.46
CA TYR T 450 23.93 16.57 23.06
C TYR T 450 23.55 15.70 24.25
N ASP T 451 22.65 14.74 24.02
CA ASP T 451 22.16 13.87 25.07
C ASP T 451 21.74 14.66 26.31
N GLN T 452 20.68 15.46 26.15
CA GLN T 452 20.09 16.21 27.25
C GLN T 452 18.59 16.01 27.22
N CYS T 453 17.94 16.25 28.37
CA CYS T 453 16.49 16.11 28.37
C CYS T 453 15.84 17.46 28.07
N PRO T 454 14.97 17.56 27.07
CA PRO T 454 14.37 18.85 26.73
C PRO T 454 13.07 19.13 27.47
N ALA T 455 12.69 20.41 27.43
CA ALA T 455 11.36 20.87 27.81
C ALA T 455 10.56 21.15 26.55
N VAL T 456 9.33 20.64 26.49
CA VAL T 456 8.50 20.73 25.30
C VAL T 456 7.15 21.34 25.65
N ALA T 457 6.64 22.17 24.75
CA ALA T 457 5.29 22.72 24.87
C ALA T 457 4.63 22.70 23.50
N GLY T 458 3.35 22.32 23.48
CA GLY T 458 2.59 22.27 22.25
C GLY T 458 1.15 22.73 22.42
N TYR T 459 0.62 23.43 21.42
CA TYR T 459 -0.74 23.95 21.47
C TYR T 459 -1.34 23.87 20.07
N GLY T 460 -2.55 23.35 19.96
CA GLY T 460 -3.14 23.15 18.66
C GLY T 460 -3.62 21.74 18.42
N PRO T 461 -3.77 21.38 17.13
CA PRO T 461 -3.95 19.98 16.67
C PRO T 461 -2.62 19.21 16.66
N ILE T 462 -2.29 18.66 17.82
CA ILE T 462 -0.95 18.17 18.11
C ILE T 462 -0.95 16.65 18.34
N GLU T 463 -1.88 15.96 17.71
CA GLU T 463 -1.89 14.49 17.74
C GLU T 463 -0.58 13.92 17.22
N GLN T 464 -0.03 14.53 16.17
CA GLN T 464 1.15 14.02 15.49
C GLN T 464 2.45 14.51 16.11
N LEU T 465 2.39 15.27 17.19
CA LEU T 465 3.60 15.65 17.90
C LEU T 465 4.18 14.40 18.55
N PRO T 466 5.45 14.06 18.30
CA PRO T 466 5.96 12.76 18.76
C PRO T 466 5.91 12.60 20.26
N ASP T 467 5.89 11.34 20.68
CA ASP T 467 5.89 11.00 22.09
C ASP T 467 7.19 11.45 22.75
N TYR T 468 7.14 11.63 24.07
CA TYR T 468 8.28 12.22 24.75
C TYR T 468 9.52 11.34 24.68
N ASN T 469 9.33 10.02 24.77
CA ASN T 469 10.46 9.10 24.61
C ASN T 469 11.06 9.21 23.22
N ARG T 470 10.21 9.33 22.19
CA ARG T 470 10.70 9.50 20.83
C ARG T 470 11.46 10.79 20.66
N ILE T 471 11.08 11.83 21.40
CA ILE T 471 11.79 13.11 21.32
C ILE T 471 13.12 13.03 22.06
N ARG T 472 13.12 12.39 23.22
CA ARG T 472 14.34 12.23 24.00
C ARG T 472 15.37 11.41 23.24
N SER T 473 14.93 10.35 22.56
CA SER T 473 15.85 9.54 21.78
C SER T 473 16.42 10.27 20.57
N GLY T 474 15.83 11.40 20.18
CA GLY T 474 16.36 12.17 19.10
C GLY T 474 17.50 13.09 19.46
N MET T 475 17.88 13.13 20.73
CA MET T 475 18.93 13.99 21.24
C MET T 475 20.30 13.34 21.18
N PHE T 476 20.43 12.20 20.53
CA PHE T 476 21.70 11.50 20.44
C PHE T 476 21.65 10.61 19.21
N TRP T 477 22.82 10.28 18.70
CA TRP T 477 22.97 9.43 17.54
C TRP T 477 23.60 8.10 17.95
N LEU T 478 23.13 7.03 17.33
CA LEU T 478 23.69 5.71 17.61
C LEU T 478 24.95 5.43 16.82
N ARG T 479 25.21 6.19 15.77
CA ARG T 479 26.37 5.97 14.91
C ARG T 479 27.59 6.77 15.33
N PHE T 480 27.52 7.47 16.46
CA PHE T 480 28.60 8.33 16.90
C PHE T 480 29.46 7.66 17.96
N MET U 2 33.89 10.25 -9.76
CA MET U 2 33.06 11.32 -9.12
C MET U 2 33.65 12.69 -9.37
N THR U 3 34.84 12.95 -8.82
CA THR U 3 35.55 14.22 -8.98
C THR U 3 34.89 15.34 -8.21
N ARG U 4 33.65 15.14 -7.75
CA ARG U 4 32.98 16.17 -6.98
C ARG U 4 33.57 16.27 -5.58
N PHE U 5 33.93 15.13 -4.98
CA PHE U 5 34.22 15.11 -3.56
C PHE U 5 35.68 15.40 -3.26
N LEU U 6 36.41 16.02 -4.18
CA LEU U 6 37.74 16.56 -3.92
C LEU U 6 37.61 18.03 -3.56
N GLY U 7 37.85 18.35 -2.29
CA GLY U 7 37.89 19.73 -1.86
C GLY U 7 37.92 19.92 -0.36
N PRO U 8 38.06 21.17 0.09
CA PRO U 8 38.29 21.42 1.52
C PRO U 8 37.23 20.84 2.44
N ARG U 9 35.94 21.06 2.17
CA ARG U 9 34.91 20.65 3.10
C ARG U 9 34.96 19.15 3.34
N TYR U 10 35.25 18.38 2.30
CA TYR U 10 35.20 16.94 2.42
C TYR U 10 36.37 16.41 3.25
N ARG U 11 37.54 17.06 3.12
CA ARG U 11 38.68 16.76 3.98
C ARG U 11 38.35 17.03 5.45
N GLN U 12 37.79 18.22 5.73
CA GLN U 12 37.40 18.53 7.10
C GLN U 12 36.39 17.52 7.63
N LEU U 13 35.40 17.17 6.81
CA LEU U 13 34.33 16.28 7.23
C LEU U 13 34.86 14.89 7.54
N VAL U 14 35.81 14.39 6.74
CA VAL U 14 36.40 13.08 7.01
C VAL U 14 37.19 13.11 8.31
N LYS U 15 37.97 14.17 8.52
CA LYS U 15 38.71 14.29 9.77
C LYS U 15 37.77 14.27 10.96
N ASN U 16 36.57 14.84 10.81
CA ASN U 16 35.63 14.85 11.93
C ASN U 16 35.25 13.43 12.37
N TRP U 17 35.20 12.47 11.46
CA TRP U 17 34.68 11.14 11.76
C TRP U 17 35.75 10.07 11.93
N ILE U 18 37.02 10.38 11.69
CA ILE U 18 38.06 9.36 11.85
C ILE U 18 38.00 8.64 13.20
N PRO U 19 38.00 9.34 14.34
CA PRO U 19 38.05 8.61 15.63
C PRO U 19 36.93 7.60 15.84
N THR U 20 35.69 8.01 15.58
CA THR U 20 34.57 7.08 15.65
C THR U 20 34.81 5.86 14.77
N ALA U 21 35.42 6.08 13.61
CA ALA U 21 35.69 4.98 12.69
C ALA U 21 36.63 3.96 13.32
N TYR U 22 37.76 4.43 13.86
CA TYR U 22 38.67 3.42 14.41
C TYR U 22 38.14 2.81 15.70
N THR U 23 37.25 3.51 16.42
CA THR U 23 36.63 2.88 17.59
C THR U 23 35.68 1.76 17.18
N TRP U 24 34.83 2.00 16.17
CA TRP U 24 34.01 0.90 15.66
C TRP U 24 34.86 -0.23 15.12
N GLY U 25 36.01 0.09 14.53
CA GLY U 25 36.92 -0.96 14.10
C GLY U 25 37.38 -1.83 15.26
N ALA U 26 37.75 -1.19 16.37
CA ALA U 26 38.14 -1.94 17.56
C ALA U 26 36.99 -2.83 18.03
N VAL U 27 35.77 -2.29 18.05
CA VAL U 27 34.61 -3.07 18.48
C VAL U 27 34.47 -4.31 17.62
N GLY U 28 34.48 -4.14 16.29
CA GLY U 28 34.29 -5.27 15.41
C GLY U 28 35.39 -6.31 15.54
N THR U 29 36.65 -5.87 15.63
CA THR U 29 37.75 -6.81 15.73
C THR U 29 37.66 -7.64 17.01
N LEU U 30 37.54 -6.96 18.16
CA LEU U 30 37.45 -7.69 19.42
C LEU U 30 36.23 -8.60 19.46
N GLY U 31 35.12 -8.16 18.90
CA GLY U 31 33.93 -9.00 18.90
C GLY U 31 34.11 -10.26 18.07
N LEU U 32 34.60 -10.11 16.85
CA LEU U 32 34.93 -11.27 16.02
C LEU U 32 35.81 -12.25 16.79
N ALA U 33 36.89 -11.74 17.39
CA ALA U 33 37.80 -12.63 18.11
C ALA U 33 37.10 -13.32 19.27
N TRP U 34 36.33 -12.58 20.06
CA TRP U 34 35.64 -13.17 21.21
C TRP U 34 34.61 -14.21 20.78
N ALA U 35 34.02 -14.03 19.61
CA ALA U 35 32.92 -14.86 19.13
C ALA U 35 33.45 -16.16 18.54
N ALA U 36 34.60 -16.11 17.87
CA ALA U 36 35.21 -17.28 17.26
C ALA U 36 36.35 -17.86 18.10
N ASP U 37 36.44 -17.50 19.38
CA ASP U 37 37.52 -17.94 20.26
C ASP U 37 38.84 -17.99 19.49
N TRP U 38 39.13 -16.89 18.82
CA TRP U 38 40.29 -16.77 17.93
C TRP U 38 41.54 -16.66 18.78
N ARG U 39 42.27 -17.77 18.91
CA ARG U 39 43.39 -17.83 19.84
C ARG U 39 44.52 -16.89 19.45
N LEU U 40 44.61 -16.53 18.16
CA LEU U 40 45.70 -15.70 17.67
C LEU U 40 45.72 -14.36 18.38
N ILE U 41 44.55 -13.86 18.73
CA ILE U 41 44.40 -12.62 19.49
C ILE U 41 44.17 -12.88 20.97
N LEU U 42 43.38 -13.90 21.30
CA LEU U 42 42.97 -14.10 22.69
C LEU U 42 44.08 -14.66 23.57
N ASP U 43 45.12 -15.27 22.98
CA ASP U 43 46.22 -15.78 23.79
C ASP U 43 47.05 -14.66 24.41
N TRP U 44 46.90 -13.43 23.91
CA TRP U 44 47.64 -12.28 24.44
C TRP U 44 46.88 -11.53 25.52
N VAL U 45 45.61 -11.87 25.75
CA VAL U 45 44.82 -11.24 26.80
C VAL U 45 45.20 -11.89 28.13
N PRO U 46 45.66 -11.13 29.13
CA PRO U 46 46.08 -11.73 30.40
C PRO U 46 44.99 -12.59 31.04
#